data_2MPH
#
_entry.id   2MPH
#
_entity_poly.entity_id   1
_entity_poly.type   'polypeptide(L)'
_entity_poly.pdbx_seq_one_letter_code
;MAAAVPQRAWTVEQLRSEQLPKKDIIKFLQEHGSDSFLAEHKLLGNIKNVAKTANKDHLVTAYNHLFETKRFKGTESISK
VSEQVKNVKLNEDKPKETKSEETLDEGPPKYTKSVLKKGDKTNFPKKGDVVHCWYTGTLQDGTVFDTNIQTSAKKKKNAK
PLSFKVGVGKVIRGWDEALLTMSKGEKARLEIEPEWAYGKKGQPDAKIPPNAKLTFEVELVDID
;
_entity_poly.pdbx_strand_id   A
#
# COMPACT_ATOMS: atom_id res chain seq x y z
N MET A 1 5.11 -7.52 -11.39
CA MET A 1 5.37 -6.68 -10.19
C MET A 1 4.07 -6.23 -9.54
N ALA A 2 4.02 -6.29 -8.21
CA ALA A 2 2.84 -5.88 -7.46
C ALA A 2 3.09 -5.93 -5.96
N ALA A 3 3.44 -4.78 -5.39
CA ALA A 3 3.70 -4.69 -3.96
C ALA A 3 3.96 -3.26 -3.53
N ALA A 4 2.89 -2.47 -3.44
CA ALA A 4 3.01 -1.07 -3.04
C ALA A 4 3.08 -0.94 -1.52
N VAL A 5 3.26 0.29 -1.05
CA VAL A 5 3.35 0.56 0.38
C VAL A 5 2.07 0.14 1.09
N PRO A 6 2.12 -0.92 1.91
CA PRO A 6 0.96 -1.41 2.66
C PRO A 6 0.64 -0.55 3.87
N GLN A 7 -0.65 -0.28 4.08
CA GLN A 7 -1.08 0.53 5.21
C GLN A 7 -1.19 -0.32 6.47
N ARG A 8 -1.04 0.34 7.62
CA ARG A 8 -1.12 -0.36 8.91
C ARG A 8 -2.40 -1.17 9.01
N ALA A 9 -2.26 -2.48 9.19
CA ALA A 9 -3.41 -3.37 9.31
C ALA A 9 -3.83 -3.54 10.76
N TRP A 10 -2.84 -3.52 11.66
CA TRP A 10 -3.11 -3.67 13.09
C TRP A 10 -2.76 -2.39 13.84
N THR A 11 -3.08 -2.36 15.12
CA THR A 11 -2.81 -1.20 15.96
C THR A 11 -1.86 -1.57 17.11
N VAL A 12 -1.13 -0.59 17.61
CA VAL A 12 -0.20 -0.82 18.70
C VAL A 12 -0.92 -1.41 19.91
N GLU A 13 -2.15 -0.96 20.12
CA GLU A 13 -2.96 -1.43 21.24
C GLU A 13 -3.38 -2.88 21.03
N GLN A 14 -3.52 -3.29 19.77
CA GLN A 14 -3.91 -4.66 19.44
C GLN A 14 -2.72 -5.60 19.50
N LEU A 15 -1.69 -5.30 18.72
CA LEU A 15 -0.49 -6.13 18.67
C LEU A 15 0.03 -6.43 20.08
N ARG A 16 0.46 -5.39 20.78
CA ARG A 16 0.97 -5.53 22.14
C ARG A 16 -0.02 -6.28 23.04
N SER A 17 -1.30 -6.19 22.69
CA SER A 17 -2.35 -6.85 23.46
C SER A 17 -2.07 -8.35 23.63
N GLU A 18 -2.90 -9.01 24.42
CA GLU A 18 -2.75 -10.44 24.67
C GLU A 18 -3.87 -11.23 24.02
N GLN A 19 -4.57 -10.62 23.07
CA GLN A 19 -5.67 -11.28 22.38
C GLN A 19 -5.31 -11.57 20.93
N LEU A 20 -4.32 -10.86 20.40
CA LEU A 20 -3.88 -11.04 19.03
C LEU A 20 -2.75 -12.07 18.95
N PRO A 21 -2.87 -13.07 18.06
CA PRO A 21 -1.84 -14.11 17.90
C PRO A 21 -0.58 -13.58 17.22
N LYS A 22 0.55 -13.79 17.86
CA LYS A 22 1.83 -13.33 17.32
C LYS A 22 2.15 -14.02 16.00
N LYS A 23 1.57 -15.20 15.79
CA LYS A 23 1.79 -15.96 14.57
C LYS A 23 1.51 -15.12 13.33
N ASP A 24 0.47 -14.30 13.40
CA ASP A 24 0.10 -13.44 12.27
C ASP A 24 1.10 -12.31 12.09
N ILE A 25 1.28 -11.52 13.14
CA ILE A 25 2.21 -10.39 13.11
C ILE A 25 3.54 -10.78 12.47
N ILE A 26 3.93 -12.04 12.62
CA ILE A 26 5.17 -12.54 12.05
C ILE A 26 5.03 -12.78 10.55
N LYS A 27 3.87 -13.28 10.15
CA LYS A 27 3.59 -13.57 8.75
C LYS A 27 3.34 -12.28 7.97
N PHE A 28 2.89 -11.25 8.67
CA PHE A 28 2.61 -9.96 8.03
C PHE A 28 3.90 -9.26 7.63
N LEU A 29 4.86 -9.26 8.55
CA LEU A 29 6.15 -8.62 8.30
C LEU A 29 6.95 -9.39 7.25
N GLN A 30 6.69 -10.69 7.14
CA GLN A 30 7.38 -11.54 6.18
C GLN A 30 6.86 -11.30 4.77
N GLU A 31 5.60 -10.87 4.67
CA GLU A 31 4.99 -10.62 3.37
C GLU A 31 4.97 -9.12 3.05
N HIS A 32 5.37 -8.30 4.02
CA HIS A 32 5.39 -6.85 3.84
C HIS A 32 6.81 -6.29 3.99
N GLY A 33 7.74 -7.13 4.45
CA GLY A 33 9.11 -6.70 4.63
C GLY A 33 10.09 -7.56 3.85
N SER A 34 11.32 -7.07 3.70
CA SER A 34 12.35 -7.80 2.98
C SER A 34 13.18 -8.64 3.94
N ASP A 35 13.82 -9.68 3.42
CA ASP A 35 14.65 -10.56 4.24
C ASP A 35 15.60 -9.76 5.12
N SER A 36 16.40 -8.89 4.49
CA SER A 36 17.35 -8.07 5.22
C SER A 36 16.66 -7.34 6.38
N PHE A 37 15.53 -6.72 6.08
CA PHE A 37 14.75 -6.00 7.09
C PHE A 37 14.43 -6.92 8.26
N LEU A 38 13.93 -8.10 7.95
CA LEU A 38 13.56 -9.08 8.98
C LEU A 38 14.80 -9.57 9.71
N ALA A 39 15.86 -9.85 8.96
CA ALA A 39 17.12 -10.33 9.53
C ALA A 39 17.53 -9.49 10.73
N GLU A 40 17.37 -8.17 10.59
CA GLU A 40 17.71 -7.24 11.66
C GLU A 40 17.11 -7.67 12.99
N HIS A 41 15.81 -7.93 12.98
CA HIS A 41 15.11 -8.36 14.19
C HIS A 41 14.90 -9.87 14.21
N LYS A 42 15.60 -10.58 13.32
CA LYS A 42 15.49 -12.03 13.24
C LYS A 42 14.05 -12.46 13.03
N LEU A 43 13.34 -11.73 12.17
CA LEU A 43 11.94 -12.03 11.89
C LEU A 43 11.79 -12.96 10.68
N LEU A 44 12.83 -13.02 9.85
CA LEU A 44 12.79 -13.88 8.67
C LEU A 44 13.10 -15.33 9.03
N GLY A 45 12.66 -16.24 8.16
CA GLY A 45 12.88 -17.65 8.40
C GLY A 45 11.58 -18.42 8.58
N ASN A 46 11.42 -19.05 9.74
CA ASN A 46 10.21 -19.81 10.03
C ASN A 46 9.46 -19.19 11.21
N ILE A 47 8.25 -18.71 10.94
CA ILE A 47 7.42 -18.10 11.97
C ILE A 47 7.39 -18.94 13.24
N LYS A 48 6.98 -20.19 13.09
CA LYS A 48 6.90 -21.11 14.23
C LYS A 48 8.18 -21.06 15.06
N ASN A 49 9.31 -20.90 14.38
CA ASN A 49 10.61 -20.83 15.05
C ASN A 49 10.92 -19.40 15.49
N VAL A 50 10.33 -18.43 14.80
CA VAL A 50 10.54 -17.02 15.13
C VAL A 50 9.65 -16.58 16.29
N ALA A 51 8.53 -17.25 16.46
CA ALA A 51 7.60 -16.92 17.54
C ALA A 51 8.23 -17.20 18.91
N LYS A 52 9.32 -17.96 18.91
CA LYS A 52 10.01 -18.29 20.15
C LYS A 52 11.16 -17.33 20.41
N THR A 53 11.77 -16.83 19.33
CA THR A 53 12.89 -15.90 19.44
C THR A 53 12.39 -14.45 19.50
N ALA A 54 11.30 -14.17 18.80
CA ALA A 54 10.73 -12.83 18.77
C ALA A 54 9.67 -12.67 19.85
N ASN A 55 9.82 -11.62 20.66
CA ASN A 55 8.86 -11.35 21.73
C ASN A 55 7.66 -10.57 21.20
N LYS A 56 6.68 -10.34 22.06
CA LYS A 56 5.48 -9.60 21.65
C LYS A 56 5.85 -8.22 21.13
N ASP A 57 6.52 -7.44 21.96
CA ASP A 57 6.94 -6.10 21.58
C ASP A 57 7.94 -6.16 20.43
N HIS A 58 8.67 -7.26 20.35
CA HIS A 58 9.66 -7.44 19.29
C HIS A 58 8.99 -7.42 17.93
N LEU A 59 7.85 -8.11 17.83
CA LEU A 59 7.10 -8.17 16.58
C LEU A 59 6.43 -6.84 16.27
N VAL A 60 5.99 -6.15 17.33
CA VAL A 60 5.34 -4.85 17.16
C VAL A 60 6.35 -3.76 16.85
N THR A 61 7.48 -3.80 17.56
CA THR A 61 8.53 -2.83 17.35
C THR A 61 9.06 -2.87 15.92
N ALA A 62 9.07 -4.06 15.34
CA ALA A 62 9.53 -4.24 13.98
C ALA A 62 8.44 -3.89 12.98
N TYR A 63 7.19 -3.92 13.41
CA TYR A 63 6.06 -3.60 12.56
C TYR A 63 5.82 -2.09 12.51
N ASN A 64 6.30 -1.38 13.52
CA ASN A 64 6.14 0.07 13.59
C ASN A 64 7.24 0.79 12.81
N HIS A 65 8.49 0.47 13.12
CA HIS A 65 9.62 1.10 12.45
C HIS A 65 9.63 0.79 10.96
N LEU A 66 9.15 -0.39 10.60
CA LEU A 66 9.10 -0.81 9.20
C LEU A 66 8.50 0.28 8.32
N PHE A 67 7.46 0.93 8.82
CA PHE A 67 6.81 2.00 8.08
C PHE A 67 7.61 3.29 8.16
N GLU A 68 8.19 3.53 9.33
CA GLU A 68 9.00 4.73 9.54
C GLU A 68 10.27 4.69 8.69
N THR A 69 10.86 3.50 8.59
CA THR A 69 12.07 3.33 7.81
C THR A 69 11.77 3.04 6.34
N LYS A 70 10.49 2.84 6.02
CA LYS A 70 10.08 2.56 4.65
C LYS A 70 10.95 1.49 4.01
N ARG A 71 11.25 0.45 4.78
CA ARG A 71 12.07 -0.66 4.28
C ARG A 71 11.23 -1.91 4.06
N PHE A 72 10.07 -1.72 3.42
CA PHE A 72 9.17 -2.82 3.14
C PHE A 72 9.85 -3.87 2.26
N LYS A 73 9.13 -4.94 1.95
CA LYS A 73 9.66 -6.01 1.11
C LYS A 73 9.93 -5.50 -0.32
N GLY A 74 11.07 -5.88 -0.86
CA GLY A 74 11.44 -5.45 -2.20
C GLY A 74 11.48 -6.60 -3.18
N THR A 75 11.79 -6.30 -4.43
CA THR A 75 11.88 -7.32 -5.47
C THR A 75 12.97 -8.34 -5.14
N GLU A 76 12.66 -9.61 -5.40
CA GLU A 76 13.60 -10.69 -5.13
C GLU A 76 13.49 -11.80 -6.16
N SER A 77 12.25 -12.20 -6.46
CA SER A 77 11.99 -13.24 -7.43
C SER A 77 10.96 -12.79 -8.46
N ILE A 78 9.89 -12.19 -7.96
CA ILE A 78 8.80 -11.69 -8.81
C ILE A 78 8.41 -12.72 -9.87
N SER A 79 7.57 -12.31 -10.82
CA SER A 79 7.10 -13.20 -11.87
C SER A 79 8.14 -13.27 -13.01
N LYS A 80 8.46 -14.48 -13.43
CA LYS A 80 9.43 -14.68 -14.50
C LYS A 80 9.21 -16.03 -15.18
N VAL A 81 8.86 -15.98 -16.47
CA VAL A 81 8.62 -17.20 -17.23
C VAL A 81 9.75 -17.45 -18.23
N SER A 82 10.34 -16.37 -18.73
CA SER A 82 11.43 -16.47 -19.69
C SER A 82 12.03 -15.10 -19.99
N GLU A 83 13.08 -15.08 -20.80
CA GLU A 83 13.75 -13.84 -21.16
C GLU A 83 14.24 -13.89 -22.60
N GLN A 84 13.71 -12.99 -23.44
CA GLN A 84 14.10 -12.93 -24.84
C GLN A 84 14.52 -11.51 -25.23
N VAL A 85 15.47 -11.42 -26.15
CA VAL A 85 15.95 -10.12 -26.62
C VAL A 85 16.08 -10.09 -28.13
N LYS A 86 15.13 -9.42 -28.79
CA LYS A 86 15.13 -9.31 -30.23
C LYS A 86 16.32 -8.48 -30.72
N ASN A 87 16.87 -8.86 -31.87
CA ASN A 87 18.02 -8.15 -32.43
C ASN A 87 17.56 -7.08 -33.41
N VAL A 88 17.76 -5.82 -33.04
CA VAL A 88 17.35 -4.70 -33.88
C VAL A 88 15.84 -4.66 -34.08
N LYS A 89 15.15 -3.94 -33.19
CA LYS A 89 13.70 -3.83 -33.28
C LYS A 89 13.17 -2.83 -32.25
N LEU A 90 13.73 -2.88 -31.05
CA LEU A 90 13.32 -1.99 -29.97
C LEU A 90 11.82 -2.10 -29.70
N ASN A 91 11.47 -2.84 -28.66
CA ASN A 91 10.07 -3.03 -28.29
C ASN A 91 9.95 -3.40 -26.82
N GLU A 92 9.20 -2.58 -26.08
CA GLU A 92 8.99 -2.81 -24.65
C GLU A 92 10.31 -2.75 -23.88
N ASP A 93 10.25 -2.23 -22.66
CA ASP A 93 11.44 -2.10 -21.83
C ASP A 93 11.36 -3.04 -20.63
N LYS A 94 10.15 -3.23 -20.10
CA LYS A 94 9.94 -4.10 -18.95
C LYS A 94 9.37 -5.44 -19.38
N PRO A 95 9.52 -6.48 -18.54
CA PRO A 95 9.03 -7.83 -18.84
C PRO A 95 7.56 -7.83 -19.22
N LYS A 96 6.77 -7.02 -18.52
CA LYS A 96 5.34 -6.93 -18.79
C LYS A 96 4.67 -8.29 -18.67
N GLU A 97 3.42 -8.37 -19.12
CA GLU A 97 2.67 -9.63 -19.08
C GLU A 97 2.51 -10.11 -17.65
N THR A 98 1.65 -11.11 -17.45
CA THR A 98 1.40 -11.67 -16.13
C THR A 98 0.72 -13.02 -16.24
N LYS A 99 1.07 -13.78 -17.27
CA LYS A 99 0.48 -15.10 -17.49
C LYS A 99 -1.01 -15.01 -17.76
N SER A 100 -1.79 -14.85 -16.69
CA SER A 100 -3.24 -14.74 -16.81
C SER A 100 -3.63 -13.54 -17.66
N GLU A 101 -4.72 -13.68 -18.41
CA GLU A 101 -5.21 -12.62 -19.27
C GLU A 101 -6.73 -12.58 -19.29
N GLU A 102 -7.32 -12.02 -18.25
CA GLU A 102 -8.77 -11.93 -18.16
C GLU A 102 -9.18 -11.16 -16.91
N THR A 103 -9.38 -9.85 -17.04
CA THR A 103 -9.77 -9.01 -15.92
C THR A 103 -11.23 -8.60 -16.04
N LEU A 104 -11.70 -8.42 -17.28
CA LEU A 104 -13.08 -8.03 -17.53
C LEU A 104 -13.44 -8.22 -18.99
N ASP A 105 -14.71 -8.01 -19.32
CA ASP A 105 -15.19 -8.17 -20.69
C ASP A 105 -15.54 -6.81 -21.29
N GLU A 106 -15.99 -5.89 -20.45
CA GLU A 106 -16.37 -4.55 -20.90
C GLU A 106 -15.18 -3.61 -20.86
N GLY A 107 -14.28 -3.84 -19.91
CA GLY A 107 -13.10 -2.99 -19.78
C GLY A 107 -13.13 -2.13 -18.52
N PRO A 108 -12.27 -2.43 -17.53
CA PRO A 108 -12.23 -1.66 -16.28
C PRO A 108 -11.73 -0.24 -16.49
N PRO A 109 -11.98 0.66 -15.52
CA PRO A 109 -11.54 2.06 -15.60
C PRO A 109 -10.03 2.18 -15.79
N LYS A 110 -9.51 3.36 -15.48
CA LYS A 110 -8.08 3.62 -15.61
C LYS A 110 -7.37 3.45 -14.26
N TYR A 111 -7.80 2.45 -13.49
CA TYR A 111 -7.21 2.19 -12.19
C TYR A 111 -7.64 0.81 -11.67
N THR A 112 -6.96 0.34 -10.64
CA THR A 112 -7.27 -0.95 -10.04
C THR A 112 -7.31 -0.84 -8.52
N LYS A 113 -8.41 -1.31 -7.93
CA LYS A 113 -8.58 -1.26 -6.48
C LYS A 113 -8.81 -2.64 -5.90
N SER A 114 -8.29 -2.88 -4.71
CA SER A 114 -8.44 -4.17 -4.03
C SER A 114 -8.60 -3.97 -2.53
N VAL A 115 -9.76 -4.33 -2.00
CA VAL A 115 -10.05 -4.18 -0.58
C VAL A 115 -9.32 -5.25 0.23
N LEU A 116 -8.27 -4.84 0.94
CA LEU A 116 -7.49 -5.76 1.75
C LEU A 116 -8.25 -6.13 3.03
N LYS A 117 -8.50 -5.13 3.86
CA LYS A 117 -9.23 -5.34 5.11
C LYS A 117 -10.58 -4.65 5.08
N LYS A 118 -11.65 -5.44 4.97
CA LYS A 118 -13.00 -4.90 4.93
C LYS A 118 -13.30 -4.08 6.19
N GLY A 119 -14.01 -2.97 6.02
CA GLY A 119 -14.35 -2.12 7.14
C GLY A 119 -15.83 -2.12 7.43
N ASP A 120 -16.31 -1.04 8.04
CA ASP A 120 -17.73 -0.90 8.39
C ASP A 120 -18.64 -1.51 7.33
N LYS A 121 -18.42 -1.12 6.09
CA LYS A 121 -19.21 -1.62 4.98
C LYS A 121 -20.63 -1.08 5.06
N THR A 122 -20.76 0.16 5.52
CA THR A 122 -22.05 0.82 5.65
C THR A 122 -21.90 2.33 5.57
N ASN A 123 -20.91 2.86 6.28
CA ASN A 123 -20.66 4.29 6.28
C ASN A 123 -19.71 4.68 5.15
N PHE A 124 -20.28 4.99 3.99
CA PHE A 124 -19.50 5.38 2.83
C PHE A 124 -19.45 6.91 2.69
N PRO A 125 -18.39 7.43 2.04
CA PRO A 125 -18.23 8.87 1.84
C PRO A 125 -19.24 9.44 0.85
N LYS A 126 -19.97 10.45 1.28
CA LYS A 126 -20.98 11.10 0.43
C LYS A 126 -20.44 12.39 -0.18
N LYS A 127 -20.97 12.75 -1.34
CA LYS A 127 -20.54 13.97 -2.02
C LYS A 127 -20.81 15.20 -1.16
N GLY A 128 -19.74 15.89 -0.78
CA GLY A 128 -19.88 17.08 0.04
C GLY A 128 -19.42 16.85 1.47
N ASP A 129 -19.44 15.59 1.90
CA ASP A 129 -19.02 15.25 3.26
C ASP A 129 -17.51 15.03 3.31
N VAL A 130 -16.89 15.50 4.38
CA VAL A 130 -15.44 15.36 4.56
C VAL A 130 -15.06 13.91 4.86
N VAL A 131 -13.76 13.65 4.91
CA VAL A 131 -13.25 12.32 5.19
C VAL A 131 -11.83 12.41 5.73
N HIS A 132 -11.49 11.50 6.64
CA HIS A 132 -10.14 11.51 7.22
C HIS A 132 -9.51 10.13 7.10
N CYS A 133 -8.40 10.04 6.37
CA CYS A 133 -7.71 8.78 6.16
C CYS A 133 -6.24 9.00 5.85
N TRP A 134 -5.48 7.90 5.83
CA TRP A 134 -4.05 7.97 5.54
C TRP A 134 -3.79 7.41 4.14
N TYR A 135 -2.60 7.70 3.60
CA TYR A 135 -2.26 7.22 2.26
C TYR A 135 -0.75 7.26 2.03
N THR A 136 -0.23 6.18 1.46
CA THR A 136 1.19 6.05 1.16
C THR A 136 1.38 5.75 -0.33
N GLY A 137 1.92 6.72 -1.06
CA GLY A 137 2.14 6.54 -2.48
C GLY A 137 3.53 6.06 -2.83
N THR A 138 3.61 5.22 -3.84
CA THR A 138 4.89 4.67 -4.30
C THR A 138 4.82 4.34 -5.79
N LEU A 139 5.81 4.81 -6.54
CA LEU A 139 5.86 4.56 -7.98
C LEU A 139 5.93 3.07 -8.27
N GLN A 140 6.01 2.72 -9.54
CA GLN A 140 6.08 1.32 -9.95
C GLN A 140 7.26 0.62 -9.29
N ASP A 141 8.39 1.32 -9.22
CA ASP A 141 9.60 0.78 -8.59
C ASP A 141 9.57 0.95 -7.08
N GLY A 142 8.52 1.57 -6.56
CA GLY A 142 8.41 1.78 -5.13
C GLY A 142 8.93 3.14 -4.70
N THR A 143 8.90 4.10 -5.62
CA THR A 143 9.37 5.45 -5.33
C THR A 143 8.31 6.25 -4.60
N VAL A 144 8.56 6.56 -3.33
CA VAL A 144 7.63 7.32 -2.52
C VAL A 144 7.47 8.74 -3.04
N PHE A 145 6.24 9.10 -3.40
CA PHE A 145 5.95 10.43 -3.92
C PHE A 145 5.10 11.23 -2.94
N ASP A 146 4.35 10.53 -2.09
CA ASP A 146 3.49 11.18 -1.11
C ASP A 146 3.10 10.21 0.00
N THR A 147 3.58 10.47 1.21
CA THR A 147 3.28 9.60 2.35
C THR A 147 2.68 10.42 3.50
N ASN A 148 1.38 10.28 3.70
CA ASN A 148 0.68 10.99 4.77
C ASN A 148 0.69 10.20 6.06
N ILE A 149 1.31 9.02 6.04
CA ILE A 149 1.39 8.17 7.22
C ILE A 149 2.34 8.76 8.25
N GLN A 150 1.83 9.67 9.08
CA GLN A 150 2.65 10.30 10.10
C GLN A 150 2.91 9.35 11.27
N THR A 151 3.83 9.72 12.13
CA THR A 151 4.19 8.91 13.29
C THR A 151 2.97 8.67 14.18
N SER A 152 3.08 7.70 15.09
CA SER A 152 2.00 7.38 16.00
C SER A 152 1.86 8.44 17.09
N ALA A 153 0.64 8.63 17.58
CA ALA A 153 0.38 9.61 18.63
C ALA A 153 0.74 9.06 20.00
N LYS A 154 0.66 7.73 20.15
CA LYS A 154 0.98 7.08 21.41
C LYS A 154 2.39 7.42 21.87
N LYS A 155 3.28 7.66 20.91
CA LYS A 155 4.67 7.99 21.22
C LYS A 155 4.85 9.51 21.32
N LYS A 156 4.04 10.25 20.57
CA LYS A 156 4.10 11.70 20.57
C LYS A 156 2.96 12.31 19.76
N LYS A 157 2.20 13.19 20.39
CA LYS A 157 1.07 13.85 19.73
C LYS A 157 1.53 14.61 18.50
N ASN A 158 1.46 13.97 17.34
CA ASN A 158 1.87 14.60 16.09
C ASN A 158 1.36 13.81 14.88
N ALA A 159 0.11 13.35 14.96
CA ALA A 159 -0.49 12.58 13.89
C ALA A 159 -1.95 12.96 13.69
N LYS A 160 -2.29 13.41 12.48
CA LYS A 160 -3.65 13.79 12.16
C LYS A 160 -4.00 13.46 10.71
N PRO A 161 -4.91 12.51 10.49
CA PRO A 161 -5.32 12.10 9.13
C PRO A 161 -5.72 13.30 8.27
N LEU A 162 -5.57 13.15 6.96
CA LEU A 162 -5.91 14.22 6.03
C LEU A 162 -7.42 14.28 5.83
N SER A 163 -8.02 15.44 6.11
CA SER A 163 -9.45 15.62 5.95
C SER A 163 -9.78 16.35 4.66
N PHE A 164 -10.58 15.72 3.81
CA PHE A 164 -10.97 16.29 2.53
C PHE A 164 -12.34 15.78 2.11
N LYS A 165 -13.15 16.66 1.53
CA LYS A 165 -14.49 16.30 1.08
C LYS A 165 -14.44 15.50 -0.23
N VAL A 166 -15.24 14.45 -0.29
CA VAL A 166 -15.29 13.59 -1.47
C VAL A 166 -16.31 14.11 -2.48
N GLY A 167 -16.03 13.87 -3.76
CA GLY A 167 -16.92 14.31 -4.81
C GLY A 167 -16.94 15.82 -4.97
N VAL A 168 -15.86 16.46 -4.54
CA VAL A 168 -15.75 17.92 -4.65
C VAL A 168 -14.40 18.32 -5.24
N GLY A 169 -14.00 17.64 -6.31
CA GLY A 169 -12.74 17.93 -6.96
C GLY A 169 -11.59 18.15 -5.99
N LYS A 170 -11.59 17.38 -4.90
CA LYS A 170 -10.54 17.48 -3.90
C LYS A 170 -9.31 16.68 -4.31
N VAL A 171 -9.54 15.44 -4.73
CA VAL A 171 -8.46 14.57 -5.16
C VAL A 171 -8.60 14.17 -6.62
N ILE A 172 -7.67 13.36 -7.12
CA ILE A 172 -7.72 12.92 -8.50
C ILE A 172 -9.01 12.17 -8.82
N ARG A 173 -9.35 12.10 -10.09
CA ARG A 173 -10.57 11.42 -10.53
C ARG A 173 -10.47 9.91 -10.30
N GLY A 174 -9.26 9.40 -10.28
CA GLY A 174 -9.05 7.98 -10.08
C GLY A 174 -9.19 7.59 -8.61
N TRP A 175 -8.71 8.46 -7.74
CA TRP A 175 -8.77 8.23 -6.30
C TRP A 175 -10.18 8.49 -5.76
N ASP A 176 -10.86 9.45 -6.35
CA ASP A 176 -12.21 9.79 -5.93
C ASP A 176 -13.18 8.66 -6.24
N GLU A 177 -12.96 8.00 -7.37
CA GLU A 177 -13.80 6.87 -7.79
C GLU A 177 -13.52 5.64 -6.93
N ALA A 178 -12.28 5.53 -6.47
CA ALA A 178 -11.89 4.40 -5.64
C ALA A 178 -12.25 4.63 -4.18
N LEU A 179 -11.90 5.79 -3.66
CA LEU A 179 -12.19 6.14 -2.27
C LEU A 179 -13.70 6.20 -2.04
N LEU A 180 -14.43 6.63 -3.05
CA LEU A 180 -15.88 6.74 -2.96
C LEU A 180 -16.51 5.40 -2.57
N THR A 181 -15.79 4.31 -2.85
CA THR A 181 -16.27 2.98 -2.53
C THR A 181 -15.68 2.46 -1.22
N MET A 182 -14.87 3.29 -0.56
CA MET A 182 -14.25 2.89 0.71
C MET A 182 -15.25 2.97 1.85
N SER A 183 -15.04 2.15 2.87
CA SER A 183 -15.93 2.14 4.03
C SER A 183 -15.21 2.58 5.30
N LYS A 184 -16.00 2.96 6.31
CA LYS A 184 -15.44 3.41 7.58
C LYS A 184 -14.58 2.31 8.20
N GLY A 185 -13.32 2.62 8.46
CA GLY A 185 -12.42 1.65 9.06
C GLY A 185 -12.14 0.48 8.13
N GLU A 186 -11.56 0.79 6.98
CA GLU A 186 -11.22 -0.22 5.98
C GLU A 186 -9.89 0.10 5.33
N LYS A 187 -9.15 -0.93 4.93
CA LYS A 187 -7.86 -0.74 4.28
C LYS A 187 -7.89 -1.30 2.87
N ALA A 188 -7.35 -0.54 1.92
CA ALA A 188 -7.34 -0.98 0.53
C ALA A 188 -6.03 -0.63 -0.16
N ARG A 189 -5.84 -1.18 -1.35
CA ARG A 189 -4.65 -0.93 -2.15
C ARG A 189 -5.04 -0.74 -3.62
N LEU A 190 -5.10 0.52 -4.05
CA LEU A 190 -5.48 0.81 -5.43
C LEU A 190 -4.35 1.45 -6.22
N GLU A 191 -4.26 1.09 -7.50
CA GLU A 191 -3.23 1.62 -8.39
C GLU A 191 -3.87 2.41 -9.53
N ILE A 192 -3.61 3.71 -9.57
CA ILE A 192 -4.15 4.58 -10.60
C ILE A 192 -3.16 4.79 -11.73
N GLU A 193 -3.65 4.69 -12.96
CA GLU A 193 -2.81 4.86 -14.14
C GLU A 193 -2.41 6.33 -14.30
N PRO A 194 -1.41 6.60 -15.17
CA PRO A 194 -0.94 7.97 -15.40
C PRO A 194 -1.99 8.84 -16.08
N GLU A 195 -3.04 8.22 -16.62
CA GLU A 195 -4.11 8.94 -17.29
C GLU A 195 -5.08 9.56 -16.28
N TRP A 196 -5.16 8.95 -15.11
CA TRP A 196 -6.06 9.44 -14.06
C TRP A 196 -5.28 9.89 -12.83
N ALA A 197 -4.12 10.50 -13.05
CA ALA A 197 -3.30 10.98 -11.96
C ALA A 197 -2.55 12.26 -12.34
N TYR A 198 -1.41 12.11 -13.01
CA TYR A 198 -0.61 13.26 -13.43
C TYR A 198 -0.68 13.45 -14.93
N GLY A 199 -0.76 12.33 -15.66
CA GLY A 199 -0.83 12.39 -17.11
C GLY A 199 0.35 11.71 -17.77
N LYS A 200 0.26 11.54 -19.09
CA LYS A 200 1.32 10.89 -19.85
C LYS A 200 2.65 11.62 -19.65
N LYS A 201 2.58 12.92 -19.40
CA LYS A 201 3.76 13.73 -19.19
C LYS A 201 4.48 13.32 -17.91
N GLY A 202 3.73 13.26 -16.82
CA GLY A 202 4.30 12.88 -15.54
C GLY A 202 4.24 14.00 -14.53
N GLN A 203 5.03 13.89 -13.47
CA GLN A 203 5.07 14.89 -12.43
C GLN A 203 6.51 15.19 -12.00
N PRO A 204 7.24 15.97 -12.81
CA PRO A 204 8.64 16.33 -12.51
C PRO A 204 8.79 16.94 -11.12
N ASP A 205 7.71 17.50 -10.59
CA ASP A 205 7.74 18.11 -9.27
C ASP A 205 8.21 17.11 -8.21
N ALA A 206 7.72 15.89 -8.30
CA ALA A 206 8.09 14.84 -7.36
C ALA A 206 8.95 13.78 -8.02
N LYS A 207 9.72 14.19 -9.02
CA LYS A 207 10.61 13.27 -9.74
C LYS A 207 9.80 12.13 -10.37
N ILE A 208 8.59 12.45 -10.82
CA ILE A 208 7.73 11.45 -11.45
C ILE A 208 7.82 11.52 -12.97
N PRO A 209 8.39 10.48 -13.62
CA PRO A 209 8.53 10.45 -15.07
C PRO A 209 7.18 10.26 -15.78
N PRO A 210 7.17 10.38 -17.12
CA PRO A 210 5.94 10.23 -17.91
C PRO A 210 5.40 8.81 -17.86
N ASN A 211 4.08 8.68 -17.82
CA ASN A 211 3.44 7.38 -17.76
C ASN A 211 3.97 6.54 -16.60
N ALA A 212 3.64 6.95 -15.39
CA ALA A 212 4.10 6.25 -14.20
C ALA A 212 2.94 5.79 -13.34
N LYS A 213 2.77 4.47 -13.21
CA LYS A 213 1.69 3.90 -12.42
C LYS A 213 1.88 4.24 -10.94
N LEU A 214 0.81 4.73 -10.30
CA LEU A 214 0.88 5.10 -8.90
C LEU A 214 0.02 4.19 -8.03
N THR A 215 0.67 3.35 -7.23
CA THR A 215 -0.04 2.44 -6.35
C THR A 215 0.14 2.86 -4.90
N PHE A 216 -0.93 2.75 -4.12
CA PHE A 216 -0.88 3.13 -2.70
C PHE A 216 -1.96 2.42 -1.89
N GLU A 217 -1.99 2.71 -0.60
CA GLU A 217 -2.98 2.11 0.30
C GLU A 217 -3.60 3.17 1.20
N VAL A 218 -4.91 3.10 1.39
CA VAL A 218 -5.63 4.07 2.20
C VAL A 218 -6.33 3.41 3.38
N GLU A 219 -6.50 4.17 4.45
CA GLU A 219 -7.17 3.69 5.65
C GLU A 219 -8.14 4.75 6.18
N LEU A 220 -9.43 4.53 5.98
CA LEU A 220 -10.45 5.47 6.44
C LEU A 220 -10.54 5.48 7.96
N VAL A 221 -10.49 6.66 8.55
CA VAL A 221 -10.56 6.78 10.00
C VAL A 221 -11.90 7.39 10.44
N ASP A 222 -12.50 8.20 9.57
CA ASP A 222 -13.78 8.83 9.89
C ASP A 222 -14.36 9.54 8.67
N ILE A 223 -15.65 9.82 8.71
CA ILE A 223 -16.32 10.50 7.61
C ILE A 223 -17.34 11.52 8.13
N ASP A 224 -17.04 12.79 7.92
CA ASP A 224 -17.93 13.87 8.37
C ASP A 224 -18.46 14.66 7.17
N MET A 1 15.08 -2.09 -1.61
CA MET A 1 14.08 -1.31 -2.39
C MET A 1 12.68 -1.47 -1.78
N ALA A 2 11.70 -0.84 -2.42
CA ALA A 2 10.33 -0.89 -1.94
C ALA A 2 9.37 -1.21 -3.08
N ALA A 3 8.09 -1.44 -2.73
CA ALA A 3 7.08 -1.75 -3.73
C ALA A 3 5.68 -1.45 -3.20
N ALA A 4 5.16 -0.28 -3.55
CA ALA A 4 3.83 0.12 -3.11
C ALA A 4 3.74 0.18 -1.59
N VAL A 5 3.92 1.37 -1.03
CA VAL A 5 3.87 1.55 0.41
C VAL A 5 2.51 1.14 0.97
N PRO A 6 2.45 0.04 1.72
CA PRO A 6 1.21 -0.45 2.32
C PRO A 6 0.82 0.30 3.58
N GLN A 7 -0.47 0.47 3.79
CA GLN A 7 -0.97 1.16 4.97
C GLN A 7 -1.00 0.23 6.18
N ARG A 8 -0.82 0.81 7.38
CA ARG A 8 -0.82 0.04 8.61
C ARG A 8 -2.02 -0.90 8.68
N ALA A 9 -1.81 -2.16 8.33
CA ALA A 9 -2.87 -3.16 8.36
C ALA A 9 -3.31 -3.47 9.78
N TRP A 10 -2.47 -3.14 10.76
CA TRP A 10 -2.77 -3.38 12.16
C TRP A 10 -2.38 -2.19 13.02
N THR A 11 -2.74 -2.25 14.30
CA THR A 11 -2.44 -1.18 15.24
C THR A 11 -1.48 -1.68 16.31
N VAL A 12 -0.66 -0.77 16.84
CA VAL A 12 0.29 -1.13 17.88
C VAL A 12 -0.41 -1.77 19.07
N GLU A 13 -1.64 -1.34 19.32
CA GLU A 13 -2.42 -1.87 20.42
C GLU A 13 -2.93 -3.29 20.12
N GLN A 14 -3.07 -3.60 18.84
CA GLN A 14 -3.54 -4.92 18.43
C GLN A 14 -2.41 -5.93 18.42
N LEU A 15 -1.37 -5.63 17.64
CA LEU A 15 -0.21 -6.52 17.53
C LEU A 15 0.31 -6.93 18.91
N ARG A 16 0.76 -5.94 19.68
CA ARG A 16 1.28 -6.20 21.02
C ARG A 16 0.26 -6.95 21.88
N SER A 17 -1.01 -6.82 21.52
CA SER A 17 -2.09 -7.49 22.26
C SER A 17 -1.89 -9.00 22.25
N GLU A 18 -2.77 -9.70 22.96
CA GLU A 18 -2.71 -11.16 23.04
C GLU A 18 -3.87 -11.80 22.27
N GLN A 19 -4.51 -11.03 21.40
CA GLN A 19 -5.63 -11.54 20.62
C GLN A 19 -5.24 -11.70 19.16
N LEU A 20 -4.28 -10.91 18.70
CA LEU A 20 -3.82 -10.97 17.32
C LEU A 20 -2.73 -12.03 17.15
N PRO A 21 -3.02 -13.12 16.41
CA PRO A 21 -2.06 -14.20 16.19
C PRO A 21 -0.76 -13.68 15.58
N LYS A 22 0.35 -13.97 16.24
CA LYS A 22 1.66 -13.54 15.76
C LYS A 22 1.97 -14.14 14.39
N LYS A 23 1.33 -15.27 14.09
CA LYS A 23 1.54 -15.95 12.81
C LYS A 23 1.31 -15.01 11.64
N ASP A 24 0.38 -14.08 11.80
CA ASP A 24 0.07 -13.11 10.75
C ASP A 24 1.10 -12.00 10.70
N ILE A 25 1.34 -11.38 11.85
CA ILE A 25 2.31 -10.29 11.96
C ILE A 25 3.62 -10.64 11.25
N ILE A 26 3.98 -11.92 11.28
CA ILE A 26 5.20 -12.38 10.64
C ILE A 26 5.04 -12.42 9.12
N LYS A 27 4.00 -13.10 8.67
CA LYS A 27 3.72 -13.23 7.24
C LYS A 27 3.58 -11.86 6.58
N PHE A 28 3.25 -10.85 7.38
CA PHE A 28 3.09 -9.49 6.86
C PHE A 28 4.44 -8.86 6.56
N LEU A 29 5.34 -8.95 7.52
CA LEU A 29 6.68 -8.38 7.36
C LEU A 29 7.46 -9.11 6.27
N GLN A 30 7.11 -10.38 6.05
CA GLN A 30 7.77 -11.19 5.04
C GLN A 30 7.21 -10.89 3.64
N GLU A 31 5.96 -10.46 3.59
CA GLU A 31 5.32 -10.13 2.32
C GLU A 31 5.38 -8.63 2.03
N HIS A 32 5.88 -7.86 3.00
CA HIS A 32 5.99 -6.42 2.84
C HIS A 32 7.41 -5.93 3.17
N GLY A 33 8.27 -6.85 3.61
CA GLY A 33 9.63 -6.48 3.96
C GLY A 33 10.65 -7.22 3.11
N SER A 34 11.85 -6.66 3.00
CA SER A 34 12.91 -7.26 2.22
C SER A 34 13.79 -8.15 3.10
N ASP A 35 14.36 -9.20 2.50
CA ASP A 35 15.22 -10.12 3.24
C ASP A 35 16.21 -9.38 4.15
N SER A 36 16.88 -8.39 3.58
CA SER A 36 17.85 -7.61 4.35
C SER A 36 17.19 -7.00 5.58
N PHE A 37 16.02 -6.40 5.37
CA PHE A 37 15.27 -5.80 6.46
C PHE A 37 14.96 -6.82 7.55
N LEU A 38 14.54 -8.01 7.13
CA LEU A 38 14.20 -9.08 8.07
C LEU A 38 15.43 -9.50 8.86
N ALA A 39 16.52 -9.75 8.15
CA ALA A 39 17.78 -10.18 8.78
C ALA A 39 18.14 -9.26 9.94
N GLU A 40 17.70 -8.01 9.87
CA GLU A 40 17.99 -7.04 10.92
C GLU A 40 17.08 -7.25 12.12
N HIS A 41 15.86 -7.69 11.87
CA HIS A 41 14.90 -7.92 12.95
C HIS A 41 14.66 -9.42 13.18
N LYS A 42 15.47 -10.26 12.55
CA LYS A 42 15.34 -11.71 12.69
C LYS A 42 13.97 -12.17 12.20
N LEU A 43 13.42 -11.48 11.21
CA LEU A 43 12.12 -11.82 10.66
C LEU A 43 12.24 -12.91 9.59
N LEU A 44 13.44 -13.05 9.03
CA LEU A 44 13.70 -14.06 8.00
C LEU A 44 13.17 -15.43 8.44
N GLY A 45 13.17 -16.37 7.51
CA GLY A 45 12.71 -17.71 7.81
C GLY A 45 11.21 -17.87 7.62
N ASN A 46 10.66 -18.94 8.20
CA ASN A 46 9.23 -19.21 8.09
C ASN A 46 8.51 -18.83 9.39
N ILE A 47 7.25 -18.42 9.25
CA ILE A 47 6.44 -18.03 10.40
C ILE A 47 6.56 -19.03 11.54
N LYS A 48 6.54 -20.30 11.20
CA LYS A 48 6.64 -21.38 12.18
C LYS A 48 7.92 -21.24 13.01
N ASN A 49 9.02 -20.92 12.32
CA ASN A 49 10.32 -20.75 12.99
C ASN A 49 10.48 -19.34 13.53
N VAL A 50 9.82 -18.37 12.89
CA VAL A 50 9.92 -16.98 13.32
C VAL A 50 9.06 -16.71 14.54
N ALA A 51 8.00 -17.51 14.71
CA ALA A 51 7.11 -17.35 15.86
C ALA A 51 7.80 -17.70 17.16
N LYS A 52 8.83 -18.55 17.08
CA LYS A 52 9.58 -18.96 18.26
C LYS A 52 10.82 -18.10 18.46
N THR A 53 11.38 -17.61 17.36
CA THR A 53 12.58 -16.79 17.41
C THR A 53 12.23 -15.31 17.65
N ALA A 54 10.99 -14.94 17.31
CA ALA A 54 10.54 -13.57 17.48
C ALA A 54 9.45 -13.48 18.55
N ASN A 55 9.65 -12.57 19.50
CA ASN A 55 8.69 -12.38 20.58
C ASN A 55 7.51 -11.55 20.10
N LYS A 56 6.54 -11.30 20.99
CA LYS A 56 5.37 -10.52 20.63
C LYS A 56 5.78 -9.11 20.19
N ASP A 57 6.45 -8.40 21.08
CA ASP A 57 6.90 -7.05 20.78
C ASP A 57 7.94 -7.06 19.68
N HIS A 58 8.66 -8.18 19.55
CA HIS A 58 9.68 -8.32 18.52
C HIS A 58 9.06 -8.19 17.14
N LEU A 59 7.88 -8.80 16.98
CA LEU A 59 7.16 -8.76 15.71
C LEU A 59 6.49 -7.41 15.51
N VAL A 60 6.10 -6.77 16.60
CA VAL A 60 5.43 -5.48 16.53
C VAL A 60 6.46 -4.36 16.31
N THR A 61 7.56 -4.44 17.04
CA THR A 61 8.62 -3.45 16.92
C THR A 61 9.17 -3.41 15.50
N ALA A 62 9.19 -4.58 14.85
CA ALA A 62 9.68 -4.68 13.49
C ALA A 62 8.59 -4.29 12.49
N TYR A 63 7.34 -4.36 12.93
CA TYR A 63 6.20 -4.01 12.08
C TYR A 63 5.95 -2.50 12.11
N ASN A 64 6.41 -1.85 13.16
CA ASN A 64 6.23 -0.41 13.32
C ASN A 64 7.32 0.37 12.59
N HIS A 65 8.57 0.06 12.90
CA HIS A 65 9.70 0.74 12.28
C HIS A 65 9.74 0.51 10.77
N LEU A 66 9.15 -0.59 10.31
CA LEU A 66 9.11 -0.90 8.90
C LEU A 66 8.54 0.26 8.09
N PHE A 67 7.51 0.89 8.64
CA PHE A 67 6.87 2.03 7.98
C PHE A 67 7.68 3.29 8.18
N GLU A 68 8.23 3.46 9.38
CA GLU A 68 9.03 4.63 9.70
C GLU A 68 10.33 4.64 8.90
N THR A 69 10.93 3.48 8.74
CA THR A 69 12.18 3.33 8.00
C THR A 69 11.91 3.11 6.51
N LYS A 70 10.65 2.86 6.16
CA LYS A 70 10.28 2.63 4.76
C LYS A 70 11.14 1.54 4.14
N ARG A 71 11.54 0.56 4.95
CA ARG A 71 12.37 -0.54 4.47
C ARG A 71 11.52 -1.71 4.01
N PHE A 72 10.49 -1.42 3.23
CA PHE A 72 9.59 -2.46 2.72
C PHE A 72 10.31 -3.37 1.73
N LYS A 73 9.62 -4.40 1.27
CA LYS A 73 10.21 -5.33 0.32
C LYS A 73 10.32 -4.70 -1.07
N GLY A 74 11.27 -5.18 -1.86
CA GLY A 74 11.47 -4.64 -3.19
C GLY A 74 12.19 -5.62 -4.11
N THR A 75 11.60 -5.88 -5.27
CA THR A 75 12.20 -6.80 -6.24
C THR A 75 12.40 -8.18 -5.63
N GLU A 76 11.58 -9.13 -6.04
CA GLU A 76 11.67 -10.50 -5.53
C GLU A 76 10.68 -11.42 -6.24
N SER A 77 9.47 -10.90 -6.48
CA SER A 77 8.43 -11.66 -7.15
C SER A 77 7.68 -10.79 -8.15
N ILE A 78 7.75 -11.16 -9.42
CA ILE A 78 7.07 -10.40 -10.47
C ILE A 78 6.87 -11.26 -11.72
N SER A 79 7.90 -12.02 -12.09
CA SER A 79 7.84 -12.88 -13.26
C SER A 79 7.59 -12.07 -14.52
N LYS A 80 8.59 -12.00 -15.38
CA LYS A 80 8.48 -11.25 -16.63
C LYS A 80 9.04 -12.06 -17.80
N VAL A 81 8.23 -12.22 -18.83
CA VAL A 81 8.63 -12.97 -20.02
C VAL A 81 9.25 -12.05 -21.07
N SER A 82 10.23 -11.26 -20.65
CA SER A 82 10.90 -10.34 -21.56
C SER A 82 12.32 -10.05 -21.09
N GLU A 83 13.20 -9.79 -22.05
CA GLU A 83 14.61 -9.50 -21.74
C GLU A 83 14.87 -8.00 -21.79
N GLN A 84 14.33 -7.35 -22.81
CA GLN A 84 14.50 -5.90 -22.97
C GLN A 84 15.98 -5.55 -23.12
N VAL A 85 16.42 -5.36 -24.35
CA VAL A 85 17.81 -5.02 -24.62
C VAL A 85 18.76 -6.09 -24.10
N LYS A 86 19.03 -7.09 -24.93
CA LYS A 86 19.93 -8.18 -24.55
C LYS A 86 20.63 -8.76 -25.76
N ASN A 87 21.41 -9.81 -25.54
CA ASN A 87 22.15 -10.45 -26.63
C ASN A 87 21.31 -11.57 -27.27
N VAL A 88 21.40 -11.68 -28.58
CA VAL A 88 20.65 -12.70 -29.32
C VAL A 88 21.18 -14.10 -29.00
N LYS A 89 20.27 -15.04 -28.80
CA LYS A 89 20.65 -16.42 -28.50
C LYS A 89 19.42 -17.32 -28.43
N LEU A 90 18.34 -16.80 -27.84
CA LEU A 90 17.10 -17.55 -27.71
C LEU A 90 15.92 -16.74 -28.24
N ASN A 91 15.05 -17.41 -28.99
CA ASN A 91 13.88 -16.76 -29.57
C ASN A 91 12.61 -17.54 -29.24
N GLU A 92 11.59 -16.82 -28.78
CA GLU A 92 10.32 -17.45 -28.43
C GLU A 92 9.43 -17.63 -29.66
N ASP A 93 8.49 -18.56 -29.58
CA ASP A 93 7.59 -18.83 -30.69
C ASP A 93 6.19 -18.26 -30.41
N LYS A 94 5.80 -18.28 -29.14
CA LYS A 94 4.50 -17.76 -28.75
C LYS A 94 4.36 -17.75 -27.22
N PRO A 95 3.56 -16.81 -26.68
CA PRO A 95 3.34 -16.68 -25.23
C PRO A 95 2.89 -18.00 -24.61
N LYS A 96 2.52 -17.95 -23.33
CA LYS A 96 2.07 -19.14 -22.62
C LYS A 96 1.66 -18.79 -21.18
N GLU A 97 2.42 -17.89 -20.56
CA GLU A 97 2.14 -17.47 -19.20
C GLU A 97 1.50 -16.09 -19.18
N THR A 98 0.44 -15.95 -18.39
CA THR A 98 -0.27 -14.67 -18.28
C THR A 98 -0.47 -14.30 -16.82
N LYS A 99 -0.33 -13.01 -16.53
CA LYS A 99 -0.50 -12.50 -15.17
C LYS A 99 -1.80 -11.71 -15.04
N SER A 100 -2.05 -11.19 -13.84
CA SER A 100 -3.26 -10.42 -13.58
C SER A 100 -4.51 -11.27 -13.76
N GLU A 101 -4.93 -11.44 -15.01
CA GLU A 101 -6.11 -12.23 -15.32
C GLU A 101 -7.35 -11.65 -14.66
N GLU A 102 -7.41 -10.33 -14.58
CA GLU A 102 -8.54 -9.64 -13.95
C GLU A 102 -9.46 -9.06 -15.01
N THR A 103 -10.65 -9.62 -15.13
CA THR A 103 -11.64 -9.16 -16.10
C THR A 103 -12.34 -7.90 -15.62
N LEU A 104 -12.66 -7.00 -16.54
CA LEU A 104 -13.33 -5.76 -16.20
C LEU A 104 -14.41 -5.42 -17.22
N ASP A 105 -15.07 -4.29 -17.04
CA ASP A 105 -16.13 -3.85 -17.95
C ASP A 105 -15.54 -3.18 -19.19
N GLU A 106 -16.42 -2.70 -20.07
CA GLU A 106 -15.98 -2.04 -21.29
C GLU A 106 -15.81 -0.54 -21.07
N GLY A 107 -14.57 -0.11 -20.83
CA GLY A 107 -14.29 1.28 -20.61
C GLY A 107 -14.35 1.66 -19.14
N PRO A 108 -13.62 0.94 -18.27
CA PRO A 108 -13.59 1.22 -16.84
C PRO A 108 -12.86 2.52 -16.51
N PRO A 109 -12.93 2.96 -15.24
CA PRO A 109 -12.28 4.20 -14.80
C PRO A 109 -10.81 4.23 -15.17
N LYS A 110 -10.12 5.29 -14.74
CA LYS A 110 -8.70 5.44 -15.02
C LYS A 110 -7.85 5.09 -13.81
N TYR A 111 -8.37 4.20 -12.96
CA TYR A 111 -7.66 3.79 -11.76
C TYR A 111 -8.01 2.34 -11.40
N THR A 112 -7.18 1.73 -10.56
CA THR A 112 -7.40 0.36 -10.14
C THR A 112 -7.27 0.22 -8.63
N LYS A 113 -8.41 0.11 -7.94
CA LYS A 113 -8.42 -0.02 -6.49
C LYS A 113 -8.88 -1.42 -6.08
N SER A 114 -8.31 -1.93 -5.00
CA SER A 114 -8.68 -3.26 -4.50
C SER A 114 -8.80 -3.26 -2.98
N VAL A 115 -9.90 -3.80 -2.49
CA VAL A 115 -10.14 -3.86 -1.05
C VAL A 115 -9.38 -5.03 -0.41
N LEU A 116 -8.32 -4.70 0.31
CA LEU A 116 -7.51 -5.73 0.97
C LEU A 116 -8.21 -6.24 2.22
N LYS A 117 -8.65 -5.31 3.07
CA LYS A 117 -9.34 -5.66 4.30
C LYS A 117 -10.71 -5.01 4.37
N LYS A 118 -11.76 -5.83 4.28
CA LYS A 118 -13.12 -5.32 4.34
C LYS A 118 -13.37 -4.55 5.64
N GLY A 119 -14.14 -3.48 5.54
CA GLY A 119 -14.44 -2.67 6.71
C GLY A 119 -15.91 -2.70 7.07
N ASP A 120 -16.36 -1.66 7.78
CA ASP A 120 -17.76 -1.57 8.21
C ASP A 120 -18.72 -2.12 7.15
N LYS A 121 -18.57 -1.63 5.94
CA LYS A 121 -19.42 -2.07 4.83
C LYS A 121 -20.83 -1.52 5.01
N THR A 122 -20.92 -0.31 5.54
CA THR A 122 -22.20 0.34 5.77
C THR A 122 -22.06 1.85 5.74
N ASN A 123 -21.02 2.36 6.39
CA ASN A 123 -20.77 3.80 6.43
C ASN A 123 -19.83 4.22 5.30
N PHE A 124 -20.42 4.68 4.19
CA PHE A 124 -19.63 5.11 3.04
C PHE A 124 -19.67 6.64 2.92
N PRO A 125 -18.56 7.25 2.45
CA PRO A 125 -18.47 8.70 2.28
C PRO A 125 -19.58 9.26 1.40
N LYS A 126 -20.32 10.23 1.93
CA LYS A 126 -21.41 10.85 1.20
C LYS A 126 -20.98 12.20 0.61
N LYS A 127 -21.58 12.58 -0.51
CA LYS A 127 -21.27 13.84 -1.16
C LYS A 127 -21.41 15.01 -0.19
N GLY A 128 -20.29 15.65 0.12
CA GLY A 128 -20.32 16.77 1.05
C GLY A 128 -19.84 16.38 2.44
N ASP A 129 -19.92 15.10 2.75
CA ASP A 129 -19.49 14.60 4.06
C ASP A 129 -17.98 14.40 4.07
N VAL A 130 -17.34 14.83 5.15
CA VAL A 130 -15.89 14.70 5.28
C VAL A 130 -15.48 13.25 5.56
N VAL A 131 -14.17 13.04 5.61
CA VAL A 131 -13.61 11.72 5.87
C VAL A 131 -12.19 11.84 6.41
N HIS A 132 -11.80 10.93 7.29
CA HIS A 132 -10.47 10.96 7.86
C HIS A 132 -9.77 9.62 7.65
N CYS A 133 -8.67 9.63 6.91
CA CYS A 133 -7.94 8.41 6.62
C CYS A 133 -6.47 8.70 6.34
N TRP A 134 -5.66 7.66 6.33
CA TRP A 134 -4.23 7.80 6.06
C TRP A 134 -3.93 7.42 4.61
N TYR A 135 -2.80 7.85 4.09
CA TYR A 135 -2.44 7.54 2.71
C TYR A 135 -0.93 7.67 2.48
N THR A 136 -0.37 6.67 1.80
CA THR A 136 1.05 6.66 1.49
C THR A 136 1.27 6.47 0.00
N GLY A 137 1.76 7.51 -0.67
CA GLY A 137 1.99 7.43 -2.10
C GLY A 137 3.41 7.07 -2.47
N THR A 138 3.55 6.29 -3.53
CA THR A 138 4.86 5.85 -4.01
C THR A 138 4.83 5.63 -5.52
N LEU A 139 5.93 6.01 -6.18
CA LEU A 139 6.04 5.86 -7.63
C LEU A 139 6.33 4.41 -8.00
N GLN A 140 6.49 4.16 -9.30
CA GLN A 140 6.78 2.82 -9.79
C GLN A 140 8.07 2.28 -9.19
N ASP A 141 9.08 3.14 -9.14
CA ASP A 141 10.38 2.76 -8.58
C ASP A 141 10.34 2.70 -7.05
N GLY A 142 9.21 3.09 -6.47
CA GLY A 142 9.07 3.08 -5.03
C GLY A 142 9.44 4.40 -4.40
N THR A 143 9.36 5.48 -5.17
CA THR A 143 9.69 6.81 -4.67
C THR A 143 8.46 7.47 -4.07
N VAL A 144 8.45 7.59 -2.74
CA VAL A 144 7.34 8.20 -2.03
C VAL A 144 7.29 9.71 -2.27
N PHE A 145 6.10 10.21 -2.59
CA PHE A 145 5.92 11.63 -2.84
C PHE A 145 5.06 12.28 -1.75
N ASP A 146 4.15 11.49 -1.19
CA ASP A 146 3.26 11.99 -0.14
C ASP A 146 2.98 10.90 0.89
N THR A 147 3.31 11.19 2.15
CA THR A 147 3.09 10.24 3.24
C THR A 147 2.50 10.94 4.46
N ASN A 148 1.21 10.72 4.70
CA ASN A 148 0.53 11.34 5.83
C ASN A 148 0.69 10.51 7.11
N ILE A 149 1.59 9.52 7.08
CA ILE A 149 1.83 8.67 8.24
C ILE A 149 3.24 8.86 8.78
N GLN A 150 3.34 9.30 10.03
CA GLN A 150 4.63 9.52 10.67
C GLN A 150 4.74 8.72 11.96
N THR A 151 3.95 9.10 12.95
CA THR A 151 3.96 8.42 14.25
C THR A 151 2.55 7.99 14.65
N SER A 152 2.48 7.11 15.65
CA SER A 152 1.19 6.63 16.13
C SER A 152 0.58 7.59 17.14
N ALA A 153 -0.70 7.38 17.45
CA ALA A 153 -1.41 8.23 18.39
C ALA A 153 -1.09 7.83 19.83
N LYS A 154 -0.82 6.56 20.05
CA LYS A 154 -0.50 6.06 21.38
C LYS A 154 0.74 6.74 21.94
N LYS A 155 1.67 7.09 21.06
CA LYS A 155 2.90 7.75 21.45
C LYS A 155 2.62 9.19 21.89
N LYS A 156 1.67 9.82 21.22
CA LYS A 156 1.31 11.20 21.53
C LYS A 156 0.14 11.67 20.66
N LYS A 157 -0.27 12.92 20.84
CA LYS A 157 -1.36 13.48 20.06
C LYS A 157 -0.84 14.33 18.91
N ASN A 158 0.31 13.94 18.37
CA ASN A 158 0.92 14.66 17.26
C ASN A 158 0.75 13.90 15.96
N ALA A 159 -0.36 13.16 15.85
CA ALA A 159 -0.65 12.37 14.66
C ALA A 159 -2.14 12.19 14.47
N LYS A 160 -2.67 12.68 13.35
CA LYS A 160 -4.08 12.56 13.05
C LYS A 160 -4.31 12.41 11.54
N PRO A 161 -5.37 11.68 11.15
CA PRO A 161 -5.68 11.46 9.73
C PRO A 161 -6.14 12.74 9.05
N LEU A 162 -5.99 12.78 7.73
CA LEU A 162 -6.38 13.94 6.94
C LEU A 162 -7.89 13.96 6.72
N SER A 163 -8.53 15.09 7.03
CA SER A 163 -9.97 15.22 6.87
C SER A 163 -10.30 16.11 5.66
N PHE A 164 -11.12 15.59 4.76
CA PHE A 164 -11.51 16.33 3.56
C PHE A 164 -12.90 15.91 3.10
N LYS A 165 -13.69 16.88 2.64
CA LYS A 165 -15.03 16.62 2.15
C LYS A 165 -14.99 15.85 0.84
N VAL A 166 -15.77 14.77 0.76
CA VAL A 166 -15.82 13.95 -0.43
C VAL A 166 -16.86 14.46 -1.42
N GLY A 167 -16.61 14.26 -2.70
CA GLY A 167 -17.53 14.71 -3.73
C GLY A 167 -17.58 16.23 -3.83
N VAL A 168 -16.52 16.89 -3.42
CA VAL A 168 -16.46 18.34 -3.47
C VAL A 168 -15.12 18.82 -4.04
N GLY A 169 -14.70 18.20 -5.14
CA GLY A 169 -13.45 18.58 -5.79
C GLY A 169 -12.32 18.78 -4.80
N LYS A 170 -12.29 17.99 -3.74
CA LYS A 170 -11.25 18.09 -2.72
C LYS A 170 -9.99 17.34 -3.16
N VAL A 171 -10.17 16.11 -3.63
CA VAL A 171 -9.05 15.30 -4.09
C VAL A 171 -9.20 14.96 -5.56
N ILE A 172 -8.23 14.20 -6.09
CA ILE A 172 -8.25 13.81 -7.49
C ILE A 172 -9.52 13.03 -7.83
N ARG A 173 -9.87 13.01 -9.11
CA ARG A 173 -11.06 12.30 -9.56
C ARG A 173 -10.92 10.80 -9.39
N GLY A 174 -9.69 10.31 -9.44
CA GLY A 174 -9.44 8.89 -9.27
C GLY A 174 -9.55 8.46 -7.83
N TRP A 175 -9.12 9.32 -6.92
CA TRP A 175 -9.17 9.03 -5.50
C TRP A 175 -10.57 9.24 -4.95
N ASP A 176 -11.27 10.23 -5.49
CA ASP A 176 -12.63 10.54 -5.06
C ASP A 176 -13.56 9.36 -5.33
N GLU A 177 -13.33 8.70 -6.46
CA GLU A 177 -14.14 7.54 -6.83
C GLU A 177 -13.74 6.32 -6.02
N ALA A 178 -12.47 6.27 -5.62
CA ALA A 178 -11.97 5.15 -4.82
C ALA A 178 -12.38 5.30 -3.36
N LEU A 179 -11.98 6.40 -2.75
CA LEU A 179 -12.29 6.65 -1.34
C LEU A 179 -13.80 6.62 -1.11
N LEU A 180 -14.56 7.07 -2.10
CA LEU A 180 -16.01 7.09 -2.01
C LEU A 180 -16.55 5.68 -1.80
N THR A 181 -15.84 4.69 -2.33
CA THR A 181 -16.25 3.30 -2.20
C THR A 181 -15.70 2.67 -0.91
N MET A 182 -14.91 3.45 -0.16
CA MET A 182 -14.33 2.97 1.09
C MET A 182 -15.37 3.01 2.20
N SER A 183 -15.19 2.16 3.21
CA SER A 183 -16.11 2.10 4.33
C SER A 183 -15.39 2.37 5.65
N LYS A 184 -16.16 2.53 6.72
CA LYS A 184 -15.60 2.80 8.03
C LYS A 184 -14.73 1.64 8.49
N GLY A 185 -13.44 1.91 8.69
CA GLY A 185 -12.52 0.88 9.12
C GLY A 185 -12.26 -0.15 8.04
N GLU A 186 -11.59 0.30 6.98
CA GLU A 186 -11.26 -0.56 5.86
C GLU A 186 -9.92 -0.16 5.25
N LYS A 187 -9.18 -1.14 4.75
CA LYS A 187 -7.88 -0.88 4.13
C LYS A 187 -7.87 -1.37 2.68
N ALA A 188 -7.32 -0.57 1.79
CA ALA A 188 -7.27 -0.93 0.38
C ALA A 188 -6.04 -0.31 -0.30
N ARG A 189 -5.87 -0.65 -1.57
CA ARG A 189 -4.76 -0.13 -2.36
C ARG A 189 -5.26 0.24 -3.75
N LEU A 190 -4.85 1.40 -4.25
CA LEU A 190 -5.29 1.84 -5.57
C LEU A 190 -4.18 2.53 -6.35
N GLU A 191 -4.13 2.24 -7.65
CA GLU A 191 -3.13 2.82 -8.53
C GLU A 191 -3.82 3.69 -9.58
N ILE A 192 -3.61 5.00 -9.51
CA ILE A 192 -4.23 5.92 -10.46
C ILE A 192 -3.28 6.28 -11.58
N GLU A 193 -3.83 6.42 -12.78
CA GLU A 193 -3.03 6.78 -13.95
C GLU A 193 -2.70 8.27 -13.94
N PRO A 194 -1.59 8.66 -14.60
CA PRO A 194 -1.17 10.06 -14.66
C PRO A 194 -2.30 10.99 -15.09
N GLU A 195 -3.10 10.54 -16.06
CA GLU A 195 -4.21 11.34 -16.56
C GLU A 195 -5.19 11.70 -15.45
N TRP A 196 -5.45 10.75 -14.56
CA TRP A 196 -6.36 10.97 -13.45
C TRP A 196 -5.60 11.35 -12.18
N ALA A 197 -4.53 12.12 -12.34
CA ALA A 197 -3.72 12.55 -11.20
C ALA A 197 -2.84 13.73 -11.59
N TYR A 198 -1.76 13.44 -12.30
CA TYR A 198 -0.83 14.49 -12.74
C TYR A 198 -0.99 14.75 -14.23
N GLY A 199 -0.54 13.80 -15.04
CA GLY A 199 -0.64 13.94 -16.48
C GLY A 199 0.56 13.36 -17.21
N LYS A 200 0.55 13.45 -18.54
CA LYS A 200 1.63 12.94 -19.35
C LYS A 200 2.96 13.61 -18.99
N LYS A 201 2.88 14.88 -18.60
CA LYS A 201 4.07 15.63 -18.22
C LYS A 201 4.67 15.08 -16.93
N GLY A 202 3.84 14.96 -15.91
CA GLY A 202 4.29 14.44 -14.63
C GLY A 202 4.24 15.49 -13.54
N GLN A 203 5.27 15.52 -12.70
CA GLN A 203 5.33 16.48 -11.60
C GLN A 203 6.78 16.77 -11.21
N PRO A 204 7.47 17.62 -11.97
CA PRO A 204 8.86 17.99 -11.72
C PRO A 204 9.07 18.48 -10.29
N ASP A 205 8.00 18.97 -9.67
CA ASP A 205 8.07 19.48 -8.31
C ASP A 205 8.56 18.40 -7.34
N ALA A 206 8.06 17.19 -7.52
CA ALA A 206 8.44 16.06 -6.66
C ALA A 206 9.27 15.04 -7.44
N LYS A 207 9.98 15.51 -8.47
CA LYS A 207 10.81 14.64 -9.29
C LYS A 207 9.99 13.48 -9.86
N ILE A 208 8.71 13.73 -10.11
CA ILE A 208 7.82 12.72 -10.66
C ILE A 208 7.97 12.62 -12.18
N PRO A 209 8.50 11.49 -12.68
CA PRO A 209 8.69 11.29 -14.13
C PRO A 209 7.38 11.36 -14.90
N PRO A 210 7.46 11.63 -16.22
CA PRO A 210 6.27 11.71 -17.07
C PRO A 210 5.41 10.45 -17.00
N ASN A 211 4.09 10.63 -17.10
CA ASN A 211 3.15 9.51 -17.06
C ASN A 211 3.51 8.53 -15.94
N ALA A 212 3.89 9.07 -14.78
CA ALA A 212 4.26 8.25 -13.64
C ALA A 212 3.04 7.80 -12.85
N LYS A 213 2.77 6.49 -12.88
CA LYS A 213 1.63 5.93 -12.17
C LYS A 213 1.83 6.09 -10.66
N LEU A 214 0.74 6.40 -9.95
CA LEU A 214 0.81 6.60 -8.50
C LEU A 214 -0.05 5.59 -7.76
N THR A 215 0.61 4.67 -7.06
CA THR A 215 -0.08 3.66 -6.27
C THR A 215 0.10 3.93 -4.79
N PHE A 216 -0.94 3.68 -4.00
CA PHE A 216 -0.88 3.91 -2.56
C PHE A 216 -1.89 3.07 -1.81
N GLU A 217 -1.91 3.23 -0.49
CA GLU A 217 -2.82 2.49 0.37
C GLU A 217 -3.52 3.44 1.34
N VAL A 218 -4.83 3.27 1.47
CA VAL A 218 -5.62 4.13 2.35
C VAL A 218 -6.37 3.33 3.42
N GLU A 219 -6.59 3.96 4.56
CA GLU A 219 -7.30 3.33 5.67
C GLU A 219 -8.29 4.31 6.29
N LEU A 220 -9.58 4.05 6.09
CA LEU A 220 -10.62 4.91 6.63
C LEU A 220 -10.70 4.81 8.15
N VAL A 221 -10.66 5.96 8.81
CA VAL A 221 -10.72 6.01 10.27
C VAL A 221 -12.05 6.55 10.75
N ASP A 222 -12.68 7.40 9.95
CA ASP A 222 -13.97 7.99 10.30
C ASP A 222 -14.58 8.74 9.13
N ILE A 223 -15.88 8.97 9.20
CA ILE A 223 -16.58 9.68 8.14
C ILE A 223 -17.63 10.64 8.72
N ASP A 224 -17.37 11.94 8.59
CA ASP A 224 -18.28 12.95 9.10
C ASP A 224 -18.91 13.74 7.95
N MET A 1 17.94 2.77 -0.28
CA MET A 1 17.00 2.84 -1.43
C MET A 1 15.62 2.33 -1.04
N ALA A 2 14.58 2.93 -1.62
CA ALA A 2 13.21 2.55 -1.33
C ALA A 2 12.36 2.56 -2.60
N ALA A 3 11.15 2.02 -2.50
CA ALA A 3 10.24 1.98 -3.64
C ALA A 3 8.79 1.85 -3.17
N ALA A 4 8.03 2.93 -3.31
CA ALA A 4 6.63 2.94 -2.90
C ALA A 4 6.48 2.61 -1.42
N VAL A 5 5.32 2.91 -0.86
CA VAL A 5 5.05 2.63 0.55
C VAL A 5 3.81 1.77 0.71
N PRO A 6 3.96 0.60 1.39
CA PRO A 6 2.84 -0.32 1.62
C PRO A 6 1.97 0.10 2.80
N GLN A 7 0.66 -0.03 2.65
CA GLN A 7 -0.27 0.34 3.70
C GLN A 7 -0.40 -0.78 4.74
N ARG A 8 -0.64 -0.39 5.99
CA ARG A 8 -0.78 -1.34 7.08
C ARG A 8 -1.79 -2.44 6.72
N ALA A 9 -1.32 -3.68 6.72
CA ALA A 9 -2.18 -4.82 6.41
C ALA A 9 -2.76 -5.45 7.68
N TRP A 10 -2.23 -5.06 8.83
CA TRP A 10 -2.70 -5.58 10.11
C TRP A 10 -2.83 -4.48 11.15
N THR A 11 -3.37 -4.83 12.30
CA THR A 11 -3.55 -3.87 13.39
C THR A 11 -2.75 -4.29 14.62
N VAL A 12 -2.34 -3.31 15.42
CA VAL A 12 -1.58 -3.59 16.63
C VAL A 12 -2.34 -4.53 17.55
N GLU A 13 -3.66 -4.41 17.54
CA GLU A 13 -4.51 -5.25 18.37
C GLU A 13 -4.67 -6.64 17.77
N GLN A 14 -4.49 -6.75 16.45
CA GLN A 14 -4.60 -8.03 15.77
C GLN A 14 -3.32 -8.83 15.88
N LEU A 15 -2.21 -8.23 15.42
CA LEU A 15 -0.91 -8.90 15.47
C LEU A 15 -0.61 -9.41 16.87
N ARG A 16 -0.57 -8.49 17.84
CA ARG A 16 -0.29 -8.85 19.22
C ARG A 16 -1.26 -9.93 19.72
N SER A 17 -2.43 -10.01 19.07
CA SER A 17 -3.43 -10.99 19.45
C SER A 17 -2.91 -12.41 19.28
N GLU A 18 -3.73 -13.38 19.63
CA GLU A 18 -3.36 -14.79 19.52
C GLU A 18 -4.16 -15.49 18.41
N GLN A 19 -4.76 -14.70 17.53
CA GLN A 19 -5.55 -15.24 16.43
C GLN A 19 -4.80 -15.15 15.11
N LEU A 20 -3.91 -14.16 15.01
CA LEU A 20 -3.13 -13.96 13.79
C LEU A 20 -1.85 -14.80 13.81
N PRO A 21 -1.57 -15.53 12.72
CA PRO A 21 -0.37 -16.37 12.63
C PRO A 21 0.91 -15.55 12.43
N LYS A 22 1.88 -15.76 13.32
CA LYS A 22 3.15 -15.05 13.25
C LYS A 22 3.83 -15.26 11.90
N LYS A 23 3.52 -16.39 11.26
CA LYS A 23 4.12 -16.71 9.96
C LYS A 23 3.88 -15.59 8.95
N ASP A 24 2.64 -15.14 8.85
CA ASP A 24 2.27 -14.08 7.93
C ASP A 24 2.90 -12.75 8.34
N ILE A 25 3.03 -12.54 9.64
CA ILE A 25 3.61 -11.31 10.17
C ILE A 25 5.09 -11.19 9.80
N ILE A 26 5.78 -12.32 9.81
CA ILE A 26 7.20 -12.34 9.48
C ILE A 26 7.42 -12.11 7.99
N LYS A 27 6.70 -12.86 7.17
CA LYS A 27 6.81 -12.75 5.72
C LYS A 27 6.52 -11.32 5.25
N PHE A 28 5.78 -10.58 6.06
CA PHE A 28 5.44 -9.20 5.72
C PHE A 28 6.64 -8.28 5.90
N LEU A 29 7.27 -8.37 7.05
CA LEU A 29 8.44 -7.54 7.36
C LEU A 29 9.59 -7.89 6.43
N GLN A 30 9.76 -9.17 6.14
CA GLN A 30 10.83 -9.62 5.26
C GLN A 30 10.54 -9.23 3.82
N GLU A 31 9.27 -8.95 3.53
CA GLU A 31 8.86 -8.56 2.18
C GLU A 31 9.16 -7.09 1.91
N HIS A 32 8.72 -6.21 2.80
CA HIS A 32 8.93 -4.77 2.63
C HIS A 32 9.91 -4.22 3.68
N GLY A 33 10.65 -5.11 4.32
CA GLY A 33 11.61 -4.66 5.33
C GLY A 33 13.02 -5.12 5.03
N SER A 34 13.76 -4.28 4.32
CA SER A 34 15.15 -4.58 3.92
C SER A 34 15.90 -5.40 4.98
N ASP A 35 16.93 -6.12 4.53
CA ASP A 35 17.74 -6.96 5.42
C ASP A 35 18.22 -6.16 6.64
N SER A 36 18.91 -5.06 6.39
CA SER A 36 19.43 -4.22 7.48
C SER A 36 18.34 -3.96 8.51
N PHE A 37 17.17 -3.57 8.04
CA PHE A 37 16.04 -3.29 8.92
C PHE A 37 15.73 -4.49 9.81
N LEU A 38 15.65 -5.67 9.20
CA LEU A 38 15.36 -6.89 9.94
C LEU A 38 16.46 -7.19 10.95
N ALA A 39 17.71 -7.08 10.51
CA ALA A 39 18.85 -7.33 11.38
C ALA A 39 18.72 -6.57 12.70
N GLU A 40 18.09 -5.41 12.65
CA GLU A 40 17.90 -4.60 13.84
C GLU A 40 16.87 -5.23 14.78
N HIS A 41 15.89 -5.90 14.21
CA HIS A 41 14.84 -6.54 15.00
C HIS A 41 14.96 -8.07 14.94
N LYS A 42 16.10 -8.57 14.46
CA LYS A 42 16.32 -10.00 14.36
C LYS A 42 15.26 -10.66 13.49
N LEU A 43 14.79 -9.94 12.47
CA LEU A 43 13.77 -10.46 11.57
C LEU A 43 14.41 -11.21 10.39
N LEU A 44 15.69 -10.94 10.15
CA LEU A 44 16.42 -11.60 9.06
C LEU A 44 16.21 -13.10 9.08
N GLY A 45 16.65 -13.78 8.03
CA GLY A 45 16.51 -15.22 7.95
C GLY A 45 15.21 -15.65 7.30
N ASN A 46 14.76 -16.84 7.64
CA ASN A 46 13.52 -17.37 7.08
C ASN A 46 12.42 -17.45 8.14
N ILE A 47 11.18 -17.31 7.69
CA ILE A 47 10.03 -17.35 8.59
C ILE A 47 10.13 -18.52 9.58
N LYS A 48 10.58 -19.65 9.07
CA LYS A 48 10.72 -20.85 9.89
C LYS A 48 11.68 -20.61 11.05
N ASN A 49 12.79 -19.93 10.77
CA ASN A 49 13.78 -19.64 11.80
C ASN A 49 13.43 -18.37 12.56
N VAL A 50 12.70 -17.47 11.91
CA VAL A 50 12.29 -16.22 12.53
C VAL A 50 11.11 -16.41 13.47
N ALA A 51 10.31 -17.43 13.21
CA ALA A 51 9.14 -17.72 14.03
C ALA A 51 9.55 -18.14 15.44
N LYS A 52 10.73 -18.72 15.55
CA LYS A 52 11.25 -19.17 16.84
C LYS A 52 12.14 -18.12 17.47
N THR A 53 12.80 -17.32 16.63
CA THR A 53 13.70 -16.27 17.10
C THR A 53 12.98 -14.92 17.15
N ALA A 54 11.69 -14.95 17.46
CA ALA A 54 10.91 -13.73 17.53
C ALA A 54 9.60 -13.96 18.27
N ASN A 55 9.34 -13.17 19.30
CA ASN A 55 8.12 -13.29 20.09
C ASN A 55 6.96 -12.61 19.38
N LYS A 56 5.76 -12.74 19.94
CA LYS A 56 4.57 -12.14 19.35
C LYS A 56 4.75 -10.64 19.21
N ASP A 57 5.00 -9.98 20.33
CA ASP A 57 5.20 -8.53 20.34
C ASP A 57 6.45 -8.16 19.54
N HIS A 58 7.38 -9.11 19.42
CA HIS A 58 8.60 -8.89 18.68
C HIS A 58 8.30 -8.64 17.21
N LEU A 59 7.37 -9.42 16.67
CA LEU A 59 6.97 -9.28 15.28
C LEU A 59 6.09 -8.06 15.07
N VAL A 60 5.33 -7.68 16.10
CA VAL A 60 4.45 -6.53 16.03
C VAL A 60 5.24 -5.24 16.24
N THR A 61 6.12 -5.26 17.24
CA THR A 61 6.95 -4.09 17.54
C THR A 61 7.78 -3.69 16.33
N ALA A 62 8.20 -4.69 15.56
CA ALA A 62 9.01 -4.45 14.37
C ALA A 62 8.12 -4.10 13.17
N TYR A 63 6.85 -4.50 13.25
CA TYR A 63 5.90 -4.23 12.18
C TYR A 63 5.32 -2.81 12.30
N ASN A 64 5.38 -2.26 13.51
CA ASN A 64 4.87 -0.92 13.76
C ASN A 64 5.91 0.15 13.44
N HIS A 65 7.09 0.00 14.04
CA HIS A 65 8.18 0.95 13.84
C HIS A 65 8.62 0.99 12.39
N LEU A 66 8.44 -0.11 11.66
CA LEU A 66 8.84 -0.19 10.26
C LEU A 66 8.28 1.00 9.47
N PHE A 67 7.04 1.36 9.77
CA PHE A 67 6.38 2.46 9.09
C PHE A 67 6.84 3.80 9.68
N GLU A 68 6.97 3.84 10.99
CA GLU A 68 7.41 5.05 11.68
C GLU A 68 8.84 5.41 11.30
N THR A 69 9.68 4.39 11.15
CA THR A 69 11.08 4.60 10.79
C THR A 69 11.26 4.66 9.27
N LYS A 70 10.22 4.28 8.53
CA LYS A 70 10.28 4.30 7.08
C LYS A 70 11.47 3.48 6.56
N ARG A 71 11.82 2.43 7.29
CA ARG A 71 12.94 1.57 6.91
C ARG A 71 12.46 0.41 6.04
N PHE A 72 11.65 0.72 5.04
CA PHE A 72 11.12 -0.30 4.14
C PHE A 72 12.24 -0.89 3.27
N LYS A 73 11.92 -1.94 2.53
CA LYS A 73 12.89 -2.58 1.65
C LYS A 73 13.17 -1.72 0.42
N GLY A 74 14.36 -1.88 -0.14
CA GLY A 74 14.73 -1.11 -1.31
C GLY A 74 14.37 -1.82 -2.61
N THR A 75 15.17 -1.58 -3.64
CA THR A 75 14.93 -2.21 -4.94
C THR A 75 15.85 -3.41 -5.15
N GLU A 76 15.37 -4.59 -4.78
CA GLU A 76 16.14 -5.81 -4.93
C GLU A 76 15.55 -6.71 -6.02
N SER A 77 14.23 -6.67 -6.16
CA SER A 77 13.55 -7.47 -7.17
C SER A 77 12.07 -7.11 -7.23
N ILE A 78 11.61 -6.77 -8.43
CA ILE A 78 10.21 -6.41 -8.63
C ILE A 78 9.59 -7.22 -9.77
N SER A 79 8.34 -7.63 -9.58
CA SER A 79 7.64 -8.42 -10.59
C SER A 79 8.35 -9.74 -10.85
N LYS A 80 7.66 -10.84 -10.54
CA LYS A 80 8.23 -12.18 -10.75
C LYS A 80 7.14 -13.19 -11.05
N VAL A 81 7.47 -14.19 -11.85
CA VAL A 81 6.51 -15.23 -12.22
C VAL A 81 7.20 -16.59 -12.35
N SER A 82 6.61 -17.60 -11.72
CA SER A 82 7.15 -18.95 -11.76
C SER A 82 6.06 -19.99 -11.65
N GLU A 83 5.28 -19.92 -10.58
CA GLU A 83 4.18 -20.86 -10.37
C GLU A 83 2.84 -20.22 -10.72
N GLN A 84 1.92 -21.05 -11.22
CA GLN A 84 0.60 -20.57 -11.61
C GLN A 84 -0.20 -20.15 -10.39
N VAL A 85 -1.26 -19.39 -10.62
CA VAL A 85 -2.12 -18.91 -9.55
C VAL A 85 -3.45 -18.41 -10.08
N LYS A 86 -4.52 -18.61 -9.31
CA LYS A 86 -5.84 -18.18 -9.70
C LYS A 86 -6.76 -18.05 -8.50
N ASN A 87 -6.91 -19.14 -7.76
CA ASN A 87 -7.75 -19.17 -6.57
C ASN A 87 -9.20 -18.86 -6.94
N VAL A 88 -10.01 -19.91 -7.08
CA VAL A 88 -11.42 -19.74 -7.43
C VAL A 88 -12.24 -19.39 -6.20
N LYS A 89 -13.41 -18.80 -6.43
CA LYS A 89 -14.30 -18.42 -5.34
C LYS A 89 -15.62 -17.89 -5.88
N LEU A 90 -15.55 -17.10 -6.95
CA LEU A 90 -16.74 -16.53 -7.56
C LEU A 90 -16.54 -16.30 -9.05
N ASN A 91 -15.71 -17.15 -9.66
CA ASN A 91 -15.43 -17.04 -11.09
C ASN A 91 -14.81 -15.69 -11.42
N GLU A 92 -13.51 -15.70 -11.76
CA GLU A 92 -12.81 -14.47 -12.09
C GLU A 92 -12.16 -14.57 -13.48
N ASP A 93 -12.10 -13.44 -14.18
CA ASP A 93 -11.52 -13.40 -15.51
C ASP A 93 -10.46 -12.30 -15.62
N LYS A 94 -9.44 -12.55 -16.42
CA LYS A 94 -8.36 -11.58 -16.62
C LYS A 94 -7.63 -11.83 -17.93
N PRO A 95 -8.12 -11.24 -19.03
CA PRO A 95 -7.50 -11.40 -20.35
C PRO A 95 -6.01 -11.08 -20.35
N LYS A 96 -5.20 -12.05 -20.78
CA LYS A 96 -3.76 -11.87 -20.82
C LYS A 96 -3.20 -11.62 -19.43
N GLU A 97 -1.88 -11.69 -19.29
CA GLU A 97 -1.22 -11.47 -18.02
C GLU A 97 -1.37 -10.02 -17.56
N THR A 98 -0.68 -9.66 -16.49
CA THR A 98 -0.74 -8.30 -15.95
C THR A 98 0.50 -7.51 -16.35
N LYS A 99 0.36 -6.19 -16.39
CA LYS A 99 1.48 -5.32 -16.75
C LYS A 99 1.97 -5.62 -18.16
N SER A 100 1.05 -6.04 -19.02
CA SER A 100 1.38 -6.37 -20.40
C SER A 100 0.34 -5.81 -21.36
N GLU A 101 0.79 -4.94 -22.27
CA GLU A 101 -0.11 -4.33 -23.25
C GLU A 101 0.01 -5.03 -24.61
N GLU A 102 -0.92 -5.93 -24.89
CA GLU A 102 -0.93 -6.66 -26.14
C GLU A 102 -2.33 -6.77 -26.71
N THR A 103 -3.16 -5.77 -26.44
CA THR A 103 -4.53 -5.75 -26.92
C THR A 103 -4.87 -4.41 -27.57
N LEU A 104 -4.50 -3.34 -26.90
CA LEU A 104 -4.75 -1.99 -27.41
C LEU A 104 -6.25 -1.76 -27.59
N ASP A 105 -6.82 -0.92 -26.74
CA ASP A 105 -8.24 -0.61 -26.81
C ASP A 105 -8.48 0.78 -27.41
N GLU A 106 -7.82 1.77 -26.83
CA GLU A 106 -7.94 3.14 -27.31
C GLU A 106 -7.07 4.09 -26.47
N GLY A 107 -7.03 3.83 -25.17
CA GLY A 107 -6.23 4.67 -24.28
C GLY A 107 -6.69 4.57 -22.83
N PRO A 108 -6.10 3.66 -22.05
CA PRO A 108 -6.45 3.48 -20.65
C PRO A 108 -6.04 4.66 -19.77
N PRO A 109 -6.56 4.74 -18.54
CA PRO A 109 -6.23 5.84 -17.61
C PRO A 109 -4.73 6.03 -17.45
N LYS A 110 -4.35 7.00 -16.64
CA LYS A 110 -2.94 7.30 -16.41
C LYS A 110 -2.53 6.88 -14.98
N TYR A 111 -3.26 5.93 -14.41
CA TYR A 111 -2.97 5.45 -13.07
C TYR A 111 -2.99 3.92 -13.03
N THR A 112 -2.80 3.36 -11.85
CA THR A 112 -2.79 1.90 -11.69
C THR A 112 -2.99 1.50 -10.23
N LYS A 113 -4.19 1.02 -9.92
CA LYS A 113 -4.52 0.60 -8.57
C LYS A 113 -4.45 -0.92 -8.44
N SER A 114 -3.92 -1.40 -7.32
CA SER A 114 -3.80 -2.83 -7.08
C SER A 114 -4.30 -3.19 -5.68
N VAL A 115 -5.28 -4.08 -5.63
CA VAL A 115 -5.85 -4.52 -4.35
C VAL A 115 -5.01 -5.62 -3.73
N LEU A 116 -4.26 -5.29 -2.68
CA LEU A 116 -3.42 -6.25 -2.00
C LEU A 116 -4.20 -6.98 -0.90
N LYS A 117 -4.98 -6.22 -0.14
CA LYS A 117 -5.79 -6.78 0.94
C LYS A 117 -7.28 -6.57 0.68
N LYS A 118 -7.98 -7.64 0.34
CA LYS A 118 -9.42 -7.57 0.07
C LYS A 118 -10.18 -7.13 1.31
N GLY A 119 -11.11 -6.20 1.13
CA GLY A 119 -11.91 -5.71 2.24
C GLY A 119 -13.30 -6.29 2.23
N ASP A 120 -14.28 -5.47 1.87
CA ASP A 120 -15.67 -5.90 1.83
C ASP A 120 -16.01 -6.50 0.46
N LYS A 121 -15.53 -5.83 -0.59
CA LYS A 121 -15.78 -6.28 -1.96
C LYS A 121 -17.24 -6.11 -2.33
N THR A 122 -17.87 -5.07 -1.79
CA THR A 122 -19.28 -4.79 -2.07
C THR A 122 -19.59 -3.31 -1.86
N ASN A 123 -19.11 -2.77 -0.74
CA ASN A 123 -19.34 -1.37 -0.41
C ASN A 123 -18.33 -0.47 -1.12
N PHE A 124 -18.69 0.00 -2.31
CA PHE A 124 -17.82 0.88 -3.09
C PHE A 124 -18.29 2.32 -3.00
N PRO A 125 -17.34 3.28 -2.92
CA PRO A 125 -17.67 4.71 -2.84
C PRO A 125 -18.58 5.17 -3.98
N LYS A 126 -19.71 5.77 -3.63
CA LYS A 126 -20.66 6.25 -4.61
C LYS A 126 -20.48 7.75 -4.87
N LYS A 127 -20.96 8.21 -6.01
CA LYS A 127 -20.84 9.62 -6.37
C LYS A 127 -21.52 10.50 -5.33
N GLY A 128 -20.71 11.26 -4.58
CA GLY A 128 -21.26 12.14 -3.56
C GLY A 128 -20.89 11.67 -2.16
N ASP A 129 -20.88 10.35 -1.97
CA ASP A 129 -20.55 9.78 -0.67
C ASP A 129 -19.07 9.96 -0.36
N VAL A 130 -18.78 10.46 0.84
CA VAL A 130 -17.40 10.68 1.25
C VAL A 130 -16.69 9.37 1.57
N VAL A 131 -15.41 9.47 1.95
CA VAL A 131 -14.61 8.30 2.29
C VAL A 131 -13.46 8.68 3.20
N HIS A 132 -13.08 7.77 4.08
CA HIS A 132 -11.96 8.02 5.00
C HIS A 132 -10.92 6.92 4.87
N CYS A 133 -9.71 7.30 4.47
CA CYS A 133 -8.64 6.33 4.30
C CYS A 133 -7.27 6.99 4.45
N TRP A 134 -6.24 6.15 4.59
CA TRP A 134 -4.87 6.62 4.74
C TRP A 134 -4.13 6.54 3.41
N TYR A 135 -3.01 7.23 3.29
CA TYR A 135 -2.23 7.20 2.06
C TYR A 135 -0.79 7.62 2.29
N THR A 136 0.14 6.87 1.70
CA THR A 136 1.56 7.16 1.85
C THR A 136 2.22 7.39 0.49
N GLY A 137 2.53 8.65 0.19
CA GLY A 137 3.15 8.98 -1.09
C GLY A 137 4.66 8.85 -1.07
N THR A 138 5.19 8.24 -2.13
CA THR A 138 6.63 8.05 -2.25
C THR A 138 7.06 8.11 -3.72
N LEU A 139 8.23 8.70 -3.96
CA LEU A 139 8.74 8.83 -5.33
C LEU A 139 9.43 7.54 -5.77
N GLN A 140 9.97 7.55 -6.98
CA GLN A 140 10.66 6.38 -7.53
C GLN A 140 11.77 5.92 -6.59
N ASP A 141 12.54 6.88 -6.08
CA ASP A 141 13.64 6.59 -5.17
C ASP A 141 13.13 6.26 -3.77
N GLY A 142 11.84 6.48 -3.53
CA GLY A 142 11.27 6.22 -2.23
C GLY A 142 11.26 7.44 -1.34
N THR A 143 11.24 8.62 -1.95
CA THR A 143 11.24 9.87 -1.19
C THR A 143 9.81 10.29 -0.84
N VAL A 144 9.46 10.18 0.43
CA VAL A 144 8.13 10.54 0.89
C VAL A 144 7.86 12.02 0.69
N PHE A 145 6.76 12.35 0.04
CA PHE A 145 6.39 13.74 -0.22
C PHE A 145 5.18 14.15 0.61
N ASP A 146 4.30 13.18 0.87
CA ASP A 146 3.09 13.44 1.66
C ASP A 146 2.42 12.14 2.07
N THR A 147 2.44 11.84 3.37
CA THR A 147 1.83 10.63 3.89
C THR A 147 0.82 10.95 4.98
N ASN A 148 -0.40 10.44 4.82
CA ASN A 148 -1.46 10.67 5.79
C ASN A 148 -1.13 10.00 7.13
N ILE A 149 -0.25 9.01 7.10
CA ILE A 149 0.14 8.31 8.31
C ILE A 149 1.55 8.70 8.76
N GLN A 150 1.64 9.26 9.96
CA GLN A 150 2.93 9.67 10.50
C GLN A 150 3.04 9.34 11.99
N THR A 151 1.97 9.61 12.74
CA THR A 151 1.96 9.34 14.17
C THR A 151 1.24 8.02 14.46
N SER A 152 1.59 7.40 15.58
CA SER A 152 0.98 6.14 15.97
C SER A 152 0.20 6.30 17.27
N ALA A 153 -0.62 5.30 17.58
CA ALA A 153 -1.43 5.32 18.79
C ALA A 153 -0.57 5.11 20.04
N LYS A 154 0.52 4.36 19.87
CA LYS A 154 1.42 4.07 20.98
C LYS A 154 1.98 5.35 21.57
N LYS A 155 2.70 6.11 20.75
CA LYS A 155 3.30 7.37 21.18
C LYS A 155 2.22 8.35 21.63
N LYS A 156 1.36 8.73 20.69
CA LYS A 156 0.29 9.67 20.98
C LYS A 156 -0.91 9.42 20.06
N LYS A 157 -2.05 9.10 20.67
CA LYS A 157 -3.27 8.84 19.91
C LYS A 157 -3.74 10.08 19.18
N ASN A 158 -3.11 10.38 18.04
CA ASN A 158 -3.47 11.54 17.25
C ASN A 158 -3.37 11.24 15.76
N ALA A 159 -4.43 10.64 15.22
CA ALA A 159 -4.47 10.29 13.79
C ALA A 159 -5.90 10.16 13.31
N LYS A 160 -6.26 10.94 12.29
CA LYS A 160 -7.60 10.90 11.72
C LYS A 160 -7.55 10.79 10.20
N PRO A 161 -8.12 9.70 9.63
CA PRO A 161 -8.13 9.49 8.18
C PRO A 161 -8.68 10.69 7.42
N LEU A 162 -8.21 10.89 6.19
CA LEU A 162 -8.66 11.99 5.36
C LEU A 162 -10.03 11.69 4.75
N SER A 163 -10.98 12.61 4.92
CA SER A 163 -12.31 12.44 4.38
C SER A 163 -12.57 13.39 3.22
N PHE A 164 -13.01 12.83 2.10
CA PHE A 164 -13.31 13.62 0.91
C PHE A 164 -14.35 12.94 0.04
N LYS A 165 -15.21 13.73 -0.60
CA LYS A 165 -16.26 13.19 -1.45
C LYS A 165 -15.68 12.61 -2.73
N VAL A 166 -16.15 11.43 -3.10
CA VAL A 166 -15.67 10.75 -4.31
C VAL A 166 -16.49 11.16 -5.53
N GLY A 167 -15.84 11.17 -6.69
CA GLY A 167 -16.52 11.54 -7.92
C GLY A 167 -17.02 12.98 -7.90
N VAL A 168 -16.32 13.83 -7.16
CA VAL A 168 -16.71 15.24 -7.06
C VAL A 168 -15.63 16.14 -7.63
N GLY A 169 -14.39 15.74 -7.48
CA GLY A 169 -13.28 16.53 -7.97
C GLY A 169 -12.46 17.09 -6.84
N LYS A 170 -12.40 16.34 -5.74
CA LYS A 170 -11.64 16.74 -4.56
C LYS A 170 -10.19 16.26 -4.66
N VAL A 171 -9.99 15.14 -5.34
CA VAL A 171 -8.65 14.57 -5.50
C VAL A 171 -8.27 14.44 -6.97
N ILE A 172 -7.06 13.94 -7.22
CA ILE A 172 -6.59 13.77 -8.59
C ILE A 172 -7.50 12.82 -9.37
N ARG A 173 -7.29 12.75 -10.68
CA ARG A 173 -8.09 11.89 -11.55
C ARG A 173 -7.69 10.43 -11.39
N GLY A 174 -6.43 10.20 -11.05
CA GLY A 174 -5.93 8.85 -10.87
C GLY A 174 -6.45 8.22 -9.60
N TRP A 175 -6.68 9.06 -8.59
CA TRP A 175 -7.19 8.58 -7.31
C TRP A 175 -8.71 8.44 -7.34
N ASP A 176 -9.35 9.33 -8.08
CA ASP A 176 -10.81 9.31 -8.20
C ASP A 176 -11.28 7.97 -8.76
N GLU A 177 -10.54 7.46 -9.74
CA GLU A 177 -10.87 6.18 -10.35
C GLU A 177 -10.37 5.03 -9.48
N ALA A 178 -9.30 5.27 -8.74
CA ALA A 178 -8.73 4.25 -7.86
C ALA A 178 -9.56 4.07 -6.60
N LEU A 179 -9.68 5.15 -5.83
CA LEU A 179 -10.45 5.12 -4.59
C LEU A 179 -11.89 4.67 -4.85
N LEU A 180 -12.42 5.06 -6.00
CA LEU A 180 -13.78 4.70 -6.37
C LEU A 180 -13.93 3.19 -6.55
N THR A 181 -12.83 2.55 -6.93
CA THR A 181 -12.83 1.10 -7.14
C THR A 181 -12.49 0.35 -5.85
N MET A 182 -12.07 1.08 -4.83
CA MET A 182 -11.71 0.48 -3.55
C MET A 182 -12.96 0.11 -2.75
N SER A 183 -12.82 -0.85 -1.84
CA SER A 183 -13.93 -1.30 -1.01
C SER A 183 -13.73 -0.88 0.44
N LYS A 184 -14.77 -1.03 1.25
CA LYS A 184 -14.69 -0.67 2.67
C LYS A 184 -13.77 -1.62 3.42
N GLY A 185 -12.78 -1.05 4.11
CA GLY A 185 -11.85 -1.86 4.87
C GLY A 185 -10.92 -2.66 3.98
N GLU A 186 -10.53 -2.07 2.86
CA GLU A 186 -9.64 -2.74 1.91
C GLU A 186 -8.37 -1.93 1.70
N LYS A 187 -7.26 -2.62 1.47
CA LYS A 187 -5.98 -1.97 1.25
C LYS A 187 -5.49 -2.23 -0.17
N ALA A 188 -4.92 -1.21 -0.80
CA ALA A 188 -4.42 -1.36 -2.16
C ALA A 188 -3.19 -0.50 -2.40
N ARG A 189 -2.63 -0.63 -3.60
CA ARG A 189 -1.45 0.13 -3.99
C ARG A 189 -1.69 0.83 -5.33
N LEU A 190 -1.60 2.15 -5.32
CA LEU A 190 -1.84 2.93 -6.54
C LEU A 190 -0.55 3.34 -7.23
N GLU A 191 -0.67 3.68 -8.50
CA GLU A 191 0.46 4.14 -9.31
C GLU A 191 -0.02 5.13 -10.35
N ILE A 192 0.26 6.42 -10.13
CA ILE A 192 -0.16 7.46 -11.05
C ILE A 192 1.03 8.08 -11.78
N GLU A 193 0.84 8.32 -13.07
CA GLU A 193 1.88 8.93 -13.88
C GLU A 193 1.98 10.43 -13.61
N PRO A 194 3.04 11.08 -14.10
CA PRO A 194 3.24 12.52 -13.89
C PRO A 194 2.16 13.37 -14.58
N GLU A 195 1.43 12.75 -15.49
CA GLU A 195 0.38 13.45 -16.23
C GLU A 195 -0.93 13.49 -15.44
N TRP A 196 -1.12 12.53 -14.54
CA TRP A 196 -2.34 12.45 -13.75
C TRP A 196 -2.08 12.77 -12.28
N ALA A 197 -1.18 13.72 -12.04
CA ALA A 197 -0.85 14.12 -10.68
C ALA A 197 -0.44 15.60 -10.61
N TYR A 198 0.83 15.88 -10.92
CA TYR A 198 1.34 17.25 -10.89
C TYR A 198 1.56 17.77 -12.30
N GLY A 199 1.92 16.87 -13.20
CA GLY A 199 2.17 17.24 -14.58
C GLY A 199 3.57 16.94 -15.03
N LYS A 200 3.82 17.05 -16.34
CA LYS A 200 5.14 16.79 -16.89
C LYS A 200 6.20 17.63 -16.19
N LYS A 201 5.80 18.79 -15.71
CA LYS A 201 6.72 19.69 -15.01
C LYS A 201 7.15 19.08 -13.69
N GLY A 202 6.19 18.58 -12.93
CA GLY A 202 6.49 17.97 -11.65
C GLY A 202 5.95 18.78 -10.48
N GLN A 203 6.72 18.84 -9.41
CA GLN A 203 6.32 19.59 -8.23
C GLN A 203 7.54 20.01 -7.40
N PRO A 204 8.23 21.07 -7.83
CA PRO A 204 9.43 21.57 -7.14
C PRO A 204 9.17 21.85 -5.66
N ASP A 205 7.90 22.07 -5.31
CA ASP A 205 7.53 22.35 -3.93
C ASP A 205 7.97 21.22 -3.00
N ALA A 206 7.77 19.99 -3.46
CA ALA A 206 8.14 18.82 -2.68
C ALA A 206 9.31 18.09 -3.30
N LYS A 207 10.19 18.84 -3.96
CA LYS A 207 11.37 18.27 -4.60
C LYS A 207 10.96 17.18 -5.61
N ILE A 208 9.81 17.37 -6.23
CA ILE A 208 9.31 16.42 -7.22
C ILE A 208 9.73 16.82 -8.63
N PRO A 209 10.62 16.02 -9.26
CA PRO A 209 11.10 16.30 -10.63
C PRO A 209 10.01 16.11 -11.68
N PRO A 210 10.28 16.53 -12.93
CA PRO A 210 9.32 16.40 -14.02
C PRO A 210 9.17 14.96 -14.51
N ASN A 211 7.98 14.64 -15.03
CA ASN A 211 7.71 13.29 -15.53
C ASN A 211 7.93 12.24 -14.44
N ALA A 212 7.81 12.66 -13.19
CA ALA A 212 8.00 11.75 -12.06
C ALA A 212 6.73 10.97 -11.74
N LYS A 213 6.89 9.74 -11.29
CA LYS A 213 5.76 8.89 -10.94
C LYS A 213 5.44 9.01 -9.46
N LEU A 214 4.20 8.72 -9.07
CA LEU A 214 3.79 8.81 -7.68
C LEU A 214 2.95 7.62 -7.25
N THR A 215 3.54 6.77 -6.41
CA THR A 215 2.85 5.58 -5.90
C THR A 215 2.56 5.73 -4.42
N PHE A 216 1.39 5.27 -3.99
CA PHE A 216 1.01 5.37 -2.58
C PHE A 216 -0.13 4.42 -2.24
N GLU A 217 0.14 3.52 -1.30
CA GLU A 217 -0.87 2.55 -0.87
C GLU A 217 -1.94 3.22 -0.04
N VAL A 218 -3.19 2.83 -0.26
CA VAL A 218 -4.32 3.39 0.46
C VAL A 218 -5.11 2.30 1.18
N GLU A 219 -5.75 2.68 2.29
CA GLU A 219 -6.55 1.74 3.06
C GLU A 219 -7.86 2.38 3.49
N LEU A 220 -8.97 1.90 2.92
CA LEU A 220 -10.29 2.43 3.25
C LEU A 220 -10.68 2.06 4.68
N VAL A 221 -11.10 3.05 5.45
CA VAL A 221 -11.51 2.84 6.83
C VAL A 221 -13.02 2.95 6.98
N ASP A 222 -13.63 3.78 6.14
CA ASP A 222 -15.08 3.98 6.18
C ASP A 222 -15.57 4.73 4.95
N ILE A 223 -16.85 4.57 4.64
CA ILE A 223 -17.44 5.23 3.47
C ILE A 223 -18.85 5.73 3.78
N ASP A 224 -19.00 7.05 3.84
CA ASP A 224 -20.30 7.64 4.14
C ASP A 224 -20.57 8.84 3.22
N MET A 1 1.72 -4.60 -9.25
CA MET A 1 3.07 -5.17 -9.52
C MET A 1 4.16 -4.36 -8.83
N ALA A 2 4.44 -3.18 -9.36
CA ALA A 2 5.46 -2.31 -8.80
C ALA A 2 4.89 -1.43 -7.68
N ALA A 3 5.68 -1.21 -6.65
CA ALA A 3 5.25 -0.40 -5.52
C ALA A 3 4.04 -1.02 -4.82
N ALA A 4 3.89 -0.74 -3.54
CA ALA A 4 2.78 -1.27 -2.75
C ALA A 4 3.00 -1.05 -1.26
N VAL A 5 2.80 0.18 -0.80
CA VAL A 5 2.98 0.50 0.62
C VAL A 5 1.71 0.16 1.41
N PRO A 6 1.79 -0.84 2.30
CA PRO A 6 0.66 -1.26 3.12
C PRO A 6 0.42 -0.33 4.31
N GLN A 7 -0.84 0.03 4.52
CA GLN A 7 -1.20 0.91 5.62
C GLN A 7 -1.28 0.14 6.94
N ARG A 8 -1.12 0.85 8.05
CA ARG A 8 -1.17 0.23 9.37
C ARG A 8 -2.39 -0.66 9.53
N ALA A 9 -2.23 -1.95 9.25
CA ALA A 9 -3.31 -2.91 9.35
C ALA A 9 -3.75 -3.07 10.81
N TRP A 10 -2.79 -3.04 11.71
CA TRP A 10 -3.07 -3.17 13.14
C TRP A 10 -2.71 -1.89 13.88
N THR A 11 -3.05 -1.85 15.17
CA THR A 11 -2.76 -0.68 15.99
C THR A 11 -1.82 -1.06 17.14
N VAL A 12 -1.07 -0.08 17.64
CA VAL A 12 -0.15 -0.32 18.74
C VAL A 12 -0.88 -0.89 19.95
N GLU A 13 -2.11 -0.44 20.14
CA GLU A 13 -2.93 -0.90 21.26
C GLU A 13 -3.33 -2.36 21.08
N GLN A 14 -3.46 -2.79 19.82
CA GLN A 14 -3.84 -4.17 19.52
C GLN A 14 -2.63 -5.10 19.57
N LEU A 15 -1.60 -4.78 18.79
CA LEU A 15 -0.40 -5.59 18.76
C LEU A 15 0.13 -5.89 20.16
N ARG A 16 0.55 -4.85 20.85
CA ARG A 16 1.08 -4.99 22.22
C ARG A 16 0.09 -5.74 23.11
N SER A 17 -1.19 -5.65 22.76
CA SER A 17 -2.23 -6.31 23.54
C SER A 17 -1.94 -7.79 23.74
N GLU A 18 -2.77 -8.45 24.55
CA GLU A 18 -2.60 -9.87 24.83
C GLU A 18 -3.72 -10.70 24.19
N GLN A 19 -4.42 -10.10 23.23
CA GLN A 19 -5.51 -10.80 22.54
C GLN A 19 -5.17 -11.07 21.09
N LEU A 20 -4.19 -10.32 20.55
CA LEU A 20 -3.78 -10.50 19.16
C LEU A 20 -2.65 -11.52 19.05
N PRO A 21 -2.92 -12.69 18.44
CA PRO A 21 -1.92 -13.74 18.26
C PRO A 21 -0.69 -13.25 17.51
N LYS A 22 0.49 -13.49 18.09
CA LYS A 22 1.74 -13.07 17.47
C LYS A 22 1.97 -13.78 16.13
N LYS A 23 1.35 -14.95 15.98
CA LYS A 23 1.49 -15.73 14.75
C LYS A 23 1.19 -14.90 13.52
N ASP A 24 0.17 -14.05 13.61
CA ASP A 24 -0.21 -13.19 12.48
C ASP A 24 0.80 -12.07 12.27
N ILE A 25 1.01 -11.28 13.31
CA ILE A 25 1.94 -10.15 13.25
C ILE A 25 3.26 -10.55 12.59
N ILE A 26 3.66 -11.80 12.77
CA ILE A 26 4.90 -12.30 12.18
C ILE A 26 4.72 -12.54 10.68
N LYS A 27 3.57 -13.10 10.31
CA LYS A 27 3.28 -13.38 8.91
C LYS A 27 3.04 -12.10 8.12
N PHE A 28 2.65 -11.04 8.83
CA PHE A 28 2.39 -9.75 8.20
C PHE A 28 3.68 -9.10 7.75
N LEU A 29 4.68 -9.13 8.63
CA LEU A 29 5.97 -8.53 8.34
C LEU A 29 6.72 -9.33 7.28
N GLN A 30 6.37 -10.61 7.14
CA GLN A 30 7.01 -11.48 6.16
C GLN A 30 6.43 -11.25 4.78
N GLU A 31 5.19 -10.76 4.72
CA GLU A 31 4.52 -10.49 3.45
C GLU A 31 4.52 -8.99 3.13
N HIS A 32 4.90 -8.17 4.12
CA HIS A 32 4.93 -6.73 3.93
C HIS A 32 6.36 -6.19 4.09
N GLY A 33 7.28 -7.03 4.55
CA GLY A 33 8.65 -6.60 4.73
C GLY A 33 9.63 -7.45 3.94
N SER A 34 10.85 -6.96 3.78
CA SER A 34 11.87 -7.68 3.06
C SER A 34 12.68 -8.57 3.99
N ASP A 35 13.20 -9.68 3.48
CA ASP A 35 13.98 -10.61 4.28
C ASP A 35 15.06 -9.87 5.08
N SER A 36 15.91 -9.13 4.37
CA SER A 36 16.98 -8.38 5.02
C SER A 36 16.44 -7.56 6.18
N PHE A 37 15.36 -6.83 5.91
CA PHE A 37 14.72 -6.00 6.93
C PHE A 37 14.37 -6.84 8.16
N LEU A 38 13.74 -7.99 7.90
CA LEU A 38 13.34 -8.89 8.98
C LEU A 38 14.56 -9.43 9.72
N ALA A 39 15.60 -9.79 8.96
CA ALA A 39 16.83 -10.32 9.54
C ALA A 39 17.29 -9.46 10.71
N GLU A 40 17.17 -8.15 10.56
CA GLU A 40 17.57 -7.21 11.62
C GLU A 40 17.00 -7.63 12.96
N HIS A 41 15.71 -7.90 13.00
CA HIS A 41 15.04 -8.31 14.24
C HIS A 41 14.78 -9.82 14.25
N LYS A 42 15.43 -10.54 13.34
CA LYS A 42 15.27 -11.99 13.26
C LYS A 42 13.81 -12.37 13.05
N LEU A 43 13.13 -11.62 12.19
CA LEU A 43 11.72 -11.86 11.91
C LEU A 43 11.55 -12.80 10.71
N LEU A 44 12.56 -12.87 9.85
CA LEU A 44 12.51 -13.73 8.68
C LEU A 44 12.75 -15.19 9.04
N GLY A 45 12.26 -16.08 8.20
CA GLY A 45 12.42 -17.50 8.44
C GLY A 45 11.10 -18.22 8.62
N ASN A 46 10.94 -18.87 9.76
CA ASN A 46 9.71 -19.60 10.06
C ASN A 46 9.00 -18.99 11.27
N ILE A 47 7.78 -18.50 11.04
CA ILE A 47 6.99 -17.88 12.11
C ILE A 47 7.00 -18.74 13.37
N LYS A 48 6.62 -20.00 13.22
CA LYS A 48 6.58 -20.93 14.35
C LYS A 48 7.88 -20.88 15.15
N ASN A 49 8.99 -20.73 14.44
CA ASN A 49 10.30 -20.65 15.08
C ASN A 49 10.62 -19.23 15.52
N VAL A 50 10.02 -18.26 14.85
CA VAL A 50 10.25 -16.84 15.17
C VAL A 50 9.38 -16.40 16.34
N ALA A 51 8.26 -17.07 16.54
CA ALA A 51 7.35 -16.73 17.64
C ALA A 51 8.00 -17.03 18.99
N LYS A 52 9.07 -17.80 18.98
CA LYS A 52 9.78 -18.15 20.21
C LYS A 52 10.95 -17.19 20.45
N THR A 53 11.56 -16.72 19.37
CA THR A 53 12.69 -15.81 19.47
C THR A 53 12.22 -14.36 19.52
N ALA A 54 11.13 -14.07 18.82
CA ALA A 54 10.58 -12.72 18.78
C ALA A 54 9.54 -12.52 19.87
N ASN A 55 9.73 -11.50 20.70
CA ASN A 55 8.80 -11.20 21.79
C ASN A 55 7.61 -10.41 21.27
N LYS A 56 6.65 -10.14 22.15
CA LYS A 56 5.46 -9.39 21.76
C LYS A 56 5.85 -8.02 21.23
N ASP A 57 6.53 -7.24 22.06
CA ASP A 57 6.97 -5.91 21.66
C ASP A 57 7.96 -5.99 20.50
N HIS A 58 8.66 -7.12 20.41
CA HIS A 58 9.64 -7.33 19.34
C HIS A 58 8.95 -7.29 17.98
N LEU A 59 7.79 -7.93 17.91
CA LEU A 59 7.02 -7.97 16.67
C LEU A 59 6.39 -6.63 16.36
N VAL A 60 6.04 -5.90 17.42
CA VAL A 60 5.42 -4.58 17.26
C VAL A 60 6.48 -3.52 16.93
N THR A 61 7.61 -3.60 17.63
CA THR A 61 8.71 -2.66 17.42
C THR A 61 9.19 -2.72 15.98
N ALA A 62 9.20 -3.91 15.41
CA ALA A 62 9.63 -4.10 14.04
C ALA A 62 8.52 -3.75 13.06
N TYR A 63 7.27 -3.79 13.53
CA TYR A 63 6.12 -3.47 12.71
C TYR A 63 5.88 -1.96 12.66
N ASN A 64 6.40 -1.25 13.65
CA ASN A 64 6.23 0.20 13.73
C ASN A 64 7.28 0.92 12.89
N HIS A 65 8.54 0.62 13.15
CA HIS A 65 9.64 1.26 12.42
C HIS A 65 9.57 0.95 10.93
N LEU A 66 9.01 -0.22 10.59
CA LEU A 66 8.89 -0.62 9.19
C LEU A 66 8.24 0.47 8.36
N PHE A 67 7.23 1.11 8.93
CA PHE A 67 6.51 2.18 8.24
C PHE A 67 7.32 3.48 8.29
N GLU A 68 8.00 3.71 9.40
CA GLU A 68 8.80 4.90 9.58
C GLU A 68 10.01 4.88 8.65
N THR A 69 10.61 3.71 8.51
CA THR A 69 11.78 3.54 7.65
C THR A 69 11.39 3.08 6.25
N LYS A 70 10.08 2.84 6.04
CA LYS A 70 9.59 2.41 4.74
C LYS A 70 10.41 1.25 4.18
N ARG A 71 10.81 0.34 5.06
CA ARG A 71 11.60 -0.82 4.65
C ARG A 71 10.72 -2.03 4.37
N PHE A 72 9.61 -1.79 3.67
CA PHE A 72 8.68 -2.85 3.32
C PHE A 72 9.32 -3.84 2.35
N LYS A 73 8.57 -4.87 1.97
CA LYS A 73 9.06 -5.88 1.05
C LYS A 73 9.10 -5.35 -0.38
N GLY A 74 9.99 -5.90 -1.19
CA GLY A 74 10.11 -5.47 -2.56
C GLY A 74 9.88 -6.59 -3.55
N THR A 75 10.94 -7.34 -3.86
CA THR A 75 10.85 -8.46 -4.79
C THR A 75 11.98 -9.45 -4.57
N GLU A 76 11.63 -10.63 -4.05
CA GLU A 76 12.61 -11.68 -3.78
C GLU A 76 12.06 -13.05 -4.13
N SER A 77 12.94 -13.95 -4.55
CA SER A 77 12.53 -15.30 -4.91
C SER A 77 11.53 -15.28 -6.06
N ILE A 78 12.02 -14.99 -7.26
CA ILE A 78 11.16 -14.93 -8.44
C ILE A 78 11.98 -15.10 -9.72
N SER A 79 11.31 -15.52 -10.79
CA SER A 79 11.98 -15.71 -12.07
C SER A 79 12.15 -14.39 -12.80
N LYS A 80 13.28 -13.72 -12.54
CA LYS A 80 13.57 -12.44 -13.17
C LYS A 80 14.13 -12.64 -14.57
N VAL A 81 13.81 -11.71 -15.47
CA VAL A 81 14.28 -11.79 -16.85
C VAL A 81 15.27 -10.66 -17.15
N SER A 82 16.26 -10.96 -17.98
CA SER A 82 17.28 -9.98 -18.35
C SER A 82 17.19 -9.64 -19.83
N GLU A 83 17.50 -10.62 -20.68
CA GLU A 83 17.46 -10.43 -22.12
C GLU A 83 16.01 -10.28 -22.61
N GLN A 84 15.77 -9.28 -23.44
CA GLN A 84 14.44 -9.03 -23.97
C GLN A 84 14.37 -9.39 -25.45
N VAL A 85 15.50 -9.22 -26.15
CA VAL A 85 15.56 -9.53 -27.57
C VAL A 85 16.53 -10.68 -27.84
N LYS A 86 16.23 -11.49 -28.85
CA LYS A 86 17.07 -12.62 -29.21
C LYS A 86 17.85 -12.34 -30.50
N ASN A 87 18.61 -13.33 -30.95
CA ASN A 87 19.39 -13.19 -32.17
C ASN A 87 18.50 -12.90 -33.36
N VAL A 88 19.11 -12.76 -34.53
CA VAL A 88 18.37 -12.48 -35.76
C VAL A 88 17.66 -11.13 -35.68
N LYS A 89 18.15 -10.17 -36.45
CA LYS A 89 17.57 -8.83 -36.46
C LYS A 89 16.19 -8.85 -37.14
N LEU A 90 15.16 -9.17 -36.36
CA LEU A 90 13.81 -9.22 -36.88
C LEU A 90 12.80 -8.76 -35.83
N ASN A 91 11.84 -7.95 -36.25
CA ASN A 91 10.82 -7.44 -35.34
C ASN A 91 9.69 -8.46 -35.17
N GLU A 92 9.42 -8.84 -33.92
CA GLU A 92 8.36 -9.80 -33.62
C GLU A 92 7.12 -9.09 -33.10
N ASP A 93 5.98 -9.78 -33.18
CA ASP A 93 4.71 -9.23 -32.71
C ASP A 93 4.03 -10.17 -31.73
N LYS A 94 3.47 -9.61 -30.67
CA LYS A 94 2.78 -10.40 -29.65
C LYS A 94 3.74 -11.42 -29.01
N PRO A 95 4.48 -10.99 -27.98
CA PRO A 95 5.44 -11.85 -27.28
C PRO A 95 4.74 -12.93 -26.45
N LYS A 96 5.37 -14.09 -26.36
CA LYS A 96 4.81 -15.20 -25.60
C LYS A 96 5.89 -15.89 -24.76
N GLU A 97 5.61 -16.04 -23.47
CA GLU A 97 6.56 -16.68 -22.56
C GLU A 97 5.86 -17.71 -21.68
N THR A 98 5.14 -17.22 -20.68
CA THR A 98 4.42 -18.11 -19.76
C THR A 98 3.57 -17.30 -18.78
N LYS A 99 4.13 -16.19 -18.30
CA LYS A 99 3.43 -15.33 -17.36
C LYS A 99 2.68 -14.22 -18.09
N SER A 100 1.36 -14.30 -18.08
CA SER A 100 0.53 -13.31 -18.74
C SER A 100 -0.68 -12.95 -17.89
N GLU A 101 -1.18 -11.74 -18.06
CA GLU A 101 -2.34 -11.27 -17.30
C GLU A 101 -3.01 -10.08 -17.99
N GLU A 102 -3.01 -10.10 -19.32
CA GLU A 102 -3.61 -9.02 -20.10
C GLU A 102 -5.12 -9.20 -20.20
N THR A 103 -5.85 -8.09 -20.06
CA THR A 103 -7.30 -8.13 -20.14
C THR A 103 -7.83 -6.92 -20.89
N LEU A 104 -8.96 -7.10 -21.59
CA LEU A 104 -9.56 -6.03 -22.35
C LEU A 104 -10.78 -5.46 -21.63
N ASP A 105 -11.53 -6.34 -20.97
CA ASP A 105 -12.72 -5.94 -20.23
C ASP A 105 -13.73 -5.27 -21.15
N GLU A 106 -14.81 -4.75 -20.57
CA GLU A 106 -15.85 -4.08 -21.34
C GLU A 106 -15.65 -2.57 -21.31
N GLY A 107 -15.13 -2.06 -20.21
CA GLY A 107 -14.90 -0.63 -20.07
C GLY A 107 -14.67 -0.21 -18.63
N PRO A 108 -13.60 -0.71 -18.00
CA PRO A 108 -13.27 -0.37 -16.60
C PRO A 108 -12.79 1.07 -16.46
N PRO A 109 -12.70 1.56 -15.22
CA PRO A 109 -12.24 2.93 -14.94
C PRO A 109 -10.75 3.11 -15.23
N LYS A 110 -10.20 4.23 -14.77
CA LYS A 110 -8.79 4.52 -14.98
C LYS A 110 -8.00 4.33 -13.69
N TYR A 111 -8.38 3.31 -12.91
CA TYR A 111 -7.72 3.02 -11.66
C TYR A 111 -8.11 1.62 -11.15
N THR A 112 -7.34 1.11 -10.20
CA THR A 112 -7.60 -0.20 -9.64
C THR A 112 -7.64 -0.13 -8.11
N LYS A 113 -8.70 -0.68 -7.53
CA LYS A 113 -8.85 -0.67 -6.07
C LYS A 113 -9.16 -2.06 -5.55
N SER A 114 -8.76 -2.33 -4.31
CA SER A 114 -8.99 -3.64 -3.69
C SER A 114 -9.13 -3.49 -2.18
N VAL A 115 -10.27 -3.96 -1.65
CA VAL A 115 -10.52 -3.88 -0.22
C VAL A 115 -9.82 -5.00 0.54
N LEU A 116 -8.75 -4.64 1.25
CA LEU A 116 -7.99 -5.62 2.02
C LEU A 116 -8.73 -5.98 3.31
N LYS A 117 -8.97 -4.97 4.14
CA LYS A 117 -9.68 -5.17 5.40
C LYS A 117 -11.04 -4.47 5.37
N LYS A 118 -12.10 -5.27 5.30
CA LYS A 118 -13.45 -4.73 5.26
C LYS A 118 -13.76 -3.94 6.53
N GLY A 119 -14.50 -2.85 6.38
CA GLY A 119 -14.85 -2.03 7.52
C GLY A 119 -16.33 -2.12 7.85
N ASP A 120 -16.84 -1.11 8.56
CA ASP A 120 -18.24 -1.07 8.97
C ASP A 120 -19.16 -1.67 7.90
N LYS A 121 -18.93 -1.28 6.65
CA LYS A 121 -19.73 -1.77 5.54
C LYS A 121 -21.13 -1.15 5.57
N THR A 122 -21.18 0.13 5.92
CA THR A 122 -22.44 0.85 6.00
C THR A 122 -22.19 2.34 6.13
N ASN A 123 -21.22 2.71 6.96
CA ASN A 123 -20.86 4.11 7.16
C ASN A 123 -19.89 4.58 6.09
N PHE A 124 -20.44 5.03 4.96
CA PHE A 124 -19.63 5.51 3.85
C PHE A 124 -19.69 7.03 3.75
N PRO A 125 -18.67 7.67 3.15
CA PRO A 125 -18.61 9.12 3.00
C PRO A 125 -19.63 9.64 1.99
N LYS A 126 -20.46 10.58 2.43
CA LYS A 126 -21.48 11.16 1.56
C LYS A 126 -20.95 12.41 0.86
N LYS A 127 -21.54 12.75 -0.28
CA LYS A 127 -21.14 13.91 -1.05
C LYS A 127 -21.23 15.17 -0.20
N GLY A 128 -20.09 15.84 -0.01
CA GLY A 128 -20.06 17.06 0.78
C GLY A 128 -19.69 16.80 2.23
N ASP A 129 -19.64 15.53 2.62
CA ASP A 129 -19.29 15.17 3.99
C ASP A 129 -17.78 15.02 4.16
N VAL A 130 -17.27 15.50 5.29
CA VAL A 130 -15.84 15.41 5.58
C VAL A 130 -15.42 13.97 5.85
N VAL A 131 -14.12 13.72 5.76
CA VAL A 131 -13.57 12.38 6.00
C VAL A 131 -12.13 12.46 6.47
N HIS A 132 -11.75 11.55 7.37
CA HIS A 132 -10.37 11.51 7.88
C HIS A 132 -9.78 10.13 7.73
N CYS A 133 -8.70 10.03 6.96
CA CYS A 133 -8.04 8.76 6.73
C CYS A 133 -6.56 8.94 6.47
N TRP A 134 -5.82 7.84 6.49
CA TRP A 134 -4.39 7.86 6.25
C TRP A 134 -4.08 7.39 4.82
N TYR A 135 -2.92 7.78 4.29
CA TYR A 135 -2.56 7.38 2.93
C TYR A 135 -1.07 7.52 2.67
N THR A 136 -0.52 6.54 1.97
CA THR A 136 0.90 6.54 1.63
C THR A 136 1.09 6.23 0.15
N GLY A 137 1.61 7.20 -0.60
CA GLY A 137 1.82 6.99 -2.02
C GLY A 137 3.24 6.60 -2.37
N THR A 138 3.37 5.75 -3.39
CA THR A 138 4.68 5.29 -3.84
C THR A 138 4.67 5.04 -5.35
N LEU A 139 5.79 5.35 -5.99
CA LEU A 139 5.91 5.16 -7.44
C LEU A 139 6.42 3.76 -7.76
N GLN A 140 6.58 3.46 -9.04
CA GLN A 140 7.07 2.16 -9.48
C GLN A 140 8.36 1.79 -8.77
N ASP A 141 9.28 2.75 -8.71
CA ASP A 141 10.56 2.52 -8.06
C ASP A 141 10.40 2.35 -6.54
N GLY A 142 9.22 2.68 -6.04
CA GLY A 142 8.97 2.55 -4.61
C GLY A 142 9.37 3.79 -3.83
N THR A 143 9.36 4.94 -4.50
CA THR A 143 9.71 6.20 -3.86
C THR A 143 8.47 6.96 -3.44
N VAL A 144 8.40 7.32 -2.16
CA VAL A 144 7.25 8.05 -1.63
C VAL A 144 7.15 9.43 -2.28
N PHE A 145 5.96 9.76 -2.77
CA PHE A 145 5.73 11.05 -3.41
C PHE A 145 4.81 11.93 -2.56
N ASP A 146 3.88 11.29 -1.86
CA ASP A 146 2.94 12.02 -1.01
C ASP A 146 2.27 11.08 -0.02
N THR A 147 2.61 11.23 1.25
CA THR A 147 2.05 10.40 2.30
C THR A 147 1.82 11.20 3.58
N ASN A 148 0.60 11.14 4.10
CA ASN A 148 0.26 11.86 5.33
C ASN A 148 0.46 10.95 6.54
N ILE A 149 1.65 10.38 6.64
CA ILE A 149 1.97 9.49 7.76
C ILE A 149 3.24 9.95 8.47
N GLN A 150 3.05 10.59 9.63
CA GLN A 150 4.18 11.09 10.40
C GLN A 150 4.56 10.11 11.50
N THR A 151 3.75 10.06 12.56
CA THR A 151 4.01 9.16 13.68
C THR A 151 2.70 8.68 14.30
N SER A 152 2.79 7.65 15.12
CA SER A 152 1.60 7.08 15.77
C SER A 152 1.28 7.85 17.06
N ALA A 153 0.25 7.41 17.75
CA ALA A 153 -0.17 8.05 18.99
C ALA A 153 0.68 7.58 20.17
N LYS A 154 1.18 6.35 20.08
CA LYS A 154 2.01 5.78 21.13
C LYS A 154 3.26 6.64 21.37
N LYS A 155 3.73 7.29 20.31
CA LYS A 155 4.91 8.14 20.41
C LYS A 155 4.58 9.44 21.13
N LYS A 156 3.69 10.23 20.54
CA LYS A 156 3.30 11.50 21.12
C LYS A 156 2.13 12.11 20.35
N LYS A 157 1.32 12.90 21.04
CA LYS A 157 0.17 13.56 20.41
C LYS A 157 0.62 14.57 19.37
N ASN A 158 1.01 14.07 18.20
CA ASN A 158 1.46 14.95 17.11
C ASN A 158 1.22 14.29 15.76
N ALA A 159 0.05 13.69 15.60
CA ALA A 159 -0.30 13.02 14.35
C ALA A 159 -1.82 12.92 14.19
N LYS A 160 -2.32 13.38 13.06
CA LYS A 160 -3.76 13.32 12.79
C LYS A 160 -4.03 13.02 11.31
N PRO A 161 -5.12 12.29 11.02
CA PRO A 161 -5.48 11.94 9.64
C PRO A 161 -5.89 13.16 8.81
N LEU A 162 -5.75 13.04 7.50
CA LEU A 162 -6.11 14.13 6.61
C LEU A 162 -7.63 14.25 6.47
N SER A 163 -8.17 15.39 6.81
CA SER A 163 -9.61 15.61 6.73
C SER A 163 -9.98 16.38 5.46
N PHE A 164 -10.84 15.77 4.65
CA PHE A 164 -11.29 16.39 3.40
C PHE A 164 -12.68 15.90 3.03
N LYS A 165 -13.49 16.78 2.46
CA LYS A 165 -14.85 16.42 2.07
C LYS A 165 -14.86 15.70 0.73
N VAL A 166 -15.69 14.67 0.64
CA VAL A 166 -15.81 13.87 -0.57
C VAL A 166 -16.84 14.47 -1.52
N GLY A 167 -16.62 14.28 -2.83
CA GLY A 167 -17.53 14.80 -3.82
C GLY A 167 -17.45 16.31 -3.95
N VAL A 168 -16.33 16.88 -3.53
CA VAL A 168 -16.13 18.32 -3.61
C VAL A 168 -14.80 18.67 -4.26
N GLY A 169 -14.45 17.93 -5.31
CA GLY A 169 -13.20 18.16 -6.02
C GLY A 169 -12.02 18.37 -5.09
N LYS A 170 -11.98 17.61 -3.99
CA LYS A 170 -10.90 17.71 -3.03
C LYS A 170 -9.71 16.87 -3.45
N VAL A 171 -9.99 15.66 -3.94
CA VAL A 171 -8.94 14.74 -4.37
C VAL A 171 -9.13 14.35 -5.83
N ILE A 172 -8.23 13.52 -6.34
CA ILE A 172 -8.32 13.08 -7.73
C ILE A 172 -9.62 12.35 -8.01
N ARG A 173 -10.00 12.26 -9.28
CA ARG A 173 -11.23 11.59 -9.68
C ARG A 173 -11.13 10.09 -9.44
N GLY A 174 -9.92 9.56 -9.50
CA GLY A 174 -9.72 8.14 -9.27
C GLY A 174 -9.84 7.78 -7.81
N TRP A 175 -9.35 8.66 -6.95
CA TRP A 175 -9.40 8.43 -5.51
C TRP A 175 -10.78 8.73 -4.96
N ASP A 176 -11.45 9.71 -5.56
CA ASP A 176 -12.80 10.09 -5.14
C ASP A 176 -13.78 8.95 -5.36
N GLU A 177 -13.54 8.18 -6.42
CA GLU A 177 -14.40 7.05 -6.75
C GLU A 177 -14.07 5.85 -5.87
N ALA A 178 -12.81 5.76 -5.45
CA ALA A 178 -12.36 4.66 -4.60
C ALA A 178 -12.73 4.91 -3.14
N LEU A 179 -12.47 6.13 -2.68
CA LEU A 179 -12.76 6.51 -1.32
C LEU A 179 -14.26 6.67 -1.09
N LEU A 180 -15.01 6.83 -2.19
CA LEU A 180 -16.46 7.00 -2.11
C LEU A 180 -17.11 5.83 -1.37
N THR A 181 -16.44 4.68 -1.37
CA THR A 181 -16.97 3.49 -0.71
C THR A 181 -16.12 3.08 0.49
N MET A 182 -15.29 3.99 0.97
CA MET A 182 -14.42 3.70 2.10
C MET A 182 -15.24 3.52 3.38
N SER A 183 -15.41 2.27 3.80
CA SER A 183 -16.17 1.96 5.00
C SER A 183 -15.43 2.42 6.25
N LYS A 184 -16.18 2.79 7.27
CA LYS A 184 -15.60 3.26 8.53
C LYS A 184 -14.62 2.24 9.10
N GLY A 185 -13.34 2.63 9.16
CA GLY A 185 -12.33 1.75 9.70
C GLY A 185 -11.89 0.67 8.71
N GLU A 186 -12.15 0.90 7.44
CA GLU A 186 -11.77 -0.07 6.40
C GLU A 186 -10.41 0.25 5.81
N LYS A 187 -9.66 -0.78 5.44
CA LYS A 187 -8.34 -0.60 4.85
C LYS A 187 -8.32 -1.19 3.44
N ALA A 188 -7.72 -0.47 2.51
CA ALA A 188 -7.65 -0.93 1.13
C ALA A 188 -6.42 -0.41 0.41
N ARG A 189 -6.24 -0.86 -0.82
CA ARG A 189 -5.12 -0.43 -1.65
C ARG A 189 -5.61 -0.17 -3.07
N LEU A 190 -5.21 0.96 -3.64
CA LEU A 190 -5.63 1.30 -4.99
C LEU A 190 -4.50 1.93 -5.81
N GLU A 191 -4.45 1.56 -7.08
CA GLU A 191 -3.44 2.09 -8.00
C GLU A 191 -4.11 2.88 -9.12
N ILE A 192 -3.88 4.19 -9.12
CA ILE A 192 -4.48 5.07 -10.13
C ILE A 192 -3.54 5.24 -11.32
N GLU A 193 -4.14 5.45 -12.50
CA GLU A 193 -3.36 5.64 -13.72
C GLU A 193 -2.90 7.08 -13.86
N PRO A 194 -1.95 7.35 -14.77
CA PRO A 194 -1.43 8.70 -14.98
C PRO A 194 -2.47 9.64 -15.57
N GLU A 195 -3.57 9.09 -16.07
CA GLU A 195 -4.64 9.90 -16.66
C GLU A 195 -5.60 10.40 -15.58
N TRP A 196 -5.76 9.61 -14.52
CA TRP A 196 -6.64 9.99 -13.42
C TRP A 196 -5.85 10.40 -12.19
N ALA A 197 -4.73 11.07 -12.41
CA ALA A 197 -3.88 11.53 -11.31
C ALA A 197 -3.07 12.76 -11.72
N TYR A 198 -1.96 12.52 -12.42
CA TYR A 198 -1.09 13.60 -12.88
C TYR A 198 -1.26 13.83 -14.37
N GLY A 199 -0.74 12.89 -15.16
CA GLY A 199 -0.84 12.99 -16.60
C GLY A 199 0.30 12.30 -17.31
N LYS A 200 0.25 12.29 -18.65
CA LYS A 200 1.29 11.66 -19.45
C LYS A 200 2.67 12.19 -19.07
N LYS A 201 2.71 13.45 -18.62
CA LYS A 201 3.97 14.07 -18.21
C LYS A 201 4.42 13.53 -16.86
N GLY A 202 3.51 13.54 -15.90
CA GLY A 202 3.83 13.05 -14.57
C GLY A 202 3.95 14.17 -13.56
N GLN A 203 5.06 14.19 -12.83
CA GLN A 203 5.30 15.21 -11.82
C GLN A 203 6.79 15.37 -11.55
N PRO A 204 7.49 16.14 -12.40
CA PRO A 204 8.94 16.37 -12.25
C PRO A 204 9.31 16.88 -10.86
N ASP A 205 8.35 17.50 -10.18
CA ASP A 205 8.59 18.04 -8.85
C ASP A 205 8.88 16.92 -7.86
N ALA A 206 8.13 15.84 -7.96
CA ALA A 206 8.30 14.69 -7.07
C ALA A 206 9.04 13.56 -7.78
N LYS A 207 9.88 13.90 -8.74
CA LYS A 207 10.63 12.91 -9.50
C LYS A 207 9.71 11.88 -10.15
N ILE A 208 8.50 12.32 -10.48
CA ILE A 208 7.52 11.44 -11.11
C ILE A 208 7.64 11.49 -12.63
N PRO A 209 8.08 10.39 -13.27
CA PRO A 209 8.24 10.32 -14.71
C PRO A 209 6.89 10.21 -15.44
N PRO A 210 6.90 10.33 -16.78
CA PRO A 210 5.68 10.23 -17.59
C PRO A 210 5.00 8.88 -17.44
N ASN A 211 3.66 8.88 -17.42
CA ASN A 211 2.89 7.65 -17.28
C ASN A 211 3.43 6.79 -16.14
N ALA A 212 3.12 7.17 -14.91
CA ALA A 212 3.58 6.44 -13.74
C ALA A 212 2.41 6.02 -12.84
N LYS A 213 2.17 4.72 -12.75
CA LYS A 213 1.10 4.20 -11.92
C LYS A 213 1.38 4.48 -10.45
N LEU A 214 0.42 5.11 -9.77
CA LEU A 214 0.58 5.44 -8.36
C LEU A 214 -0.19 4.49 -7.47
N THR A 215 0.54 3.64 -6.74
CA THR A 215 -0.07 2.67 -5.83
C THR A 215 0.06 3.15 -4.39
N PHE A 216 -1.02 3.00 -3.62
CA PHE A 216 -1.02 3.43 -2.22
C PHE A 216 -2.05 2.67 -1.41
N GLU A 217 -2.06 2.92 -0.10
CA GLU A 217 -3.01 2.28 0.81
C GLU A 217 -3.68 3.31 1.71
N VAL A 218 -4.99 3.19 1.86
CA VAL A 218 -5.74 4.13 2.68
C VAL A 218 -6.49 3.42 3.81
N GLU A 219 -6.67 4.14 4.91
CA GLU A 219 -7.38 3.61 6.07
C GLU A 219 -8.33 4.66 6.65
N LEU A 220 -9.63 4.43 6.49
CA LEU A 220 -10.63 5.36 6.99
C LEU A 220 -10.67 5.35 8.51
N VAL A 221 -10.64 6.55 9.10
CA VAL A 221 -10.67 6.68 10.56
C VAL A 221 -11.98 7.28 11.05
N ASP A 222 -12.60 8.11 10.22
CA ASP A 222 -13.87 8.74 10.58
C ASP A 222 -14.50 9.43 9.38
N ILE A 223 -15.82 9.64 9.45
CA ILE A 223 -16.55 10.29 8.38
C ILE A 223 -17.63 11.21 8.94
N ASP A 224 -17.44 12.51 8.74
CA ASP A 224 -18.40 13.50 9.22
C ASP A 224 -19.00 14.30 8.05
N MET A 1 1.65 -7.13 -8.67
CA MET A 1 2.05 -5.90 -9.39
C MET A 1 2.13 -4.71 -8.45
N ALA A 2 2.58 -3.57 -8.97
CA ALA A 2 2.70 -2.36 -8.17
C ALA A 2 3.65 -2.57 -6.99
N ALA A 3 3.91 -1.49 -6.24
CA ALA A 3 4.80 -1.56 -5.10
C ALA A 3 4.81 -0.24 -4.33
N ALA A 4 3.63 0.36 -4.19
CA ALA A 4 3.51 1.63 -3.49
C ALA A 4 3.46 1.42 -1.98
N VAL A 5 3.50 2.51 -1.23
CA VAL A 5 3.45 2.45 0.23
C VAL A 5 2.17 1.77 0.71
N PRO A 6 2.27 0.55 1.28
CA PRO A 6 1.12 -0.19 1.77
C PRO A 6 0.64 0.31 3.13
N GLN A 7 -0.68 0.37 3.31
CA GLN A 7 -1.26 0.83 4.57
C GLN A 7 -1.27 -0.29 5.59
N ARG A 8 -1.21 0.08 6.86
CA ARG A 8 -1.21 -0.90 7.95
C ARG A 8 -2.36 -1.89 7.81
N ALA A 9 -2.08 -3.02 7.15
CA ALA A 9 -3.10 -4.05 6.94
C ALA A 9 -3.61 -4.59 8.27
N TRP A 10 -2.72 -4.68 9.25
CA TRP A 10 -3.08 -5.18 10.57
C TRP A 10 -2.94 -4.08 11.62
N THR A 11 -3.37 -4.38 12.84
CA THR A 11 -3.29 -3.43 13.94
C THR A 11 -2.39 -3.95 15.05
N VAL A 12 -1.81 -3.04 15.83
CA VAL A 12 -0.94 -3.43 16.92
C VAL A 12 -1.64 -4.38 17.87
N GLU A 13 -2.95 -4.20 18.04
CA GLU A 13 -3.74 -5.04 18.92
C GLU A 13 -3.79 -6.47 18.40
N GLN A 14 -3.74 -6.62 17.07
CA GLN A 14 -3.78 -7.94 16.45
C GLN A 14 -2.39 -8.57 16.44
N LEU A 15 -1.43 -7.86 15.85
CA LEU A 15 -0.05 -8.35 15.77
C LEU A 15 0.43 -8.81 17.14
N ARG A 16 -0.11 -8.19 18.18
CA ARG A 16 0.25 -8.54 19.55
C ARG A 16 -0.73 -9.56 20.12
N SER A 17 -1.96 -9.53 19.63
CA SER A 17 -3.00 -10.44 20.08
C SER A 17 -2.54 -11.89 19.98
N GLU A 18 -3.33 -12.79 20.56
CA GLU A 18 -3.03 -14.22 20.55
C GLU A 18 -3.89 -14.96 19.53
N GLN A 19 -4.49 -14.22 18.61
CA GLN A 19 -5.34 -14.80 17.59
C GLN A 19 -4.74 -14.65 16.19
N LEU A 20 -3.83 -13.70 16.04
CA LEU A 20 -3.18 -13.46 14.76
C LEU A 20 -1.98 -14.39 14.57
N PRO A 21 -1.90 -15.09 13.41
CA PRO A 21 -0.80 -16.00 13.13
C PRO A 21 0.48 -15.27 12.71
N LYS A 22 1.57 -15.55 13.41
CA LYS A 22 2.84 -14.92 13.11
C LYS A 22 3.31 -15.26 11.69
N LYS A 23 2.82 -16.39 11.17
CA LYS A 23 3.18 -16.83 9.83
C LYS A 23 2.91 -15.75 8.79
N ASP A 24 1.85 -14.98 8.99
CA ASP A 24 1.49 -13.91 8.06
C ASP A 24 2.37 -12.68 8.27
N ILE A 25 2.40 -12.20 9.51
CA ILE A 25 3.20 -11.02 9.87
C ILE A 25 4.59 -11.10 9.26
N ILE A 26 5.12 -12.31 9.15
CA ILE A 26 6.45 -12.51 8.59
C ILE A 26 6.42 -12.38 7.07
N LYS A 27 5.49 -13.09 6.44
CA LYS A 27 5.34 -13.06 4.99
C LYS A 27 4.94 -11.66 4.50
N PHE A 28 4.29 -10.90 5.37
CA PHE A 28 3.85 -9.56 5.03
C PHE A 28 5.04 -8.62 4.90
N LEU A 29 5.95 -8.70 5.87
CA LEU A 29 7.14 -7.86 5.88
C LEU A 29 8.09 -8.26 4.76
N GLN A 30 8.17 -9.56 4.49
CA GLN A 30 9.05 -10.06 3.44
C GLN A 30 8.52 -9.68 2.06
N GLU A 31 7.23 -9.35 2.00
CA GLU A 31 6.60 -8.96 0.75
C GLU A 31 6.64 -7.45 0.57
N HIS A 32 6.20 -6.72 1.58
CA HIS A 32 6.18 -5.26 1.53
C HIS A 32 7.49 -4.66 2.03
N GLY A 33 8.43 -5.52 2.40
CA GLY A 33 9.72 -5.05 2.90
C GLY A 33 10.87 -5.52 2.04
N SER A 34 12.01 -4.84 2.15
CA SER A 34 13.20 -5.20 1.37
C SER A 34 14.08 -6.15 2.19
N ASP A 35 14.84 -7.00 1.49
CA ASP A 35 15.72 -7.95 2.16
C ASP A 35 16.57 -7.28 3.23
N SER A 36 17.32 -6.27 2.81
CA SER A 36 18.19 -5.52 3.73
C SER A 36 17.42 -5.13 4.99
N PHE A 37 16.27 -4.52 4.80
CA PHE A 37 15.42 -4.09 5.91
C PHE A 37 15.15 -5.26 6.85
N LEU A 38 14.78 -6.39 6.28
CA LEU A 38 14.49 -7.58 7.07
C LEU A 38 15.75 -8.11 7.74
N ALA A 39 16.87 -8.08 7.00
CA ALA A 39 18.15 -8.55 7.53
C ALA A 39 18.41 -7.97 8.92
N GLU A 40 18.23 -6.66 9.04
CA GLU A 40 18.44 -5.97 10.30
C GLU A 40 17.57 -6.57 11.41
N HIS A 41 16.44 -7.16 11.02
CA HIS A 41 15.53 -7.78 11.97
C HIS A 41 15.49 -9.29 11.79
N LYS A 42 16.41 -9.83 11.00
CA LYS A 42 16.47 -11.26 10.75
C LYS A 42 15.10 -11.80 10.32
N LEU A 43 14.37 -10.98 9.55
CA LEU A 43 13.05 -11.36 9.09
C LEU A 43 13.11 -11.99 7.69
N LEU A 44 14.18 -11.73 6.96
CA LEU A 44 14.32 -12.27 5.61
C LEU A 44 14.79 -13.72 5.65
N GLY A 45 14.53 -14.43 4.56
CA GLY A 45 14.93 -15.83 4.48
C GLY A 45 13.73 -16.76 4.39
N ASN A 46 13.61 -17.65 5.37
CA ASN A 46 12.50 -18.60 5.39
C ASN A 46 11.62 -18.36 6.61
N ILE A 47 10.38 -17.94 6.37
CA ILE A 47 9.42 -17.68 7.45
C ILE A 47 9.42 -18.79 8.48
N LYS A 48 9.22 -20.02 8.01
CA LYS A 48 9.20 -21.19 8.89
C LYS A 48 10.39 -21.17 9.85
N ASN A 49 11.53 -20.71 9.34
CA ASN A 49 12.75 -20.64 10.15
C ASN A 49 12.80 -19.34 10.95
N VAL A 50 12.11 -18.31 10.46
CA VAL A 50 12.08 -17.01 11.13
C VAL A 50 11.04 -16.98 12.24
N ALA A 51 10.02 -17.82 12.11
CA ALA A 51 8.95 -17.88 13.11
C ALA A 51 9.46 -18.46 14.44
N LYS A 52 10.63 -19.09 14.39
CA LYS A 52 11.21 -19.68 15.59
C LYS A 52 12.21 -18.72 16.24
N THR A 53 12.91 -17.95 15.42
CA THR A 53 13.89 -16.99 15.90
C THR A 53 13.24 -15.65 16.22
N ALA A 54 12.18 -15.32 15.48
CA ALA A 54 11.47 -14.06 15.69
C ALA A 54 10.31 -14.24 16.66
N ASN A 55 10.29 -13.41 17.71
CA ASN A 55 9.23 -13.48 18.71
C ASN A 55 8.00 -12.72 18.24
N LYS A 56 6.93 -12.79 19.02
CA LYS A 56 5.68 -12.10 18.66
C LYS A 56 5.94 -10.61 18.50
N ASP A 57 6.44 -9.98 19.56
CA ASP A 57 6.73 -8.56 19.53
C ASP A 57 7.81 -8.25 18.51
N HIS A 58 8.67 -9.23 18.25
CA HIS A 58 9.75 -9.08 17.29
C HIS A 58 9.20 -8.80 15.90
N LEU A 59 8.16 -9.54 15.53
CA LEU A 59 7.52 -9.39 14.23
C LEU A 59 6.69 -8.11 14.18
N VAL A 60 6.12 -7.73 15.32
CA VAL A 60 5.31 -6.52 15.40
C VAL A 60 6.20 -5.27 15.43
N THR A 61 7.28 -5.36 16.20
CA THR A 61 8.22 -4.26 16.33
C THR A 61 8.84 -3.92 14.98
N ALA A 62 9.03 -4.95 14.15
CA ALA A 62 9.60 -4.77 12.83
C ALA A 62 8.54 -4.30 11.83
N TYR A 63 7.28 -4.55 12.15
CA TYR A 63 6.17 -4.16 11.29
C TYR A 63 5.77 -2.70 11.54
N ASN A 64 6.10 -2.20 12.73
CA ASN A 64 5.76 -0.83 13.11
C ASN A 64 6.81 0.15 12.59
N HIS A 65 8.06 -0.10 12.92
CA HIS A 65 9.15 0.76 12.49
C HIS A 65 9.24 0.81 10.97
N LEU A 66 8.88 -0.29 10.31
CA LEU A 66 8.92 -0.36 8.84
C LEU A 66 8.33 0.89 8.21
N PHE A 67 7.23 1.36 8.79
CA PHE A 67 6.56 2.56 8.28
C PHE A 67 7.31 3.81 8.75
N GLU A 68 7.73 3.80 10.01
CA GLU A 68 8.46 4.92 10.59
C GLU A 68 9.86 5.02 9.98
N THR A 69 10.28 3.96 9.29
CA THR A 69 11.60 3.93 8.66
C THR A 69 11.49 4.04 7.14
N LYS A 70 10.29 3.82 6.61
CA LYS A 70 10.06 3.89 5.18
C LYS A 70 10.99 2.94 4.42
N ARG A 71 11.35 1.83 5.07
CA ARG A 71 12.24 0.85 4.46
C ARG A 71 11.45 -0.28 3.82
N PHE A 72 10.39 0.08 3.10
CA PHE A 72 9.56 -0.91 2.42
C PHE A 72 10.33 -1.61 1.31
N LYS A 73 9.70 -2.59 0.68
CA LYS A 73 10.33 -3.34 -0.40
C LYS A 73 10.40 -2.48 -1.67
N GLY A 74 11.45 -2.70 -2.46
CA GLY A 74 11.62 -1.94 -3.69
C GLY A 74 13.03 -2.04 -4.24
N THR A 75 13.15 -2.00 -5.56
CA THR A 75 14.46 -2.07 -6.22
C THR A 75 15.19 -3.35 -5.82
N GLU A 76 15.20 -4.33 -6.72
CA GLU A 76 15.87 -5.60 -6.47
C GLU A 76 15.80 -6.51 -7.69
N SER A 77 14.65 -6.50 -8.35
CA SER A 77 14.45 -7.33 -9.54
C SER A 77 13.28 -6.81 -10.37
N ILE A 78 13.48 -6.72 -11.68
CA ILE A 78 12.44 -6.25 -12.59
C ILE A 78 11.94 -7.37 -13.49
N SER A 79 10.69 -7.27 -13.92
CA SER A 79 10.10 -8.27 -14.80
C SER A 79 10.67 -8.18 -16.20
N LYS A 80 11.17 -9.29 -16.71
CA LYS A 80 11.74 -9.33 -18.05
C LYS A 80 11.57 -10.72 -18.68
N VAL A 81 11.44 -10.74 -20.00
CA VAL A 81 11.26 -12.00 -20.73
C VAL A 81 12.60 -12.65 -21.04
N SER A 82 12.72 -13.92 -20.70
CA SER A 82 13.96 -14.66 -20.94
C SER A 82 13.82 -15.58 -22.15
N GLU A 83 14.89 -15.72 -22.92
CA GLU A 83 14.88 -16.58 -24.10
C GLU A 83 15.68 -17.85 -23.86
N GLN A 84 15.25 -18.94 -24.50
CA GLN A 84 15.92 -20.22 -24.36
C GLN A 84 15.87 -20.69 -22.90
N VAL A 85 15.10 -21.74 -22.65
CA VAL A 85 14.97 -22.29 -21.31
C VAL A 85 15.68 -23.64 -21.19
N LYS A 86 16.26 -23.89 -20.02
CA LYS A 86 16.97 -25.15 -19.78
C LYS A 86 15.99 -26.30 -19.61
N ASN A 87 15.07 -26.16 -18.67
CA ASN A 87 14.08 -27.20 -18.41
C ASN A 87 12.85 -27.01 -19.29
N VAL A 88 12.29 -28.12 -19.76
CA VAL A 88 11.11 -28.08 -20.63
C VAL A 88 9.87 -28.56 -19.88
N LYS A 89 8.98 -27.63 -19.57
CA LYS A 89 7.75 -27.95 -18.85
C LYS A 89 8.06 -28.57 -17.48
N LEU A 90 9.13 -28.10 -16.87
CA LEU A 90 9.54 -28.60 -15.55
C LEU A 90 9.29 -27.54 -14.47
N ASN A 91 8.88 -28.01 -13.29
CA ASN A 91 8.62 -27.10 -12.18
C ASN A 91 7.50 -26.13 -12.53
N GLU A 92 6.35 -26.28 -11.86
CA GLU A 92 5.20 -25.41 -12.11
C GLU A 92 5.04 -24.41 -10.97
N ASP A 93 4.33 -23.32 -11.24
CA ASP A 93 4.11 -22.28 -10.25
C ASP A 93 3.20 -21.18 -10.82
N LYS A 94 3.43 -20.83 -12.08
CA LYS A 94 2.65 -19.80 -12.74
C LYS A 94 2.79 -19.88 -14.26
N PRO A 95 2.05 -20.80 -14.89
CA PRO A 95 2.10 -20.99 -16.34
C PRO A 95 1.88 -19.68 -17.10
N LYS A 96 2.85 -19.31 -17.92
CA LYS A 96 2.76 -18.08 -18.71
C LYS A 96 2.68 -16.85 -17.79
N GLU A 97 3.17 -15.73 -18.28
CA GLU A 97 3.14 -14.48 -17.51
C GLU A 97 2.15 -13.49 -18.12
N THR A 98 1.99 -13.55 -19.44
CA THR A 98 1.08 -12.65 -20.15
C THR A 98 1.18 -11.22 -19.64
N LYS A 99 2.31 -10.58 -19.92
CA LYS A 99 2.53 -9.20 -19.49
C LYS A 99 1.90 -8.22 -20.47
N SER A 100 0.95 -7.43 -19.99
CA SER A 100 0.27 -6.44 -20.82
C SER A 100 -0.19 -5.24 -19.99
N GLU A 101 -0.90 -4.33 -20.64
CA GLU A 101 -1.41 -3.14 -19.95
C GLU A 101 -2.78 -2.75 -20.49
N GLU A 102 -3.58 -3.75 -20.84
CA GLU A 102 -4.92 -3.51 -21.37
C GLU A 102 -5.89 -4.61 -20.93
N THR A 103 -6.71 -4.31 -19.93
CA THR A 103 -7.67 -5.26 -19.42
C THR A 103 -9.09 -4.85 -19.77
N LEU A 104 -9.33 -3.54 -19.83
CA LEU A 104 -10.65 -3.01 -20.16
C LEU A 104 -10.65 -2.40 -21.55
N ASP A 105 -11.81 -2.42 -22.21
CA ASP A 105 -11.94 -1.86 -23.55
C ASP A 105 -13.25 -1.09 -23.68
N GLU A 106 -13.69 -0.50 -22.58
CA GLU A 106 -14.93 0.28 -22.58
C GLU A 106 -14.64 1.77 -22.41
N GLY A 107 -13.57 2.08 -21.67
CA GLY A 107 -13.21 3.46 -21.44
C GLY A 107 -12.82 3.73 -19.99
N PRO A 108 -11.67 3.21 -19.53
CA PRO A 108 -11.20 3.41 -18.16
C PRO A 108 -10.78 4.85 -17.89
N PRO A 109 -10.83 5.28 -16.62
CA PRO A 109 -10.45 6.65 -16.24
C PRO A 109 -8.95 6.87 -16.34
N LYS A 110 -8.47 7.97 -15.77
CA LYS A 110 -7.06 8.30 -15.80
C LYS A 110 -6.36 7.86 -14.51
N TYR A 111 -6.86 6.80 -13.90
CA TYR A 111 -6.29 6.28 -12.66
C TYR A 111 -6.53 4.78 -12.54
N THR A 112 -5.91 4.17 -11.54
CA THR A 112 -6.07 2.73 -11.30
C THR A 112 -6.30 2.46 -9.82
N LYS A 113 -7.34 1.69 -9.52
CA LYS A 113 -7.67 1.35 -8.14
C LYS A 113 -7.64 -0.15 -7.91
N SER A 114 -7.35 -0.56 -6.69
CA SER A 114 -7.28 -1.98 -6.34
C SER A 114 -7.65 -2.20 -4.88
N VAL A 115 -8.78 -2.87 -4.65
CA VAL A 115 -9.24 -3.15 -3.29
C VAL A 115 -8.50 -4.35 -2.70
N LEU A 116 -7.60 -4.07 -1.76
CA LEU A 116 -6.83 -5.12 -1.12
C LEU A 116 -7.66 -5.83 -0.05
N LYS A 117 -7.81 -5.19 1.10
CA LYS A 117 -8.57 -5.76 2.21
C LYS A 117 -10.01 -5.23 2.21
N LYS A 118 -10.95 -6.10 1.89
CA LYS A 118 -12.36 -5.72 1.86
C LYS A 118 -12.82 -5.23 3.23
N GLY A 119 -13.63 -4.17 3.24
CA GLY A 119 -14.12 -3.63 4.49
C GLY A 119 -15.61 -3.84 4.67
N ASP A 120 -16.23 -2.97 5.47
CA ASP A 120 -17.66 -3.06 5.75
C ASP A 120 -18.45 -3.50 4.52
N LYS A 121 -18.24 -2.80 3.42
CA LYS A 121 -18.93 -3.10 2.17
C LYS A 121 -20.40 -2.70 2.27
N THR A 122 -20.65 -1.61 2.96
CA THR A 122 -22.01 -1.11 3.14
C THR A 122 -22.01 0.38 3.45
N ASN A 123 -21.12 0.79 4.34
CA ASN A 123 -21.01 2.19 4.73
C ASN A 123 -20.07 2.94 3.79
N PHE A 124 -20.64 3.61 2.80
CA PHE A 124 -19.85 4.39 1.84
C PHE A 124 -20.06 5.88 2.05
N PRO A 125 -19.07 6.70 1.64
CA PRO A 125 -19.15 8.16 1.80
C PRO A 125 -20.15 8.79 0.85
N LYS A 126 -21.08 9.55 1.42
CA LYS A 126 -22.11 10.22 0.62
C LYS A 126 -21.68 11.64 0.25
N LYS A 127 -22.30 12.19 -0.78
CA LYS A 127 -21.98 13.54 -1.24
C LYS A 127 -22.16 14.55 -0.11
N GLY A 128 -21.08 15.24 0.25
CA GLY A 128 -21.14 16.22 1.31
C GLY A 128 -20.92 15.63 2.68
N ASP A 129 -20.65 14.32 2.73
CA ASP A 129 -20.42 13.64 4.00
C ASP A 129 -18.94 13.61 4.34
N VAL A 130 -18.63 13.82 5.61
CA VAL A 130 -17.24 13.82 6.06
C VAL A 130 -16.67 12.40 6.07
N VAL A 131 -15.34 12.30 6.11
CA VAL A 131 -14.66 11.01 6.12
C VAL A 131 -13.29 11.12 6.76
N HIS A 132 -12.88 10.06 7.46
CA HIS A 132 -11.59 10.05 8.11
C HIS A 132 -10.79 8.81 7.75
N CYS A 133 -9.64 9.01 7.10
CA CYS A 133 -8.80 7.90 6.68
C CYS A 133 -7.33 8.33 6.57
N TRP A 134 -6.45 7.35 6.38
CA TRP A 134 -5.03 7.61 6.25
C TRP A 134 -4.61 7.48 4.78
N TYR A 135 -3.46 8.06 4.44
CA TYR A 135 -2.98 8.00 3.06
C TYR A 135 -1.48 8.25 2.98
N THR A 136 -0.80 7.42 2.20
CA THR A 136 0.64 7.57 2.01
C THR A 136 0.98 7.61 0.52
N GLY A 137 1.47 8.75 0.06
CA GLY A 137 1.81 8.89 -1.34
C GLY A 137 3.28 8.63 -1.63
N THR A 138 3.54 8.03 -2.79
CA THR A 138 4.90 7.71 -3.21
C THR A 138 5.00 7.73 -4.73
N LEU A 139 6.00 8.43 -5.25
CA LEU A 139 6.20 8.52 -6.69
C LEU A 139 6.56 7.17 -7.28
N GLN A 140 6.82 7.15 -8.59
CA GLN A 140 7.18 5.91 -9.27
C GLN A 140 8.42 5.28 -8.62
N ASP A 141 9.40 6.12 -8.30
CA ASP A 141 10.63 5.66 -7.69
C ASP A 141 10.45 5.43 -6.18
N GLY A 142 9.28 5.77 -5.66
CA GLY A 142 9.02 5.60 -4.25
C GLY A 142 9.28 6.85 -3.45
N THR A 143 9.17 8.01 -4.10
CA THR A 143 9.39 9.28 -3.43
C THR A 143 8.15 9.72 -2.65
N VAL A 144 8.27 9.74 -1.33
CA VAL A 144 7.15 10.14 -0.47
C VAL A 144 6.89 11.63 -0.58
N PHE A 145 5.67 11.98 -0.98
CA PHE A 145 5.28 13.38 -1.11
C PHE A 145 4.21 13.77 -0.08
N ASP A 146 3.56 12.76 0.50
CA ASP A 146 2.53 13.01 1.50
C ASP A 146 2.35 11.80 2.41
N THR A 147 2.42 12.05 3.72
CA THR A 147 2.27 10.98 4.70
C THR A 147 1.50 11.47 5.92
N ASN A 148 0.20 11.17 5.96
CA ASN A 148 -0.64 11.58 7.08
C ASN A 148 -0.43 10.67 8.28
N ILE A 149 0.31 9.59 8.09
CA ILE A 149 0.59 8.64 9.16
C ILE A 149 1.91 8.96 9.84
N GLN A 150 1.85 9.28 11.13
CA GLN A 150 3.05 9.61 11.90
C GLN A 150 3.42 8.47 12.84
N THR A 151 2.65 8.32 13.91
CA THR A 151 2.89 7.27 14.89
C THR A 151 1.58 6.74 15.46
N SER A 152 1.65 5.60 16.13
CA SER A 152 0.47 4.99 16.74
C SER A 152 0.08 5.71 18.03
N ALA A 153 -1.13 5.43 18.50
CA ALA A 153 -1.62 6.05 19.72
C ALA A 153 -1.07 5.35 20.97
N LYS A 154 -0.83 4.05 20.84
CA LYS A 154 -0.31 3.26 21.95
C LYS A 154 1.05 3.80 22.40
N LYS A 155 1.80 4.35 21.47
CA LYS A 155 3.12 4.90 21.78
C LYS A 155 3.01 6.37 22.19
N LYS A 156 2.05 7.08 21.61
CA LYS A 156 1.85 8.49 21.91
C LYS A 156 0.64 9.04 21.16
N LYS A 157 -0.04 10.00 21.77
CA LYS A 157 -1.21 10.61 21.16
C LYS A 157 -0.82 11.79 20.27
N ASN A 158 -0.54 11.52 19.01
CA ASN A 158 -0.15 12.56 18.06
C ASN A 158 -0.39 12.12 16.62
N ALA A 159 -1.58 11.56 16.38
CA ALA A 159 -1.94 11.09 15.05
C ALA A 159 -3.45 11.01 14.89
N LYS A 160 -3.99 11.84 14.01
CA LYS A 160 -5.43 11.87 13.77
C LYS A 160 -5.72 11.79 12.27
N PRO A 161 -6.61 10.86 11.84
CA PRO A 161 -6.96 10.69 10.43
C PRO A 161 -7.46 12.00 9.81
N LEU A 162 -7.19 12.16 8.51
CA LEU A 162 -7.61 13.36 7.79
C LEU A 162 -9.11 13.34 7.55
N SER A 163 -9.81 14.35 8.06
CA SER A 163 -11.26 14.43 7.89
C SER A 163 -11.63 15.45 6.83
N PHE A 164 -12.35 15.01 5.81
CA PHE A 164 -12.79 15.88 4.74
C PHE A 164 -14.07 15.35 4.09
N LYS A 165 -14.93 16.26 3.66
CA LYS A 165 -16.19 15.88 3.02
C LYS A 165 -15.99 15.50 1.55
N VAL A 166 -16.65 14.44 1.13
CA VAL A 166 -16.55 13.95 -0.24
C VAL A 166 -17.55 14.65 -1.14
N GLY A 167 -17.19 14.81 -2.41
CA GLY A 167 -18.06 15.47 -3.36
C GLY A 167 -18.19 16.95 -3.10
N VAL A 168 -17.18 17.52 -2.43
CA VAL A 168 -17.18 18.95 -2.11
C VAL A 168 -15.85 19.59 -2.45
N GLY A 169 -15.28 19.18 -3.59
CA GLY A 169 -14.00 19.72 -4.02
C GLY A 169 -12.96 19.75 -2.91
N LYS A 170 -12.96 18.72 -2.08
CA LYS A 170 -12.01 18.64 -0.98
C LYS A 170 -10.68 18.07 -1.44
N VAL A 171 -10.75 16.97 -2.20
CA VAL A 171 -9.55 16.32 -2.71
C VAL A 171 -9.56 16.28 -4.23
N ILE A 172 -8.52 15.70 -4.81
CA ILE A 172 -8.40 15.61 -6.26
C ILE A 172 -9.57 14.83 -6.86
N ARG A 173 -9.80 15.00 -8.16
CA ARG A 173 -10.89 14.33 -8.86
C ARG A 173 -10.62 12.83 -8.97
N GLY A 174 -9.35 12.47 -8.98
CA GLY A 174 -8.98 11.06 -9.07
C GLY A 174 -9.18 10.34 -7.76
N TRP A 175 -8.88 11.03 -6.67
CA TRP A 175 -9.02 10.46 -5.33
C TRP A 175 -10.47 10.46 -4.88
N ASP A 176 -11.21 11.49 -5.30
CA ASP A 176 -12.62 11.62 -4.95
C ASP A 176 -13.45 10.55 -5.63
N GLU A 177 -12.98 10.10 -6.80
CA GLU A 177 -13.69 9.07 -7.55
C GLU A 177 -13.35 7.68 -7.02
N ALA A 178 -12.15 7.54 -6.46
CA ALA A 178 -11.72 6.26 -5.91
C ALA A 178 -12.19 6.09 -4.47
N LEU A 179 -11.93 7.09 -3.65
CA LEU A 179 -12.34 7.04 -2.24
C LEU A 179 -13.84 6.78 -2.12
N LEU A 180 -14.61 7.34 -3.04
CA LEU A 180 -16.06 7.16 -3.04
C LEU A 180 -16.43 5.68 -3.02
N THR A 181 -15.52 4.84 -3.52
CA THR A 181 -15.75 3.40 -3.57
C THR A 181 -15.23 2.71 -2.31
N MET A 182 -14.67 3.49 -1.39
CA MET A 182 -14.13 2.94 -0.15
C MET A 182 -15.25 2.69 0.86
N SER A 183 -15.06 1.69 1.71
CA SER A 183 -16.05 1.35 2.73
C SER A 183 -15.46 1.46 4.13
N LYS A 184 -16.32 1.35 5.14
CA LYS A 184 -15.89 1.44 6.52
C LYS A 184 -14.94 0.29 6.87
N GLY A 185 -13.71 0.65 7.22
CA GLY A 185 -12.72 -0.36 7.55
C GLY A 185 -12.29 -1.17 6.35
N GLU A 186 -11.64 -0.51 5.40
CA GLU A 186 -11.15 -1.16 4.19
C GLU A 186 -9.83 -0.55 3.74
N LYS A 187 -8.96 -1.37 3.18
CA LYS A 187 -7.66 -0.91 2.70
C LYS A 187 -7.54 -1.14 1.21
N ALA A 188 -7.04 -0.14 0.48
CA ALA A 188 -6.89 -0.26 -0.97
C ALA A 188 -5.63 0.46 -1.46
N ARG A 189 -5.34 0.28 -2.75
CA ARG A 189 -4.18 0.90 -3.38
C ARG A 189 -4.57 1.44 -4.75
N LEU A 190 -4.46 2.75 -4.93
CA LEU A 190 -4.82 3.36 -6.20
C LEU A 190 -3.70 4.25 -6.74
N GLU A 191 -3.49 4.20 -8.05
CA GLU A 191 -2.47 5.00 -8.70
C GLU A 191 -3.10 5.95 -9.72
N ILE A 192 -2.98 7.24 -9.44
CA ILE A 192 -3.55 8.27 -10.33
C ILE A 192 -2.47 8.95 -11.14
N GLU A 193 -2.80 9.25 -12.40
CA GLU A 193 -1.86 9.92 -13.29
C GLU A 193 -1.69 11.39 -12.89
N PRO A 194 -0.69 12.07 -13.48
CA PRO A 194 -0.42 13.48 -13.15
C PRO A 194 -1.59 14.39 -13.53
N GLU A 195 -2.27 14.05 -14.61
CA GLU A 195 -3.42 14.84 -15.07
C GLU A 195 -4.52 14.88 -14.00
N TRP A 196 -4.74 13.75 -13.34
CA TRP A 196 -5.76 13.66 -12.30
C TRP A 196 -5.15 13.85 -10.91
N ALA A 197 -4.16 14.73 -10.82
CA ALA A 197 -3.49 15.01 -9.57
C ALA A 197 -2.75 16.35 -9.63
N TYR A 198 -1.58 16.34 -10.27
CA TYR A 198 -0.79 17.56 -10.40
C TYR A 198 -0.87 18.09 -11.82
N GLY A 199 -0.23 17.38 -12.74
CA GLY A 199 -0.23 17.78 -14.14
C GLY A 199 1.10 17.56 -14.82
N LYS A 200 1.18 17.97 -16.08
CA LYS A 200 2.41 17.82 -16.85
C LYS A 200 3.56 18.56 -16.19
N LYS A 201 3.26 19.69 -15.57
CA LYS A 201 4.27 20.50 -14.89
C LYS A 201 4.91 19.71 -13.76
N GLY A 202 4.08 19.17 -12.89
CA GLY A 202 4.57 18.39 -11.77
C GLY A 202 4.67 19.20 -10.49
N GLN A 203 4.99 18.54 -9.39
CA GLN A 203 5.11 19.21 -8.10
C GLN A 203 6.57 19.22 -7.64
N PRO A 204 7.31 20.31 -7.94
CA PRO A 204 8.72 20.43 -7.56
C PRO A 204 8.90 20.52 -6.04
N ASP A 205 7.88 21.01 -5.36
CA ASP A 205 7.93 21.14 -3.90
C ASP A 205 8.14 19.78 -3.24
N ALA A 206 7.43 18.78 -3.74
CA ALA A 206 7.53 17.43 -3.20
C ALA A 206 8.45 16.57 -4.05
N LYS A 207 9.41 17.20 -4.72
CA LYS A 207 10.36 16.49 -5.57
C LYS A 207 9.64 15.65 -6.62
N ILE A 208 8.46 16.12 -7.03
CA ILE A 208 7.66 15.41 -8.03
C ILE A 208 7.94 15.97 -9.44
N PRO A 209 8.59 15.17 -10.30
CA PRO A 209 8.91 15.59 -11.67
C PRO A 209 7.66 15.83 -12.50
N PRO A 210 7.82 16.38 -13.73
CA PRO A 210 6.71 16.66 -14.63
C PRO A 210 6.14 15.38 -15.25
N ASN A 211 4.82 15.21 -15.15
CA ASN A 211 4.16 14.04 -15.71
C ASN A 211 4.65 12.76 -15.02
N ALA A 212 4.28 12.61 -13.75
CA ALA A 212 4.68 11.44 -12.99
C ALA A 212 3.47 10.69 -12.42
N LYS A 213 3.66 9.41 -12.13
CA LYS A 213 2.59 8.59 -11.58
C LYS A 213 2.58 8.68 -10.05
N LEU A 214 1.39 8.70 -9.47
CA LEU A 214 1.26 8.79 -8.02
C LEU A 214 0.40 7.65 -7.46
N THR A 215 1.05 6.72 -6.76
CA THR A 215 0.36 5.59 -6.17
C THR A 215 0.40 5.68 -4.65
N PHE A 216 -0.68 5.27 -4.00
CA PHE A 216 -0.76 5.32 -2.55
C PHE A 216 -1.77 4.30 -2.01
N GLU A 217 -1.89 4.27 -0.69
CA GLU A 217 -2.83 3.36 -0.04
C GLU A 217 -3.65 4.10 1.00
N VAL A 218 -4.95 3.83 1.02
CA VAL A 218 -5.86 4.50 1.95
C VAL A 218 -6.57 3.50 2.85
N GLU A 219 -6.92 3.95 4.06
CA GLU A 219 -7.62 3.12 5.02
C GLU A 219 -8.73 3.92 5.69
N LEU A 220 -9.97 3.61 5.35
CA LEU A 220 -11.11 4.31 5.92
C LEU A 220 -11.29 3.95 7.39
N VAL A 221 -11.42 4.96 8.24
CA VAL A 221 -11.59 4.76 9.67
C VAL A 221 -13.00 5.09 10.11
N ASP A 222 -13.65 6.03 9.43
CA ASP A 222 -15.01 6.44 9.77
C ASP A 222 -15.60 7.34 8.70
N ILE A 223 -16.93 7.43 8.69
CA ILE A 223 -17.63 8.27 7.72
C ILE A 223 -18.84 8.94 8.35
N ASP A 224 -18.78 10.26 8.50
CA ASP A 224 -19.87 11.02 9.09
C ASP A 224 -20.48 11.98 8.07
N MET A 1 8.65 -2.58 -13.21
CA MET A 1 8.59 -1.99 -11.84
C MET A 1 7.19 -1.46 -11.53
N ALA A 2 6.89 -1.33 -10.25
CA ALA A 2 5.59 -0.83 -9.81
C ALA A 2 5.54 -0.66 -8.29
N ALA A 3 5.38 0.57 -7.85
CA ALA A 3 5.31 0.87 -6.42
C ALA A 3 4.05 0.28 -5.80
N ALA A 4 3.87 0.54 -4.50
CA ALA A 4 2.70 0.05 -3.77
C ALA A 4 2.93 0.13 -2.26
N VAL A 5 2.64 1.28 -1.68
CA VAL A 5 2.80 1.47 -0.24
C VAL A 5 1.55 1.02 0.52
N PRO A 6 1.64 -0.08 1.28
CA PRO A 6 0.51 -0.60 2.06
C PRO A 6 0.30 0.13 3.38
N GLN A 7 -0.95 0.37 3.72
CA GLN A 7 -1.29 1.07 4.96
C GLN A 7 -1.32 0.10 6.14
N ARG A 8 -1.08 0.63 7.33
CA ARG A 8 -1.06 -0.19 8.55
C ARG A 8 -2.34 -1.02 8.68
N ALA A 9 -2.30 -2.23 8.13
CA ALA A 9 -3.45 -3.13 8.18
C ALA A 9 -3.87 -3.40 9.62
N TRP A 10 -2.89 -3.42 10.52
CA TRP A 10 -3.14 -3.68 11.93
C TRP A 10 -2.74 -2.48 12.78
N THR A 11 -3.04 -2.56 14.07
CA THR A 11 -2.70 -1.49 15.00
C THR A 11 -1.72 -2.00 16.06
N VAL A 12 -0.91 -1.09 16.60
CA VAL A 12 0.06 -1.45 17.62
C VAL A 12 -0.61 -2.15 18.80
N GLU A 13 -1.83 -1.73 19.10
CA GLU A 13 -2.59 -2.29 20.21
C GLU A 13 -3.05 -3.72 19.90
N GLN A 14 -3.23 -4.03 18.62
CA GLN A 14 -3.66 -5.36 18.20
C GLN A 14 -2.49 -6.32 18.13
N LEU A 15 -1.48 -5.97 17.35
CA LEU A 15 -0.29 -6.81 17.19
C LEU A 15 0.26 -7.25 18.54
N ARG A 16 0.74 -6.28 19.31
CA ARG A 16 1.31 -6.56 20.63
C ARG A 16 0.32 -7.35 21.49
N SER A 17 -0.96 -7.23 21.19
CA SER A 17 -2.00 -7.93 21.94
C SER A 17 -1.74 -9.44 21.95
N GLU A 18 -2.54 -10.16 22.74
CA GLU A 18 -2.42 -11.61 22.84
C GLU A 18 -3.60 -12.32 22.19
N GLN A 19 -4.35 -11.60 21.35
CA GLN A 19 -5.50 -12.16 20.67
C GLN A 19 -5.25 -12.29 19.17
N LEU A 20 -4.32 -11.48 18.65
CA LEU A 20 -3.99 -11.51 17.23
C LEU A 20 -2.92 -12.56 16.94
N PRO A 21 -3.25 -13.60 16.15
CA PRO A 21 -2.29 -14.66 15.80
C PRO A 21 -1.05 -14.10 15.11
N LYS A 22 0.11 -14.39 15.68
CA LYS A 22 1.38 -13.92 15.12
C LYS A 22 1.61 -14.49 13.71
N LYS A 23 0.97 -15.62 13.42
CA LYS A 23 1.11 -16.26 12.11
C LYS A 23 0.80 -15.28 10.99
N ASP A 24 -0.15 -14.39 11.22
CA ASP A 24 -0.54 -13.40 10.22
C ASP A 24 0.47 -12.26 10.16
N ILE A 25 0.81 -11.72 11.32
CA ILE A 25 1.76 -10.62 11.41
C ILE A 25 3.02 -10.90 10.59
N ILE A 26 3.43 -12.16 10.57
CA ILE A 26 4.61 -12.57 9.82
C ILE A 26 4.33 -12.56 8.32
N LYS A 27 3.22 -13.18 7.94
CA LYS A 27 2.82 -13.25 6.54
C LYS A 27 2.68 -11.85 5.93
N PHE A 28 2.45 -10.86 6.80
CA PHE A 28 2.30 -9.48 6.36
C PHE A 28 3.64 -8.88 5.95
N LEU A 29 4.62 -9.03 6.83
CA LEU A 29 5.95 -8.50 6.58
C LEU A 29 6.63 -9.21 5.41
N GLN A 30 6.26 -10.47 5.20
CA GLN A 30 6.84 -11.26 4.12
C GLN A 30 6.25 -10.85 2.77
N GLU A 31 5.00 -10.36 2.79
CA GLU A 31 4.33 -9.93 1.57
C GLU A 31 4.61 -8.46 1.29
N HIS A 32 4.64 -7.65 2.34
CA HIS A 32 4.91 -6.22 2.21
C HIS A 32 6.35 -5.90 2.56
N GLY A 33 7.20 -6.93 2.57
CA GLY A 33 8.60 -6.73 2.89
C GLY A 33 9.52 -7.52 1.98
N SER A 34 10.73 -7.02 1.78
CA SER A 34 11.71 -7.69 0.93
C SER A 34 12.60 -8.61 1.75
N ASP A 35 13.17 -9.63 1.10
CA ASP A 35 14.05 -10.58 1.79
C ASP A 35 15.07 -9.86 2.66
N SER A 36 15.83 -8.95 2.05
CA SER A 36 16.85 -8.19 2.78
C SER A 36 16.26 -7.57 4.04
N PHE A 37 15.10 -6.94 3.89
CA PHE A 37 14.41 -6.31 5.00
C PHE A 37 14.15 -7.32 6.12
N LEU A 38 13.61 -8.48 5.76
CA LEU A 38 13.31 -9.52 6.73
C LEU A 38 14.58 -10.02 7.40
N ALA A 39 15.60 -10.30 6.59
CA ALA A 39 16.88 -10.78 7.11
C ALA A 39 17.37 -9.92 8.26
N GLU A 40 17.04 -8.64 8.22
CA GLU A 40 17.45 -7.70 9.26
C GLU A 40 16.67 -7.93 10.55
N HIS A 41 15.42 -8.35 10.41
CA HIS A 41 14.57 -8.61 11.57
C HIS A 41 14.30 -10.11 11.75
N LYS A 42 15.05 -10.93 11.04
CA LYS A 42 14.88 -12.38 11.13
C LYS A 42 13.47 -12.80 10.74
N LEU A 43 12.87 -12.05 9.81
CA LEU A 43 11.52 -12.35 9.35
C LEU A 43 11.53 -13.37 8.22
N LEU A 44 12.67 -13.48 7.55
CA LEU A 44 12.83 -14.44 6.45
C LEU A 44 12.32 -15.83 6.84
N GLY A 45 12.22 -16.72 5.86
CA GLY A 45 11.77 -18.06 6.12
C GLY A 45 10.26 -18.20 6.05
N ASN A 46 9.74 -19.26 6.67
CA ASN A 46 8.31 -19.50 6.68
C ASN A 46 7.70 -19.13 8.03
N ILE A 47 6.45 -18.66 7.99
CA ILE A 47 5.74 -18.26 9.19
C ILE A 47 5.91 -19.28 10.32
N LYS A 48 5.79 -20.55 9.95
CA LYS A 48 5.92 -21.63 10.91
C LYS A 48 7.25 -21.54 11.68
N ASN A 49 8.31 -21.25 10.93
CA ASN A 49 9.64 -21.13 11.52
C ASN A 49 9.88 -19.73 12.06
N VAL A 50 9.22 -18.74 11.45
CA VAL A 50 9.38 -17.35 11.86
C VAL A 50 8.66 -17.08 13.19
N ALA A 51 7.61 -17.85 13.45
CA ALA A 51 6.85 -17.70 14.69
C ALA A 51 7.69 -18.06 15.91
N LYS A 52 8.68 -18.92 15.71
CA LYS A 52 9.54 -19.34 16.80
C LYS A 52 10.82 -18.50 16.86
N THR A 53 11.23 -17.97 15.72
CA THR A 53 12.43 -17.16 15.64
C THR A 53 12.14 -15.70 16.01
N ALA A 54 10.88 -15.30 15.90
CA ALA A 54 10.48 -13.93 16.22
C ALA A 54 9.45 -13.90 17.34
N ASN A 55 9.68 -13.06 18.34
CA ASN A 55 8.77 -12.93 19.46
C ASN A 55 7.55 -12.10 19.07
N LYS A 56 6.65 -11.87 20.02
CA LYS A 56 5.45 -11.08 19.76
C LYS A 56 5.83 -9.67 19.34
N ASP A 57 6.55 -8.96 20.21
CA ASP A 57 6.98 -7.60 19.92
C ASP A 57 7.97 -7.59 18.77
N HIS A 58 8.68 -8.69 18.58
CA HIS A 58 9.65 -8.79 17.50
C HIS A 58 8.97 -8.63 16.15
N LEU A 59 7.77 -9.17 16.05
CA LEU A 59 6.98 -9.09 14.82
C LEU A 59 6.36 -7.70 14.66
N VAL A 60 6.04 -7.08 15.78
CA VAL A 60 5.45 -5.74 15.76
C VAL A 60 6.52 -4.69 15.51
N THR A 61 7.65 -4.84 16.18
CA THR A 61 8.76 -3.91 16.04
C THR A 61 9.23 -3.85 14.60
N ALA A 62 9.18 -5.00 13.92
CA ALA A 62 9.59 -5.08 12.52
C ALA A 62 8.46 -4.61 11.60
N TYR A 63 7.23 -4.63 12.11
CA TYR A 63 6.08 -4.20 11.34
C TYR A 63 5.91 -2.68 11.40
N ASN A 64 6.47 -2.07 12.44
CA ASN A 64 6.39 -0.63 12.62
C ASN A 64 7.50 0.09 11.86
N HIS A 65 8.73 -0.31 12.11
CA HIS A 65 9.88 0.31 11.46
C HIS A 65 9.81 0.13 9.94
N LEU A 66 9.16 -0.94 9.49
CA LEU A 66 9.02 -1.22 8.06
C LEU A 66 8.51 0.01 7.33
N PHE A 67 7.56 0.70 7.94
CA PHE A 67 6.97 1.90 7.34
C PHE A 67 7.91 3.09 7.53
N GLU A 68 8.55 3.15 8.69
CA GLU A 68 9.47 4.24 9.01
C GLU A 68 10.69 4.20 8.11
N THR A 69 11.19 3.00 7.85
CA THR A 69 12.37 2.83 7.00
C THR A 69 11.96 2.65 5.53
N LYS A 70 10.66 2.49 5.29
CA LYS A 70 10.16 2.31 3.93
C LYS A 70 10.86 1.16 3.21
N ARG A 71 11.22 0.13 3.97
CA ARG A 71 11.91 -1.03 3.41
C ARG A 71 10.90 -2.09 2.97
N PHE A 72 9.86 -1.66 2.26
CA PHE A 72 8.83 -2.57 1.77
C PHE A 72 9.41 -3.51 0.71
N LYS A 73 8.63 -4.52 0.34
CA LYS A 73 9.06 -5.49 -0.67
C LYS A 73 9.18 -4.83 -2.04
N GLY A 74 10.35 -4.96 -2.66
CA GLY A 74 10.58 -4.37 -3.96
C GLY A 74 10.36 -5.35 -5.09
N THR A 75 9.51 -6.35 -4.86
CA THR A 75 9.22 -7.36 -5.86
C THR A 75 10.49 -8.12 -6.25
N GLU A 76 10.34 -9.08 -7.16
CA GLU A 76 11.47 -9.88 -7.61
C GLU A 76 11.19 -10.51 -8.97
N SER A 77 9.99 -11.06 -9.12
CA SER A 77 9.60 -11.70 -10.37
C SER A 77 8.27 -11.13 -10.87
N ILE A 78 8.29 -10.58 -12.08
CA ILE A 78 7.08 -10.01 -12.67
C ILE A 78 7.21 -9.91 -14.18
N SER A 79 8.37 -9.48 -14.66
CA SER A 79 8.62 -9.35 -16.09
C SER A 79 10.10 -9.48 -16.40
N LYS A 80 10.50 -10.61 -16.96
CA LYS A 80 11.89 -10.85 -17.31
C LYS A 80 12.10 -10.74 -18.81
N VAL A 81 13.34 -10.96 -19.24
CA VAL A 81 13.68 -10.87 -20.66
C VAL A 81 13.51 -9.45 -21.17
N SER A 82 14.61 -8.84 -21.60
CA SER A 82 14.57 -7.48 -22.12
C SER A 82 15.81 -7.18 -22.96
N GLU A 83 16.98 -7.51 -22.41
CA GLU A 83 18.23 -7.28 -23.11
C GLU A 83 19.38 -8.06 -22.45
N GLN A 84 19.70 -9.21 -23.02
CA GLN A 84 20.77 -10.05 -22.49
C GLN A 84 21.21 -11.09 -23.53
N VAL A 85 22.39 -11.66 -23.31
CA VAL A 85 22.92 -12.67 -24.23
C VAL A 85 23.29 -13.94 -23.48
N LYS A 86 22.38 -14.92 -23.49
CA LYS A 86 22.61 -16.19 -22.82
C LYS A 86 22.93 -17.29 -23.82
N ASN A 87 23.85 -18.18 -23.46
CA ASN A 87 24.23 -19.28 -24.34
C ASN A 87 23.61 -20.58 -23.88
N VAL A 88 23.43 -20.73 -22.56
CA VAL A 88 22.85 -21.93 -21.99
C VAL A 88 21.33 -21.80 -21.88
N LYS A 89 20.64 -22.94 -21.91
CA LYS A 89 19.19 -22.95 -21.82
C LYS A 89 18.74 -23.41 -20.44
N LEU A 90 19.07 -22.62 -19.42
CA LEU A 90 18.70 -22.95 -18.04
C LEU A 90 17.66 -21.97 -17.51
N ASN A 91 17.75 -20.73 -17.96
CA ASN A 91 16.81 -19.70 -17.53
C ASN A 91 15.81 -19.36 -18.64
N GLU A 92 16.27 -19.47 -19.89
CA GLU A 92 15.43 -19.18 -21.03
C GLU A 92 14.49 -20.35 -21.33
N ASP A 93 13.20 -20.05 -21.41
CA ASP A 93 12.20 -21.08 -21.68
C ASP A 93 10.87 -20.44 -22.10
N LYS A 94 10.11 -21.17 -22.91
CA LYS A 94 8.82 -20.69 -23.39
C LYS A 94 9.00 -19.40 -24.20
N PRO A 95 9.42 -19.52 -25.47
CA PRO A 95 9.63 -18.36 -26.34
C PRO A 95 8.40 -17.45 -26.40
N LYS A 96 7.22 -18.04 -26.18
CA LYS A 96 5.98 -17.28 -26.21
C LYS A 96 5.87 -16.37 -25.00
N GLU A 97 6.38 -16.82 -23.87
CA GLU A 97 6.35 -16.04 -22.64
C GLU A 97 4.91 -15.71 -22.24
N THR A 98 4.42 -16.36 -21.19
CA THR A 98 3.06 -16.14 -20.71
C THR A 98 3.05 -15.87 -19.21
N LYS A 99 2.74 -14.63 -18.84
CA LYS A 99 2.70 -14.24 -17.43
C LYS A 99 1.26 -13.97 -16.99
N SER A 100 0.45 -13.49 -17.92
CA SER A 100 -0.95 -13.18 -17.62
C SER A 100 -1.85 -14.34 -18.04
N GLU A 101 -3.16 -14.10 -18.01
CA GLU A 101 -4.13 -15.12 -18.39
C GLU A 101 -5.54 -14.54 -18.46
N GLU A 102 -5.86 -13.67 -17.50
CA GLU A 102 -7.18 -13.04 -17.45
C GLU A 102 -7.18 -11.75 -18.26
N THR A 103 -8.32 -11.05 -18.25
CA THR A 103 -8.46 -9.80 -18.99
C THR A 103 -9.67 -9.01 -18.48
N LEU A 104 -9.61 -7.70 -18.65
CA LEU A 104 -10.69 -6.82 -18.22
C LEU A 104 -11.63 -6.49 -19.37
N ASP A 105 -12.76 -5.89 -19.06
CA ASP A 105 -13.73 -5.51 -20.07
C ASP A 105 -14.55 -4.29 -19.63
N GLU A 106 -15.61 -3.99 -20.38
CA GLU A 106 -16.47 -2.86 -20.06
C GLU A 106 -15.71 -1.54 -20.17
N GLY A 107 -14.94 -1.22 -19.13
CA GLY A 107 -14.17 0.01 -19.13
C GLY A 107 -14.26 0.75 -17.81
N PRO A 108 -13.33 0.49 -16.88
CA PRO A 108 -13.32 1.15 -15.57
C PRO A 108 -12.96 2.62 -15.66
N PRO A 109 -13.19 3.39 -14.58
CA PRO A 109 -12.88 4.82 -14.54
C PRO A 109 -11.40 5.11 -14.82
N LYS A 110 -10.93 6.26 -14.39
CA LYS A 110 -9.53 6.65 -14.60
C LYS A 110 -8.69 6.33 -13.37
N TYR A 111 -8.97 5.18 -12.76
CA TYR A 111 -8.23 4.75 -11.57
C TYR A 111 -8.62 3.33 -11.17
N THR A 112 -7.72 2.64 -10.50
CA THR A 112 -7.97 1.27 -10.04
C THR A 112 -7.96 1.21 -8.53
N LYS A 113 -9.00 0.60 -7.95
CA LYS A 113 -9.09 0.48 -6.50
C LYS A 113 -9.33 -0.96 -6.08
N SER A 114 -8.76 -1.34 -4.94
CA SER A 114 -8.89 -2.69 -4.41
C SER A 114 -9.01 -2.66 -2.89
N VAL A 115 -10.13 -3.17 -2.38
CA VAL A 115 -10.36 -3.21 -0.94
C VAL A 115 -9.63 -4.38 -0.29
N LEU A 116 -8.56 -4.07 0.42
CA LEU A 116 -7.77 -5.10 1.10
C LEU A 116 -8.45 -5.53 2.40
N LYS A 117 -8.82 -4.54 3.21
CA LYS A 117 -9.48 -4.82 4.49
C LYS A 117 -10.84 -4.14 4.55
N LYS A 118 -11.90 -4.95 4.48
CA LYS A 118 -13.26 -4.43 4.53
C LYS A 118 -13.54 -3.76 5.88
N GLY A 119 -14.32 -2.68 5.85
CA GLY A 119 -14.65 -1.97 7.07
C GLY A 119 -16.07 -2.21 7.51
N ASP A 120 -16.55 -1.37 8.42
CA ASP A 120 -17.92 -1.49 8.96
C ASP A 120 -18.91 -1.93 7.88
N LYS A 121 -18.78 -1.36 6.70
CA LYS A 121 -19.67 -1.69 5.58
C LYS A 121 -21.04 -1.06 5.78
N THR A 122 -21.04 0.19 6.23
CA THR A 122 -22.29 0.92 6.47
C THR A 122 -22.02 2.42 6.61
N ASN A 123 -20.96 2.76 7.35
CA ASN A 123 -20.60 4.15 7.56
C ASN A 123 -19.69 4.66 6.44
N PHE A 124 -20.28 5.39 5.49
CA PHE A 124 -19.54 5.93 4.37
C PHE A 124 -19.61 7.47 4.35
N PRO A 125 -18.55 8.12 3.87
CA PRO A 125 -18.51 9.59 3.80
C PRO A 125 -19.69 10.18 3.04
N LYS A 126 -20.37 11.13 3.66
CA LYS A 126 -21.53 11.77 3.04
C LYS A 126 -21.14 13.13 2.44
N LYS A 127 -21.85 13.54 1.40
CA LYS A 127 -21.58 14.80 0.74
C LYS A 127 -21.59 15.96 1.73
N GLY A 128 -20.42 16.57 1.93
CA GLY A 128 -20.31 17.69 2.85
C GLY A 128 -19.89 17.25 4.25
N ASP A 129 -19.72 15.94 4.45
CA ASP A 129 -19.32 15.42 5.76
C ASP A 129 -17.81 15.29 5.85
N VAL A 130 -17.26 15.67 6.99
CA VAL A 130 -15.81 15.60 7.21
C VAL A 130 -15.35 14.14 7.33
N VAL A 131 -14.06 13.92 7.15
CA VAL A 131 -13.50 12.58 7.23
C VAL A 131 -12.02 12.63 7.63
N HIS A 132 -11.58 11.65 8.41
CA HIS A 132 -10.19 11.60 8.85
C HIS A 132 -9.59 10.23 8.55
N CYS A 133 -8.56 10.21 7.71
CA CYS A 133 -7.90 8.97 7.33
C CYS A 133 -6.42 9.20 7.02
N TRP A 134 -5.68 8.11 6.91
CA TRP A 134 -4.25 8.17 6.60
C TRP A 134 -4.04 7.83 5.12
N TYR A 135 -2.91 8.26 4.56
CA TYR A 135 -2.65 7.98 3.15
C TYR A 135 -1.18 8.16 2.80
N THR A 136 -0.67 7.24 1.99
CA THR A 136 0.71 7.29 1.55
C THR A 136 0.81 7.16 0.03
N GLY A 137 1.23 8.23 -0.63
CA GLY A 137 1.33 8.22 -2.07
C GLY A 137 2.74 7.94 -2.56
N THR A 138 2.83 7.26 -3.70
CA THR A 138 4.12 6.92 -4.28
C THR A 138 4.00 6.77 -5.80
N LEU A 139 5.07 7.14 -6.51
CA LEU A 139 5.08 7.04 -7.97
C LEU A 139 5.37 5.61 -8.41
N GLN A 140 5.45 5.39 -9.72
CA GLN A 140 5.72 4.07 -10.27
C GLN A 140 7.03 3.52 -9.72
N ASP A 141 8.05 4.37 -9.68
CA ASP A 141 9.36 3.97 -9.19
C ASP A 141 9.37 3.83 -7.67
N GLY A 142 8.26 4.20 -7.03
CA GLY A 142 8.18 4.10 -5.58
C GLY A 142 8.60 5.37 -4.88
N THR A 143 8.58 6.49 -5.60
CA THR A 143 8.96 7.78 -5.04
C THR A 143 7.74 8.47 -4.43
N VAL A 144 7.77 8.63 -3.10
CA VAL A 144 6.67 9.27 -2.40
C VAL A 144 6.53 10.73 -2.82
N PHE A 145 5.28 11.17 -3.00
CA PHE A 145 5.01 12.55 -3.40
C PHE A 145 4.20 13.28 -2.34
N ASP A 146 3.23 12.58 -1.76
CA ASP A 146 2.39 13.16 -0.72
C ASP A 146 1.82 12.08 0.18
N THR A 147 2.21 12.10 1.45
CA THR A 147 1.75 11.11 2.41
C THR A 147 1.51 11.73 3.78
N ASN A 148 0.32 11.53 4.32
CA ASN A 148 -0.03 12.05 5.63
C ASN A 148 0.36 11.05 6.72
N ILE A 149 1.63 10.65 6.72
CA ILE A 149 2.13 9.68 7.68
C ILE A 149 3.43 10.17 8.32
N GLN A 150 3.31 10.78 9.49
CA GLN A 150 4.48 11.30 10.21
C GLN A 150 5.05 10.24 11.15
N THR A 151 4.36 10.02 12.27
CA THR A 151 4.80 9.04 13.25
C THR A 151 3.61 8.37 13.94
N SER A 152 3.88 7.27 14.63
CA SER A 152 2.82 6.54 15.33
C SER A 152 2.64 7.07 16.75
N ALA A 153 1.59 6.62 17.42
CA ALA A 153 1.31 7.04 18.78
C ALA A 153 2.16 6.27 19.79
N LYS A 154 2.49 5.03 19.44
CA LYS A 154 3.30 4.18 20.31
C LYS A 154 4.66 4.81 20.58
N LYS A 155 5.16 5.55 19.59
CA LYS A 155 6.45 6.22 19.72
C LYS A 155 6.30 7.58 20.38
N LYS A 156 5.19 8.25 20.09
CA LYS A 156 4.92 9.57 20.65
C LYS A 156 3.57 10.08 20.20
N LYS A 157 2.84 10.72 21.12
CA LYS A 157 1.53 11.27 20.82
C LYS A 157 1.64 12.54 20.00
N ASN A 158 1.97 12.39 18.72
CA ASN A 158 2.11 13.54 17.83
C ASN A 158 1.68 13.17 16.41
N ALA A 159 0.42 12.78 16.26
CA ALA A 159 -0.10 12.41 14.95
C ALA A 159 -1.60 12.70 14.86
N LYS A 160 -2.03 13.21 13.71
CA LYS A 160 -3.43 13.54 13.50
C LYS A 160 -3.83 13.31 12.04
N PRO A 161 -4.76 12.35 11.79
CA PRO A 161 -5.21 12.04 10.43
C PRO A 161 -5.67 13.28 9.67
N LEU A 162 -5.61 13.22 8.35
CA LEU A 162 -6.03 14.35 7.52
C LEU A 162 -7.56 14.46 7.49
N SER A 163 -8.09 15.57 7.99
CA SER A 163 -9.52 15.78 8.01
C SER A 163 -9.98 16.68 6.87
N PHE A 164 -10.90 16.17 6.06
CA PHE A 164 -11.43 16.92 4.93
C PHE A 164 -12.85 16.45 4.58
N LYS A 165 -13.69 17.37 4.15
CA LYS A 165 -15.07 17.04 3.80
C LYS A 165 -15.15 16.44 2.39
N VAL A 166 -15.98 15.41 2.25
CA VAL A 166 -16.15 14.74 0.97
C VAL A 166 -17.23 15.41 0.14
N GLY A 167 -17.07 15.35 -1.18
CA GLY A 167 -18.03 15.96 -2.07
C GLY A 167 -17.98 17.47 -2.05
N VAL A 168 -16.84 18.01 -1.63
CA VAL A 168 -16.66 19.46 -1.57
C VAL A 168 -15.36 19.89 -2.23
N GLY A 169 -15.05 19.27 -3.37
CA GLY A 169 -13.83 19.59 -4.09
C GLY A 169 -12.61 19.71 -3.19
N LYS A 170 -12.53 18.83 -2.20
CA LYS A 170 -11.40 18.85 -1.26
C LYS A 170 -10.22 18.08 -1.83
N VAL A 171 -10.49 16.90 -2.36
CA VAL A 171 -9.46 16.05 -2.94
C VAL A 171 -9.73 15.78 -4.42
N ILE A 172 -8.84 15.02 -5.04
CA ILE A 172 -8.99 14.69 -6.46
C ILE A 172 -10.31 13.98 -6.73
N ARG A 173 -10.76 14.02 -7.98
CA ARG A 173 -12.01 13.39 -8.38
C ARG A 173 -11.90 11.86 -8.28
N GLY A 174 -10.69 11.35 -8.45
CA GLY A 174 -10.47 9.92 -8.37
C GLY A 174 -10.54 9.42 -6.94
N TRP A 175 -10.01 10.21 -6.02
CA TRP A 175 -9.99 9.87 -4.61
C TRP A 175 -11.36 10.12 -3.98
N ASP A 176 -12.04 11.14 -4.47
CA ASP A 176 -13.36 11.51 -3.95
C ASP A 176 -14.36 10.39 -4.25
N GLU A 177 -14.16 9.70 -5.37
CA GLU A 177 -15.04 8.62 -5.77
C GLU A 177 -14.68 7.33 -5.01
N ALA A 178 -13.41 7.20 -4.66
CA ALA A 178 -12.94 6.02 -3.93
C ALA A 178 -13.26 6.14 -2.44
N LEU A 179 -12.78 7.21 -1.83
CA LEU A 179 -13.01 7.45 -0.40
C LEU A 179 -14.50 7.43 -0.09
N LEU A 180 -15.31 7.86 -1.05
CA LEU A 180 -16.76 7.91 -0.89
C LEU A 180 -17.31 6.55 -0.44
N THR A 181 -16.63 5.48 -0.83
CA THR A 181 -17.06 4.13 -0.48
C THR A 181 -16.17 3.52 0.62
N MET A 182 -15.23 4.31 1.14
CA MET A 182 -14.34 3.82 2.18
C MET A 182 -15.06 3.72 3.52
N SER A 183 -15.44 2.50 3.88
CA SER A 183 -16.16 2.26 5.13
C SER A 183 -15.30 2.61 6.34
N LYS A 184 -15.96 2.79 7.48
CA LYS A 184 -15.29 3.14 8.73
C LYS A 184 -14.31 2.04 9.13
N GLY A 185 -13.02 2.40 9.19
CA GLY A 185 -12.00 1.44 9.57
C GLY A 185 -11.56 0.54 8.43
N GLU A 186 -11.99 0.88 7.22
CA GLU A 186 -11.63 0.08 6.05
C GLU A 186 -10.29 0.52 5.47
N LYS A 187 -9.59 -0.42 4.85
CA LYS A 187 -8.29 -0.14 4.23
C LYS A 187 -8.29 -0.61 2.78
N ALA A 188 -7.72 0.20 1.90
CA ALA A 188 -7.68 -0.16 0.48
C ALA A 188 -6.41 0.34 -0.20
N ARG A 189 -6.23 -0.08 -1.45
CA ARG A 189 -5.07 0.31 -2.25
C ARG A 189 -5.51 0.64 -3.67
N LEU A 190 -5.63 1.92 -3.97
CA LEU A 190 -6.07 2.34 -5.30
C LEU A 190 -5.05 3.24 -5.98
N GLU A 191 -4.98 3.16 -7.30
CA GLU A 191 -4.05 3.96 -8.09
C GLU A 191 -4.82 4.83 -9.09
N ILE A 192 -4.65 6.14 -8.97
CA ILE A 192 -5.33 7.07 -9.87
C ILE A 192 -4.39 7.57 -10.97
N GLU A 193 -4.92 7.68 -12.18
CA GLU A 193 -4.15 8.14 -13.32
C GLU A 193 -3.97 9.66 -13.27
N PRO A 194 -3.02 10.19 -14.07
CA PRO A 194 -2.76 11.62 -14.11
C PRO A 194 -4.02 12.44 -14.43
N GLU A 195 -4.82 11.94 -15.37
CA GLU A 195 -6.04 12.63 -15.76
C GLU A 195 -6.92 12.93 -14.56
N TRP A 196 -6.84 12.09 -13.53
CA TRP A 196 -7.63 12.29 -12.32
C TRP A 196 -6.75 12.57 -11.11
N ALA A 197 -5.66 13.30 -11.34
CA ALA A 197 -4.74 13.64 -10.26
C ALA A 197 -3.98 14.93 -10.56
N TYR A 198 -2.88 14.81 -11.31
CA TYR A 198 -2.07 15.98 -11.67
C TYR A 198 -2.24 16.31 -13.14
N GLY A 199 -2.43 15.27 -13.96
CA GLY A 199 -2.62 15.47 -15.38
C GLY A 199 -1.44 14.99 -16.20
N LYS A 200 -1.60 15.00 -17.52
CA LYS A 200 -0.54 14.57 -18.42
C LYS A 200 0.71 15.42 -18.23
N LYS A 201 0.52 16.69 -17.89
CA LYS A 201 1.63 17.61 -17.67
C LYS A 201 2.57 17.06 -16.61
N GLY A 202 2.02 16.77 -15.44
CA GLY A 202 2.81 16.23 -14.35
C GLY A 202 2.81 17.14 -13.14
N GLN A 203 3.79 16.92 -12.26
CA GLN A 203 3.91 17.72 -11.03
C GLN A 203 5.36 17.75 -10.57
N PRO A 204 6.17 18.68 -11.13
CA PRO A 204 7.59 18.80 -10.78
C PRO A 204 7.83 18.83 -9.28
N ASP A 205 7.09 19.67 -8.57
CA ASP A 205 7.25 19.80 -7.12
C ASP A 205 7.19 18.42 -6.45
N ALA A 206 6.26 17.60 -6.89
CA ALA A 206 6.09 16.26 -6.34
C ALA A 206 6.84 15.21 -7.17
N LYS A 207 7.90 15.65 -7.85
CA LYS A 207 8.70 14.74 -8.67
C LYS A 207 7.81 13.89 -9.58
N ILE A 208 6.67 14.45 -9.97
CA ILE A 208 5.73 13.74 -10.83
C ILE A 208 5.98 14.05 -12.30
N PRO A 209 6.46 13.07 -13.08
CA PRO A 209 6.72 13.25 -14.51
C PRO A 209 5.44 13.29 -15.34
N PRO A 210 5.52 13.84 -16.56
CA PRO A 210 4.36 13.94 -17.46
C PRO A 210 3.64 12.60 -17.62
N ASN A 211 2.40 12.55 -17.14
CA ASN A 211 1.60 11.33 -17.24
C ASN A 211 2.19 10.22 -16.38
N ALA A 212 2.04 10.35 -15.06
CA ALA A 212 2.56 9.37 -14.12
C ALA A 212 1.47 8.86 -13.18
N LYS A 213 1.29 7.54 -13.16
CA LYS A 213 0.29 6.92 -12.30
C LYS A 213 0.64 7.13 -10.83
N LEU A 214 -0.37 7.16 -9.97
CA LEU A 214 -0.16 7.36 -8.55
C LEU A 214 -0.91 6.32 -7.71
N THR A 215 -0.15 5.40 -7.12
CA THR A 215 -0.74 4.35 -6.29
C THR A 215 -0.50 4.63 -4.81
N PHE A 216 -1.50 4.38 -3.98
CA PHE A 216 -1.39 4.61 -2.55
C PHE A 216 -2.36 3.75 -1.76
N GLU A 217 -2.31 3.87 -0.44
CA GLU A 217 -3.19 3.14 0.45
C GLU A 217 -3.80 4.06 1.50
N VAL A 218 -5.09 3.89 1.75
CA VAL A 218 -5.78 4.75 2.72
C VAL A 218 -6.47 3.94 3.81
N GLU A 219 -6.59 4.54 4.99
CA GLU A 219 -7.24 3.90 6.12
C GLU A 219 -8.15 4.89 6.83
N LEU A 220 -9.46 4.66 6.74
CA LEU A 220 -10.43 5.54 7.37
C LEU A 220 -10.40 5.39 8.89
N VAL A 221 -10.27 6.52 9.58
CA VAL A 221 -10.22 6.52 11.04
C VAL A 221 -11.53 7.00 11.65
N ASP A 222 -12.22 7.90 10.94
CA ASP A 222 -13.49 8.44 11.42
C ASP A 222 -14.18 9.26 10.35
N ILE A 223 -15.48 9.49 10.54
CA ILE A 223 -16.27 10.28 9.59
C ILE A 223 -17.30 11.13 10.32
N ASP A 224 -17.11 12.45 10.26
CA ASP A 224 -18.03 13.37 10.91
C ASP A 224 -18.70 14.28 9.90
N MET A 1 1.87 -9.28 -4.62
CA MET A 1 1.75 -7.98 -3.91
C MET A 1 3.12 -7.36 -3.66
N ALA A 2 3.43 -6.31 -4.40
CA ALA A 2 4.72 -5.62 -4.25
C ALA A 2 4.57 -4.12 -4.54
N ALA A 3 5.58 -3.36 -4.15
CA ALA A 3 5.58 -1.91 -4.35
C ALA A 3 4.39 -1.27 -3.65
N ALA A 4 4.34 0.06 -3.68
CA ALA A 4 3.26 0.81 -3.04
C ALA A 4 3.35 0.71 -1.53
N VAL A 5 2.74 1.66 -0.84
CA VAL A 5 2.74 1.69 0.61
C VAL A 5 1.50 1.03 1.20
N PRO A 6 1.67 -0.10 1.89
CA PRO A 6 0.56 -0.84 2.50
C PRO A 6 0.05 -0.19 3.78
N GLN A 7 -1.26 -0.04 3.89
CA GLN A 7 -1.87 0.57 5.06
C GLN A 7 -1.95 -0.43 6.21
N ARG A 8 -1.81 0.07 7.44
CA ARG A 8 -1.87 -0.77 8.62
C ARG A 8 -3.11 -1.65 8.62
N ALA A 9 -2.90 -2.96 8.55
CA ALA A 9 -4.01 -3.90 8.54
C ALA A 9 -4.39 -4.31 9.97
N TRP A 10 -3.38 -4.49 10.81
CA TRP A 10 -3.60 -4.87 12.20
C TRP A 10 -3.39 -3.68 13.12
N THR A 11 -3.95 -3.77 14.32
CA THR A 11 -3.81 -2.71 15.30
C THR A 11 -2.72 -3.03 16.31
N VAL A 12 -2.10 -1.99 16.86
CA VAL A 12 -1.04 -2.18 17.84
C VAL A 12 -1.53 -3.03 19.01
N GLU A 13 -2.79 -2.80 19.39
CA GLU A 13 -3.39 -3.55 20.49
C GLU A 13 -3.53 -5.02 20.13
N GLN A 14 -3.65 -5.31 18.84
CA GLN A 14 -3.80 -6.68 18.36
C GLN A 14 -2.46 -7.40 18.31
N LEU A 15 -1.49 -6.82 17.62
CA LEU A 15 -0.17 -7.43 17.48
C LEU A 15 0.40 -7.86 18.83
N ARG A 16 0.71 -6.88 19.68
CA ARG A 16 1.28 -7.17 21.00
C ARG A 16 0.34 -8.03 21.83
N SER A 17 -0.96 -7.94 21.55
CA SER A 17 -1.95 -8.71 22.28
C SER A 17 -1.59 -10.19 22.34
N GLU A 18 -2.40 -10.98 23.04
CA GLU A 18 -2.17 -12.41 23.17
C GLU A 18 -3.22 -13.21 22.39
N GLN A 19 -3.92 -12.54 21.49
CA GLN A 19 -4.95 -13.19 20.68
C GLN A 19 -4.60 -13.15 19.20
N LEU A 20 -3.70 -12.25 18.82
CA LEU A 20 -3.28 -12.10 17.43
C LEU A 20 -2.17 -13.09 17.09
N PRO A 21 -2.38 -13.98 16.10
CA PRO A 21 -1.38 -14.96 15.68
C PRO A 21 -0.16 -14.33 15.05
N LYS A 22 1.01 -14.60 15.61
CA LYS A 22 2.27 -14.06 15.11
C LYS A 22 2.59 -14.60 13.72
N LYS A 23 2.05 -15.78 13.40
CA LYS A 23 2.29 -16.41 12.11
C LYS A 23 1.96 -15.47 10.96
N ASP A 24 0.81 -14.80 11.05
CA ASP A 24 0.39 -13.88 10.01
C ASP A 24 1.13 -12.53 10.12
N ILE A 25 1.63 -12.22 11.30
CA ILE A 25 2.35 -10.98 11.52
C ILE A 25 3.71 -11.00 10.82
N ILE A 26 4.40 -12.13 10.93
CA ILE A 26 5.72 -12.28 10.31
C ILE A 26 5.60 -12.32 8.80
N LYS A 27 4.57 -13.02 8.31
CA LYS A 27 4.35 -13.14 6.87
C LYS A 27 3.97 -11.79 6.26
N PHE A 28 3.40 -10.90 7.07
CA PHE A 28 3.00 -9.59 6.60
C PHE A 28 4.22 -8.72 6.30
N LEU A 29 5.19 -8.76 7.20
CA LEU A 29 6.42 -7.99 7.04
C LEU A 29 7.30 -8.58 5.94
N GLN A 30 7.09 -9.86 5.64
CA GLN A 30 7.86 -10.53 4.60
C GLN A 30 7.31 -10.25 3.21
N GLU A 31 6.02 -9.90 3.15
CA GLU A 31 5.36 -9.60 1.89
C GLU A 31 5.18 -8.09 1.70
N HIS A 32 5.64 -7.31 2.67
CA HIS A 32 5.51 -5.85 2.60
C HIS A 32 6.84 -5.15 2.91
N GLY A 33 7.82 -5.92 3.40
CA GLY A 33 9.11 -5.33 3.72
C GLY A 33 10.23 -5.89 2.86
N SER A 34 11.38 -5.25 2.90
CA SER A 34 12.52 -5.69 2.12
C SER A 34 13.41 -6.61 2.94
N ASP A 35 14.09 -7.54 2.29
CA ASP A 35 14.98 -8.48 2.97
C ASP A 35 15.90 -7.75 3.95
N SER A 36 16.67 -6.80 3.42
CA SER A 36 17.60 -6.03 4.25
C SER A 36 16.90 -5.50 5.50
N PHE A 37 15.76 -4.87 5.31
CA PHE A 37 14.98 -4.34 6.42
C PHE A 37 14.70 -5.42 7.46
N LEU A 38 14.25 -6.58 6.99
CA LEU A 38 13.94 -7.69 7.88
C LEU A 38 15.22 -8.23 8.52
N ALA A 39 16.28 -8.33 7.73
CA ALA A 39 17.56 -8.84 8.22
C ALA A 39 17.94 -8.17 9.53
N GLU A 40 17.85 -6.85 9.55
CA GLU A 40 18.17 -6.08 10.75
C GLU A 40 17.35 -6.52 11.95
N HIS A 41 16.16 -7.06 11.68
CA HIS A 41 15.28 -7.54 12.73
C HIS A 41 15.12 -9.06 12.68
N LYS A 42 15.95 -9.71 11.86
CA LYS A 42 15.89 -11.17 11.73
C LYS A 42 14.48 -11.63 11.37
N LEU A 43 13.81 -10.84 10.54
CA LEU A 43 12.44 -11.15 10.12
C LEU A 43 12.40 -11.89 8.78
N LEU A 44 13.48 -11.79 8.02
CA LEU A 44 13.53 -12.45 6.72
C LEU A 44 13.92 -13.92 6.87
N GLY A 45 13.53 -14.72 5.89
CA GLY A 45 13.84 -16.13 5.92
C GLY A 45 12.59 -17.00 5.97
N ASN A 46 12.49 -17.84 6.99
CA ASN A 46 11.33 -18.72 7.15
C ASN A 46 10.56 -18.37 8.42
N ILE A 47 9.31 -17.93 8.25
CA ILE A 47 8.47 -17.56 9.38
C ILE A 47 8.53 -18.61 10.49
N LYS A 48 8.27 -19.86 10.11
CA LYS A 48 8.30 -20.96 11.07
C LYS A 48 9.55 -20.89 11.96
N ASN A 49 10.67 -20.48 11.36
CA ASN A 49 11.92 -20.37 12.08
C ASN A 49 12.04 -19.02 12.79
N VAL A 50 11.36 -18.01 12.25
CA VAL A 50 11.40 -16.67 12.83
C VAL A 50 10.41 -16.53 13.98
N ALA A 51 9.35 -17.33 13.96
CA ALA A 51 8.34 -17.29 15.00
C ALA A 51 8.90 -17.75 16.35
N LYS A 52 10.04 -18.44 16.30
CA LYS A 52 10.68 -18.93 17.52
C LYS A 52 11.74 -17.96 18.02
N THR A 53 12.38 -17.27 17.07
CA THR A 53 13.43 -16.31 17.42
C THR A 53 12.85 -14.93 17.69
N ALA A 54 11.78 -14.58 16.98
CA ALA A 54 11.13 -13.30 17.14
C ALA A 54 10.02 -13.36 18.18
N ASN A 55 10.06 -12.45 19.14
CA ASN A 55 9.05 -12.40 20.19
C ASN A 55 7.82 -11.61 19.73
N LYS A 56 6.82 -11.52 20.60
CA LYS A 56 5.60 -10.80 20.27
C LYS A 56 5.91 -9.33 19.97
N ASP A 57 6.51 -8.66 20.93
CA ASP A 57 6.87 -7.25 20.77
C ASP A 57 7.90 -7.09 19.65
N HIS A 58 8.68 -8.14 19.42
CA HIS A 58 9.69 -8.12 18.38
C HIS A 58 9.05 -7.92 17.01
N LEU A 59 7.93 -8.59 16.80
CA LEU A 59 7.20 -8.49 15.54
C LEU A 59 6.45 -7.17 15.45
N VAL A 60 6.03 -6.64 16.60
CA VAL A 60 5.29 -5.39 16.64
C VAL A 60 6.24 -4.21 16.49
N THR A 61 7.38 -4.28 17.17
CA THR A 61 8.37 -3.21 17.11
C THR A 61 8.91 -3.05 15.70
N ALA A 62 8.99 -4.16 14.97
CA ALA A 62 9.49 -4.14 13.60
C ALA A 62 8.39 -3.71 12.63
N TYR A 63 7.13 -3.90 13.04
CA TYR A 63 5.99 -3.53 12.21
C TYR A 63 5.66 -2.06 12.37
N ASN A 64 6.08 -1.48 13.49
CA ASN A 64 5.82 -0.07 13.78
C ASN A 64 6.84 0.83 13.10
N HIS A 65 8.11 0.57 13.36
CA HIS A 65 9.20 1.36 12.79
C HIS A 65 9.22 1.24 11.27
N LEU A 66 8.72 0.14 10.74
CA LEU A 66 8.69 -0.08 9.29
C LEU A 66 8.01 1.09 8.58
N PHE A 67 6.93 1.60 9.19
CA PHE A 67 6.20 2.71 8.62
C PHE A 67 6.91 4.03 8.88
N GLU A 68 7.49 4.15 10.06
CA GLU A 68 8.22 5.35 10.45
C GLU A 68 9.49 5.51 9.62
N THR A 69 10.17 4.39 9.39
CA THR A 69 11.40 4.39 8.61
C THR A 69 11.13 4.17 7.13
N LYS A 70 9.87 3.91 6.78
CA LYS A 70 9.48 3.70 5.39
C LYS A 70 10.41 2.69 4.71
N ARG A 71 10.82 1.67 5.46
CA ARG A 71 11.71 0.64 4.92
C ARG A 71 10.92 -0.56 4.40
N PHE A 72 9.84 -0.27 3.67
CA PHE A 72 9.01 -1.32 3.11
C PHE A 72 9.77 -2.13 2.06
N LYS A 73 9.09 -3.09 1.45
CA LYS A 73 9.71 -3.94 0.43
C LYS A 73 9.92 -3.15 -0.87
N GLY A 74 10.92 -3.56 -1.64
CA GLY A 74 11.21 -2.88 -2.89
C GLY A 74 11.35 -3.85 -4.05
N THR A 75 11.31 -3.32 -5.27
CA THR A 75 11.43 -4.15 -6.47
C THR A 75 12.76 -4.88 -6.49
N GLU A 76 12.79 -6.04 -7.15
CA GLU A 76 14.01 -6.83 -7.24
C GLU A 76 14.10 -7.51 -8.61
N SER A 77 13.01 -8.13 -9.03
CA SER A 77 12.96 -8.82 -10.31
C SER A 77 11.83 -8.28 -11.19
N ILE A 78 12.19 -7.87 -12.41
CA ILE A 78 11.22 -7.32 -13.34
C ILE A 78 11.02 -8.26 -14.53
N SER A 79 12.09 -8.94 -14.92
CA SER A 79 12.03 -9.86 -16.05
C SER A 79 12.11 -11.31 -15.56
N LYS A 80 11.67 -12.24 -16.42
CA LYS A 80 11.69 -13.65 -16.09
C LYS A 80 12.71 -14.40 -16.94
N VAL A 81 12.88 -13.95 -18.17
CA VAL A 81 13.83 -14.58 -19.08
C VAL A 81 14.92 -13.61 -19.51
N SER A 82 16.13 -14.12 -19.73
CA SER A 82 17.25 -13.29 -20.13
C SER A 82 18.49 -14.14 -20.39
N GLU A 83 19.20 -13.82 -21.46
CA GLU A 83 20.41 -14.56 -21.82
C GLU A 83 20.10 -16.02 -22.10
N GLN A 84 20.97 -16.68 -22.84
CA GLN A 84 20.79 -18.09 -23.18
C GLN A 84 19.51 -18.29 -23.98
N VAL A 85 19.48 -19.36 -24.77
CA VAL A 85 18.33 -19.67 -25.59
C VAL A 85 18.40 -21.10 -26.12
N LYS A 86 17.62 -21.99 -25.52
CA LYS A 86 17.59 -23.39 -25.94
C LYS A 86 16.19 -23.97 -25.80
N ASN A 87 15.79 -24.75 -26.80
CA ASN A 87 14.47 -25.38 -26.80
C ASN A 87 14.30 -26.30 -28.00
N VAL A 88 14.52 -27.58 -27.80
CA VAL A 88 14.38 -28.57 -28.87
C VAL A 88 15.42 -28.32 -29.96
N LYS A 89 15.97 -29.40 -30.51
CA LYS A 89 16.96 -29.30 -31.56
C LYS A 89 16.33 -29.54 -32.93
N LEU A 90 15.33 -30.41 -32.98
CA LEU A 90 14.64 -30.72 -34.22
C LEU A 90 13.76 -29.55 -34.67
N ASN A 91 13.24 -28.80 -33.69
CA ASN A 91 12.38 -27.66 -33.98
C ASN A 91 12.79 -26.45 -33.15
N GLU A 92 12.14 -25.32 -33.39
CA GLU A 92 12.44 -24.10 -32.66
C GLU A 92 11.48 -22.98 -33.06
N ASP A 93 10.91 -22.31 -32.06
CA ASP A 93 9.98 -21.21 -32.32
C ASP A 93 10.33 -19.99 -31.47
N LYS A 94 9.81 -18.83 -31.87
CA LYS A 94 10.06 -17.60 -31.14
C LYS A 94 8.83 -17.15 -30.36
N PRO A 95 8.66 -17.67 -29.12
CA PRO A 95 7.52 -17.33 -28.27
C PRO A 95 7.58 -15.88 -27.78
N LYS A 96 6.41 -15.25 -27.69
CA LYS A 96 6.34 -13.87 -27.23
C LYS A 96 5.76 -13.80 -25.81
N GLU A 97 6.31 -12.92 -24.99
CA GLU A 97 5.85 -12.75 -23.62
C GLU A 97 5.66 -11.28 -23.29
N THR A 98 4.59 -10.99 -22.55
CA THR A 98 4.29 -9.61 -22.16
C THR A 98 4.63 -9.38 -20.69
N LYS A 99 5.14 -8.19 -20.39
CA LYS A 99 5.51 -7.83 -19.02
C LYS A 99 4.53 -6.81 -18.44
N SER A 100 3.98 -5.97 -19.31
CA SER A 100 3.03 -4.95 -18.87
C SER A 100 1.59 -5.42 -19.09
N GLU A 101 0.63 -4.60 -18.68
CA GLU A 101 -0.78 -4.93 -18.82
C GLU A 101 -1.66 -3.78 -18.34
N GLU A 102 -2.25 -3.06 -19.30
CA GLU A 102 -3.11 -1.93 -18.98
C GLU A 102 -4.18 -1.75 -20.04
N THR A 103 -5.00 -0.72 -19.89
CA THR A 103 -6.08 -0.42 -20.83
C THR A 103 -7.10 -1.55 -20.87
N LEU A 104 -8.36 -1.21 -20.68
CA LEU A 104 -9.44 -2.19 -20.69
C LEU A 104 -10.25 -2.10 -21.98
N ASP A 105 -11.39 -2.78 -21.99
CA ASP A 105 -12.26 -2.78 -23.16
C ASP A 105 -13.55 -2.01 -22.89
N GLU A 106 -13.99 -2.05 -21.64
CA GLU A 106 -15.21 -1.36 -21.24
C GLU A 106 -14.96 0.13 -21.05
N GLY A 107 -13.76 0.48 -20.60
CA GLY A 107 -13.41 1.86 -20.39
C GLY A 107 -13.59 2.29 -18.94
N PRO A 108 -12.77 1.77 -18.02
CA PRO A 108 -12.85 2.11 -16.60
C PRO A 108 -12.42 3.54 -16.32
N PRO A 109 -12.62 4.03 -15.08
CA PRO A 109 -12.26 5.39 -14.69
C PRO A 109 -10.75 5.63 -14.77
N LYS A 110 -10.29 6.73 -14.18
CA LYS A 110 -8.87 7.06 -14.17
C LYS A 110 -8.22 6.64 -12.86
N TYR A 111 -8.74 5.58 -12.25
CA TYR A 111 -8.19 5.07 -11.00
C TYR A 111 -8.51 3.58 -10.83
N THR A 112 -8.12 3.03 -9.70
CA THR A 112 -8.37 1.61 -9.41
C THR A 112 -8.26 1.33 -7.93
N LYS A 113 -9.40 1.15 -7.27
CA LYS A 113 -9.43 0.88 -5.84
C LYS A 113 -9.56 -0.61 -5.56
N SER A 114 -9.03 -1.05 -4.42
CA SER A 114 -9.09 -2.44 -4.02
C SER A 114 -9.14 -2.57 -2.51
N VAL A 115 -10.28 -3.01 -2.00
CA VAL A 115 -10.47 -3.16 -0.55
C VAL A 115 -9.70 -4.37 -0.02
N LEU A 116 -8.60 -4.10 0.68
CA LEU A 116 -7.78 -5.16 1.25
C LEU A 116 -8.45 -5.75 2.48
N LYS A 117 -9.18 -4.91 3.21
CA LYS A 117 -9.88 -5.35 4.41
C LYS A 117 -11.25 -4.69 4.49
N LYS A 118 -12.30 -5.50 4.33
CA LYS A 118 -13.67 -5.00 4.37
C LYS A 118 -13.95 -4.33 5.72
N GLY A 119 -14.59 -3.17 5.67
CA GLY A 119 -14.91 -2.44 6.88
C GLY A 119 -16.39 -2.47 7.19
N ASP A 120 -16.86 -1.46 7.94
CA ASP A 120 -18.26 -1.36 8.33
C ASP A 120 -19.19 -1.85 7.22
N LYS A 121 -19.01 -1.30 6.02
CA LYS A 121 -19.82 -1.67 4.87
C LYS A 121 -21.24 -1.14 5.04
N THR A 122 -21.36 0.02 5.67
CA THR A 122 -22.65 0.64 5.91
C THR A 122 -22.50 2.16 6.05
N ASN A 123 -21.50 2.57 6.83
CA ASN A 123 -21.24 3.99 7.05
C ASN A 123 -20.29 4.54 5.99
N PHE A 124 -20.87 5.07 4.91
CA PHE A 124 -20.06 5.63 3.84
C PHE A 124 -20.05 7.16 3.90
N PRO A 125 -19.01 7.79 3.34
CA PRO A 125 -18.89 9.26 3.35
C PRO A 125 -19.91 9.94 2.44
N LYS A 126 -20.67 10.86 3.00
CA LYS A 126 -21.69 11.58 2.25
C LYS A 126 -21.15 12.92 1.75
N LYS A 127 -21.70 13.40 0.64
CA LYS A 127 -21.29 14.67 0.06
C LYS A 127 -21.47 15.80 1.06
N GLY A 128 -20.37 16.46 1.41
CA GLY A 128 -20.43 17.56 2.36
C GLY A 128 -20.08 17.12 3.77
N ASP A 129 -20.10 15.82 4.02
CA ASP A 129 -19.79 15.29 5.34
C ASP A 129 -18.28 15.14 5.52
N VAL A 130 -17.80 15.46 6.72
CA VAL A 130 -16.38 15.37 7.03
C VAL A 130 -15.94 13.90 7.13
N VAL A 131 -14.63 13.68 7.06
CA VAL A 131 -14.08 12.33 7.14
C VAL A 131 -12.65 12.36 7.66
N HIS A 132 -12.27 11.33 8.41
CA HIS A 132 -10.91 11.26 8.96
C HIS A 132 -10.27 9.91 8.62
N CYS A 133 -9.18 9.95 7.87
CA CYS A 133 -8.48 8.73 7.48
C CYS A 133 -7.01 9.01 7.17
N TRP A 134 -6.24 7.95 7.00
CA TRP A 134 -4.83 8.07 6.69
C TRP A 134 -4.56 7.72 5.24
N TYR A 135 -3.40 8.08 4.73
CA TYR A 135 -3.04 7.81 3.34
C TYR A 135 -1.54 7.91 3.11
N THR A 136 -1.00 6.95 2.36
CA THR A 136 0.42 6.92 2.05
C THR A 136 0.64 6.80 0.55
N GLY A 137 1.20 7.84 -0.05
CA GLY A 137 1.45 7.82 -1.48
C GLY A 137 2.84 7.39 -1.86
N THR A 138 2.95 6.68 -2.98
CA THR A 138 4.23 6.19 -3.47
C THR A 138 4.21 6.07 -5.00
N LEU A 139 5.27 6.52 -5.64
CA LEU A 139 5.37 6.45 -7.09
C LEU A 139 5.46 5.01 -7.58
N GLN A 140 5.57 4.85 -8.90
CA GLN A 140 5.67 3.52 -9.49
C GLN A 140 6.87 2.76 -8.92
N ASP A 141 7.98 3.46 -8.76
CA ASP A 141 9.19 2.85 -8.23
C ASP A 141 9.16 2.80 -6.69
N GLY A 142 8.07 3.27 -6.11
CA GLY A 142 7.96 3.27 -4.65
C GLY A 142 8.46 4.55 -4.03
N THR A 143 8.42 5.64 -4.79
CA THR A 143 8.88 6.94 -4.29
C THR A 143 7.77 7.64 -3.51
N VAL A 144 7.94 7.70 -2.19
CA VAL A 144 6.94 8.34 -1.33
C VAL A 144 6.92 9.85 -1.56
N PHE A 145 5.74 10.38 -1.86
CA PHE A 145 5.58 11.81 -2.10
C PHE A 145 4.79 12.47 -0.96
N ASP A 146 4.02 11.67 -0.24
CA ASP A 146 3.22 12.17 0.88
C ASP A 146 2.79 11.04 1.80
N THR A 147 2.87 11.28 3.10
CA THR A 147 2.49 10.28 4.09
C THR A 147 1.79 10.92 5.29
N ASN A 148 0.48 10.75 5.37
CA ASN A 148 -0.30 11.31 6.46
C ASN A 148 -0.22 10.42 7.70
N ILE A 149 0.24 9.19 7.53
CA ILE A 149 0.36 8.24 8.63
C ILE A 149 1.19 8.84 9.78
N GLN A 150 0.88 8.43 11.00
CA GLN A 150 1.59 8.93 12.18
C GLN A 150 1.65 7.86 13.26
N THR A 151 2.51 8.07 14.25
CA THR A 151 2.66 7.13 15.36
C THR A 151 1.34 6.96 16.11
N SER A 152 1.27 5.92 16.93
CA SER A 152 0.07 5.64 17.71
C SER A 152 -0.05 6.60 18.89
N ALA A 153 -1.25 6.65 19.48
CA ALA A 153 -1.49 7.53 20.62
C ALA A 153 -0.98 6.92 21.92
N LYS A 154 -0.99 5.59 21.98
CA LYS A 154 -0.54 4.88 23.16
C LYS A 154 0.92 5.21 23.46
N LYS A 155 1.69 5.47 22.41
CA LYS A 155 3.11 5.80 22.56
C LYS A 155 3.29 7.28 22.85
N LYS A 156 2.39 8.10 22.33
CA LYS A 156 2.46 9.54 22.53
C LYS A 156 1.25 10.24 21.92
N LYS A 157 0.50 10.97 22.76
CA LYS A 157 -0.68 11.69 22.29
C LYS A 157 -0.29 12.87 21.42
N ASN A 158 0.00 12.60 20.15
CA ASN A 158 0.38 13.65 19.21
C ASN A 158 0.21 13.18 17.78
N ALA A 159 -0.94 12.58 17.49
CA ALA A 159 -1.23 12.09 16.14
C ALA A 159 -2.73 11.98 15.91
N LYS A 160 -3.21 12.59 14.84
CA LYS A 160 -4.63 12.55 14.50
C LYS A 160 -4.84 12.51 13.00
N PRO A 161 -5.75 11.63 12.52
CA PRO A 161 -6.04 11.50 11.08
C PRO A 161 -6.41 12.83 10.44
N LEU A 162 -6.35 12.88 9.11
CA LEU A 162 -6.68 14.09 8.38
C LEU A 162 -8.19 14.18 8.14
N SER A 163 -8.80 15.23 8.67
CA SER A 163 -10.24 15.43 8.52
C SER A 163 -10.55 16.33 7.33
N PHE A 164 -11.33 15.80 6.38
CA PHE A 164 -11.71 16.56 5.19
C PHE A 164 -13.09 16.14 4.70
N LYS A 165 -13.88 17.10 4.25
CA LYS A 165 -15.22 16.81 3.75
C LYS A 165 -15.17 16.30 2.31
N VAL A 166 -15.96 15.27 2.03
CA VAL A 166 -16.01 14.67 0.70
C VAL A 166 -17.03 15.39 -0.18
N GLY A 167 -16.76 15.40 -1.48
CA GLY A 167 -17.65 16.05 -2.42
C GLY A 167 -17.63 17.56 -2.29
N VAL A 168 -16.53 18.09 -1.75
CA VAL A 168 -16.38 19.52 -1.58
C VAL A 168 -15.02 20.00 -2.06
N GLY A 169 -14.57 19.45 -3.19
CA GLY A 169 -13.29 19.83 -3.74
C GLY A 169 -12.17 19.80 -2.73
N LYS A 170 -12.20 18.81 -1.84
CA LYS A 170 -11.18 18.67 -0.81
C LYS A 170 -9.94 17.96 -1.36
N VAL A 171 -10.17 16.87 -2.08
CA VAL A 171 -9.08 16.10 -2.66
C VAL A 171 -9.26 15.97 -4.17
N ILE A 172 -8.34 15.26 -4.82
CA ILE A 172 -8.39 15.07 -6.26
C ILE A 172 -9.70 14.41 -6.69
N ARG A 173 -10.04 14.55 -7.97
CA ARG A 173 -11.26 13.97 -8.50
C ARG A 173 -11.19 12.45 -8.53
N GLY A 174 -9.97 11.93 -8.61
CA GLY A 174 -9.78 10.48 -8.64
C GLY A 174 -9.92 9.86 -7.26
N TRP A 175 -9.40 10.56 -6.25
CA TRP A 175 -9.45 10.07 -4.88
C TRP A 175 -10.84 10.23 -4.29
N ASP A 176 -11.55 11.28 -4.71
CA ASP A 176 -12.90 11.55 -4.23
C ASP A 176 -13.89 10.53 -4.79
N GLU A 177 -13.63 10.09 -6.02
CA GLU A 177 -14.51 9.12 -6.67
C GLU A 177 -14.30 7.72 -6.08
N ALA A 178 -13.10 7.47 -5.60
CA ALA A 178 -12.78 6.17 -5.01
C ALA A 178 -13.11 6.13 -3.52
N LEU A 179 -12.63 7.15 -2.79
CA LEU A 179 -12.88 7.24 -1.36
C LEU A 179 -14.36 7.13 -1.05
N LEU A 180 -15.18 7.71 -1.92
CA LEU A 180 -16.63 7.69 -1.75
C LEU A 180 -17.14 6.27 -1.51
N THR A 181 -16.41 5.28 -2.01
CA THR A 181 -16.79 3.88 -1.85
C THR A 181 -16.18 3.27 -0.58
N MET A 182 -15.46 4.08 0.19
CA MET A 182 -14.83 3.61 1.42
C MET A 182 -15.85 3.55 2.56
N SER A 183 -15.64 2.59 3.47
CA SER A 183 -16.54 2.42 4.61
C SER A 183 -15.81 2.64 5.93
N LYS A 184 -16.58 2.72 7.01
CA LYS A 184 -16.02 2.93 8.34
C LYS A 184 -15.13 1.76 8.74
N GLY A 185 -13.85 2.04 8.97
CA GLY A 185 -12.93 0.99 9.35
C GLY A 185 -12.68 -0.01 8.23
N GLU A 186 -12.09 0.47 7.15
CA GLU A 186 -11.77 -0.36 6.00
C GLU A 186 -10.45 0.08 5.36
N LYS A 187 -9.72 -0.88 4.80
CA LYS A 187 -8.45 -0.58 4.15
C LYS A 187 -8.53 -0.90 2.66
N ALA A 188 -8.06 0.02 1.84
CA ALA A 188 -8.11 -0.16 0.39
C ALA A 188 -6.85 0.36 -0.28
N ARG A 189 -6.71 0.05 -1.57
CA ARG A 189 -5.56 0.48 -2.35
C ARG A 189 -6.02 1.28 -3.56
N LEU A 190 -5.93 2.60 -3.47
CA LEU A 190 -6.36 3.47 -4.55
C LEU A 190 -5.20 3.94 -5.41
N GLU A 191 -5.25 3.58 -6.69
CA GLU A 191 -4.23 3.97 -7.65
C GLU A 191 -4.81 4.96 -8.64
N ILE A 192 -4.42 6.24 -8.52
CA ILE A 192 -4.92 7.27 -9.40
C ILE A 192 -3.97 7.57 -10.54
N GLU A 193 -4.51 7.82 -11.72
CA GLU A 193 -3.71 8.13 -12.90
C GLU A 193 -3.30 9.60 -12.89
N PRO A 194 -2.34 9.99 -13.74
CA PRO A 194 -1.87 11.38 -13.83
C PRO A 194 -3.00 12.34 -14.22
N GLU A 195 -3.72 11.99 -15.28
CA GLU A 195 -4.82 12.82 -15.76
C GLU A 195 -5.78 13.18 -14.63
N TRP A 196 -5.85 12.34 -13.60
CA TRP A 196 -6.74 12.58 -12.48
C TRP A 196 -5.95 12.75 -11.18
N ALA A 197 -4.79 13.40 -11.27
CA ALA A 197 -3.95 13.62 -10.10
C ALA A 197 -3.00 14.80 -10.31
N TYR A 198 -1.87 14.54 -10.97
CA TYR A 198 -0.89 15.57 -11.23
C TYR A 198 -1.01 16.11 -12.65
N GLY A 199 -1.45 15.24 -13.56
CA GLY A 199 -1.63 15.64 -14.94
C GLY A 199 -0.50 15.13 -15.84
N LYS A 200 -0.63 15.37 -17.14
CA LYS A 200 0.35 14.93 -18.11
C LYS A 200 1.73 15.50 -17.77
N LYS A 201 1.75 16.76 -17.35
CA LYS A 201 3.00 17.42 -16.98
C LYS A 201 3.67 16.70 -15.83
N GLY A 202 2.88 16.35 -14.82
CA GLY A 202 3.40 15.66 -13.65
C GLY A 202 3.42 16.53 -12.42
N GLN A 203 4.33 16.22 -11.50
CA GLN A 203 4.45 16.98 -10.26
C GLN A 203 5.92 17.18 -9.89
N PRO A 204 6.55 18.24 -10.41
CA PRO A 204 7.96 18.52 -10.12
C PRO A 204 8.21 18.84 -8.66
N ASP A 205 7.16 19.26 -7.95
CA ASP A 205 7.27 19.59 -6.54
C ASP A 205 7.68 18.36 -5.72
N ALA A 206 7.08 17.22 -6.05
CA ALA A 206 7.38 15.97 -5.35
C ALA A 206 8.15 15.01 -6.24
N LYS A 207 8.83 15.55 -7.25
CA LYS A 207 9.61 14.73 -8.17
C LYS A 207 8.75 13.65 -8.82
N ILE A 208 7.64 14.09 -9.44
CA ILE A 208 6.73 13.16 -10.11
C ILE A 208 6.79 13.34 -11.63
N PRO A 209 7.32 12.32 -12.35
CA PRO A 209 7.42 12.37 -13.81
C PRO A 209 6.07 12.65 -14.48
N PRO A 210 6.10 13.11 -15.74
CA PRO A 210 4.88 13.41 -16.50
C PRO A 210 4.11 12.16 -16.89
N ASN A 211 2.82 12.13 -16.59
CA ASN A 211 1.97 10.99 -16.90
C ASN A 211 2.36 9.78 -16.06
N ALA A 212 2.72 10.03 -14.80
CA ALA A 212 3.11 8.96 -13.89
C ALA A 212 1.92 8.43 -13.10
N LYS A 213 2.04 7.21 -12.61
CA LYS A 213 0.98 6.59 -11.82
C LYS A 213 1.18 6.86 -10.34
N LEU A 214 0.10 6.81 -9.57
CA LEU A 214 0.17 7.05 -8.14
C LEU A 214 -0.64 6.03 -7.36
N THR A 215 0.04 5.14 -6.66
CA THR A 215 -0.62 4.11 -5.87
C THR A 215 -0.45 4.38 -4.38
N PHE A 216 -1.53 4.20 -3.62
CA PHE A 216 -1.52 4.42 -2.17
C PHE A 216 -2.58 3.58 -1.48
N GLU A 217 -2.62 3.68 -0.16
CA GLU A 217 -3.58 2.93 0.64
C GLU A 217 -4.22 3.83 1.68
N VAL A 218 -5.54 3.71 1.85
CA VAL A 218 -6.27 4.54 2.80
C VAL A 218 -6.97 3.70 3.86
N GLU A 219 -7.14 4.28 5.04
CA GLU A 219 -7.81 3.62 6.15
C GLU A 219 -8.77 4.60 6.84
N LEU A 220 -10.07 4.40 6.64
CA LEU A 220 -11.06 5.26 7.24
C LEU A 220 -11.15 5.05 8.75
N VAL A 221 -11.10 6.14 9.50
CA VAL A 221 -11.17 6.06 10.96
C VAL A 221 -12.51 6.55 11.49
N ASP A 222 -13.13 7.50 10.78
CA ASP A 222 -14.41 8.03 11.19
C ASP A 222 -15.03 8.91 10.11
N ILE A 223 -16.34 9.12 10.18
CA ILE A 223 -17.05 9.93 9.21
C ILE A 223 -18.11 10.80 9.88
N ASP A 224 -17.87 12.11 9.92
CA ASP A 224 -18.80 13.04 10.54
C ASP A 224 -19.40 13.99 9.50
N MET A 1 11.42 -1.23 -6.46
CA MET A 1 11.30 -2.72 -6.38
C MET A 1 10.00 -3.13 -5.69
N ALA A 2 9.53 -2.29 -4.78
CA ALA A 2 8.31 -2.57 -4.04
C ALA A 2 7.12 -2.72 -4.99
N ALA A 3 6.01 -3.21 -4.47
CA ALA A 3 4.80 -3.39 -5.26
C ALA A 3 3.54 -3.12 -4.45
N ALA A 4 2.88 -2.01 -4.74
CA ALA A 4 1.66 -1.62 -4.03
C ALA A 4 1.93 -1.47 -2.53
N VAL A 5 2.29 -0.25 -2.13
CA VAL A 5 2.57 0.02 -0.73
C VAL A 5 1.35 -0.25 0.14
N PRO A 6 1.41 -1.28 0.99
CA PRO A 6 0.31 -1.65 1.88
C PRO A 6 0.19 -0.72 3.08
N GLN A 7 -1.04 -0.33 3.40
CA GLN A 7 -1.28 0.56 4.53
C GLN A 7 -1.28 -0.21 5.84
N ARG A 8 -0.94 0.46 6.93
CA ARG A 8 -0.90 -0.16 8.24
C ARG A 8 -2.21 -0.90 8.54
N ALA A 9 -2.10 -2.22 8.66
CA ALA A 9 -3.27 -3.06 8.94
C ALA A 9 -3.49 -3.17 10.45
N TRP A 10 -2.39 -3.28 11.19
CA TRP A 10 -2.46 -3.41 12.64
C TRP A 10 -1.88 -2.17 13.31
N THR A 11 -1.99 -2.10 14.62
CA THR A 11 -1.48 -0.97 15.39
C THR A 11 -0.36 -1.41 16.32
N VAL A 12 0.57 -0.50 16.59
CA VAL A 12 1.70 -0.80 17.46
C VAL A 12 1.20 -1.30 18.83
N GLU A 13 0.06 -0.78 19.25
CA GLU A 13 -0.53 -1.16 20.52
C GLU A 13 -1.18 -2.54 20.43
N GLN A 14 -1.56 -2.94 19.22
CA GLN A 14 -2.19 -4.24 19.00
C GLN A 14 -1.14 -5.33 18.91
N LEU A 15 -0.21 -5.18 17.96
CA LEU A 15 0.85 -6.16 17.76
C LEU A 15 1.54 -6.51 19.07
N ARG A 16 2.18 -5.49 19.66
CA ARG A 16 2.89 -5.68 20.94
C ARG A 16 1.97 -6.28 21.99
N SER A 17 0.66 -6.09 21.83
CA SER A 17 -0.31 -6.61 22.77
C SER A 17 -0.22 -8.13 22.88
N GLU A 18 -1.03 -8.70 23.76
CA GLU A 18 -1.05 -10.14 23.97
C GLU A 18 -2.34 -10.76 23.45
N GLN A 19 -3.05 -10.03 22.60
CA GLN A 19 -4.30 -10.51 22.03
C GLN A 19 -4.14 -10.89 20.56
N LEU A 20 -3.15 -10.29 19.90
CA LEU A 20 -2.89 -10.57 18.49
C LEU A 20 -1.84 -11.67 18.33
N PRO A 21 -2.20 -12.81 17.72
CA PRO A 21 -1.27 -13.92 17.51
C PRO A 21 -0.06 -13.50 16.68
N LYS A 22 1.13 -13.78 17.21
CA LYS A 22 2.37 -13.43 16.51
C LYS A 22 2.48 -14.18 15.18
N LYS A 23 1.80 -15.32 15.09
CA LYS A 23 1.84 -16.13 13.88
C LYS A 23 1.46 -15.32 12.64
N ASP A 24 0.47 -14.44 12.79
CA ASP A 24 0.02 -13.61 11.68
C ASP A 24 1.03 -12.51 11.39
N ILE A 25 1.35 -11.72 12.41
CA ILE A 25 2.30 -10.62 12.27
C ILE A 25 3.53 -11.04 11.47
N ILE A 26 3.92 -12.29 11.62
CA ILE A 26 5.08 -12.81 10.90
C ILE A 26 4.74 -13.08 9.44
N LYS A 27 3.55 -13.61 9.20
CA LYS A 27 3.10 -13.92 7.86
C LYS A 27 2.77 -12.65 7.07
N PHE A 28 2.43 -11.59 7.81
CA PHE A 28 2.10 -10.31 7.18
C PHE A 28 3.34 -9.67 6.59
N LEU A 29 4.42 -9.70 7.35
CA LEU A 29 5.68 -9.11 6.91
C LEU A 29 6.33 -9.97 5.82
N GLN A 30 5.98 -11.25 5.79
CA GLN A 30 6.51 -12.16 4.78
C GLN A 30 5.82 -11.94 3.43
N GLU A 31 4.62 -11.40 3.47
CA GLU A 31 3.84 -11.13 2.25
C GLU A 31 3.88 -9.64 1.91
N HIS A 32 4.38 -8.83 2.83
CA HIS A 32 4.47 -7.38 2.62
C HIS A 32 5.91 -6.91 2.60
N GLY A 33 6.84 -7.78 3.01
CA GLY A 33 8.24 -7.42 3.03
C GLY A 33 9.08 -8.34 2.17
N SER A 34 10.32 -7.90 1.88
CA SER A 34 11.22 -8.70 1.06
C SER A 34 12.09 -9.59 1.94
N ASP A 35 12.51 -10.73 1.40
CA ASP A 35 13.35 -11.67 2.14
C ASP A 35 14.53 -10.95 2.79
N SER A 36 15.32 -10.27 1.98
CA SER A 36 16.49 -9.53 2.48
C SER A 36 16.11 -8.68 3.68
N PHE A 37 15.06 -7.88 3.51
CA PHE A 37 14.57 -7.02 4.57
C PHE A 37 14.32 -7.83 5.84
N LEU A 38 13.64 -8.95 5.68
CA LEU A 38 13.33 -9.82 6.81
C LEU A 38 14.62 -10.42 7.39
N ALA A 39 15.54 -10.80 6.51
CA ALA A 39 16.81 -11.39 6.93
C ALA A 39 17.47 -10.54 8.00
N GLU A 40 17.44 -9.22 7.79
CA GLU A 40 18.04 -8.29 8.74
C GLU A 40 17.42 -8.44 10.12
N HIS A 41 16.15 -8.86 10.15
CA HIS A 41 15.43 -9.06 11.40
C HIS A 41 15.13 -10.54 11.63
N LYS A 42 15.75 -11.41 10.83
CA LYS A 42 15.53 -12.85 10.94
C LYS A 42 14.04 -13.18 10.85
N LEU A 43 13.33 -12.44 10.00
CA LEU A 43 11.89 -12.66 9.83
C LEU A 43 11.59 -13.59 8.67
N LEU A 44 12.54 -13.75 7.75
CA LEU A 44 12.33 -14.64 6.60
C LEU A 44 12.52 -16.09 6.99
N GLY A 45 11.89 -16.98 6.22
CA GLY A 45 11.99 -18.39 6.49
C GLY A 45 10.64 -19.03 6.78
N ASN A 46 10.55 -19.69 7.93
CA ASN A 46 9.30 -20.34 8.33
C ASN A 46 8.74 -19.70 9.61
N ILE A 47 7.53 -19.15 9.50
CA ILE A 47 6.87 -18.51 10.64
C ILE A 47 6.99 -19.36 11.90
N LYS A 48 6.58 -20.62 11.79
CA LYS A 48 6.64 -21.55 12.90
C LYS A 48 7.99 -21.49 13.60
N ASN A 49 9.05 -21.32 12.80
CA ASN A 49 10.40 -21.24 13.33
C ASN A 49 10.74 -19.82 13.76
N VAL A 50 10.07 -18.85 13.14
CA VAL A 50 10.30 -17.44 13.45
C VAL A 50 9.58 -17.03 14.73
N ALA A 51 8.50 -17.73 15.05
CA ALA A 51 7.73 -17.45 16.26
C ALA A 51 8.55 -17.72 17.51
N LYS A 52 9.53 -18.61 17.39
CA LYS A 52 10.39 -18.96 18.52
C LYS A 52 11.67 -18.14 18.51
N THR A 53 12.08 -17.72 17.31
CA THR A 53 13.29 -16.92 17.15
C THR A 53 12.95 -15.44 16.99
N ALA A 54 11.90 -15.00 17.66
CA ALA A 54 11.47 -13.61 17.59
C ALA A 54 10.46 -13.29 18.68
N ASN A 55 10.64 -12.15 19.34
CA ASN A 55 9.73 -11.74 20.41
C ASN A 55 8.64 -10.81 19.87
N LYS A 56 7.72 -10.41 20.76
CA LYS A 56 6.63 -9.52 20.37
C LYS A 56 7.17 -8.24 19.75
N ASP A 57 7.99 -7.53 20.52
CA ASP A 57 8.57 -6.28 20.05
C ASP A 57 9.39 -6.51 18.78
N HIS A 58 9.89 -7.73 18.62
CA HIS A 58 10.68 -8.09 17.46
C HIS A 58 9.86 -7.98 16.19
N LEU A 59 8.64 -8.51 16.24
CA LEU A 59 7.73 -8.49 15.11
C LEU A 59 7.15 -7.10 14.88
N VAL A 60 7.04 -6.32 15.96
CA VAL A 60 6.51 -4.97 15.87
C VAL A 60 7.58 -3.99 15.41
N THR A 61 8.76 -4.12 15.98
CA THR A 61 9.88 -3.25 15.64
C THR A 61 10.22 -3.38 14.15
N ALA A 62 10.03 -4.57 13.61
CA ALA A 62 10.31 -4.81 12.19
C ALA A 62 9.13 -4.43 11.32
N TYR A 63 7.94 -4.40 11.93
CA TYR A 63 6.72 -4.03 11.20
C TYR A 63 6.55 -2.51 11.15
N ASN A 64 7.19 -1.81 12.09
CA ASN A 64 7.10 -0.35 12.15
C ASN A 64 8.08 0.30 11.19
N HIS A 65 9.35 -0.05 11.31
CA HIS A 65 10.39 0.51 10.46
C HIS A 65 10.14 0.17 8.99
N LEU A 66 9.51 -0.97 8.74
CA LEU A 66 9.23 -1.40 7.38
C LEU A 66 8.55 -0.29 6.57
N PHE A 67 7.65 0.42 7.22
CA PHE A 67 6.93 1.51 6.58
C PHE A 67 7.81 2.77 6.52
N GLU A 68 8.56 3.00 7.58
CA GLU A 68 9.44 4.15 7.65
C GLU A 68 10.55 4.05 6.62
N THR A 69 11.10 2.85 6.46
CA THR A 69 12.17 2.61 5.50
C THR A 69 11.62 2.14 4.16
N LYS A 70 10.29 1.98 4.07
CA LYS A 70 9.65 1.55 2.82
C LYS A 70 10.37 0.34 2.23
N ARG A 71 10.80 -0.58 3.10
CA ARG A 71 11.49 -1.78 2.65
C ARG A 71 10.51 -2.94 2.46
N PHE A 72 9.37 -2.65 1.85
CA PHE A 72 8.35 -3.66 1.60
C PHE A 72 8.87 -4.73 0.65
N LYS A 73 8.03 -5.73 0.38
CA LYS A 73 8.41 -6.82 -0.53
C LYS A 73 8.53 -6.32 -1.96
N GLY A 74 9.36 -6.99 -2.75
CA GLY A 74 9.55 -6.60 -4.13
C GLY A 74 8.88 -7.55 -5.10
N THR A 75 9.66 -8.42 -5.72
CA THR A 75 9.13 -9.39 -6.68
C THR A 75 9.99 -10.64 -6.73
N GLU A 76 9.61 -11.65 -5.97
CA GLU A 76 10.35 -12.91 -5.93
C GLU A 76 9.55 -14.03 -6.58
N SER A 77 8.24 -13.96 -6.45
CA SER A 77 7.36 -14.98 -7.02
C SER A 77 6.73 -14.48 -8.32
N ILE A 78 7.29 -14.91 -9.44
CA ILE A 78 6.79 -14.51 -10.75
C ILE A 78 7.21 -15.50 -11.84
N SER A 79 6.65 -15.33 -13.03
CA SER A 79 6.97 -16.22 -14.15
C SER A 79 8.43 -16.05 -14.57
N LYS A 80 8.95 -14.85 -14.40
CA LYS A 80 10.34 -14.56 -14.75
C LYS A 80 10.58 -14.79 -16.25
N VAL A 81 10.80 -13.71 -16.98
CA VAL A 81 11.04 -13.79 -18.42
C VAL A 81 12.53 -13.72 -18.73
N SER A 82 13.26 -12.98 -17.90
CA SER A 82 14.70 -12.83 -18.09
C SER A 82 15.47 -13.80 -17.20
N GLU A 83 16.75 -13.97 -17.51
CA GLU A 83 17.60 -14.87 -16.73
C GLU A 83 18.57 -14.09 -15.85
N GLN A 84 19.25 -14.79 -14.95
CA GLN A 84 20.20 -14.16 -14.05
C GLN A 84 19.51 -13.11 -13.18
N VAL A 85 18.25 -13.35 -12.86
CA VAL A 85 17.48 -12.44 -12.03
C VAL A 85 17.19 -11.14 -12.76
N LYS A 86 18.24 -10.37 -13.01
CA LYS A 86 18.11 -9.09 -13.71
C LYS A 86 19.09 -9.00 -14.87
N ASN A 87 18.79 -8.14 -15.83
CA ASN A 87 19.65 -7.96 -17.00
C ASN A 87 19.63 -6.51 -17.47
N VAL A 88 20.73 -5.81 -17.26
CA VAL A 88 20.83 -4.40 -17.68
C VAL A 88 21.80 -4.24 -18.84
N LYS A 89 22.80 -5.12 -18.91
CA LYS A 89 23.79 -5.07 -19.97
C LYS A 89 23.48 -6.10 -21.05
N LEU A 90 22.88 -7.22 -20.64
CA LEU A 90 22.53 -8.28 -21.57
C LEU A 90 21.11 -8.09 -22.11
N ASN A 91 21.01 -7.60 -23.33
CA ASN A 91 19.70 -7.38 -23.96
C ASN A 91 19.65 -8.00 -25.34
N GLU A 92 18.52 -8.61 -25.67
CA GLU A 92 18.34 -9.25 -26.97
C GLU A 92 17.36 -8.46 -27.84
N ASP A 93 16.36 -7.88 -27.20
CA ASP A 93 15.35 -7.09 -27.91
C ASP A 93 14.34 -6.49 -26.95
N LYS A 94 14.83 -6.06 -25.78
CA LYS A 94 13.97 -5.46 -24.77
C LYS A 94 12.90 -6.45 -24.31
N PRO A 95 13.21 -7.27 -23.28
CA PRO A 95 12.26 -8.26 -22.75
C PRO A 95 11.09 -7.60 -22.03
N LYS A 96 9.88 -7.81 -22.57
CA LYS A 96 8.68 -7.25 -21.99
C LYS A 96 8.06 -8.22 -20.98
N GLU A 97 7.17 -7.70 -20.15
CA GLU A 97 6.50 -8.52 -19.14
C GLU A 97 4.99 -8.55 -19.37
N THR A 98 4.42 -9.75 -19.42
CA THR A 98 3.00 -9.91 -19.63
C THR A 98 2.35 -10.70 -18.50
N LYS A 99 1.10 -10.38 -18.19
CA LYS A 99 0.38 -11.07 -17.12
C LYS A 99 -1.05 -10.55 -17.01
N SER A 100 -1.21 -9.24 -17.18
CA SER A 100 -2.52 -8.61 -17.10
C SER A 100 -3.15 -8.83 -15.72
N GLU A 101 -4.11 -7.98 -15.38
CA GLU A 101 -4.79 -8.08 -14.09
C GLU A 101 -6.03 -7.17 -14.06
N GLU A 102 -7.07 -7.59 -14.76
CA GLU A 102 -8.31 -6.81 -14.81
C GLU A 102 -9.50 -7.71 -15.15
N THR A 103 -10.70 -7.13 -15.09
CA THR A 103 -11.92 -7.88 -15.40
C THR A 103 -12.96 -6.97 -16.04
N LEU A 104 -13.19 -7.17 -17.33
CA LEU A 104 -14.17 -6.37 -18.06
C LEU A 104 -15.41 -7.19 -18.39
N ASP A 105 -16.55 -6.51 -18.52
CA ASP A 105 -17.81 -7.19 -18.83
C ASP A 105 -18.86 -6.18 -19.30
N GLU A 106 -18.94 -5.07 -18.59
CA GLU A 106 -19.91 -4.03 -18.92
C GLU A 106 -19.21 -2.70 -19.19
N GLY A 107 -18.21 -2.40 -18.38
CA GLY A 107 -17.47 -1.15 -18.54
C GLY A 107 -17.20 -0.46 -17.21
N PRO A 108 -16.21 -0.94 -16.44
CA PRO A 108 -15.86 -0.34 -15.14
C PRO A 108 -15.23 1.04 -15.29
N PRO A 109 -15.04 1.75 -14.16
CA PRO A 109 -14.44 3.09 -14.18
C PRO A 109 -12.99 3.06 -14.65
N LYS A 110 -12.29 4.17 -14.41
CA LYS A 110 -10.89 4.27 -14.82
C LYS A 110 -9.95 3.96 -13.66
N TYR A 111 -10.41 3.10 -12.76
CA TYR A 111 -9.61 2.71 -11.60
C TYR A 111 -10.07 1.38 -11.04
N THR A 112 -9.22 0.75 -10.24
CA THR A 112 -9.55 -0.54 -9.65
C THR A 112 -9.25 -0.54 -8.15
N LYS A 113 -10.30 -0.44 -7.34
CA LYS A 113 -10.15 -0.42 -5.89
C LYS A 113 -10.69 -1.72 -5.29
N SER A 114 -10.13 -2.11 -4.15
CA SER A 114 -10.55 -3.33 -3.46
C SER A 114 -10.52 -3.14 -1.95
N VAL A 115 -11.63 -3.47 -1.29
CA VAL A 115 -11.73 -3.34 0.15
C VAL A 115 -11.03 -4.49 0.86
N LEU A 116 -9.87 -4.20 1.45
CA LEU A 116 -9.09 -5.22 2.15
C LEU A 116 -9.67 -5.46 3.55
N LYS A 117 -9.38 -4.55 4.47
CA LYS A 117 -9.87 -4.68 5.84
C LYS A 117 -11.25 -4.05 5.97
N LYS A 118 -12.27 -4.89 6.13
CA LYS A 118 -13.64 -4.42 6.26
C LYS A 118 -13.78 -3.50 7.47
N GLY A 119 -14.24 -2.28 7.23
CA GLY A 119 -14.42 -1.33 8.31
C GLY A 119 -15.88 -1.23 8.75
N ASP A 120 -16.22 -0.12 9.39
CA ASP A 120 -17.58 0.10 9.89
C ASP A 120 -18.62 -0.46 8.92
N LYS A 121 -18.46 -0.13 7.65
CA LYS A 121 -19.38 -0.58 6.60
C LYS A 121 -20.76 0.06 6.79
N THR A 122 -20.75 1.32 7.22
CA THR A 122 -21.99 2.06 7.44
C THR A 122 -21.74 3.56 7.30
N ASN A 123 -20.65 4.05 7.89
CA ASN A 123 -20.30 5.46 7.80
C ASN A 123 -19.45 5.75 6.58
N PHE A 124 -20.09 6.23 5.52
CA PHE A 124 -19.39 6.55 4.28
C PHE A 124 -19.35 8.06 4.06
N PRO A 125 -18.26 8.57 3.45
CA PRO A 125 -18.11 10.00 3.18
C PRO A 125 -19.28 10.57 2.39
N LYS A 126 -19.88 11.63 2.92
CA LYS A 126 -21.01 12.27 2.27
C LYS A 126 -20.58 13.53 1.53
N LYS A 127 -21.30 13.88 0.48
CA LYS A 127 -20.98 15.07 -0.31
C LYS A 127 -20.92 16.31 0.57
N GLY A 128 -19.71 16.86 0.73
CA GLY A 128 -19.54 18.03 1.56
C GLY A 128 -19.02 17.70 2.94
N ASP A 129 -19.00 16.42 3.29
CA ASP A 129 -18.53 15.99 4.60
C ASP A 129 -17.03 15.76 4.58
N VAL A 130 -16.35 16.27 5.61
CA VAL A 130 -14.90 16.13 5.72
C VAL A 130 -14.51 14.68 6.03
N VAL A 131 -13.24 14.35 5.81
CA VAL A 131 -12.74 13.01 6.07
C VAL A 131 -11.24 13.02 6.36
N HIS A 132 -10.79 12.12 7.22
CA HIS A 132 -9.38 12.05 7.56
C HIS A 132 -8.85 10.62 7.39
N CYS A 133 -7.89 10.46 6.49
CA CYS A 133 -7.31 9.16 6.23
C CYS A 133 -5.87 9.27 5.73
N TRP A 134 -5.16 8.15 5.72
CA TRP A 134 -3.78 8.12 5.25
C TRP A 134 -3.71 7.55 3.84
N TYR A 135 -2.59 7.75 3.16
CA TYR A 135 -2.43 7.26 1.80
C TYR A 135 -0.96 7.16 1.39
N THR A 136 -0.61 6.04 0.78
CA THR A 136 0.76 5.82 0.31
C THR A 136 0.77 5.49 -1.17
N GLY A 137 1.26 6.43 -1.98
CA GLY A 137 1.30 6.22 -3.42
C GLY A 137 2.63 5.68 -3.92
N THR A 138 2.56 4.83 -4.94
CA THR A 138 3.76 4.24 -5.53
C THR A 138 3.54 3.94 -7.01
N LEU A 139 4.62 4.00 -7.78
CA LEU A 139 4.55 3.72 -9.21
C LEU A 139 4.74 2.24 -9.48
N GLN A 140 4.78 1.87 -10.77
CA GLN A 140 4.96 0.48 -11.16
C GLN A 140 6.23 -0.09 -10.55
N ASP A 141 7.30 0.68 -10.59
CA ASP A 141 8.59 0.26 -10.06
C ASP A 141 8.63 0.44 -8.54
N GLY A 142 7.70 1.23 -8.01
CA GLY A 142 7.65 1.46 -6.57
C GLY A 142 8.12 2.86 -6.20
N THR A 143 7.99 3.80 -7.12
CA THR A 143 8.40 5.18 -6.88
C THR A 143 7.32 5.93 -6.12
N VAL A 144 7.63 6.30 -4.87
CA VAL A 144 6.67 7.03 -4.05
C VAL A 144 6.42 8.43 -4.60
N PHE A 145 5.15 8.76 -4.80
CA PHE A 145 4.77 10.06 -5.33
C PHE A 145 3.99 10.87 -4.31
N ASP A 146 3.29 10.18 -3.41
CA ASP A 146 2.51 10.84 -2.37
C ASP A 146 2.29 9.91 -1.18
N THR A 147 2.92 10.25 -0.06
CA THR A 147 2.79 9.45 1.15
C THR A 147 2.75 10.32 2.40
N ASN A 148 1.57 10.40 3.02
CA ASN A 148 1.40 11.20 4.23
C ASN A 148 1.37 10.33 5.47
N ILE A 149 2.00 9.15 5.38
CA ILE A 149 2.06 8.22 6.49
C ILE A 149 3.16 8.61 7.48
N GLN A 150 2.80 9.38 8.49
CA GLN A 150 3.76 9.82 9.50
C GLN A 150 3.75 8.89 10.71
N THR A 151 4.46 9.28 11.76
CA THR A 151 4.54 8.47 12.97
C THR A 151 3.15 8.28 13.58
N SER A 152 3.05 7.33 14.51
CA SER A 152 1.78 7.05 15.17
C SER A 152 1.46 8.11 16.21
N ALA A 153 0.19 8.17 16.61
CA ALA A 153 -0.25 9.14 17.60
C ALA A 153 0.07 8.68 19.02
N LYS A 154 -0.06 7.37 19.24
CA LYS A 154 0.21 6.79 20.55
C LYS A 154 1.65 7.04 20.96
N LYS A 155 2.55 7.07 19.99
CA LYS A 155 3.97 7.31 20.25
C LYS A 155 4.27 8.80 20.31
N LYS A 156 4.07 9.47 19.18
CA LYS A 156 4.31 10.90 19.08
C LYS A 156 3.04 11.65 18.68
N LYS A 157 2.92 12.90 19.14
CA LYS A 157 1.76 13.71 18.84
C LYS A 157 2.05 14.66 17.69
N ASN A 158 2.92 14.24 16.77
CA ASN A 158 3.28 15.06 15.62
C ASN A 158 2.91 14.36 14.32
N ALA A 159 1.71 13.79 14.28
CA ALA A 159 1.24 13.09 13.09
C ALA A 159 -0.28 13.06 13.05
N LYS A 160 -0.84 13.47 11.92
CA LYS A 160 -2.29 13.50 11.74
C LYS A 160 -2.67 13.20 10.29
N PRO A 161 -3.83 12.54 10.08
CA PRO A 161 -4.30 12.20 8.73
C PRO A 161 -4.74 13.43 7.94
N LEU A 162 -4.76 13.30 6.62
CA LEU A 162 -5.16 14.40 5.75
C LEU A 162 -6.68 14.56 5.75
N SER A 163 -7.14 15.76 6.10
CA SER A 163 -8.58 16.02 6.14
C SER A 163 -9.05 16.73 4.88
N PHE A 164 -10.00 16.12 4.20
CA PHE A 164 -10.56 16.69 2.97
C PHE A 164 -12.00 16.24 2.78
N LYS A 165 -12.84 17.15 2.26
CA LYS A 165 -14.24 16.83 2.04
C LYS A 165 -14.44 16.08 0.74
N VAL A 166 -15.36 15.12 0.76
CA VAL A 166 -15.65 14.30 -0.42
C VAL A 166 -16.71 14.96 -1.29
N GLY A 167 -16.62 14.73 -2.59
CA GLY A 167 -17.58 15.30 -3.53
C GLY A 167 -17.43 16.80 -3.66
N VAL A 168 -16.23 17.30 -3.36
CA VAL A 168 -15.96 18.73 -3.45
C VAL A 168 -14.67 19.01 -4.22
N GLY A 169 -14.47 18.27 -5.30
CA GLY A 169 -13.28 18.44 -6.12
C GLY A 169 -12.02 18.67 -5.29
N LYS A 170 -11.96 18.02 -4.13
CA LYS A 170 -10.81 18.15 -3.25
C LYS A 170 -9.69 17.23 -3.71
N VAL A 171 -10.06 16.09 -4.25
CA VAL A 171 -9.09 15.11 -4.75
C VAL A 171 -9.41 14.70 -6.18
N ILE A 172 -8.60 13.82 -6.75
CA ILE A 172 -8.81 13.37 -8.11
C ILE A 172 -10.17 12.71 -8.28
N ARG A 173 -10.61 12.56 -9.53
CA ARG A 173 -11.91 11.97 -9.82
C ARG A 173 -11.91 10.46 -9.53
N GLY A 174 -10.73 9.86 -9.66
CA GLY A 174 -10.61 8.43 -9.41
C GLY A 174 -10.62 8.10 -7.93
N TRP A 175 -9.98 8.96 -7.14
CA TRP A 175 -9.92 8.77 -5.70
C TRP A 175 -11.24 9.12 -5.05
N ASP A 176 -11.95 10.09 -5.62
CA ASP A 176 -13.24 10.51 -5.08
C ASP A 176 -14.24 9.36 -5.14
N GLU A 177 -14.25 8.66 -6.25
CA GLU A 177 -15.16 7.53 -6.43
C GLU A 177 -14.77 6.38 -5.51
N ALA A 178 -13.48 6.26 -5.22
CA ALA A 178 -12.98 5.20 -4.35
C ALA A 178 -13.24 5.52 -2.88
N LEU A 179 -12.65 6.62 -2.42
CA LEU A 179 -12.82 7.03 -1.02
C LEU A 179 -14.28 7.20 -0.66
N LEU A 180 -15.09 7.60 -1.65
CA LEU A 180 -16.52 7.80 -1.43
C LEU A 180 -17.19 6.51 -0.96
N THR A 181 -16.68 5.37 -1.44
CA THR A 181 -17.23 4.08 -1.06
C THR A 181 -16.52 3.49 0.15
N MET A 182 -15.52 4.21 0.67
CA MET A 182 -14.76 3.74 1.82
C MET A 182 -15.59 3.86 3.09
N SER A 183 -15.31 3.00 4.07
CA SER A 183 -16.03 3.01 5.33
C SER A 183 -15.12 3.45 6.48
N LYS A 184 -15.75 3.83 7.59
CA LYS A 184 -15.00 4.28 8.77
C LYS A 184 -14.10 3.17 9.31
N GLY A 185 -12.80 3.43 9.32
CA GLY A 185 -11.85 2.44 9.82
C GLY A 185 -11.60 1.32 8.85
N GLU A 186 -11.94 1.53 7.58
CA GLU A 186 -11.75 0.50 6.55
C GLU A 186 -10.45 0.74 5.79
N LYS A 187 -9.81 -0.35 5.38
CA LYS A 187 -8.56 -0.28 4.62
C LYS A 187 -8.75 -0.89 3.25
N ALA A 188 -8.21 -0.22 2.23
CA ALA A 188 -8.34 -0.71 0.86
C ALA A 188 -7.16 -0.32 0.00
N ARG A 189 -7.16 -0.80 -1.24
CA ARG A 189 -6.10 -0.48 -2.19
C ARG A 189 -6.72 -0.20 -3.56
N LEU A 190 -6.25 0.83 -4.23
CA LEU A 190 -6.79 1.18 -5.54
C LEU A 190 -5.69 1.63 -6.50
N GLU A 191 -5.83 1.20 -7.76
CA GLU A 191 -4.87 1.56 -8.80
C GLU A 191 -5.58 2.36 -9.90
N ILE A 192 -5.32 3.66 -9.93
CA ILE A 192 -5.95 4.54 -10.92
C ILE A 192 -5.03 4.76 -12.12
N GLU A 193 -5.65 4.93 -13.29
CA GLU A 193 -4.91 5.17 -14.51
C GLU A 193 -4.51 6.64 -14.63
N PRO A 194 -3.61 6.97 -15.56
CA PRO A 194 -3.15 8.35 -15.76
C PRO A 194 -4.30 9.29 -16.12
N GLU A 195 -5.22 8.81 -16.96
CA GLU A 195 -6.35 9.61 -17.38
C GLU A 195 -7.18 10.10 -16.19
N TRP A 196 -7.06 9.40 -15.06
CA TRP A 196 -7.80 9.77 -13.86
C TRP A 196 -6.85 10.13 -12.71
N ALA A 197 -5.75 10.79 -13.05
CA ALA A 197 -4.77 11.20 -12.05
C ALA A 197 -3.95 12.39 -12.52
N TYR A 198 -2.89 12.13 -13.27
CA TYR A 198 -2.03 13.19 -13.79
C TYR A 198 -2.26 13.40 -15.29
N GLY A 199 -2.69 12.34 -15.96
CA GLY A 199 -2.95 12.43 -17.38
C GLY A 199 -1.90 11.72 -18.23
N LYS A 200 -2.09 11.75 -19.55
CA LYS A 200 -1.16 11.11 -20.47
C LYS A 200 0.23 11.70 -20.33
N LYS A 201 0.29 13.02 -20.09
CA LYS A 201 1.56 13.71 -19.93
C LYS A 201 2.36 13.11 -18.79
N GLY A 202 1.72 12.96 -17.64
CA GLY A 202 2.38 12.40 -16.49
C GLY A 202 2.59 13.41 -15.38
N GLN A 203 3.61 13.19 -14.56
CA GLN A 203 3.93 14.08 -13.46
C GLN A 203 5.43 14.03 -13.13
N PRO A 204 6.24 14.81 -13.86
CA PRO A 204 7.69 14.84 -13.66
C PRO A 204 8.08 15.05 -12.20
N ASP A 205 7.40 15.98 -11.53
CA ASP A 205 7.68 16.27 -10.13
C ASP A 205 7.60 15.01 -9.28
N ALA A 206 6.59 14.19 -9.55
CA ALA A 206 6.39 12.96 -8.81
C ALA A 206 6.99 11.77 -9.55
N LYS A 207 8.01 12.03 -10.36
CA LYS A 207 8.67 10.97 -11.14
C LYS A 207 7.64 10.11 -11.87
N ILE A 208 6.54 10.72 -12.25
CA ILE A 208 5.47 10.01 -12.96
C ILE A 208 5.62 10.19 -14.47
N PRO A 209 5.95 9.11 -15.20
CA PRO A 209 6.11 9.15 -16.65
C PRO A 209 4.78 9.36 -17.37
N PRO A 210 4.81 9.59 -18.70
CA PRO A 210 3.60 9.80 -19.50
C PRO A 210 2.73 8.55 -19.55
N ASN A 211 1.49 8.68 -19.10
CA ASN A 211 0.56 7.56 -19.08
C ASN A 211 1.05 6.44 -18.17
N ALA A 212 1.02 6.69 -16.87
CA ALA A 212 1.47 5.70 -15.89
C ALA A 212 0.37 5.37 -14.89
N LYS A 213 0.46 4.17 -14.31
CA LYS A 213 -0.53 3.73 -13.33
C LYS A 213 -0.09 4.11 -11.92
N LEU A 214 -1.07 4.36 -11.05
CA LEU A 214 -0.77 4.74 -9.67
C LEU A 214 -1.58 3.92 -8.68
N THR A 215 -0.89 3.04 -7.95
CA THR A 215 -1.53 2.19 -6.97
C THR A 215 -1.14 2.60 -5.55
N PHE A 216 -2.11 2.57 -4.64
CA PHE A 216 -1.85 2.95 -3.25
C PHE A 216 -2.86 2.30 -2.31
N GLU A 217 -2.71 2.59 -1.02
CA GLU A 217 -3.61 2.06 0.00
C GLU A 217 -4.06 3.17 0.94
N VAL A 218 -5.34 3.18 1.27
CA VAL A 218 -5.90 4.20 2.13
C VAL A 218 -6.53 3.61 3.39
N GLU A 219 -6.50 4.37 4.47
CA GLU A 219 -7.09 3.94 5.74
C GLU A 219 -7.88 5.07 6.37
N LEU A 220 -9.21 4.94 6.36
CA LEU A 220 -10.08 5.95 6.93
C LEU A 220 -9.96 5.98 8.45
N VAL A 221 -9.74 7.17 9.00
CA VAL A 221 -9.60 7.34 10.44
C VAL A 221 -10.84 7.98 11.06
N ASP A 222 -11.50 8.85 10.29
CA ASP A 222 -12.71 9.52 10.78
C ASP A 222 -13.41 10.26 9.65
N ILE A 223 -14.68 10.58 9.87
CA ILE A 223 -15.48 11.29 8.88
C ILE A 223 -16.39 12.32 9.54
N ASP A 224 -16.08 13.60 9.33
CA ASP A 224 -16.88 14.68 9.91
C ASP A 224 -17.59 15.47 8.83
N MET A 1 5.70 -3.73 -10.00
CA MET A 1 4.46 -3.91 -10.81
C MET A 1 3.23 -3.99 -9.93
N ALA A 2 3.23 -4.95 -9.00
CA ALA A 2 2.12 -5.14 -8.09
C ALA A 2 2.59 -5.31 -6.66
N ALA A 3 3.07 -4.22 -6.07
CA ALA A 3 3.57 -4.24 -4.70
C ALA A 3 3.95 -2.85 -4.23
N ALA A 4 2.94 -2.01 -3.98
CA ALA A 4 3.19 -0.64 -3.53
C ALA A 4 3.12 -0.55 -2.01
N VAL A 5 3.45 0.63 -1.48
CA VAL A 5 3.43 0.85 -0.04
C VAL A 5 2.03 0.61 0.54
N PRO A 6 1.85 -0.47 1.31
CA PRO A 6 0.56 -0.82 1.91
C PRO A 6 0.30 -0.06 3.21
N GLN A 7 -0.97 0.14 3.53
CA GLN A 7 -1.36 0.84 4.75
C GLN A 7 -1.43 -0.11 5.93
N ARG A 8 -1.20 0.42 7.13
CA ARG A 8 -1.23 -0.37 8.35
C ARG A 8 -2.56 -1.12 8.48
N ALA A 9 -2.47 -2.43 8.67
CA ALA A 9 -3.67 -3.27 8.82
C ALA A 9 -4.00 -3.47 10.29
N TRP A 10 -2.97 -3.51 11.13
CA TRP A 10 -3.14 -3.70 12.56
C TRP A 10 -2.72 -2.45 13.33
N THR A 11 -2.96 -2.47 14.64
CA THR A 11 -2.61 -1.34 15.48
C THR A 11 -1.55 -1.74 16.50
N VAL A 12 -0.74 -0.78 16.92
CA VAL A 12 0.32 -1.03 17.90
C VAL A 12 -0.26 -1.66 19.17
N GLU A 13 -1.47 -1.25 19.51
CA GLU A 13 -2.14 -1.77 20.70
C GLU A 13 -2.62 -3.19 20.49
N GLN A 14 -2.86 -3.56 19.23
CA GLN A 14 -3.31 -4.91 18.90
C GLN A 14 -2.15 -5.89 18.84
N LEU A 15 -1.16 -5.58 18.01
CA LEU A 15 0.02 -6.44 17.86
C LEU A 15 0.60 -6.80 19.22
N ARG A 16 1.11 -5.79 19.92
CA ARG A 16 1.71 -6.00 21.24
C ARG A 16 0.75 -6.73 22.18
N SER A 17 -0.55 -6.61 21.91
CA SER A 17 -1.56 -7.27 22.73
C SER A 17 -1.30 -8.77 22.85
N GLU A 18 -2.13 -9.44 23.63
CA GLU A 18 -2.01 -10.89 23.83
C GLU A 18 -3.16 -11.63 23.16
N GLN A 19 -3.87 -10.96 22.26
CA GLN A 19 -4.99 -11.58 21.55
C GLN A 19 -4.69 -11.77 20.07
N LEU A 20 -3.75 -10.97 19.55
CA LEU A 20 -3.37 -11.06 18.14
C LEU A 20 -2.23 -12.06 17.95
N PRO A 21 -2.49 -13.17 17.24
CA PRO A 21 -1.46 -14.19 16.98
C PRO A 21 -0.25 -13.63 16.26
N LYS A 22 0.93 -13.83 16.83
CA LYS A 22 2.18 -13.34 16.25
C LYS A 22 2.43 -13.99 14.89
N LYS A 23 1.86 -15.17 14.68
CA LYS A 23 2.03 -15.89 13.42
C LYS A 23 1.69 -15.01 12.22
N ASP A 24 0.70 -14.15 12.39
CA ASP A 24 0.27 -13.26 11.32
C ASP A 24 1.28 -12.13 11.10
N ILE A 25 1.54 -11.39 12.16
CA ILE A 25 2.48 -10.27 12.12
C ILE A 25 3.75 -10.65 11.36
N ILE A 26 4.15 -11.91 11.47
CA ILE A 26 5.35 -12.40 10.79
C ILE A 26 5.10 -12.57 9.30
N LYS A 27 3.94 -13.12 8.97
CA LYS A 27 3.56 -13.35 7.58
C LYS A 27 3.25 -12.04 6.87
N PHE A 28 2.87 -11.02 7.63
CA PHE A 28 2.55 -9.72 7.07
C PHE A 28 3.82 -9.03 6.57
N LEU A 29 4.86 -9.09 7.37
CA LEU A 29 6.13 -8.47 7.02
C LEU A 29 6.84 -9.26 5.92
N GLN A 30 6.47 -10.53 5.79
CA GLN A 30 7.08 -11.39 4.77
C GLN A 30 6.38 -11.20 3.41
N GLU A 31 5.13 -10.78 3.45
CA GLU A 31 4.36 -10.56 2.22
C GLU A 31 4.30 -9.07 1.85
N HIS A 32 4.91 -8.23 2.67
CA HIS A 32 4.91 -6.79 2.43
C HIS A 32 6.31 -6.20 2.57
N GLY A 33 7.27 -7.01 3.02
CA GLY A 33 8.63 -6.54 3.19
C GLY A 33 9.61 -7.29 2.32
N SER A 34 10.81 -6.73 2.15
CA SER A 34 11.84 -7.36 1.34
C SER A 34 12.73 -8.26 2.21
N ASP A 35 13.22 -9.34 1.62
CA ASP A 35 14.08 -10.28 2.35
C ASP A 35 15.18 -9.54 3.11
N SER A 36 15.97 -8.75 2.38
CA SER A 36 17.06 -7.99 3.00
C SER A 36 16.55 -7.24 4.22
N PHE A 37 15.45 -6.51 4.04
CA PHE A 37 14.85 -5.74 5.12
C PHE A 37 14.60 -6.64 6.33
N LEU A 38 13.99 -7.79 6.08
CA LEU A 38 13.69 -8.74 7.16
C LEU A 38 14.97 -9.29 7.76
N ALA A 39 15.96 -9.57 6.90
CA ALA A 39 17.24 -10.10 7.36
C ALA A 39 17.78 -9.30 8.54
N GLU A 40 17.75 -7.98 8.41
CA GLU A 40 18.22 -7.10 9.46
C GLU A 40 17.47 -7.34 10.76
N HIS A 41 16.23 -7.83 10.64
CA HIS A 41 15.40 -8.12 11.81
C HIS A 41 15.18 -9.62 11.97
N LYS A 42 15.92 -10.42 11.20
CA LYS A 42 15.79 -11.88 11.26
C LYS A 42 14.33 -12.31 11.16
N LEU A 43 13.56 -11.56 10.37
CA LEU A 43 12.14 -11.84 10.18
C LEU A 43 11.90 -12.73 8.97
N LEU A 44 12.86 -12.76 8.05
CA LEU A 44 12.74 -13.56 6.84
C LEU A 44 13.05 -15.03 7.12
N GLY A 45 12.55 -15.91 6.25
CA GLY A 45 12.79 -17.33 6.41
C GLY A 45 11.50 -18.10 6.66
N ASN A 46 11.42 -18.78 7.79
CA ASN A 46 10.24 -19.55 8.14
C ASN A 46 9.57 -19.00 9.39
N ILE A 47 8.34 -18.51 9.24
CA ILE A 47 7.58 -17.95 10.35
C ILE A 47 7.67 -18.84 11.58
N LYS A 48 7.29 -20.10 11.42
CA LYS A 48 7.31 -21.06 12.51
C LYS A 48 8.63 -21.00 13.27
N ASN A 49 9.71 -20.77 12.53
CA ASN A 49 11.04 -20.68 13.12
C ASN A 49 11.34 -19.27 13.61
N VAL A 50 10.68 -18.29 13.01
CA VAL A 50 10.87 -16.89 13.39
C VAL A 50 10.02 -16.53 14.60
N ALA A 51 8.91 -17.24 14.80
CA ALA A 51 8.03 -16.98 15.93
C ALA A 51 8.69 -17.34 17.25
N LYS A 52 9.77 -18.11 17.18
CA LYS A 52 10.49 -18.53 18.39
C LYS A 52 11.65 -17.59 18.69
N THR A 53 12.26 -17.07 17.63
CA THR A 53 13.39 -16.16 17.77
C THR A 53 12.91 -14.71 17.91
N ALA A 54 11.78 -14.41 17.29
CA ALA A 54 11.21 -13.07 17.36
C ALA A 54 10.18 -12.96 18.47
N ASN A 55 10.36 -11.97 19.34
CA ASN A 55 9.43 -11.75 20.45
C ASN A 55 8.21 -10.97 19.99
N LYS A 56 7.27 -10.76 20.90
CA LYS A 56 6.04 -10.02 20.57
C LYS A 56 6.39 -8.62 20.08
N ASP A 57 7.08 -7.86 20.91
CA ASP A 57 7.48 -6.50 20.57
C ASP A 57 8.45 -6.51 19.39
N HIS A 58 9.18 -7.61 19.25
CA HIS A 58 10.14 -7.76 18.16
C HIS A 58 9.43 -7.70 16.82
N LEU A 59 8.26 -8.34 16.75
CA LEU A 59 7.47 -8.37 15.53
C LEU A 59 6.75 -7.04 15.32
N VAL A 60 6.39 -6.38 16.42
CA VAL A 60 5.70 -5.10 16.34
C VAL A 60 6.68 -3.98 16.01
N THR A 61 7.83 -4.01 16.66
CA THR A 61 8.86 -3.01 16.43
C THR A 61 9.30 -3.01 14.97
N ALA A 62 9.33 -4.21 14.37
CA ALA A 62 9.71 -4.35 12.98
C ALA A 62 8.56 -3.99 12.05
N TYR A 63 7.34 -4.06 12.59
CA TYR A 63 6.15 -3.73 11.81
C TYR A 63 5.90 -2.22 11.82
N ASN A 64 6.44 -1.54 12.82
CA ASN A 64 6.28 -0.09 12.93
C ASN A 64 7.34 0.64 12.12
N HIS A 65 8.60 0.30 12.37
CA HIS A 65 9.71 0.92 11.67
C HIS A 65 9.60 0.67 10.16
N LEU A 66 8.89 -0.39 9.78
CA LEU A 66 8.72 -0.72 8.37
C LEU A 66 8.36 0.52 7.57
N PHE A 67 7.43 1.30 8.11
CA PHE A 67 7.00 2.53 7.46
C PHE A 67 8.01 3.64 7.74
N GLU A 68 8.53 3.65 8.97
CA GLU A 68 9.52 4.64 9.37
C GLU A 68 10.80 4.51 8.56
N THR A 69 10.97 3.37 7.90
CA THR A 69 12.15 3.12 7.08
C THR A 69 11.79 2.92 5.62
N LYS A 70 10.49 2.75 5.33
CA LYS A 70 10.03 2.56 3.97
C LYS A 70 10.79 1.44 3.28
N ARG A 71 11.16 0.42 4.06
CA ARG A 71 11.91 -0.72 3.53
C ARG A 71 10.97 -1.88 3.22
N PHE A 72 9.86 -1.59 2.57
CA PHE A 72 8.88 -2.61 2.22
C PHE A 72 9.42 -3.52 1.11
N LYS A 73 8.60 -4.48 0.68
CA LYS A 73 9.00 -5.40 -0.37
C LYS A 73 9.00 -4.72 -1.73
N GLY A 74 9.97 -5.05 -2.56
CA GLY A 74 10.06 -4.45 -3.88
C GLY A 74 10.78 -5.35 -4.87
N THR A 75 10.30 -5.34 -6.12
CA THR A 75 10.90 -6.16 -7.18
C THR A 75 11.03 -7.62 -6.75
N GLU A 76 12.13 -7.97 -6.10
CA GLU A 76 12.37 -9.33 -5.65
C GLU A 76 12.47 -10.29 -6.84
N SER A 77 11.33 -10.68 -7.37
CA SER A 77 11.29 -11.59 -8.51
C SER A 77 10.08 -11.31 -9.39
N ILE A 78 8.91 -11.77 -8.96
CA ILE A 78 7.67 -11.57 -9.70
C ILE A 78 7.67 -12.39 -10.98
N SER A 79 8.54 -12.02 -11.91
CA SER A 79 8.65 -12.72 -13.19
C SER A 79 9.90 -13.59 -13.24
N LYS A 80 9.76 -14.79 -13.77
CA LYS A 80 10.88 -15.72 -13.88
C LYS A 80 10.57 -16.82 -14.89
N VAL A 81 11.08 -16.64 -16.11
CA VAL A 81 10.86 -17.62 -17.18
C VAL A 81 12.14 -18.39 -17.47
N SER A 82 12.04 -19.38 -18.35
CA SER A 82 13.18 -20.20 -18.73
C SER A 82 13.69 -19.83 -20.11
N GLU A 83 14.78 -20.46 -20.54
CA GLU A 83 15.35 -20.19 -21.85
C GLU A 83 16.00 -21.44 -22.43
N GLN A 84 16.08 -21.50 -23.75
CA GLN A 84 16.67 -22.65 -24.42
C GLN A 84 18.04 -22.29 -25.01
N VAL A 85 18.74 -21.38 -24.35
CA VAL A 85 20.05 -20.95 -24.81
C VAL A 85 19.97 -20.34 -26.20
N LYS A 86 20.17 -19.02 -26.28
CA LYS A 86 20.12 -18.32 -27.56
C LYS A 86 20.79 -16.96 -27.46
N ASN A 87 20.27 -16.10 -26.59
CA ASN A 87 20.82 -14.77 -26.40
C ASN A 87 20.67 -14.31 -24.95
N VAL A 88 21.55 -13.43 -24.51
CA VAL A 88 21.51 -12.92 -23.14
C VAL A 88 20.61 -11.69 -23.04
N LYS A 89 19.36 -11.92 -22.64
CA LYS A 89 18.40 -10.83 -22.50
C LYS A 89 18.40 -10.29 -21.08
N LEU A 90 19.25 -9.30 -20.83
CA LEU A 90 19.35 -8.68 -19.51
C LEU A 90 18.61 -7.35 -19.47
N ASN A 91 18.59 -6.66 -20.61
CA ASN A 91 17.91 -5.37 -20.71
C ASN A 91 16.78 -5.42 -21.73
N GLU A 92 15.56 -5.21 -21.26
CA GLU A 92 14.39 -5.24 -22.13
C GLU A 92 14.07 -3.84 -22.65
N ASP A 93 13.56 -3.77 -23.88
CA ASP A 93 13.21 -2.49 -24.48
C ASP A 93 11.70 -2.29 -24.50
N LYS A 94 10.96 -3.40 -24.65
CA LYS A 94 9.50 -3.35 -24.70
C LYS A 94 8.90 -4.63 -24.12
N PRO A 95 7.72 -4.52 -23.49
CA PRO A 95 7.04 -5.67 -22.90
C PRO A 95 6.47 -6.62 -23.95
N LYS A 96 6.95 -7.85 -23.95
CA LYS A 96 6.49 -8.85 -24.90
C LYS A 96 5.70 -9.96 -24.20
N GLU A 97 6.13 -10.29 -22.99
CA GLU A 97 5.47 -11.33 -22.21
C GLU A 97 5.73 -11.15 -20.72
N THR A 98 4.74 -11.47 -19.90
CA THR A 98 4.87 -11.33 -18.46
C THR A 98 4.02 -12.37 -17.74
N LYS A 99 2.70 -12.21 -17.83
CA LYS A 99 1.77 -13.13 -17.20
C LYS A 99 0.33 -12.73 -17.47
N SER A 100 0.07 -11.42 -17.47
CA SER A 100 -1.26 -10.90 -17.73
C SER A 100 -2.26 -11.44 -16.71
N GLU A 101 -2.57 -10.61 -15.71
CA GLU A 101 -3.51 -11.00 -14.66
C GLU A 101 -4.88 -10.34 -14.89
N GLU A 102 -4.87 -9.17 -15.50
CA GLU A 102 -6.10 -8.45 -15.78
C GLU A 102 -6.55 -8.65 -17.21
N THR A 103 -7.78 -8.26 -17.51
CA THR A 103 -8.34 -8.41 -18.86
C THR A 103 -9.66 -7.66 -18.99
N LEU A 104 -9.66 -6.63 -19.84
CA LEU A 104 -10.87 -5.84 -20.06
C LEU A 104 -12.00 -6.70 -20.59
N ASP A 105 -13.24 -6.27 -20.35
CA ASP A 105 -14.41 -7.00 -20.80
C ASP A 105 -15.69 -6.22 -20.50
N GLU A 106 -15.74 -5.60 -19.33
CA GLU A 106 -16.90 -4.82 -18.92
C GLU A 106 -16.66 -3.33 -19.15
N GLY A 107 -15.40 -2.92 -19.03
CA GLY A 107 -15.07 -1.52 -19.22
C GLY A 107 -14.94 -0.75 -17.91
N PRO A 108 -13.96 -1.12 -17.06
CA PRO A 108 -13.75 -0.46 -15.78
C PRO A 108 -13.21 0.96 -15.93
N PRO A 109 -13.35 1.79 -14.89
CA PRO A 109 -12.87 3.18 -14.91
C PRO A 109 -11.39 3.28 -15.24
N LYS A 110 -10.80 4.43 -14.93
CA LYS A 110 -9.38 4.65 -15.19
C LYS A 110 -8.55 4.41 -13.93
N TYR A 111 -8.94 3.41 -13.16
CA TYR A 111 -8.23 3.06 -11.92
C TYR A 111 -8.69 1.71 -11.39
N THR A 112 -7.80 1.02 -10.69
CA THR A 112 -8.11 -0.28 -10.12
C THR A 112 -8.11 -0.20 -8.60
N LYS A 113 -9.17 -0.71 -7.98
CA LYS A 113 -9.29 -0.69 -6.52
C LYS A 113 -9.65 -2.06 -5.98
N SER A 114 -9.11 -2.38 -4.81
CA SER A 114 -9.36 -3.65 -4.16
C SER A 114 -9.53 -3.46 -2.65
N VAL A 115 -10.70 -3.85 -2.13
CA VAL A 115 -10.97 -3.71 -0.70
C VAL A 115 -10.25 -4.79 0.10
N LEU A 116 -9.20 -4.39 0.80
CA LEU A 116 -8.42 -5.31 1.62
C LEU A 116 -9.16 -5.66 2.91
N LYS A 117 -9.17 -4.71 3.85
CA LYS A 117 -9.84 -4.92 5.13
C LYS A 117 -11.24 -4.30 5.11
N LYS A 118 -12.25 -5.15 5.06
CA LYS A 118 -13.63 -4.69 5.04
C LYS A 118 -13.95 -3.85 6.27
N GLY A 119 -14.46 -2.65 6.04
CA GLY A 119 -14.79 -1.76 7.15
C GLY A 119 -16.18 -2.02 7.69
N ASP A 120 -16.62 -1.18 8.62
CA ASP A 120 -17.94 -1.32 9.23
C ASP A 120 -19.00 -1.69 8.20
N LYS A 121 -18.93 -1.08 7.02
CA LYS A 121 -19.87 -1.33 5.95
C LYS A 121 -21.22 -0.71 6.26
N THR A 122 -21.19 0.53 6.75
CA THR A 122 -22.40 1.26 7.10
C THR A 122 -22.13 2.76 7.09
N ASN A 123 -21.02 3.16 7.70
CA ASN A 123 -20.65 4.57 7.77
C ASN A 123 -19.74 4.94 6.59
N PHE A 124 -20.34 5.51 5.55
CA PHE A 124 -19.60 5.91 4.36
C PHE A 124 -19.54 7.43 4.25
N PRO A 125 -18.53 7.96 3.54
CA PRO A 125 -18.37 9.41 3.35
C PRO A 125 -19.45 10.01 2.47
N LYS A 126 -20.13 11.03 2.98
CA LYS A 126 -21.21 11.68 2.24
C LYS A 126 -20.72 12.99 1.63
N LYS A 127 -21.33 13.38 0.52
CA LYS A 127 -20.96 14.62 -0.17
C LYS A 127 -21.12 15.83 0.76
N GLY A 128 -20.01 16.48 1.06
CA GLY A 128 -20.04 17.64 1.93
C GLY A 128 -19.51 17.34 3.32
N ASP A 129 -19.52 16.07 3.70
CA ASP A 129 -19.04 15.67 5.02
C ASP A 129 -17.53 15.43 4.99
N VAL A 130 -16.85 15.87 6.04
CA VAL A 130 -15.41 15.71 6.13
C VAL A 130 -15.03 14.24 6.34
N VAL A 131 -13.73 13.97 6.27
CA VAL A 131 -13.21 12.62 6.45
C VAL A 131 -11.76 12.65 6.89
N HIS A 132 -11.36 11.69 7.73
CA HIS A 132 -9.98 11.64 8.20
C HIS A 132 -9.40 10.25 7.97
N CYS A 133 -8.35 10.18 7.16
CA CYS A 133 -7.72 8.91 6.86
C CYS A 133 -6.25 9.10 6.47
N TRP A 134 -5.53 7.99 6.36
CA TRP A 134 -4.12 8.02 5.99
C TRP A 134 -3.95 7.52 4.56
N TYR A 135 -2.81 7.82 3.94
CA TYR A 135 -2.55 7.37 2.58
C TYR A 135 -1.07 7.42 2.23
N THR A 136 -0.60 6.38 1.54
CA THR A 136 0.79 6.30 1.14
C THR A 136 0.89 6.02 -0.36
N GLY A 137 1.40 7.01 -1.11
CA GLY A 137 1.53 6.86 -2.54
C GLY A 137 2.91 6.38 -2.96
N THR A 138 2.95 5.52 -3.98
CA THR A 138 4.20 4.99 -4.48
C THR A 138 4.12 4.74 -5.99
N LEU A 139 5.22 4.97 -6.68
CA LEU A 139 5.27 4.77 -8.13
C LEU A 139 5.54 3.31 -8.47
N GLN A 140 5.65 3.02 -9.76
CA GLN A 140 5.91 1.66 -10.22
C GLN A 140 7.22 1.13 -9.64
N ASP A 141 8.24 1.98 -9.65
CA ASP A 141 9.55 1.60 -9.12
C ASP A 141 9.55 1.57 -7.59
N GLY A 142 8.46 2.03 -6.99
CA GLY A 142 8.37 2.05 -5.54
C GLY A 142 8.84 3.35 -4.94
N THR A 143 8.78 4.42 -5.72
CA THR A 143 9.20 5.74 -5.27
C THR A 143 8.01 6.52 -4.72
N VAL A 144 8.02 6.78 -3.41
CA VAL A 144 6.94 7.52 -2.77
C VAL A 144 6.86 8.94 -3.30
N PHE A 145 5.65 9.36 -3.67
CA PHE A 145 5.43 10.69 -4.20
C PHE A 145 4.66 11.55 -3.18
N ASP A 146 3.85 10.90 -2.36
CA ASP A 146 3.07 11.60 -1.35
C ASP A 146 2.46 10.62 -0.36
N THR A 147 2.77 10.79 0.93
CA THR A 147 2.26 9.91 1.96
C THR A 147 1.94 10.68 3.24
N ASN A 148 0.70 10.57 3.70
CA ASN A 148 0.26 11.25 4.90
C ASN A 148 0.45 10.37 6.13
N ILE A 149 1.58 9.66 6.18
CA ILE A 149 1.88 8.77 7.29
C ILE A 149 3.07 9.28 8.09
N GLN A 150 2.78 9.94 9.20
CA GLN A 150 3.84 10.49 10.06
C GLN A 150 4.17 9.53 11.20
N THR A 151 3.33 9.53 12.23
CA THR A 151 3.53 8.67 13.39
C THR A 151 2.19 8.21 13.97
N SER A 152 2.25 7.20 14.83
CA SER A 152 1.03 6.68 15.46
C SER A 152 0.53 7.63 16.54
N ALA A 153 -0.79 7.61 16.77
CA ALA A 153 -1.41 8.47 17.76
C ALA A 153 -1.26 7.89 19.16
N LYS A 154 -1.22 6.57 19.25
CA LYS A 154 -1.08 5.88 20.52
C LYS A 154 0.32 6.07 21.10
N LYS A 155 1.31 6.13 20.21
CA LYS A 155 2.70 6.31 20.62
C LYS A 155 2.99 7.77 20.94
N LYS A 156 2.37 8.67 20.20
CA LYS A 156 2.55 10.10 20.42
C LYS A 156 1.32 10.88 19.95
N LYS A 157 1.14 12.07 20.52
CA LYS A 157 0.00 12.92 20.16
C LYS A 157 0.42 13.99 19.16
N ASN A 158 1.41 13.66 18.33
CA ASN A 158 1.90 14.60 17.32
C ASN A 158 1.61 14.08 15.92
N ALA A 159 0.43 13.51 15.74
CA ALA A 159 0.03 12.98 14.44
C ALA A 159 -1.48 12.89 14.31
N LYS A 160 -2.01 13.36 13.19
CA LYS A 160 -3.45 13.34 12.95
C LYS A 160 -3.75 13.12 11.46
N PRO A 161 -4.70 12.22 11.15
CA PRO A 161 -5.07 11.93 9.76
C PRO A 161 -5.48 13.18 8.99
N LEU A 162 -5.37 13.12 7.67
CA LEU A 162 -5.73 14.25 6.82
C LEU A 162 -7.25 14.37 6.74
N SER A 163 -7.78 15.53 7.11
CA SER A 163 -9.22 15.76 7.06
C SER A 163 -9.62 16.56 5.82
N PHE A 164 -10.49 15.97 5.01
CA PHE A 164 -10.96 16.62 3.79
C PHE A 164 -12.38 16.16 3.46
N LYS A 165 -13.20 17.09 3.00
CA LYS A 165 -14.59 16.77 2.65
C LYS A 165 -14.67 16.05 1.31
N VAL A 166 -15.49 15.01 1.26
CA VAL A 166 -15.67 14.23 0.03
C VAL A 166 -16.75 14.82 -0.86
N GLY A 167 -16.59 14.65 -2.16
CA GLY A 167 -17.57 15.18 -3.11
C GLY A 167 -17.51 16.69 -3.20
N VAL A 168 -16.37 17.27 -2.84
CA VAL A 168 -16.20 18.72 -2.90
C VAL A 168 -14.90 19.09 -3.60
N GLY A 169 -14.62 18.40 -4.70
CA GLY A 169 -13.41 18.66 -5.46
C GLY A 169 -12.18 18.82 -4.59
N LYS A 170 -12.08 18.01 -3.54
CA LYS A 170 -10.95 18.06 -2.63
C LYS A 170 -9.79 17.23 -3.17
N VAL A 171 -10.09 16.02 -3.60
CA VAL A 171 -9.08 15.12 -4.15
C VAL A 171 -9.35 14.81 -5.60
N ILE A 172 -8.49 13.99 -6.21
CA ILE A 172 -8.65 13.62 -7.61
C ILE A 172 -10.00 12.92 -7.85
N ARG A 173 -10.41 12.88 -9.11
CA ARG A 173 -11.68 12.26 -9.49
C ARG A 173 -11.61 10.74 -9.31
N GLY A 174 -10.41 10.20 -9.42
CA GLY A 174 -10.22 8.77 -9.28
C GLY A 174 -10.28 8.34 -7.83
N TRP A 175 -9.73 9.17 -6.95
CA TRP A 175 -9.71 8.88 -5.52
C TRP A 175 -11.07 9.17 -4.90
N ASP A 176 -11.76 10.16 -5.43
CA ASP A 176 -13.08 10.55 -4.93
C ASP A 176 -14.08 9.43 -5.18
N GLU A 177 -13.92 8.74 -6.31
CA GLU A 177 -14.80 7.64 -6.67
C GLU A 177 -14.48 6.40 -5.84
N ALA A 178 -13.22 6.27 -5.46
CA ALA A 178 -12.78 5.12 -4.67
C ALA A 178 -13.09 5.32 -3.19
N LEU A 179 -12.63 6.44 -2.65
CA LEU A 179 -12.85 6.77 -1.24
C LEU A 179 -14.35 6.92 -0.94
N LEU A 180 -15.14 7.13 -1.99
CA LEU A 180 -16.58 7.30 -1.84
C LEU A 180 -17.21 6.10 -1.13
N THR A 181 -16.55 4.95 -1.19
CA THR A 181 -17.06 3.74 -0.56
C THR A 181 -16.18 3.29 0.60
N MET A 182 -15.34 4.20 1.10
CA MET A 182 -14.45 3.88 2.21
C MET A 182 -15.20 3.87 3.53
N SER A 183 -15.63 2.67 3.95
CA SER A 183 -16.37 2.52 5.20
C SER A 183 -15.50 2.87 6.40
N LYS A 184 -16.13 3.00 7.55
CA LYS A 184 -15.43 3.33 8.79
C LYS A 184 -14.43 2.24 9.14
N GLY A 185 -13.13 2.57 9.08
CA GLY A 185 -12.10 1.61 9.41
C GLY A 185 -11.72 0.73 8.24
N GLU A 186 -12.35 0.96 7.08
CA GLU A 186 -12.07 0.17 5.90
C GLU A 186 -10.72 0.54 5.28
N LYS A 187 -9.98 -0.47 4.85
CA LYS A 187 -8.68 -0.27 4.23
C LYS A 187 -8.69 -0.84 2.81
N ALA A 188 -8.12 -0.10 1.86
CA ALA A 188 -8.09 -0.55 0.47
C ALA A 188 -6.77 -0.22 -0.21
N ARG A 189 -6.58 -0.80 -1.39
CA ARG A 189 -5.39 -0.58 -2.18
C ARG A 189 -5.76 -0.40 -3.66
N LEU A 190 -5.81 0.84 -4.12
CA LEU A 190 -6.17 1.11 -5.50
C LEU A 190 -5.10 1.91 -6.24
N GLU A 191 -5.01 1.68 -7.54
CA GLU A 191 -4.04 2.36 -8.39
C GLU A 191 -4.76 3.17 -9.47
N ILE A 192 -4.59 4.48 -9.42
CA ILE A 192 -5.23 5.36 -10.40
C ILE A 192 -4.28 5.74 -11.52
N GLU A 193 -4.80 5.74 -12.75
CA GLU A 193 -4.01 6.08 -13.92
C GLU A 193 -3.72 7.58 -13.94
N PRO A 194 -2.79 8.03 -14.80
CA PRO A 194 -2.43 9.44 -14.90
C PRO A 194 -3.60 10.31 -15.31
N GLU A 195 -4.40 9.83 -16.26
CA GLU A 195 -5.57 10.57 -16.73
C GLU A 195 -6.47 10.99 -15.57
N TRP A 196 -6.44 10.22 -14.49
CA TRP A 196 -7.26 10.52 -13.32
C TRP A 196 -6.40 10.86 -12.10
N ALA A 197 -5.29 11.56 -12.35
CA ALA A 197 -4.38 11.95 -11.27
C ALA A 197 -3.53 13.16 -11.67
N TYR A 198 -2.45 12.90 -12.39
CA TYR A 198 -1.55 13.97 -12.81
C TYR A 198 -1.71 14.25 -14.30
N GLY A 199 -2.01 13.21 -15.07
CA GLY A 199 -2.21 13.35 -16.49
C GLY A 199 -1.05 12.78 -17.30
N LYS A 200 -1.22 12.75 -18.62
CA LYS A 200 -0.18 12.22 -19.50
C LYS A 200 1.09 13.05 -19.39
N LYS A 201 0.94 14.33 -19.10
CA LYS A 201 2.08 15.23 -18.96
C LYS A 201 3.07 14.71 -17.93
N GLY A 202 2.55 14.41 -16.74
CA GLY A 202 3.39 13.89 -15.67
C GLY A 202 3.59 14.91 -14.55
N GLN A 203 3.93 14.42 -13.37
CA GLN A 203 4.15 15.29 -12.22
C GLN A 203 5.65 15.43 -11.93
N PRO A 204 6.32 16.38 -12.62
CA PRO A 204 7.75 16.63 -12.44
C PRO A 204 8.07 17.16 -11.06
N ASP A 205 7.07 17.72 -10.38
CA ASP A 205 7.26 18.27 -9.05
C ASP A 205 7.76 17.20 -8.09
N ALA A 206 7.21 16.00 -8.18
CA ALA A 206 7.61 14.89 -7.33
C ALA A 206 8.36 13.83 -8.12
N LYS A 207 9.02 14.25 -9.18
CA LYS A 207 9.78 13.32 -10.03
C LYS A 207 8.88 12.23 -10.59
N ILE A 208 7.80 12.64 -11.25
CA ILE A 208 6.85 11.69 -11.83
C ILE A 208 6.84 11.81 -13.36
N PRO A 209 7.33 10.77 -14.07
CA PRO A 209 7.36 10.77 -15.54
C PRO A 209 5.97 10.95 -16.15
N PRO A 210 5.90 11.19 -17.47
CA PRO A 210 4.63 11.38 -18.18
C PRO A 210 3.87 10.07 -18.34
N ASN A 211 2.60 10.08 -17.94
CA ASN A 211 1.76 8.89 -18.04
C ASN A 211 2.27 7.79 -17.12
N ALA A 212 2.05 7.95 -15.81
CA ALA A 212 2.49 6.97 -14.83
C ALA A 212 1.34 6.51 -13.95
N LYS A 213 1.46 5.29 -13.43
CA LYS A 213 0.43 4.72 -12.56
C LYS A 213 0.74 5.02 -11.10
N LEU A 214 -0.29 5.37 -10.33
CA LEU A 214 -0.10 5.70 -8.92
C LEU A 214 -0.91 4.76 -8.03
N THR A 215 -0.20 3.89 -7.32
CA THR A 215 -0.85 2.93 -6.41
C THR A 215 -0.61 3.32 -4.96
N PHE A 216 -1.63 3.16 -4.13
CA PHE A 216 -1.53 3.50 -2.72
C PHE A 216 -2.60 2.78 -1.90
N GLU A 217 -2.61 3.07 -0.60
CA GLU A 217 -3.58 2.46 0.30
C GLU A 217 -4.11 3.49 1.29
N VAL A 218 -5.40 3.40 1.60
CA VAL A 218 -6.03 4.35 2.51
C VAL A 218 -6.65 3.65 3.72
N GLU A 219 -6.73 4.37 4.83
CA GLU A 219 -7.31 3.84 6.06
C GLU A 219 -8.24 4.88 6.69
N LEU A 220 -9.54 4.64 6.58
CA LEU A 220 -10.53 5.55 7.14
C LEU A 220 -10.50 5.50 8.67
N VAL A 221 -10.36 6.67 9.30
CA VAL A 221 -10.31 6.75 10.75
C VAL A 221 -11.59 7.37 11.33
N ASP A 222 -12.22 8.25 10.56
CA ASP A 222 -13.45 8.90 11.01
C ASP A 222 -14.11 9.67 9.87
N ILE A 223 -15.40 9.95 10.03
CA ILE A 223 -16.16 10.69 9.02
C ILE A 223 -17.15 11.64 9.68
N ASP A 224 -16.89 12.94 9.54
CA ASP A 224 -17.76 13.96 10.12
C ASP A 224 -18.34 14.85 9.04
N MET A 1 10.02 -1.21 -12.41
CA MET A 1 9.57 -1.29 -11.00
C MET A 1 8.95 0.02 -10.54
N ALA A 2 8.32 0.00 -9.37
CA ALA A 2 7.68 1.20 -8.83
C ALA A 2 7.47 1.06 -7.32
N ALA A 3 7.36 2.20 -6.64
CA ALA A 3 7.15 2.22 -5.20
C ALA A 3 5.86 1.51 -4.82
N ALA A 4 5.45 1.67 -3.56
CA ALA A 4 4.22 1.06 -3.05
C ALA A 4 4.22 1.01 -1.53
N VAL A 5 3.74 2.09 -0.90
CA VAL A 5 3.69 2.17 0.55
C VAL A 5 2.39 1.56 1.08
N PRO A 6 2.47 0.41 1.76
CA PRO A 6 1.30 -0.26 2.31
C PRO A 6 0.80 0.40 3.59
N GLN A 7 -0.52 0.55 3.71
CA GLN A 7 -1.11 1.17 4.89
C GLN A 7 -1.22 0.17 6.03
N ARG A 8 -1.26 0.68 7.26
CA ARG A 8 -1.35 -0.17 8.45
C ARG A 8 -2.49 -1.18 8.32
N ALA A 9 -2.14 -2.45 8.23
CA ALA A 9 -3.13 -3.50 8.10
C ALA A 9 -3.56 -4.04 9.46
N TRP A 10 -2.79 -3.70 10.50
CA TRP A 10 -3.09 -4.16 11.85
C TRP A 10 -2.86 -3.03 12.86
N THR A 11 -3.23 -3.29 14.11
CA THR A 11 -3.06 -2.30 15.17
C THR A 11 -2.08 -2.79 16.21
N VAL A 12 -1.37 -1.85 16.85
CA VAL A 12 -0.40 -2.21 17.87
C VAL A 12 -1.05 -3.03 18.97
N GLU A 13 -2.33 -2.77 19.22
CA GLU A 13 -3.07 -3.49 20.24
C GLU A 13 -3.44 -4.89 19.77
N GLN A 14 -3.54 -5.07 18.46
CA GLN A 14 -3.88 -6.37 17.89
C GLN A 14 -2.65 -7.26 17.79
N LEU A 15 -1.63 -6.78 17.08
CA LEU A 15 -0.39 -7.54 16.91
C LEU A 15 0.13 -8.04 18.26
N ARG A 16 0.47 -7.10 19.13
CA ARG A 16 0.99 -7.44 20.46
C ARG A 16 0.04 -8.38 21.20
N SER A 17 -1.23 -8.36 20.81
CA SER A 17 -2.24 -9.21 21.45
C SER A 17 -1.88 -10.69 21.28
N GLU A 18 -2.69 -11.55 21.88
CA GLU A 18 -2.49 -12.99 21.80
C GLU A 18 -3.56 -13.67 20.95
N GLN A 19 -4.27 -12.87 20.16
CA GLN A 19 -5.32 -13.40 19.29
C GLN A 19 -4.87 -13.44 17.83
N LEU A 20 -3.93 -12.56 17.48
CA LEU A 20 -3.42 -12.51 16.12
C LEU A 20 -2.19 -13.40 15.95
N PRO A 21 -2.30 -14.49 15.19
CA PRO A 21 -1.18 -15.41 14.96
C PRO A 21 0.05 -14.71 14.39
N LYS A 22 1.20 -14.94 15.00
CA LYS A 22 2.44 -14.33 14.56
C LYS A 22 2.80 -14.76 13.14
N LYS A 23 2.28 -15.92 12.74
CA LYS A 23 2.55 -16.45 11.40
C LYS A 23 2.30 -15.41 10.32
N ASP A 24 1.20 -14.68 10.45
CA ASP A 24 0.85 -13.65 9.48
C ASP A 24 1.75 -12.43 9.63
N ILE A 25 1.79 -11.88 10.84
CA ILE A 25 2.61 -10.70 11.12
C ILE A 25 4.01 -10.83 10.53
N ILE A 26 4.52 -12.05 10.49
CA ILE A 26 5.85 -12.30 9.94
C ILE A 26 5.82 -12.28 8.41
N LYS A 27 4.77 -12.84 7.84
CA LYS A 27 4.62 -12.90 6.40
C LYS A 27 4.27 -11.52 5.83
N PHE A 28 3.66 -10.69 6.67
CA PHE A 28 3.27 -9.34 6.25
C PHE A 28 4.51 -8.47 6.06
N LEU A 29 5.42 -8.54 7.01
CA LEU A 29 6.64 -7.75 6.97
C LEU A 29 7.58 -8.27 5.87
N GLN A 30 7.44 -9.55 5.53
CA GLN A 30 8.27 -10.16 4.50
C GLN A 30 7.83 -9.70 3.11
N GLU A 31 6.56 -9.32 2.98
CA GLU A 31 6.04 -8.86 1.71
C GLU A 31 6.16 -7.34 1.59
N HIS A 32 5.93 -6.65 2.70
CA HIS A 32 6.03 -5.20 2.73
C HIS A 32 7.38 -4.75 3.30
N GLY A 33 8.33 -5.67 3.34
CA GLY A 33 9.65 -5.36 3.86
C GLY A 33 10.76 -5.99 3.05
N SER A 34 11.94 -5.37 3.07
CA SER A 34 13.08 -5.89 2.34
C SER A 34 13.91 -6.82 3.22
N ASP A 35 14.64 -7.74 2.60
CA ASP A 35 15.48 -8.69 3.33
C ASP A 35 16.34 -7.97 4.37
N SER A 36 17.15 -7.02 3.91
CA SER A 36 18.02 -6.26 4.79
C SER A 36 17.25 -5.75 6.01
N PHE A 37 16.12 -5.12 5.75
CA PHE A 37 15.28 -4.59 6.82
C PHE A 37 14.95 -5.68 7.83
N LEU A 38 14.53 -6.83 7.33
CA LEU A 38 14.18 -7.96 8.19
C LEU A 38 15.40 -8.48 8.92
N ALA A 39 16.53 -8.56 8.21
CA ALA A 39 17.77 -9.04 8.79
C ALA A 39 18.05 -8.37 10.13
N GLU A 40 17.80 -7.05 10.17
CA GLU A 40 18.01 -6.27 11.37
C GLU A 40 17.35 -6.93 12.58
N HIS A 41 16.09 -7.29 12.43
CA HIS A 41 15.34 -7.95 13.51
C HIS A 41 15.24 -9.45 13.28
N LYS A 42 16.07 -9.98 12.37
CA LYS A 42 16.07 -11.40 12.07
C LYS A 42 14.69 -11.88 11.66
N LEU A 43 13.99 -11.06 10.89
CA LEU A 43 12.64 -11.39 10.44
C LEU A 43 12.67 -12.16 9.11
N LEU A 44 13.76 -12.01 8.37
CA LEU A 44 13.88 -12.70 7.08
C LEU A 44 14.29 -14.16 7.27
N GLY A 45 13.95 -14.97 6.27
CA GLY A 45 14.27 -16.39 6.34
C GLY A 45 13.03 -17.26 6.29
N ASN A 46 12.84 -18.07 7.34
CA ASN A 46 11.69 -18.96 7.41
C ASN A 46 10.80 -18.59 8.60
N ILE A 47 9.57 -18.16 8.30
CA ILE A 47 8.62 -17.76 9.34
C ILE A 47 8.59 -18.78 10.47
N LYS A 48 8.27 -20.03 10.11
CA LYS A 48 8.20 -21.11 11.09
C LYS A 48 9.40 -21.08 12.03
N ASN A 49 10.57 -20.74 11.48
CA ASN A 49 11.79 -20.67 12.26
C ASN A 49 11.93 -19.30 12.94
N VAL A 50 11.32 -18.29 12.35
CA VAL A 50 11.39 -16.94 12.88
C VAL A 50 10.38 -16.74 14.02
N ALA A 51 9.31 -17.52 14.00
CA ALA A 51 8.27 -17.44 15.02
C ALA A 51 8.78 -17.95 16.36
N LYS A 52 9.91 -18.67 16.34
CA LYS A 52 10.49 -19.22 17.56
C LYS A 52 11.57 -18.30 18.11
N THR A 53 12.30 -17.65 17.21
CA THR A 53 13.37 -16.74 17.60
C THR A 53 12.83 -15.33 17.86
N ALA A 54 11.68 -15.03 17.28
CA ALA A 54 11.07 -13.71 17.46
C ALA A 54 9.83 -13.80 18.35
N ASN A 55 9.71 -12.84 19.27
CA ASN A 55 8.57 -12.81 20.19
C ASN A 55 7.45 -11.93 19.63
N LYS A 56 6.37 -11.78 20.40
CA LYS A 56 5.24 -10.98 19.96
C LYS A 56 5.66 -9.54 19.72
N ASP A 57 6.20 -8.90 20.75
CA ASP A 57 6.66 -7.51 20.64
C ASP A 57 7.71 -7.38 19.55
N HIS A 58 8.44 -8.47 19.30
CA HIS A 58 9.49 -8.47 18.30
C HIS A 58 8.90 -8.20 16.91
N LEU A 59 7.80 -8.87 16.61
CA LEU A 59 7.13 -8.72 15.33
C LEU A 59 6.40 -7.38 15.24
N VAL A 60 5.93 -6.88 16.38
CA VAL A 60 5.23 -5.61 16.40
C VAL A 60 6.21 -4.44 16.38
N THR A 61 7.27 -4.55 17.17
CA THR A 61 8.29 -3.52 17.25
C THR A 61 8.90 -3.26 15.87
N ALA A 62 9.04 -4.34 15.09
CA ALA A 62 9.61 -4.23 13.76
C ALA A 62 8.55 -3.81 12.74
N TYR A 63 7.28 -4.03 13.08
CA TYR A 63 6.17 -3.66 12.21
C TYR A 63 5.80 -2.19 12.37
N ASN A 64 6.14 -1.62 13.52
CA ASN A 64 5.84 -0.22 13.80
C ASN A 64 6.89 0.71 13.18
N HIS A 65 8.14 0.47 13.51
CA HIS A 65 9.23 1.29 13.01
C HIS A 65 9.31 1.24 11.48
N LEU A 66 8.98 0.09 10.91
CA LEU A 66 9.01 -0.10 9.46
C LEU A 66 8.34 1.09 8.74
N PHE A 67 7.23 1.55 9.30
CA PHE A 67 6.50 2.67 8.73
C PHE A 67 7.17 3.99 9.09
N GLU A 68 7.72 4.06 10.30
CA GLU A 68 8.40 5.27 10.76
C GLU A 68 9.67 5.52 9.96
N THR A 69 10.39 4.44 9.67
CA THR A 69 11.64 4.53 8.92
C THR A 69 11.41 4.29 7.42
N LYS A 70 10.17 3.97 7.05
CA LYS A 70 9.83 3.72 5.66
C LYS A 70 10.81 2.75 5.01
N ARG A 71 11.20 1.73 5.76
CA ARG A 71 12.14 0.73 5.26
C ARG A 71 11.39 -0.47 4.67
N PHE A 72 10.35 -0.19 3.89
CA PHE A 72 9.56 -1.24 3.28
C PHE A 72 10.38 -2.00 2.24
N LYS A 73 9.78 -3.02 1.63
CA LYS A 73 10.46 -3.82 0.63
C LYS A 73 10.74 -3.00 -0.63
N GLY A 74 11.78 -3.38 -1.36
CA GLY A 74 12.13 -2.67 -2.58
C GLY A 74 12.40 -3.61 -3.74
N THR A 75 11.34 -4.17 -4.30
CA THR A 75 11.45 -5.09 -5.43
C THR A 75 12.45 -6.21 -5.14
N GLU A 76 13.72 -5.97 -5.44
CA GLU A 76 14.76 -6.95 -5.22
C GLU A 76 14.53 -8.20 -6.06
N SER A 77 15.61 -8.79 -6.55
CA SER A 77 15.53 -9.99 -7.37
C SER A 77 15.01 -11.17 -6.57
N ILE A 78 13.82 -11.64 -6.92
CA ILE A 78 13.21 -12.76 -6.21
C ILE A 78 12.16 -13.45 -7.09
N SER A 79 11.32 -12.65 -7.72
CA SER A 79 10.27 -13.18 -8.59
C SER A 79 10.63 -12.97 -10.06
N LYS A 80 10.57 -14.06 -10.83
CA LYS A 80 10.89 -14.01 -12.25
C LYS A 80 9.85 -14.77 -13.07
N VAL A 81 8.83 -14.05 -13.54
CA VAL A 81 7.77 -14.67 -14.33
C VAL A 81 7.99 -14.40 -15.82
N SER A 82 8.54 -15.39 -16.51
CA SER A 82 8.79 -15.26 -17.94
C SER A 82 9.00 -16.64 -18.58
N GLU A 83 9.79 -17.48 -17.92
CA GLU A 83 10.06 -18.82 -18.41
C GLU A 83 10.88 -18.77 -19.70
N GLN A 84 10.22 -18.43 -20.80
CA GLN A 84 10.87 -18.34 -22.10
C GLN A 84 11.42 -19.69 -22.53
N VAL A 85 11.43 -19.94 -23.83
CA VAL A 85 11.93 -21.19 -24.37
C VAL A 85 13.25 -20.99 -25.11
N LYS A 86 14.01 -22.08 -25.26
CA LYS A 86 15.29 -22.01 -25.94
C LYS A 86 15.13 -21.52 -27.37
N ASN A 87 16.21 -21.57 -28.15
CA ASN A 87 16.19 -21.13 -29.53
C ASN A 87 15.20 -21.95 -30.35
N VAL A 88 13.97 -21.43 -30.49
CA VAL A 88 12.94 -22.12 -31.25
C VAL A 88 11.97 -21.13 -31.87
N LYS A 89 11.17 -21.60 -32.83
CA LYS A 89 10.19 -20.75 -33.50
C LYS A 89 8.82 -20.86 -32.84
N LEU A 90 8.49 -22.07 -32.40
CA LEU A 90 7.20 -22.32 -31.75
C LEU A 90 6.05 -21.95 -32.67
N ASN A 91 5.37 -22.98 -33.20
CA ASN A 91 4.24 -22.76 -34.09
C ASN A 91 2.92 -22.84 -33.34
N GLU A 92 2.58 -21.78 -32.61
CA GLU A 92 1.35 -21.73 -31.84
C GLU A 92 1.16 -20.36 -31.20
N ASP A 93 -0.07 -20.06 -30.81
CA ASP A 93 -0.39 -18.78 -30.18
C ASP A 93 -0.35 -18.89 -28.66
N LYS A 94 0.52 -18.11 -28.04
CA LYS A 94 0.65 -18.12 -26.59
C LYS A 94 0.15 -16.80 -25.99
N PRO A 95 -0.37 -16.85 -24.74
CA PRO A 95 -0.87 -15.66 -24.06
C PRO A 95 0.25 -14.70 -23.65
N LYS A 96 -0.13 -13.56 -23.06
CA LYS A 96 0.84 -12.56 -22.63
C LYS A 96 0.96 -12.53 -21.11
N GLU A 97 2.06 -13.07 -20.60
CA GLU A 97 2.29 -13.10 -19.16
C GLU A 97 3.24 -11.99 -18.73
N THR A 98 3.10 -11.54 -17.49
CA THR A 98 3.94 -10.48 -16.96
C THR A 98 3.64 -10.22 -15.49
N LYS A 99 4.29 -10.96 -14.61
CA LYS A 99 4.10 -10.82 -13.17
C LYS A 99 2.65 -11.14 -12.79
N SER A 100 1.76 -10.17 -12.98
CA SER A 100 0.35 -10.36 -12.64
C SER A 100 -0.40 -11.03 -13.80
N GLU A 101 -1.60 -11.53 -13.51
CA GLU A 101 -2.40 -12.19 -14.52
C GLU A 101 -3.41 -11.23 -15.12
N GLU A 102 -2.94 -10.36 -16.01
CA GLU A 102 -3.80 -9.38 -16.66
C GLU A 102 -4.46 -8.46 -15.64
N THR A 103 -4.04 -7.20 -15.62
CA THR A 103 -4.58 -6.22 -14.69
C THR A 103 -5.14 -5.01 -15.43
N LEU A 104 -6.45 -4.97 -15.60
CA LEU A 104 -7.10 -3.86 -16.29
C LEU A 104 -6.61 -3.76 -17.73
N ASP A 105 -7.33 -4.41 -18.64
CA ASP A 105 -6.97 -4.39 -20.05
C ASP A 105 -7.92 -3.50 -20.85
N GLU A 106 -9.17 -3.42 -20.38
CA GLU A 106 -10.18 -2.60 -21.05
C GLU A 106 -9.73 -1.14 -21.14
N GLY A 107 -8.97 -0.70 -20.15
CA GLY A 107 -8.50 0.66 -20.13
C GLY A 107 -9.11 1.47 -18.99
N PRO A 108 -8.41 1.58 -17.84
CA PRO A 108 -8.90 2.33 -16.69
C PRO A 108 -8.94 3.84 -16.95
N PRO A 109 -9.78 4.57 -16.19
CA PRO A 109 -9.90 6.03 -16.35
C PRO A 109 -8.54 6.74 -16.38
N LYS A 110 -7.90 6.80 -15.22
CA LYS A 110 -6.59 7.44 -15.11
C LYS A 110 -5.90 7.03 -13.81
N TYR A 111 -6.29 5.88 -13.28
CA TYR A 111 -5.72 5.38 -12.04
C TYR A 111 -6.07 3.92 -11.81
N THR A 112 -5.20 3.19 -11.13
CA THR A 112 -5.43 1.78 -10.85
C THR A 112 -5.64 1.57 -9.35
N LYS A 113 -6.68 0.81 -9.00
CA LYS A 113 -6.99 0.55 -7.60
C LYS A 113 -7.20 -0.95 -7.36
N SER A 114 -6.85 -1.39 -6.15
CA SER A 114 -7.00 -2.79 -5.77
C SER A 114 -7.26 -2.91 -4.28
N VAL A 115 -8.38 -3.52 -3.92
CA VAL A 115 -8.74 -3.71 -2.52
C VAL A 115 -7.99 -4.88 -1.90
N LEU A 116 -7.06 -4.57 -1.01
CA LEU A 116 -6.26 -5.60 -0.34
C LEU A 116 -7.03 -6.21 0.83
N LYS A 117 -7.63 -5.36 1.65
CA LYS A 117 -8.40 -5.83 2.80
C LYS A 117 -9.82 -5.29 2.77
N LYS A 118 -10.77 -6.17 2.49
CA LYS A 118 -12.19 -5.79 2.42
C LYS A 118 -12.65 -5.22 3.75
N GLY A 119 -13.49 -4.19 3.70
CA GLY A 119 -13.99 -3.57 4.90
C GLY A 119 -15.48 -3.79 5.09
N ASP A 120 -16.11 -2.90 5.85
CA ASP A 120 -17.55 -2.98 6.14
C ASP A 120 -18.32 -3.52 4.95
N LYS A 121 -18.11 -2.89 3.79
CA LYS A 121 -18.79 -3.29 2.56
C LYS A 121 -20.28 -2.95 2.65
N THR A 122 -20.58 -1.85 3.33
CA THR A 122 -21.95 -1.41 3.49
C THR A 122 -22.01 0.10 3.68
N ASN A 123 -21.11 0.63 4.52
CA ASN A 123 -21.06 2.07 4.77
C ASN A 123 -20.14 2.76 3.77
N PHE A 124 -20.72 3.22 2.66
CA PHE A 124 -19.95 3.89 1.63
C PHE A 124 -20.11 5.42 1.74
N PRO A 125 -19.11 6.17 1.29
CA PRO A 125 -19.14 7.64 1.35
C PRO A 125 -20.10 8.25 0.34
N LYS A 126 -21.01 9.08 0.83
CA LYS A 126 -22.00 9.72 -0.02
C LYS A 126 -21.54 11.13 -0.40
N LYS A 127 -22.03 11.62 -1.54
CA LYS A 127 -21.67 12.96 -2.01
C LYS A 127 -22.02 14.01 -0.97
N GLY A 128 -21.00 14.73 -0.51
CA GLY A 128 -21.22 15.76 0.49
C GLY A 128 -20.86 15.29 1.89
N ASP A 129 -20.85 13.98 2.08
CA ASP A 129 -20.51 13.39 3.38
C ASP A 129 -19.00 13.32 3.57
N VAL A 130 -18.52 13.67 4.75
CA VAL A 130 -17.10 13.65 5.03
C VAL A 130 -16.57 12.23 5.23
N VAL A 131 -15.26 12.13 5.40
CA VAL A 131 -14.61 10.84 5.60
C VAL A 131 -13.27 11.02 6.30
N HIS A 132 -12.88 10.05 7.12
CA HIS A 132 -11.61 10.12 7.83
C HIS A 132 -10.78 8.88 7.55
N CYS A 133 -9.63 9.07 6.92
CA CYS A 133 -8.75 7.95 6.60
C CYS A 133 -7.30 8.41 6.49
N TRP A 134 -6.39 7.44 6.46
CA TRP A 134 -4.97 7.73 6.34
C TRP A 134 -4.52 7.54 4.90
N TYR A 135 -3.38 8.14 4.54
CA TYR A 135 -2.86 8.01 3.19
C TYR A 135 -1.37 8.30 3.12
N THR A 136 -0.65 7.45 2.40
CA THR A 136 0.78 7.60 2.24
C THR A 136 1.17 7.60 0.76
N GLY A 137 1.63 8.76 0.28
CA GLY A 137 2.00 8.88 -1.11
C GLY A 137 3.48 8.69 -1.35
N THR A 138 3.82 8.03 -2.46
CA THR A 138 5.21 7.79 -2.81
C THR A 138 5.39 7.76 -4.33
N LEU A 139 6.47 8.36 -4.80
CA LEU A 139 6.76 8.39 -6.23
C LEU A 139 7.20 7.02 -6.73
N GLN A 140 7.53 6.94 -8.01
CA GLN A 140 7.96 5.67 -8.61
C GLN A 140 9.21 5.15 -7.89
N ASP A 141 10.14 6.06 -7.61
CA ASP A 141 11.38 5.69 -6.94
C ASP A 141 11.16 5.47 -5.43
N GLY A 142 9.94 5.77 -4.96
CA GLY A 142 9.63 5.59 -3.55
C GLY A 142 9.84 6.85 -2.75
N THR A 143 9.74 8.00 -3.41
CA THR A 143 9.92 9.28 -2.74
C THR A 143 8.60 9.76 -2.11
N VAL A 144 8.53 9.71 -0.79
CA VAL A 144 7.33 10.14 -0.08
C VAL A 144 7.10 11.64 -0.25
N PHE A 145 5.92 12.00 -0.74
CA PHE A 145 5.57 13.40 -0.94
C PHE A 145 4.50 13.85 0.05
N ASP A 146 3.76 12.89 0.59
CA ASP A 146 2.70 13.19 1.55
C ASP A 146 2.39 11.98 2.43
N THR A 147 2.41 12.20 3.74
CA THR A 147 2.13 11.12 4.69
C THR A 147 1.34 11.65 5.89
N ASN A 148 0.05 11.33 5.92
CA ASN A 148 -0.81 11.78 7.01
C ASN A 148 -0.58 10.96 8.28
N ILE A 149 0.25 9.92 8.17
CA ILE A 149 0.55 9.07 9.31
C ILE A 149 1.85 9.50 10.00
N GLN A 150 1.72 9.96 11.24
CA GLN A 150 2.89 10.41 12.00
C GLN A 150 3.10 9.54 13.23
N THR A 151 2.25 9.72 14.23
CA THR A 151 2.34 8.96 15.47
C THR A 151 1.14 8.03 15.62
N SER A 152 1.25 7.08 16.54
CA SER A 152 0.17 6.14 16.80
C SER A 152 -0.71 6.59 17.95
N ALA A 153 -1.85 5.94 18.11
CA ALA A 153 -2.79 6.29 19.18
C ALA A 153 -2.35 5.68 20.51
N LYS A 154 -1.71 4.52 20.44
CA LYS A 154 -1.25 3.83 21.64
C LYS A 154 -0.26 4.70 22.42
N LYS A 155 0.50 5.51 21.70
CA LYS A 155 1.48 6.39 22.33
C LYS A 155 0.80 7.62 22.94
N LYS A 156 -0.20 8.15 22.23
CA LYS A 156 -0.92 9.32 22.70
C LYS A 156 -2.04 9.69 21.72
N LYS A 157 -2.75 10.77 22.03
CA LYS A 157 -3.84 11.24 21.17
C LYS A 157 -3.38 12.37 20.26
N ASN A 158 -2.12 12.29 19.82
CA ASN A 158 -1.56 13.31 18.95
C ASN A 158 -1.56 12.83 17.49
N ALA A 159 -2.60 12.10 17.11
CA ALA A 159 -2.71 11.59 15.75
C ALA A 159 -4.17 11.33 15.39
N LYS A 160 -4.61 11.90 14.27
CA LYS A 160 -5.98 11.73 13.81
C LYS A 160 -6.04 11.73 12.29
N PRO A 161 -6.95 10.94 11.70
CA PRO A 161 -7.10 10.84 10.24
C PRO A 161 -7.61 12.15 9.63
N LEU A 162 -7.35 12.33 8.35
CA LEU A 162 -7.78 13.53 7.65
C LEU A 162 -9.25 13.44 7.26
N SER A 163 -10.02 14.47 7.62
CA SER A 163 -11.45 14.50 7.32
C SER A 163 -11.74 15.50 6.19
N PHE A 164 -12.42 15.01 5.16
CA PHE A 164 -12.76 15.85 4.01
C PHE A 164 -14.05 15.37 3.35
N LYS A 165 -14.87 16.32 2.91
CA LYS A 165 -16.13 16.00 2.26
C LYS A 165 -15.89 15.37 0.89
N VAL A 166 -16.55 14.26 0.63
CA VAL A 166 -16.41 13.56 -0.65
C VAL A 166 -17.39 14.09 -1.68
N GLY A 167 -16.99 14.05 -2.95
CA GLY A 167 -17.86 14.53 -4.01
C GLY A 167 -18.03 16.03 -3.99
N VAL A 168 -17.06 16.73 -3.39
CA VAL A 168 -17.12 18.18 -3.30
C VAL A 168 -15.79 18.81 -3.69
N GLY A 169 -15.21 18.35 -4.79
CA GLY A 169 -13.94 18.87 -5.26
C GLY A 169 -12.92 19.07 -4.15
N LYS A 170 -12.93 18.17 -3.17
CA LYS A 170 -12.01 18.25 -2.04
C LYS A 170 -10.65 17.67 -2.41
N VAL A 171 -10.67 16.49 -3.04
CA VAL A 171 -9.44 15.82 -3.44
C VAL A 171 -9.38 15.64 -4.95
N ILE A 172 -8.31 15.02 -5.43
CA ILE A 172 -8.16 14.79 -6.86
C ILE A 172 -9.31 13.96 -7.42
N ARG A 173 -9.50 14.03 -8.74
CA ARG A 173 -10.57 13.30 -9.39
C ARG A 173 -10.32 11.79 -9.35
N GLY A 174 -9.04 11.42 -9.29
CA GLY A 174 -8.69 10.01 -9.25
C GLY A 174 -8.94 9.41 -7.88
N TRP A 175 -8.68 10.20 -6.85
CA TRP A 175 -8.86 9.74 -5.47
C TRP A 175 -10.34 9.76 -5.08
N ASP A 176 -11.07 10.72 -5.61
CA ASP A 176 -12.49 10.85 -5.32
C ASP A 176 -13.26 9.64 -5.86
N GLU A 177 -12.84 9.16 -7.02
CA GLU A 177 -13.48 8.01 -7.64
C GLU A 177 -13.10 6.73 -6.90
N ALA A 178 -11.90 6.72 -6.34
CA ALA A 178 -11.41 5.56 -5.59
C ALA A 178 -11.99 5.52 -4.19
N LEU A 179 -11.79 6.60 -3.45
CA LEU A 179 -12.29 6.69 -2.08
C LEU A 179 -13.81 6.56 -2.06
N LEU A 180 -14.45 6.96 -3.14
CA LEU A 180 -15.90 6.89 -3.25
C LEU A 180 -16.38 5.46 -3.12
N THR A 181 -15.56 4.52 -3.59
CA THR A 181 -15.90 3.10 -3.53
C THR A 181 -15.35 2.45 -2.26
N MET A 182 -14.71 3.25 -1.40
CA MET A 182 -14.15 2.74 -0.16
C MET A 182 -15.25 2.48 0.86
N SER A 183 -15.02 1.51 1.74
CA SER A 183 -16.00 1.18 2.77
C SER A 183 -15.42 1.39 4.16
N LYS A 184 -16.31 1.42 5.15
CA LYS A 184 -15.89 1.62 6.54
C LYS A 184 -14.93 0.52 6.99
N GLY A 185 -13.71 0.91 7.33
CA GLY A 185 -12.72 -0.05 7.77
C GLY A 185 -12.26 -0.95 6.64
N GLU A 186 -11.58 -0.36 5.67
CA GLU A 186 -11.06 -1.10 4.53
C GLU A 186 -9.72 -0.53 4.08
N LYS A 187 -8.83 -1.39 3.61
CA LYS A 187 -7.52 -0.96 3.15
C LYS A 187 -7.35 -1.25 1.66
N ALA A 188 -6.82 -0.28 0.92
CA ALA A 188 -6.63 -0.46 -0.52
C ALA A 188 -5.32 0.16 -0.98
N ARG A 189 -4.94 -0.15 -2.21
CA ARG A 189 -3.71 0.36 -2.80
C ARG A 189 -3.97 0.77 -4.25
N LEU A 190 -4.06 2.07 -4.49
CA LEU A 190 -4.32 2.58 -5.83
C LEU A 190 -3.29 3.60 -6.27
N GLU A 191 -3.00 3.62 -7.57
CA GLU A 191 -2.03 4.56 -8.13
C GLU A 191 -2.72 5.48 -9.13
N ILE A 192 -2.57 6.79 -8.91
CA ILE A 192 -3.18 7.78 -9.80
C ILE A 192 -2.19 8.24 -10.87
N GLU A 193 -2.74 8.66 -12.01
CA GLU A 193 -1.92 9.12 -13.12
C GLU A 193 -1.62 10.61 -12.98
N PRO A 194 -0.56 11.10 -13.65
CA PRO A 194 -0.17 12.51 -13.59
C PRO A 194 -1.28 13.43 -14.06
N GLU A 195 -1.93 13.06 -15.17
CA GLU A 195 -3.01 13.86 -15.72
C GLU A 195 -4.12 14.09 -14.70
N TRP A 196 -4.42 13.04 -13.92
CA TRP A 196 -5.47 13.13 -12.91
C TRP A 196 -4.86 13.42 -11.54
N ALA A 197 -3.82 14.23 -11.51
CA ALA A 197 -3.16 14.61 -10.27
C ALA A 197 -2.27 15.83 -10.47
N TYR A 198 -1.10 15.61 -11.07
CA TYR A 198 -0.17 16.70 -11.34
C TYR A 198 -0.22 17.10 -12.80
N GLY A 199 0.30 16.24 -13.66
CA GLY A 199 0.31 16.51 -15.08
C GLY A 199 1.63 16.18 -15.74
N LYS A 200 1.68 16.33 -17.07
CA LYS A 200 2.90 16.06 -17.81
C LYS A 200 4.06 16.92 -17.32
N LYS A 201 3.73 18.13 -16.87
CA LYS A 201 4.74 19.06 -16.36
C LYS A 201 5.47 18.45 -15.18
N GLY A 202 4.71 18.01 -14.20
CA GLY A 202 5.30 17.41 -13.01
C GLY A 202 5.28 18.35 -11.81
N GLN A 203 5.74 17.85 -10.67
CA GLN A 203 5.78 18.65 -9.45
C GLN A 203 7.21 18.83 -8.96
N PRO A 204 7.95 19.79 -9.55
CA PRO A 204 9.35 20.05 -9.17
C PRO A 204 9.51 20.32 -7.68
N ASP A 205 8.44 20.80 -7.05
CA ASP A 205 8.46 21.11 -5.62
C ASP A 205 8.80 19.87 -4.81
N ALA A 206 8.20 18.74 -5.18
CA ALA A 206 8.42 17.47 -4.48
C ALA A 206 9.35 16.57 -5.28
N LYS A 207 10.24 17.17 -6.05
CA LYS A 207 11.19 16.40 -6.86
C LYS A 207 10.46 15.45 -7.80
N ILE A 208 9.23 15.80 -8.17
CA ILE A 208 8.43 14.97 -9.05
C ILE A 208 8.64 15.36 -10.51
N PRO A 209 9.28 14.47 -11.31
CA PRO A 209 9.55 14.74 -12.73
C PRO A 209 8.29 14.63 -13.59
N PRO A 210 8.39 14.98 -14.88
CA PRO A 210 7.26 14.91 -15.81
C PRO A 210 6.56 13.56 -15.78
N ASN A 211 5.23 13.59 -15.81
CA ASN A 211 4.43 12.37 -15.78
C ASN A 211 4.98 11.35 -14.78
N ALA A 212 4.53 11.45 -13.54
CA ALA A 212 4.99 10.54 -12.49
C ALA A 212 3.83 9.84 -11.80
N LYS A 213 3.77 8.52 -11.94
CA LYS A 213 2.70 7.74 -11.33
C LYS A 213 2.80 7.80 -9.81
N LEU A 214 1.70 8.18 -9.16
CA LEU A 214 1.69 8.29 -7.71
C LEU A 214 0.94 7.12 -7.07
N THR A 215 1.68 6.24 -6.41
CA THR A 215 1.10 5.09 -5.74
C THR A 215 1.01 5.32 -4.24
N PHE A 216 -0.13 4.93 -3.65
CA PHE A 216 -0.34 5.11 -2.22
C PHE A 216 -1.35 4.10 -1.68
N GLU A 217 -1.53 4.13 -0.36
CA GLU A 217 -2.47 3.22 0.29
C GLU A 217 -3.35 3.98 1.28
N VAL A 218 -4.64 3.69 1.27
CA VAL A 218 -5.59 4.38 2.15
C VAL A 218 -6.35 3.39 3.04
N GLU A 219 -6.74 3.86 4.22
CA GLU A 219 -7.49 3.06 5.17
C GLU A 219 -8.63 3.87 5.78
N LEU A 220 -9.86 3.53 5.43
CA LEU A 220 -11.02 4.25 5.95
C LEU A 220 -11.22 3.98 7.43
N VAL A 221 -11.36 5.04 8.22
CA VAL A 221 -11.55 4.91 9.65
C VAL A 221 -12.97 5.27 10.06
N ASP A 222 -13.60 6.15 9.29
CA ASP A 222 -14.98 6.58 9.59
C ASP A 222 -15.55 7.41 8.45
N ILE A 223 -16.87 7.52 8.41
CA ILE A 223 -17.54 8.29 7.38
C ILE A 223 -18.70 9.09 7.95
N ASP A 224 -18.56 10.41 7.99
CA ASP A 224 -19.59 11.29 8.52
C ASP A 224 -20.04 12.30 7.47
N MET A 1 4.76 -10.69 -8.40
CA MET A 1 3.53 -10.10 -7.84
C MET A 1 3.78 -8.67 -7.37
N ALA A 2 3.23 -7.70 -8.11
CA ALA A 2 3.39 -6.29 -7.76
C ALA A 2 2.58 -5.93 -6.53
N ALA A 3 3.13 -5.05 -5.69
CA ALA A 3 2.45 -4.63 -4.48
C ALA A 3 2.84 -3.20 -4.10
N ALA A 4 1.85 -2.35 -3.90
CA ALA A 4 2.09 -0.96 -3.54
C ALA A 4 2.20 -0.80 -2.03
N VAL A 5 2.54 0.41 -1.59
CA VAL A 5 2.69 0.70 -0.17
C VAL A 5 1.37 0.45 0.58
N PRO A 6 1.34 -0.60 1.43
CA PRO A 6 0.15 -0.96 2.20
C PRO A 6 -0.03 -0.07 3.42
N GLN A 7 -1.28 0.24 3.74
CA GLN A 7 -1.58 1.08 4.90
C GLN A 7 -1.58 0.26 6.18
N ARG A 8 -1.25 0.91 7.29
CA ARG A 8 -1.19 0.25 8.60
C ARG A 8 -2.46 -0.56 8.84
N ALA A 9 -2.31 -1.87 8.91
CA ALA A 9 -3.45 -2.75 9.15
C ALA A 9 -3.69 -2.97 10.64
N TRP A 10 -2.68 -2.63 11.46
CA TRP A 10 -2.80 -2.77 12.90
C TRP A 10 -2.24 -1.54 13.60
N THR A 11 -2.39 -1.51 14.92
CA THR A 11 -1.91 -0.39 15.73
C THR A 11 -0.82 -0.86 16.69
N VAL A 12 0.10 0.04 17.01
CA VAL A 12 1.19 -0.29 17.93
C VAL A 12 0.63 -0.79 19.26
N GLU A 13 -0.52 -0.27 19.65
CA GLU A 13 -1.16 -0.65 20.90
C GLU A 13 -1.84 -2.01 20.77
N GLN A 14 -2.19 -2.39 19.54
CA GLN A 14 -2.84 -3.68 19.30
C GLN A 14 -1.81 -4.80 19.22
N LEU A 15 -0.87 -4.67 18.30
CA LEU A 15 0.18 -5.67 18.12
C LEU A 15 0.86 -6.00 19.44
N ARG A 16 1.46 -4.99 20.06
CA ARG A 16 2.14 -5.17 21.34
C ARG A 16 1.19 -5.73 22.41
N SER A 17 -0.10 -5.48 22.24
CA SER A 17 -1.09 -5.97 23.18
C SER A 17 -1.05 -7.49 23.31
N GLU A 18 -1.82 -8.03 24.25
CA GLU A 18 -1.88 -9.46 24.47
C GLU A 18 -3.11 -10.08 23.81
N GLN A 19 -3.73 -9.33 22.90
CA GLN A 19 -4.92 -9.80 22.21
C GLN A 19 -4.63 -10.03 20.73
N LEU A 20 -3.71 -9.25 20.19
CA LEU A 20 -3.32 -9.36 18.78
C LEU A 20 -2.45 -10.59 18.56
N PRO A 21 -2.95 -11.59 17.79
CA PRO A 21 -2.20 -12.82 17.51
C PRO A 21 -0.94 -12.55 16.69
N LYS A 22 0.21 -12.97 17.23
CA LYS A 22 1.49 -12.78 16.56
C LYS A 22 1.53 -13.54 15.24
N LYS A 23 0.75 -14.62 15.14
CA LYS A 23 0.71 -15.44 13.94
C LYS A 23 0.41 -14.58 12.71
N ASP A 24 -0.45 -13.59 12.88
CA ASP A 24 -0.83 -12.70 11.78
C ASP A 24 0.31 -11.72 11.47
N ILE A 25 0.73 -10.98 12.49
CA ILE A 25 1.81 -10.00 12.34
C ILE A 25 2.97 -10.57 11.54
N ILE A 26 3.19 -11.88 11.67
CA ILE A 26 4.28 -12.54 10.96
C ILE A 26 3.92 -12.76 9.50
N LYS A 27 2.67 -13.14 9.26
CA LYS A 27 2.19 -13.39 7.90
C LYS A 27 2.04 -12.09 7.12
N PHE A 28 1.85 -10.98 7.84
CA PHE A 28 1.69 -9.68 7.21
C PHE A 28 3.02 -9.18 6.64
N LEU A 29 4.07 -9.31 7.45
CA LEU A 29 5.40 -8.88 7.04
C LEU A 29 5.94 -9.76 5.92
N GLN A 30 5.45 -11.00 5.85
CA GLN A 30 5.89 -11.93 4.82
C GLN A 30 5.18 -11.68 3.50
N GLU A 31 3.99 -11.07 3.57
CA GLU A 31 3.21 -10.78 2.37
C GLU A 31 3.35 -9.31 1.96
N HIS A 32 3.99 -8.51 2.80
CA HIS A 32 4.19 -7.09 2.52
C HIS A 32 5.66 -6.70 2.60
N GLY A 33 6.52 -7.64 2.96
CA GLY A 33 7.94 -7.36 3.06
C GLY A 33 8.77 -8.32 2.22
N SER A 34 10.02 -7.92 1.94
CA SER A 34 10.92 -8.75 1.16
C SER A 34 11.72 -9.68 2.06
N ASP A 35 12.06 -10.86 1.54
CA ASP A 35 12.83 -11.83 2.32
C ASP A 35 14.04 -11.19 2.98
N SER A 36 14.90 -10.57 2.16
CA SER A 36 16.09 -9.90 2.67
C SER A 36 15.76 -9.02 3.87
N PHE A 37 14.77 -8.16 3.70
CA PHE A 37 14.33 -7.26 4.76
C PHE A 37 13.99 -8.05 6.01
N LEU A 38 13.27 -9.16 5.83
CA LEU A 38 12.87 -10.01 6.94
C LEU A 38 14.09 -10.65 7.59
N ALA A 39 15.02 -11.12 6.76
CA ALA A 39 16.23 -11.75 7.24
C ALA A 39 16.87 -10.95 8.37
N GLU A 40 16.95 -9.64 8.17
CA GLU A 40 17.53 -8.74 9.16
C GLU A 40 16.76 -8.83 10.47
N HIS A 41 15.50 -9.20 10.40
CA HIS A 41 14.66 -9.34 11.59
C HIS A 41 14.29 -10.81 11.84
N LYS A 42 14.90 -11.72 11.09
CA LYS A 42 14.63 -13.14 11.24
C LYS A 42 13.14 -13.42 11.11
N LEU A 43 12.46 -12.65 10.26
CA LEU A 43 11.03 -12.81 10.06
C LEU A 43 10.73 -13.75 8.89
N LEU A 44 11.66 -13.86 7.95
CA LEU A 44 11.47 -14.73 6.79
C LEU A 44 11.59 -16.20 7.18
N GLY A 45 10.98 -17.05 6.36
CA GLY A 45 11.01 -18.48 6.62
C GLY A 45 9.64 -19.05 6.92
N ASN A 46 9.51 -19.68 8.09
CA ASN A 46 8.24 -20.27 8.50
C ASN A 46 7.69 -19.58 9.75
N ILE A 47 6.51 -18.99 9.62
CA ILE A 47 5.88 -18.29 10.75
C ILE A 47 5.95 -19.12 12.02
N LYS A 48 5.48 -20.36 11.93
CA LYS A 48 5.49 -21.27 13.08
C LYS A 48 6.85 -21.27 13.77
N ASN A 49 7.90 -21.19 12.97
CA ASN A 49 9.26 -21.18 13.50
C ASN A 49 9.69 -19.77 13.88
N VAL A 50 9.09 -18.77 13.23
CA VAL A 50 9.41 -17.38 13.49
C VAL A 50 8.68 -16.86 14.74
N ALA A 51 7.55 -17.47 15.05
CA ALA A 51 6.75 -17.07 16.20
C ALA A 51 7.45 -17.44 17.51
N LYS A 52 8.43 -18.33 17.43
CA LYS A 52 9.17 -18.76 18.61
C LYS A 52 10.46 -17.97 18.77
N THR A 53 11.08 -17.62 17.64
CA THR A 53 12.31 -16.85 17.66
C THR A 53 12.04 -15.36 17.71
N ALA A 54 10.86 -14.96 17.27
CA ALA A 54 10.47 -13.56 17.28
C ALA A 54 9.54 -13.24 18.44
N ASN A 55 9.90 -12.24 19.23
CA ASN A 55 9.10 -11.85 20.39
C ASN A 55 7.94 -10.96 19.94
N LYS A 56 7.07 -10.61 20.88
CA LYS A 56 5.92 -9.76 20.57
C LYS A 56 6.39 -8.44 19.97
N ASP A 57 7.19 -7.72 20.73
CA ASP A 57 7.72 -6.43 20.27
C ASP A 57 8.60 -6.62 19.05
N HIS A 58 9.18 -7.81 18.93
CA HIS A 58 10.06 -8.12 17.80
C HIS A 58 9.27 -8.05 16.49
N LEU A 59 8.07 -8.60 16.52
CA LEU A 59 7.20 -8.61 15.35
C LEU A 59 6.58 -7.23 15.11
N VAL A 60 6.38 -6.48 16.19
CA VAL A 60 5.82 -5.14 16.09
C VAL A 60 6.87 -4.14 15.65
N THR A 61 8.06 -4.25 16.23
CA THR A 61 9.16 -3.36 15.91
C THR A 61 9.52 -3.46 14.44
N ALA A 62 9.43 -4.67 13.89
CA ALA A 62 9.75 -4.91 12.49
C ALA A 62 8.56 -4.52 11.60
N TYR A 63 7.37 -4.49 12.18
CA TYR A 63 6.16 -4.13 11.45
C TYR A 63 5.99 -2.61 11.38
N ASN A 64 6.61 -1.92 12.32
CA ASN A 64 6.52 -0.46 12.39
C ASN A 64 7.57 0.20 11.49
N HIS A 65 8.83 -0.18 11.68
CA HIS A 65 9.92 0.38 10.89
C HIS A 65 9.75 0.06 9.40
N LEU A 66 9.02 -1.02 9.11
CA LEU A 66 8.79 -1.43 7.73
C LEU A 66 8.18 -0.29 6.92
N PHE A 67 7.27 0.44 7.55
CA PHE A 67 6.60 1.57 6.90
C PHE A 67 7.52 2.79 6.87
N GLU A 68 8.25 2.99 7.97
CA GLU A 68 9.16 4.12 8.07
C GLU A 68 10.35 3.96 7.12
N THR A 69 10.81 2.73 6.98
CA THR A 69 11.95 2.43 6.10
C THR A 69 11.48 2.10 4.68
N LYS A 70 10.18 1.94 4.50
CA LYS A 70 9.62 1.63 3.19
C LYS A 70 10.33 0.42 2.57
N ARG A 71 10.72 -0.53 3.41
CA ARG A 71 11.40 -1.73 2.94
C ARG A 71 10.42 -2.86 2.71
N PHE A 72 9.30 -2.55 2.07
CA PHE A 72 8.27 -3.55 1.77
C PHE A 72 8.78 -4.55 0.74
N LYS A 73 7.92 -5.53 0.42
CA LYS A 73 8.28 -6.55 -0.56
C LYS A 73 8.33 -5.97 -1.97
N GLY A 74 9.13 -6.58 -2.83
CA GLY A 74 9.24 -6.11 -4.19
C GLY A 74 10.28 -6.88 -5.00
N THR A 75 10.75 -6.27 -6.08
CA THR A 75 11.75 -6.91 -6.93
C THR A 75 13.03 -7.20 -6.15
N GLU A 76 13.65 -8.33 -6.45
CA GLU A 76 14.89 -8.73 -5.78
C GLU A 76 15.43 -10.03 -6.35
N SER A 77 14.53 -10.96 -6.64
CA SER A 77 14.91 -12.25 -7.21
C SER A 77 14.56 -12.33 -8.69
N ILE A 78 13.45 -11.70 -9.06
CA ILE A 78 13.01 -11.70 -10.45
C ILE A 78 12.75 -13.12 -10.94
N SER A 79 11.94 -13.25 -11.99
CA SER A 79 11.61 -14.54 -12.55
C SER A 79 12.72 -15.03 -13.48
N LYS A 80 13.59 -15.88 -12.93
CA LYS A 80 14.71 -16.42 -13.70
C LYS A 80 14.23 -17.51 -14.66
N VAL A 81 15.01 -17.74 -15.71
CA VAL A 81 14.66 -18.77 -16.70
C VAL A 81 15.89 -19.22 -17.47
N SER A 82 16.71 -18.26 -17.88
CA SER A 82 17.92 -18.56 -18.64
C SER A 82 17.59 -19.24 -19.96
N GLU A 83 17.66 -18.48 -21.05
CA GLU A 83 17.37 -19.02 -22.37
C GLU A 83 18.13 -18.24 -23.44
N GLN A 84 18.68 -18.98 -24.41
CA GLN A 84 19.45 -18.37 -25.50
C GLN A 84 18.51 -17.75 -26.53
N VAL A 85 18.99 -16.71 -27.21
CA VAL A 85 18.20 -16.03 -28.22
C VAL A 85 19.08 -15.09 -29.04
N LYS A 86 19.97 -14.37 -28.37
CA LYS A 86 20.87 -13.44 -29.05
C LYS A 86 21.99 -12.99 -28.11
N ASN A 87 23.16 -12.75 -28.69
CA ASN A 87 24.32 -12.33 -27.90
C ASN A 87 24.22 -10.84 -27.56
N VAL A 88 23.64 -10.55 -26.41
CA VAL A 88 23.47 -9.17 -25.96
C VAL A 88 23.66 -9.05 -24.44
N LYS A 89 24.31 -7.98 -24.01
CA LYS A 89 24.56 -7.75 -22.60
C LYS A 89 23.70 -6.60 -22.08
N LEU A 90 23.46 -5.62 -22.94
CA LEU A 90 22.64 -4.46 -22.56
C LEU A 90 21.17 -4.73 -22.81
N ASN A 91 20.32 -4.20 -21.94
CA ASN A 91 18.88 -4.37 -22.06
C ASN A 91 18.13 -3.45 -21.10
N GLU A 92 17.44 -2.46 -21.65
CA GLU A 92 16.68 -1.52 -20.84
C GLU A 92 15.18 -1.76 -20.98
N ASP A 93 14.76 -2.21 -22.16
CA ASP A 93 13.35 -2.48 -22.42
C ASP A 93 13.19 -3.52 -23.52
N LYS A 94 12.64 -4.67 -23.17
CA LYS A 94 12.43 -5.75 -24.13
C LYS A 94 11.47 -6.79 -23.58
N PRO A 95 10.15 -6.59 -23.77
CA PRO A 95 9.13 -7.53 -23.30
C PRO A 95 9.14 -8.84 -24.06
N LYS A 96 9.63 -9.90 -23.41
CA LYS A 96 9.71 -11.21 -24.03
C LYS A 96 8.71 -12.17 -23.37
N GLU A 97 8.48 -11.99 -22.08
CA GLU A 97 7.56 -12.83 -21.34
C GLU A 97 6.43 -12.01 -20.73
N THR A 98 5.27 -12.64 -20.54
CA THR A 98 4.11 -11.96 -19.97
C THR A 98 3.43 -12.84 -18.93
N LYS A 99 3.55 -12.45 -17.67
CA LYS A 99 2.95 -13.20 -16.58
C LYS A 99 1.73 -12.46 -16.00
N SER A 100 1.81 -11.13 -16.02
CA SER A 100 0.73 -10.30 -15.50
C SER A 100 0.07 -9.51 -16.63
N GLU A 101 -1.26 -9.58 -16.69
CA GLU A 101 -2.01 -8.86 -17.72
C GLU A 101 -3.48 -8.70 -17.31
N GLU A 102 -3.76 -7.62 -16.58
CA GLU A 102 -5.12 -7.35 -16.14
C GLU A 102 -5.34 -5.85 -15.96
N THR A 103 -6.27 -5.30 -16.74
CA THR A 103 -6.59 -3.88 -16.68
C THR A 103 -8.08 -3.64 -16.82
N LEU A 104 -8.87 -4.59 -16.32
CA LEU A 104 -10.33 -4.48 -16.39
C LEU A 104 -10.80 -4.41 -17.84
N ASP A 105 -11.33 -5.52 -18.34
CA ASP A 105 -11.82 -5.57 -19.71
C ASP A 105 -13.25 -5.05 -19.80
N GLU A 106 -14.01 -5.24 -18.74
CA GLU A 106 -15.40 -4.78 -18.69
C GLU A 106 -15.64 -3.90 -17.48
N GLY A 107 -15.40 -2.60 -17.64
CA GLY A 107 -15.61 -1.67 -16.54
C GLY A 107 -15.67 -0.23 -17.02
N PRO A 108 -16.72 0.53 -16.62
CA PRO A 108 -16.88 1.93 -17.03
C PRO A 108 -15.68 2.79 -16.64
N PRO A 109 -15.21 2.66 -15.40
CA PRO A 109 -14.07 3.41 -14.90
C PRO A 109 -12.72 2.81 -15.31
N LYS A 110 -11.64 3.36 -14.76
CA LYS A 110 -10.30 2.87 -15.08
C LYS A 110 -9.48 2.67 -13.81
N TYR A 111 -10.17 2.37 -12.71
CA TYR A 111 -9.50 2.15 -11.43
C TYR A 111 -9.99 0.85 -10.78
N THR A 112 -9.12 0.24 -9.99
CA THR A 112 -9.45 -1.02 -9.31
C THR A 112 -9.34 -0.85 -7.80
N LYS A 113 -10.40 -1.24 -7.09
CA LYS A 113 -10.43 -1.12 -5.64
C LYS A 113 -10.73 -2.48 -4.98
N SER A 114 -10.10 -2.73 -3.84
CA SER A 114 -10.30 -3.98 -3.12
C SER A 114 -10.24 -3.76 -1.61
N VAL A 115 -11.36 -4.02 -0.94
CA VAL A 115 -11.43 -3.85 0.51
C VAL A 115 -10.69 -4.97 1.23
N LEU A 116 -9.53 -4.62 1.81
CA LEU A 116 -8.73 -5.60 2.53
C LEU A 116 -9.30 -5.87 3.92
N LYS A 117 -9.51 -4.80 4.69
CA LYS A 117 -10.06 -4.92 6.03
C LYS A 117 -11.36 -4.15 6.17
N LYS A 118 -12.47 -4.87 6.25
CA LYS A 118 -13.78 -4.26 6.39
C LYS A 118 -13.84 -3.36 7.63
N GLY A 119 -14.65 -2.32 7.56
CA GLY A 119 -14.77 -1.40 8.68
C GLY A 119 -16.20 -1.29 9.19
N ASP A 120 -16.51 -0.16 9.82
CA ASP A 120 -17.83 0.09 10.38
C ASP A 120 -18.93 -0.46 9.48
N LYS A 121 -18.90 -0.07 8.22
CA LYS A 121 -19.88 -0.52 7.24
C LYS A 121 -21.23 0.15 7.52
N THR A 122 -21.17 1.40 7.96
CA THR A 122 -22.37 2.16 8.26
C THR A 122 -22.12 3.66 8.10
N ASN A 123 -20.98 4.12 8.60
CA ASN A 123 -20.62 5.52 8.51
C ASN A 123 -19.77 5.79 7.27
N PHE A 124 -20.42 6.24 6.20
CA PHE A 124 -19.73 6.53 4.95
C PHE A 124 -19.67 8.03 4.70
N PRO A 125 -18.62 8.49 3.98
CA PRO A 125 -18.45 9.91 3.68
C PRO A 125 -19.66 10.52 2.99
N LYS A 126 -20.19 11.60 3.56
CA LYS A 126 -21.35 12.27 3.00
C LYS A 126 -20.94 13.54 2.24
N LYS A 127 -21.67 13.83 1.17
CA LYS A 127 -21.38 15.01 0.35
C LYS A 127 -21.38 16.28 1.21
N GLY A 128 -20.21 16.89 1.34
CA GLY A 128 -20.09 18.09 2.15
C GLY A 128 -19.49 17.84 3.51
N ASP A 129 -19.53 16.59 3.95
CA ASP A 129 -18.98 16.22 5.25
C ASP A 129 -17.49 15.91 5.14
N VAL A 130 -16.72 16.38 6.12
CA VAL A 130 -15.29 16.15 6.13
C VAL A 130 -14.95 14.68 6.37
N VAL A 131 -13.67 14.35 6.23
CA VAL A 131 -13.20 12.99 6.44
C VAL A 131 -11.71 13.00 6.78
N HIS A 132 -11.29 12.08 7.65
CA HIS A 132 -9.89 12.01 8.05
C HIS A 132 -9.35 10.60 7.87
N CYS A 133 -8.35 10.46 7.00
CA CYS A 133 -7.75 9.16 6.74
C CYS A 133 -6.32 9.30 6.25
N TRP A 134 -5.59 8.18 6.20
CA TRP A 134 -4.21 8.18 5.73
C TRP A 134 -4.15 7.65 4.31
N TYR A 135 -3.04 7.93 3.61
CA TYR A 135 -2.89 7.47 2.24
C TYR A 135 -1.42 7.44 1.82
N THR A 136 -1.03 6.35 1.17
CA THR A 136 0.34 6.19 0.70
C THR A 136 0.36 5.84 -0.79
N GLY A 137 0.87 6.76 -1.59
CA GLY A 137 0.92 6.52 -3.03
C GLY A 137 2.27 6.01 -3.50
N THR A 138 2.22 5.13 -4.50
CA THR A 138 3.44 4.55 -5.07
C THR A 138 3.24 4.20 -6.54
N LEU A 139 4.26 4.45 -7.35
CA LEU A 139 4.18 4.16 -8.78
C LEU A 139 4.36 2.67 -9.06
N GLN A 140 4.35 2.31 -10.33
CA GLN A 140 4.52 0.92 -10.74
C GLN A 140 5.85 0.36 -10.24
N ASP A 141 6.89 1.16 -10.37
CA ASP A 141 8.23 0.76 -9.93
C ASP A 141 8.36 0.79 -8.41
N GLY A 142 7.31 1.26 -7.74
CA GLY A 142 7.33 1.33 -6.29
C GLY A 142 7.89 2.63 -5.77
N THR A 143 7.84 3.67 -6.61
CA THR A 143 8.33 4.98 -6.22
C THR A 143 7.23 5.81 -5.58
N VAL A 144 7.33 6.01 -4.27
CA VAL A 144 6.34 6.78 -3.53
C VAL A 144 6.38 8.26 -3.91
N PHE A 145 5.22 8.82 -4.23
CA PHE A 145 5.13 10.21 -4.62
C PHE A 145 4.41 11.03 -3.54
N ASP A 146 3.48 10.38 -2.85
CA ASP A 146 2.71 11.05 -1.80
C ASP A 146 2.51 10.13 -0.60
N THR A 147 2.92 10.58 0.58
CA THR A 147 2.78 9.80 1.80
C THR A 147 2.43 10.69 2.98
N ASN A 148 1.16 10.67 3.37
CA ASN A 148 0.68 11.49 4.48
C ASN A 148 1.10 10.88 5.83
N ILE A 149 1.69 9.69 5.79
CA ILE A 149 2.12 9.02 7.00
C ILE A 149 3.60 9.28 7.27
N GLN A 150 3.88 9.96 8.39
CA GLN A 150 5.25 10.28 8.77
C GLN A 150 5.72 9.39 9.92
N THR A 151 5.23 9.68 11.12
CA THR A 151 5.60 8.92 12.29
C THR A 151 4.42 8.74 13.24
N SER A 152 4.55 7.83 14.19
CA SER A 152 3.48 7.56 15.15
C SER A 152 3.50 8.57 16.29
N ALA A 153 2.46 8.55 17.12
CA ALA A 153 2.37 9.47 18.24
C ALA A 153 3.19 8.96 19.43
N LYS A 154 3.36 7.64 19.51
CA LYS A 154 4.12 7.04 20.59
C LYS A 154 5.54 7.60 20.65
N LYS A 155 6.07 7.96 19.49
CA LYS A 155 7.42 8.51 19.41
C LYS A 155 7.40 10.03 19.56
N LYS A 156 6.33 10.65 19.04
CA LYS A 156 6.18 12.10 19.12
C LYS A 156 4.85 12.54 18.52
N LYS A 157 4.20 13.49 19.19
CA LYS A 157 2.91 14.00 18.72
C LYS A 157 3.07 14.75 17.40
N ASN A 158 3.21 13.99 16.31
CA ASN A 158 3.37 14.59 14.99
C ASN A 158 2.62 13.77 13.94
N ALA A 159 1.37 13.43 14.24
CA ALA A 159 0.55 12.66 13.31
C ALA A 159 -0.89 13.17 13.29
N LYS A 160 -1.35 13.59 12.13
CA LYS A 160 -2.71 14.10 11.97
C LYS A 160 -3.28 13.74 10.60
N PRO A 161 -4.25 12.82 10.55
CA PRO A 161 -4.87 12.39 9.29
C PRO A 161 -5.34 13.58 8.45
N LEU A 162 -5.34 13.41 7.13
CA LEU A 162 -5.76 14.47 6.22
C LEU A 162 -7.28 14.62 6.24
N SER A 163 -7.75 15.79 6.62
CA SER A 163 -9.17 16.06 6.69
C SER A 163 -9.66 16.81 5.46
N PHE A 164 -10.62 16.23 4.74
CA PHE A 164 -11.17 16.85 3.54
C PHE A 164 -12.61 16.40 3.32
N LYS A 165 -13.44 17.33 2.83
CA LYS A 165 -14.85 17.03 2.59
C LYS A 165 -15.01 16.25 1.29
N VAL A 166 -15.89 15.25 1.33
CA VAL A 166 -16.16 14.41 0.16
C VAL A 166 -17.25 15.02 -0.72
N GLY A 167 -17.15 14.76 -2.01
CA GLY A 167 -18.14 15.28 -2.94
C GLY A 167 -18.02 16.79 -3.15
N VAL A 168 -16.84 17.34 -2.85
CA VAL A 168 -16.62 18.77 -3.00
C VAL A 168 -15.36 19.05 -3.82
N GLY A 169 -15.20 18.29 -4.91
CA GLY A 169 -14.05 18.46 -5.79
C GLY A 169 -12.75 18.71 -5.05
N LYS A 170 -12.57 18.04 -3.92
CA LYS A 170 -11.37 18.20 -3.11
C LYS A 170 -10.25 17.29 -3.61
N VAL A 171 -10.60 16.02 -3.84
CA VAL A 171 -9.62 15.04 -4.33
C VAL A 171 -9.94 14.61 -5.75
N ILE A 172 -9.12 13.71 -6.29
CA ILE A 172 -9.30 13.23 -7.65
C ILE A 172 -10.66 12.54 -7.81
N ARG A 173 -11.11 12.41 -9.06
CA ARG A 173 -12.39 11.77 -9.35
C ARG A 173 -12.34 10.27 -9.04
N GLY A 174 -11.15 9.70 -9.09
CA GLY A 174 -10.99 8.29 -8.81
C GLY A 174 -10.98 7.99 -7.32
N TRP A 175 -10.43 8.92 -6.56
CA TRP A 175 -10.32 8.74 -5.11
C TRP A 175 -11.63 9.09 -4.40
N ASP A 176 -12.34 10.09 -4.90
CA ASP A 176 -13.61 10.49 -4.30
C ASP A 176 -14.69 9.47 -4.62
N GLU A 177 -14.58 8.83 -5.77
CA GLU A 177 -15.54 7.81 -6.17
C GLU A 177 -15.30 6.53 -5.38
N ALA A 178 -14.05 6.28 -5.00
CA ALA A 178 -13.68 5.11 -4.24
C ALA A 178 -13.82 5.35 -2.74
N LEU A 179 -13.32 6.50 -2.29
CA LEU A 179 -13.39 6.87 -0.88
C LEU A 179 -14.83 6.87 -0.40
N LEU A 180 -15.73 7.35 -1.24
CA LEU A 180 -17.15 7.42 -0.91
C LEU A 180 -17.68 6.04 -0.50
N THR A 181 -17.00 4.99 -0.97
CA THR A 181 -17.40 3.63 -0.66
C THR A 181 -16.70 3.12 0.60
N MET A 182 -15.80 3.93 1.16
CA MET A 182 -15.07 3.54 2.36
C MET A 182 -15.92 3.78 3.60
N SER A 183 -15.65 3.02 4.66
CA SER A 183 -16.40 3.14 5.90
C SER A 183 -15.50 3.52 7.07
N LYS A 184 -16.12 3.83 8.20
CA LYS A 184 -15.37 4.21 9.40
C LYS A 184 -14.52 3.05 9.90
N GLY A 185 -13.22 3.25 9.97
CA GLY A 185 -12.32 2.20 10.42
C GLY A 185 -12.25 1.05 9.44
N GLU A 186 -11.75 1.33 8.24
CA GLU A 186 -11.62 0.33 7.20
C GLU A 186 -10.36 0.58 6.38
N LYS A 187 -9.74 -0.50 5.91
CA LYS A 187 -8.53 -0.39 5.10
C LYS A 187 -8.76 -0.98 3.71
N ALA A 188 -8.28 -0.29 2.69
CA ALA A 188 -8.45 -0.76 1.32
C ALA A 188 -7.21 -0.52 0.47
N ARG A 189 -7.19 -1.13 -0.71
CA ARG A 189 -6.08 -0.98 -1.64
C ARG A 189 -6.61 -0.81 -3.06
N LEU A 190 -6.63 0.43 -3.54
CA LEU A 190 -7.15 0.71 -4.88
C LEU A 190 -6.07 1.33 -5.77
N GLU A 191 -6.13 0.99 -7.05
CA GLU A 191 -5.18 1.50 -8.04
C GLU A 191 -5.92 2.30 -9.10
N ILE A 192 -5.62 3.60 -9.18
CA ILE A 192 -6.27 4.48 -10.14
C ILE A 192 -5.32 4.86 -11.27
N GLU A 193 -5.78 4.66 -12.50
CA GLU A 193 -4.98 4.98 -13.68
C GLU A 193 -4.66 6.47 -13.71
N PRO A 194 -3.69 6.88 -14.54
CA PRO A 194 -3.29 8.28 -14.67
C PRO A 194 -4.44 9.18 -15.09
N GLU A 195 -5.27 8.69 -16.02
CA GLU A 195 -6.41 9.44 -16.50
C GLU A 195 -7.29 9.93 -15.36
N TRP A 196 -7.29 9.18 -14.26
CA TRP A 196 -8.10 9.54 -13.10
C TRP A 196 -7.21 9.99 -11.94
N ALA A 197 -6.12 10.67 -12.26
CA ALA A 197 -5.20 11.17 -11.24
C ALA A 197 -4.43 12.39 -11.75
N TYR A 198 -3.40 12.16 -12.55
CA TYR A 198 -2.60 13.25 -13.10
C TYR A 198 -2.86 13.42 -14.59
N GLY A 199 -3.14 12.31 -15.27
CA GLY A 199 -3.41 12.35 -16.69
C GLY A 199 -2.30 11.71 -17.52
N LYS A 200 -2.51 11.67 -18.83
CA LYS A 200 -1.53 11.08 -19.74
C LYS A 200 -0.19 11.79 -19.63
N LYS A 201 -0.24 13.10 -19.42
CA LYS A 201 0.97 13.90 -19.30
C LYS A 201 1.82 13.41 -18.13
N GLY A 202 1.19 13.32 -16.96
CA GLY A 202 1.89 12.86 -15.78
C GLY A 202 1.90 13.89 -14.67
N GLN A 203 2.93 13.86 -13.84
CA GLN A 203 3.05 14.80 -12.73
C GLN A 203 4.51 15.17 -12.50
N PRO A 204 5.05 16.07 -13.35
CA PRO A 204 6.45 16.51 -13.23
C PRO A 204 6.78 17.08 -11.85
N ASP A 205 5.74 17.51 -11.14
CA ASP A 205 5.92 18.07 -9.80
C ASP A 205 6.52 17.04 -8.85
N ALA A 206 6.02 15.81 -8.94
CA ALA A 206 6.50 14.73 -8.09
C ALA A 206 7.25 13.67 -8.89
N LYS A 207 7.76 14.07 -10.05
CA LYS A 207 8.51 13.16 -10.91
C LYS A 207 7.67 11.95 -11.30
N ILE A 208 6.49 12.22 -11.86
CA ILE A 208 5.58 11.15 -12.28
C ILE A 208 5.53 11.06 -13.81
N PRO A 209 6.06 9.96 -14.38
CA PRO A 209 6.06 9.76 -15.84
C PRO A 209 4.66 9.89 -16.45
N PRO A 210 4.58 10.06 -17.78
CA PRO A 210 3.30 10.20 -18.48
C PRO A 210 2.55 8.88 -18.58
N ASN A 211 1.28 8.89 -18.17
CA ASN A 211 0.46 7.68 -18.22
C ASN A 211 1.02 6.60 -17.31
N ALA A 212 0.99 6.86 -16.00
CA ALA A 212 1.50 5.90 -15.03
C ALA A 212 0.44 5.52 -13.99
N LYS A 213 0.27 4.22 -13.80
CA LYS A 213 -0.71 3.71 -12.84
C LYS A 213 -0.32 4.11 -11.42
N LEU A 214 -1.31 4.40 -10.59
CA LEU A 214 -1.05 4.81 -9.21
C LEU A 214 -1.84 3.96 -8.21
N THR A 215 -1.12 3.11 -7.48
CA THR A 215 -1.74 2.24 -6.48
C THR A 215 -1.40 2.73 -5.07
N PHE A 216 -2.40 2.71 -4.18
CA PHE A 216 -2.18 3.16 -2.81
C PHE A 216 -3.14 2.48 -1.85
N GLU A 217 -2.95 2.75 -0.56
CA GLU A 217 -3.80 2.17 0.48
C GLU A 217 -4.30 3.27 1.42
N VAL A 218 -5.60 3.22 1.73
CA VAL A 218 -6.20 4.23 2.59
C VAL A 218 -6.85 3.60 3.82
N GLU A 219 -6.88 4.36 4.91
CA GLU A 219 -7.49 3.90 6.15
C GLU A 219 -8.31 5.02 6.78
N LEU A 220 -9.63 4.86 6.75
CA LEU A 220 -10.53 5.86 7.32
C LEU A 220 -10.43 5.89 8.85
N VAL A 221 -10.32 7.09 9.40
CA VAL A 221 -10.21 7.25 10.85
C VAL A 221 -11.44 7.94 11.43
N ASP A 222 -12.08 8.79 10.62
CA ASP A 222 -13.27 9.50 11.07
C ASP A 222 -13.97 10.20 9.91
N ILE A 223 -15.26 10.50 10.09
CA ILE A 223 -16.03 11.17 9.06
C ILE A 223 -16.99 12.18 9.66
N ASP A 224 -16.73 13.47 9.41
CA ASP A 224 -17.58 14.53 9.94
C ASP A 224 -17.92 15.54 8.84
N MET A 1 4.50 -7.63 -8.28
CA MET A 1 5.95 -7.36 -8.44
C MET A 1 6.35 -6.08 -7.70
N ALA A 2 5.46 -5.10 -7.72
CA ALA A 2 5.72 -3.83 -7.05
C ALA A 2 4.95 -3.71 -5.75
N ALA A 3 5.67 -3.70 -4.63
CA ALA A 3 5.05 -3.61 -3.31
C ALA A 3 5.16 -2.19 -2.77
N ALA A 4 4.04 -1.48 -2.75
CA ALA A 4 4.00 -0.12 -2.25
C ALA A 4 3.80 -0.08 -0.73
N VAL A 5 3.87 1.11 -0.16
CA VAL A 5 3.69 1.27 1.28
C VAL A 5 2.32 0.78 1.73
N PRO A 6 2.27 -0.34 2.47
CA PRO A 6 1.01 -0.91 2.96
C PRO A 6 0.49 -0.19 4.20
N GLN A 7 -0.83 -0.04 4.28
CA GLN A 7 -1.46 0.64 5.40
C GLN A 7 -1.54 -0.30 6.61
N ARG A 8 -1.45 0.28 7.80
CA ARG A 8 -1.51 -0.51 9.04
C ARG A 8 -2.69 -1.46 9.03
N ALA A 9 -2.44 -2.71 8.65
CA ALA A 9 -3.49 -3.73 8.61
C ALA A 9 -4.00 -4.06 10.01
N TRP A 10 -3.24 -3.66 11.03
CA TRP A 10 -3.63 -3.93 12.40
C TRP A 10 -3.42 -2.69 13.28
N THR A 11 -3.85 -2.77 14.52
CA THR A 11 -3.70 -1.67 15.46
C THR A 11 -2.82 -2.06 16.63
N VAL A 12 -2.17 -1.08 17.24
CA VAL A 12 -1.28 -1.33 18.37
C VAL A 12 -2.01 -2.06 19.49
N GLU A 13 -3.29 -1.74 19.64
CA GLU A 13 -4.12 -2.36 20.67
C GLU A 13 -4.45 -3.81 20.32
N GLN A 14 -4.45 -4.12 19.03
CA GLN A 14 -4.75 -5.47 18.57
C GLN A 14 -3.51 -6.38 18.68
N LEU A 15 -2.44 -5.97 18.03
CA LEU A 15 -1.20 -6.75 18.03
C LEU A 15 -0.81 -7.13 19.46
N ARG A 16 -0.50 -6.13 20.28
CA ARG A 16 -0.11 -6.36 21.67
C ARG A 16 -1.14 -7.19 22.41
N SER A 17 -2.40 -7.14 21.94
CA SER A 17 -3.48 -7.89 22.56
C SER A 17 -3.17 -9.39 22.61
N GLU A 18 -4.03 -10.13 23.29
CA GLU A 18 -3.86 -11.58 23.41
C GLU A 18 -4.91 -12.33 22.56
N GLN A 19 -5.52 -11.61 21.63
CA GLN A 19 -6.54 -12.20 20.76
C GLN A 19 -6.01 -12.39 19.34
N LEU A 20 -5.00 -11.60 18.98
CA LEU A 20 -4.41 -11.68 17.65
C LEU A 20 -3.21 -12.62 17.64
N PRO A 21 -3.28 -13.73 16.88
CA PRO A 21 -2.20 -14.71 16.80
C PRO A 21 -0.89 -14.07 16.33
N LYS A 22 0.18 -14.27 17.09
CA LYS A 22 1.49 -13.71 16.75
C LYS A 22 1.99 -14.30 15.43
N LYS A 23 1.51 -15.49 15.08
CA LYS A 23 1.93 -16.15 13.85
C LYS A 23 1.74 -15.24 12.63
N ASP A 24 0.67 -14.45 12.65
CA ASP A 24 0.37 -13.54 11.56
C ASP A 24 1.33 -12.36 11.56
N ILE A 25 1.36 -11.64 12.67
CA ILE A 25 2.23 -10.47 12.81
C ILE A 25 3.64 -10.74 12.30
N ILE A 26 4.07 -12.00 12.39
CA ILE A 26 5.39 -12.39 11.92
C ILE A 26 5.41 -12.53 10.41
N LYS A 27 4.33 -13.08 9.86
CA LYS A 27 4.22 -13.29 8.43
C LYS A 27 3.98 -11.97 7.70
N PHE A 28 3.41 -10.99 8.41
CA PHE A 28 3.14 -9.68 7.83
C PHE A 28 4.42 -8.89 7.63
N LEU A 29 5.27 -8.90 8.65
CA LEU A 29 6.53 -8.19 8.60
C LEU A 29 7.50 -8.84 7.62
N GLN A 30 7.29 -10.13 7.37
CA GLN A 30 8.15 -10.87 6.44
C GLN A 30 7.74 -10.60 4.99
N GLU A 31 6.48 -10.27 4.78
CA GLU A 31 5.97 -10.00 3.44
C GLU A 31 5.84 -8.50 3.18
N HIS A 32 6.17 -7.69 4.19
CA HIS A 32 6.08 -6.23 4.06
C HIS A 32 7.35 -5.54 4.57
N GLY A 33 8.22 -6.28 5.24
CA GLY A 33 9.44 -5.70 5.76
C GLY A 33 10.67 -6.46 5.30
N SER A 34 11.41 -5.87 4.36
CA SER A 34 12.63 -6.49 3.81
C SER A 34 13.37 -7.35 4.83
N ASP A 35 14.09 -8.35 4.32
CA ASP A 35 14.86 -9.25 5.18
C ASP A 35 15.73 -8.48 6.16
N SER A 36 16.59 -7.61 5.64
CA SER A 36 17.48 -6.80 6.49
C SER A 36 16.70 -6.18 7.65
N PHE A 37 15.58 -5.55 7.32
CA PHE A 37 14.74 -4.92 8.33
C PHE A 37 14.38 -5.92 9.43
N LEU A 38 13.97 -7.11 9.01
CA LEU A 38 13.61 -8.17 9.96
C LEU A 38 14.82 -8.64 10.74
N ALA A 39 15.94 -8.79 10.05
CA ALA A 39 17.18 -9.24 10.68
C ALA A 39 17.46 -8.44 11.95
N GLU A 40 17.24 -7.14 11.87
CA GLU A 40 17.45 -6.25 13.01
C GLU A 40 16.78 -6.80 14.27
N HIS A 41 15.53 -7.20 14.13
CA HIS A 41 14.77 -7.74 15.26
C HIS A 41 14.65 -9.27 15.15
N LYS A 42 15.46 -9.87 14.29
CA LYS A 42 15.45 -11.32 14.10
C LYS A 42 14.05 -11.81 13.73
N LEU A 43 13.38 -11.07 12.86
CA LEU A 43 12.03 -11.42 12.43
C LEU A 43 12.05 -12.26 11.15
N LEU A 44 13.17 -12.21 10.42
CA LEU A 44 13.29 -12.97 9.17
C LEU A 44 13.63 -14.43 9.47
N GLY A 45 13.32 -15.29 8.50
CA GLY A 45 13.59 -16.70 8.65
C GLY A 45 12.32 -17.53 8.61
N ASN A 46 12.08 -18.29 9.69
CA ASN A 46 10.90 -19.13 9.77
C ASN A 46 9.98 -18.68 10.91
N ILE A 47 8.77 -18.25 10.56
CA ILE A 47 7.81 -17.78 11.56
C ILE A 47 7.73 -18.74 12.74
N LYS A 48 7.47 -20.01 12.44
CA LYS A 48 7.38 -21.04 13.48
C LYS A 48 8.54 -20.93 14.46
N ASN A 49 9.71 -20.60 13.94
CA ASN A 49 10.91 -20.46 14.76
C ASN A 49 11.00 -19.05 15.36
N VAL A 50 10.39 -18.09 14.68
CA VAL A 50 10.40 -16.70 15.15
C VAL A 50 9.37 -16.48 16.25
N ALA A 51 8.33 -17.30 16.26
CA ALA A 51 7.28 -17.18 17.27
C ALA A 51 7.81 -17.53 18.65
N LYS A 52 8.89 -18.31 18.69
CA LYS A 52 9.50 -18.72 19.95
C LYS A 52 10.65 -17.78 20.33
N THR A 53 11.31 -17.22 19.31
CA THR A 53 12.42 -16.31 19.53
C THR A 53 11.96 -14.86 19.42
N ALA A 54 10.73 -14.60 19.85
CA ALA A 54 10.18 -13.24 19.80
C ALA A 54 8.93 -13.14 20.66
N ASN A 55 8.84 -12.07 21.44
CA ASN A 55 7.68 -11.85 22.30
C ASN A 55 6.65 -10.97 21.62
N LYS A 56 5.52 -10.75 22.30
CA LYS A 56 4.44 -9.93 21.75
C LYS A 56 4.95 -8.54 21.38
N ASP A 57 5.51 -7.85 22.36
CA ASP A 57 6.04 -6.50 22.14
C ASP A 57 7.12 -6.53 21.06
N HIS A 58 7.80 -7.67 20.95
CA HIS A 58 8.86 -7.83 19.97
C HIS A 58 8.32 -7.69 18.55
N LEU A 59 7.22 -8.37 18.29
CA LEU A 59 6.58 -8.34 16.98
C LEU A 59 5.88 -7.01 16.74
N VAL A 60 5.37 -6.40 17.81
CA VAL A 60 4.68 -5.13 17.70
C VAL A 60 5.67 -3.97 17.57
N THR A 61 6.72 -4.02 18.37
CA THR A 61 7.75 -2.97 18.35
C THR A 61 8.40 -2.90 16.98
N ALA A 62 8.59 -4.05 16.35
CA ALA A 62 9.21 -4.12 15.03
C ALA A 62 8.20 -3.74 13.94
N TYR A 63 6.92 -3.91 14.24
CA TYR A 63 5.86 -3.58 13.30
C TYR A 63 5.52 -2.10 13.37
N ASN A 64 5.23 -1.62 14.56
CA ASN A 64 4.88 -0.22 14.78
C ASN A 64 5.90 0.71 14.15
N HIS A 65 7.16 0.56 14.54
CA HIS A 65 8.23 1.40 14.00
C HIS A 65 8.40 1.19 12.50
N LEU A 66 8.00 0.02 12.01
CA LEU A 66 8.10 -0.29 10.59
C LEU A 66 7.48 0.81 9.74
N PHE A 67 6.34 1.30 10.19
CA PHE A 67 5.63 2.36 9.47
C PHE A 67 6.27 3.72 9.76
N GLU A 68 6.66 3.92 11.01
CA GLU A 68 7.29 5.17 11.42
C GLU A 68 8.61 5.38 10.68
N THR A 69 9.40 4.32 10.61
CA THR A 69 10.70 4.38 9.93
C THR A 69 10.57 3.99 8.45
N LYS A 70 9.35 3.63 8.04
CA LYS A 70 9.08 3.24 6.66
C LYS A 70 10.16 2.28 6.13
N ARG A 71 10.55 1.33 6.96
CA ARG A 71 11.56 0.34 6.58
C ARG A 71 10.92 -0.90 5.98
N PHE A 72 9.98 -0.69 5.06
CA PHE A 72 9.28 -1.79 4.41
C PHE A 72 10.19 -2.51 3.41
N LYS A 73 9.63 -3.46 2.69
CA LYS A 73 10.40 -4.22 1.70
C LYS A 73 10.65 -3.38 0.45
N GLY A 74 11.73 -3.68 -0.26
CA GLY A 74 12.07 -2.95 -1.47
C GLY A 74 12.19 -3.86 -2.67
N THR A 75 13.13 -3.53 -3.56
CA THR A 75 13.34 -4.32 -4.77
C THR A 75 14.64 -5.13 -4.67
N GLU A 76 14.50 -6.40 -4.33
CA GLU A 76 15.66 -7.29 -4.20
C GLU A 76 15.71 -8.29 -5.35
N SER A 77 14.54 -8.69 -5.84
CA SER A 77 14.46 -9.64 -6.93
C SER A 77 14.29 -8.92 -8.26
N ILE A 78 14.79 -9.55 -9.33
CA ILE A 78 14.69 -8.97 -10.67
C ILE A 78 14.39 -10.04 -11.71
N SER A 79 13.11 -10.23 -11.99
CA SER A 79 12.69 -11.22 -12.97
C SER A 79 12.95 -10.73 -14.39
N LYS A 80 12.84 -9.42 -14.59
CA LYS A 80 13.06 -8.83 -15.91
C LYS A 80 12.10 -9.40 -16.94
N VAL A 81 11.15 -8.57 -17.37
CA VAL A 81 10.16 -8.99 -18.36
C VAL A 81 10.62 -8.64 -19.77
N SER A 82 11.46 -9.47 -20.34
CA SER A 82 11.97 -9.25 -21.70
C SER A 82 12.86 -10.41 -22.14
N GLU A 83 12.71 -10.82 -23.40
CA GLU A 83 13.50 -11.90 -23.94
C GLU A 83 13.18 -12.13 -25.41
N GLN A 84 11.89 -12.02 -25.75
CA GLN A 84 11.45 -12.21 -27.12
C GLN A 84 11.62 -10.94 -27.94
N VAL A 85 12.67 -10.91 -28.77
CA VAL A 85 12.95 -9.76 -29.60
C VAL A 85 13.26 -10.18 -31.04
N LYS A 86 12.27 -10.02 -31.91
CA LYS A 86 12.43 -10.38 -33.32
C LYS A 86 11.60 -9.46 -34.21
N ASN A 87 12.24 -8.93 -35.26
CA ASN A 87 11.56 -8.04 -36.19
C ASN A 87 10.60 -8.82 -37.09
N VAL A 88 9.32 -8.75 -36.78
CA VAL A 88 8.30 -9.44 -37.57
C VAL A 88 6.94 -8.79 -37.38
N LYS A 89 5.99 -9.16 -38.25
CA LYS A 89 4.64 -8.62 -38.19
C LYS A 89 3.69 -9.60 -37.50
N LEU A 90 3.95 -10.89 -37.67
CA LEU A 90 3.12 -11.92 -37.06
C LEU A 90 3.98 -13.09 -36.58
N ASN A 91 4.12 -13.21 -35.28
CA ASN A 91 4.92 -14.30 -34.69
C ASN A 91 4.20 -14.91 -33.49
N GLU A 92 3.77 -16.16 -33.64
CA GLU A 92 3.07 -16.87 -32.57
C GLU A 92 3.19 -18.37 -32.76
N ASP A 93 3.12 -19.11 -31.65
CA ASP A 93 3.21 -20.56 -31.68
C ASP A 93 3.04 -21.15 -30.28
N LYS A 94 3.62 -20.48 -29.30
CA LYS A 94 3.54 -20.94 -27.92
C LYS A 94 4.06 -19.89 -26.95
N PRO A 95 3.44 -19.76 -25.77
CA PRO A 95 3.86 -18.78 -24.76
C PRO A 95 5.35 -18.86 -24.44
N LYS A 96 5.99 -17.71 -24.28
CA LYS A 96 7.40 -17.66 -23.97
C LYS A 96 7.64 -17.20 -22.54
N GLU A 97 6.73 -16.38 -22.03
CA GLU A 97 6.83 -15.87 -20.67
C GLU A 97 5.52 -16.05 -19.91
N THR A 98 4.56 -15.17 -20.17
CA THR A 98 3.26 -15.24 -19.51
C THR A 98 3.40 -15.11 -18.00
N LYS A 99 3.09 -13.92 -17.48
CA LYS A 99 3.17 -13.67 -16.06
C LYS A 99 2.02 -12.80 -15.58
N SER A 100 1.33 -13.25 -14.54
CA SER A 100 0.19 -12.51 -14.00
C SER A 100 -0.90 -12.35 -15.04
N GLU A 101 -1.84 -13.28 -15.07
CA GLU A 101 -2.95 -13.24 -16.01
C GLU A 101 -4.01 -12.26 -15.56
N GLU A 102 -4.01 -11.06 -16.16
CA GLU A 102 -4.98 -10.04 -15.82
C GLU A 102 -6.02 -9.88 -16.92
N THR A 103 -7.25 -9.60 -16.53
CA THR A 103 -8.35 -9.43 -17.48
C THR A 103 -9.14 -8.16 -17.19
N LEU A 104 -9.72 -7.58 -18.22
CA LEU A 104 -10.51 -6.36 -18.07
C LEU A 104 -11.48 -6.18 -19.25
N ASP A 105 -12.61 -5.55 -18.98
CA ASP A 105 -13.62 -5.32 -20.01
C ASP A 105 -14.44 -4.08 -19.69
N GLU A 106 -15.48 -3.84 -20.50
CA GLU A 106 -16.34 -2.68 -20.32
C GLU A 106 -15.57 -1.39 -20.49
N GLY A 107 -14.86 -0.98 -19.45
CA GLY A 107 -14.09 0.25 -19.52
C GLY A 107 -13.55 0.67 -18.17
N PRO A 108 -12.43 0.07 -17.71
CA PRO A 108 -11.83 0.40 -16.41
C PRO A 108 -11.19 1.79 -16.41
N PRO A 109 -11.09 2.41 -15.22
CA PRO A 109 -10.49 3.74 -15.08
C PRO A 109 -9.00 3.74 -15.35
N LYS A 110 -8.33 4.84 -14.98
CA LYS A 110 -6.89 4.96 -15.20
C LYS A 110 -6.12 4.61 -13.93
N TYR A 111 -6.69 3.72 -13.13
CA TYR A 111 -6.05 3.30 -11.88
C TYR A 111 -6.46 1.88 -11.51
N THR A 112 -5.72 1.26 -10.61
CA THR A 112 -6.00 -0.10 -10.17
C THR A 112 -6.03 -0.20 -8.65
N LYS A 113 -7.23 -0.27 -8.09
CA LYS A 113 -7.41 -0.36 -6.65
C LYS A 113 -7.90 -1.75 -6.24
N SER A 114 -7.46 -2.21 -5.07
CA SER A 114 -7.86 -3.52 -4.57
C SER A 114 -8.08 -3.48 -3.06
N VAL A 115 -9.26 -3.91 -2.63
CA VAL A 115 -9.59 -3.93 -1.21
C VAL A 115 -8.83 -5.03 -0.47
N LEU A 116 -7.83 -4.64 0.30
CA LEU A 116 -7.03 -5.59 1.07
C LEU A 116 -7.80 -6.07 2.29
N LYS A 117 -8.16 -5.14 3.16
CA LYS A 117 -8.91 -5.46 4.37
C LYS A 117 -10.32 -4.89 4.30
N LYS A 118 -11.30 -5.77 4.12
CA LYS A 118 -12.70 -5.36 4.04
C LYS A 118 -13.13 -4.65 5.31
N GLY A 119 -13.87 -3.55 5.15
CA GLY A 119 -14.35 -2.81 6.30
C GLY A 119 -15.83 -3.05 6.57
N ASP A 120 -16.65 -2.06 6.24
CA ASP A 120 -18.09 -2.18 6.45
C ASP A 120 -18.75 -2.81 5.24
N LYS A 121 -18.36 -2.36 4.06
CA LYS A 121 -18.91 -2.88 2.80
C LYS A 121 -20.34 -2.40 2.61
N THR A 122 -20.61 -1.17 3.04
CA THR A 122 -21.95 -0.59 2.91
C THR A 122 -21.89 0.93 3.09
N ASN A 123 -21.13 1.37 4.08
CA ASN A 123 -20.99 2.79 4.36
C ASN A 123 -19.97 3.43 3.43
N PHE A 124 -20.44 3.95 2.30
CA PHE A 124 -19.57 4.59 1.32
C PHE A 124 -19.69 6.11 1.40
N PRO A 125 -18.61 6.83 1.07
CA PRO A 125 -18.60 8.30 1.12
C PRO A 125 -19.39 8.91 -0.03
N LYS A 126 -20.34 9.78 0.31
CA LYS A 126 -21.17 10.44 -0.69
C LYS A 126 -20.60 11.81 -1.05
N LYS A 127 -20.99 12.32 -2.21
CA LYS A 127 -20.51 13.62 -2.67
C LYS A 127 -20.86 14.72 -1.66
N GLY A 128 -19.84 15.36 -1.11
CA GLY A 128 -20.06 16.42 -0.15
C GLY A 128 -19.79 15.97 1.28
N ASP A 129 -19.77 14.66 1.48
CA ASP A 129 -19.53 14.09 2.81
C ASP A 129 -18.04 14.05 3.11
N VAL A 130 -17.67 14.49 4.31
CA VAL A 130 -16.27 14.50 4.73
C VAL A 130 -15.78 13.08 4.96
N VAL A 131 -14.45 12.92 5.01
CA VAL A 131 -13.84 11.61 5.23
C VAL A 131 -12.47 11.76 5.87
N HIS A 132 -12.12 10.81 6.74
CA HIS A 132 -10.83 10.84 7.41
C HIS A 132 -10.10 9.51 7.24
N CYS A 133 -8.94 9.54 6.59
CA CYS A 133 -8.16 8.33 6.35
C CYS A 133 -6.69 8.66 6.17
N TRP A 134 -5.85 7.63 6.19
CA TRP A 134 -4.43 7.79 6.01
C TRP A 134 -4.01 7.41 4.60
N TYR A 135 -2.82 7.83 4.18
CA TYR A 135 -2.34 7.52 2.84
C TYR A 135 -0.83 7.67 2.75
N THR A 136 -0.19 6.68 2.12
CA THR A 136 1.25 6.69 1.95
C THR A 136 1.62 6.44 0.49
N GLY A 137 2.22 7.44 -0.14
CA GLY A 137 2.60 7.32 -1.54
C GLY A 137 4.03 6.89 -1.73
N THR A 138 4.27 6.08 -2.75
CA THR A 138 5.61 5.60 -3.07
C THR A 138 5.78 5.41 -4.56
N LEU A 139 6.99 5.65 -5.07
CA LEU A 139 7.28 5.51 -6.49
C LEU A 139 7.57 4.05 -6.84
N GLN A 140 7.89 3.82 -8.11
CA GLN A 140 8.19 2.47 -8.59
C GLN A 140 9.35 1.87 -7.80
N ASP A 141 10.37 2.67 -7.56
CA ASP A 141 11.55 2.22 -6.82
C ASP A 141 11.27 2.13 -5.32
N GLY A 142 10.07 2.56 -4.91
CA GLY A 142 9.71 2.51 -3.51
C GLY A 142 10.11 3.77 -2.76
N THR A 143 10.19 4.88 -3.48
CA THR A 143 10.56 6.16 -2.89
C THR A 143 9.33 6.97 -2.53
N VAL A 144 9.09 7.15 -1.24
CA VAL A 144 7.93 7.90 -0.77
C VAL A 144 8.01 9.36 -1.22
N PHE A 145 6.86 9.94 -1.53
CA PHE A 145 6.80 11.33 -1.98
C PHE A 145 5.91 12.16 -1.05
N ASP A 146 4.83 11.56 -0.57
CA ASP A 146 3.91 12.27 0.32
C ASP A 146 3.09 11.29 1.16
N THR A 147 3.25 11.36 2.47
CA THR A 147 2.51 10.49 3.39
C THR A 147 2.13 11.25 4.65
N ASN A 148 0.86 11.18 5.03
CA ASN A 148 0.38 11.87 6.22
C ASN A 148 0.36 10.93 7.42
N ILE A 149 1.38 10.09 7.53
CA ILE A 149 1.48 9.14 8.64
C ILE A 149 2.81 9.29 9.36
N GLN A 150 2.76 9.65 10.64
CA GLN A 150 3.96 9.82 11.43
C GLN A 150 3.99 8.85 12.61
N THR A 151 3.22 9.15 13.65
CA THR A 151 3.15 8.30 14.82
C THR A 151 1.76 8.33 15.45
N SER A 152 1.50 7.39 16.34
CA SER A 152 0.21 7.30 17.01
C SER A 152 0.15 8.21 18.23
N ALA A 153 -0.96 8.16 18.95
CA ALA A 153 -1.14 8.99 20.14
C ALA A 153 -0.32 8.44 21.31
N LYS A 154 0.00 7.15 21.27
CA LYS A 154 0.77 6.52 22.33
C LYS A 154 2.08 7.25 22.57
N LYS A 155 2.61 7.86 21.50
CA LYS A 155 3.87 8.59 21.60
C LYS A 155 3.62 10.06 21.92
N LYS A 156 2.56 10.61 21.34
CA LYS A 156 2.21 12.01 21.56
C LYS A 156 0.95 12.38 20.78
N LYS A 157 0.26 13.42 21.25
CA LYS A 157 -0.96 13.87 20.60
C LYS A 157 -0.65 14.85 19.47
N ASN A 158 -0.20 14.30 18.34
CA ASN A 158 0.15 15.12 17.18
C ASN A 158 0.02 14.31 15.90
N ALA A 159 -1.09 13.60 15.76
CA ALA A 159 -1.33 12.78 14.57
C ALA A 159 -2.82 12.53 14.38
N LYS A 160 -3.38 13.11 13.33
CA LYS A 160 -4.80 12.95 13.02
C LYS A 160 -5.02 12.71 11.53
N PRO A 161 -5.92 11.79 11.17
CA PRO A 161 -6.21 11.47 9.76
C PRO A 161 -6.61 12.72 8.97
N LEU A 162 -6.33 12.69 7.67
CA LEU A 162 -6.66 13.81 6.80
C LEU A 162 -8.15 13.82 6.49
N SER A 163 -8.83 14.91 6.85
CA SER A 163 -10.25 15.03 6.61
C SER A 163 -10.54 15.86 5.36
N PHE A 164 -11.25 15.26 4.41
CA PHE A 164 -11.59 15.94 3.17
C PHE A 164 -12.90 15.39 2.60
N LYS A 165 -13.69 16.26 2.00
CA LYS A 165 -14.96 15.86 1.42
C LYS A 165 -14.77 15.25 0.04
N VAL A 166 -15.51 14.17 -0.23
CA VAL A 166 -15.41 13.47 -1.51
C VAL A 166 -16.34 14.07 -2.55
N GLY A 167 -15.94 13.99 -3.81
CA GLY A 167 -16.74 14.53 -4.89
C GLY A 167 -16.77 16.04 -4.91
N VAL A 168 -15.76 16.66 -4.29
CA VAL A 168 -15.69 18.11 -4.25
C VAL A 168 -14.31 18.61 -4.70
N GLY A 169 -13.79 18.00 -5.77
CA GLY A 169 -12.49 18.38 -6.30
C GLY A 169 -11.44 18.57 -5.22
N LYS A 170 -11.49 17.72 -4.20
CA LYS A 170 -10.53 17.80 -3.09
C LYS A 170 -9.26 17.02 -3.42
N VAL A 171 -9.41 15.90 -4.11
CA VAL A 171 -8.28 15.07 -4.49
C VAL A 171 -8.27 14.78 -5.98
N ILE A 172 -7.27 14.04 -6.43
CA ILE A 172 -7.14 13.70 -7.84
C ILE A 172 -8.34 12.90 -8.33
N ARG A 173 -8.56 12.90 -9.64
CA ARG A 173 -9.68 12.18 -10.24
C ARG A 173 -9.51 10.67 -10.08
N GLY A 174 -8.27 10.23 -10.01
CA GLY A 174 -8.00 8.81 -9.86
C GLY A 174 -8.26 8.32 -8.45
N TRP A 175 -7.94 9.17 -7.47
CA TRP A 175 -8.14 8.84 -6.07
C TRP A 175 -9.60 9.00 -5.67
N ASP A 176 -10.26 9.98 -6.26
CA ASP A 176 -11.66 10.25 -5.97
C ASP A 176 -12.54 9.10 -6.46
N GLU A 177 -12.12 8.45 -7.54
CA GLU A 177 -12.87 7.33 -8.11
C GLU A 177 -12.60 6.06 -7.32
N ALA A 178 -11.40 5.96 -6.74
CA ALA A 178 -11.03 4.79 -5.95
C ALA A 178 -11.57 4.88 -4.53
N LEU A 179 -11.28 6.00 -3.88
CA LEU A 179 -11.73 6.23 -2.51
C LEU A 179 -13.25 6.14 -2.41
N LEU A 180 -13.93 6.61 -3.46
CA LEU A 180 -15.38 6.59 -3.50
C LEU A 180 -15.92 5.18 -3.24
N THR A 181 -15.23 4.18 -3.75
CA THR A 181 -15.63 2.79 -3.57
C THR A 181 -15.13 2.23 -2.24
N MET A 182 -14.46 3.07 -1.44
CA MET A 182 -13.94 2.64 -0.15
C MET A 182 -15.05 2.60 0.90
N SER A 183 -14.90 1.72 1.88
CA SER A 183 -15.88 1.59 2.94
C SER A 183 -15.32 2.05 4.28
N LYS A 184 -16.20 2.25 5.26
CA LYS A 184 -15.79 2.70 6.58
C LYS A 184 -14.96 1.63 7.28
N GLY A 185 -13.76 2.02 7.71
CA GLY A 185 -12.87 1.09 8.39
C GLY A 185 -12.36 -0.01 7.48
N GLU A 186 -11.95 0.37 6.28
CA GLU A 186 -11.42 -0.59 5.31
C GLU A 186 -10.05 -0.14 4.80
N LYS A 187 -9.22 -1.11 4.45
CA LYS A 187 -7.88 -0.81 3.93
C LYS A 187 -7.74 -1.31 2.51
N ALA A 188 -7.11 -0.51 1.65
CA ALA A 188 -6.93 -0.91 0.26
C ALA A 188 -5.64 -0.33 -0.33
N ARG A 189 -5.36 -0.72 -1.56
CA ARG A 189 -4.19 -0.24 -2.27
C ARG A 189 -4.55 0.09 -3.71
N LEU A 190 -4.10 1.24 -4.20
CA LEU A 190 -4.40 1.65 -5.56
C LEU A 190 -3.22 2.32 -6.24
N GLU A 191 -3.04 2.02 -7.51
CA GLU A 191 -1.95 2.60 -8.30
C GLU A 191 -2.51 3.44 -9.44
N ILE A 192 -2.34 4.76 -9.34
CA ILE A 192 -2.83 5.68 -10.36
C ILE A 192 -1.75 6.03 -11.36
N GLU A 193 -2.13 6.09 -12.64
CA GLU A 193 -1.19 6.42 -13.70
C GLU A 193 -0.84 7.91 -13.68
N PRO A 194 0.21 8.30 -14.42
CA PRO A 194 0.65 9.69 -14.48
C PRO A 194 -0.36 10.59 -15.20
N GLU A 195 -1.31 9.98 -15.90
CA GLU A 195 -2.32 10.74 -16.62
C GLU A 195 -3.43 11.21 -15.68
N TRP A 196 -3.67 10.43 -14.63
CA TRP A 196 -4.71 10.77 -13.67
C TRP A 196 -4.10 11.15 -12.32
N ALA A 197 -2.96 11.84 -12.37
CA ALA A 197 -2.27 12.27 -11.16
C ALA A 197 -1.45 13.53 -11.42
N TYR A 198 -0.28 13.35 -12.02
CA TYR A 198 0.60 14.47 -12.33
C TYR A 198 0.59 14.78 -13.83
N GLY A 199 1.20 13.89 -14.60
CA GLY A 199 1.24 14.07 -16.04
C GLY A 199 2.53 13.55 -16.64
N LYS A 200 2.62 13.60 -17.98
CA LYS A 200 3.81 13.13 -18.68
C LYS A 200 5.05 13.87 -18.20
N LYS A 201 4.86 15.08 -17.69
CA LYS A 201 5.98 15.88 -17.19
C LYS A 201 6.48 15.35 -15.85
N GLY A 202 5.56 15.18 -14.92
CA GLY A 202 5.92 14.68 -13.60
C GLY A 202 5.93 15.77 -12.54
N GLN A 203 6.12 15.37 -11.29
CA GLN A 203 6.15 16.33 -10.19
C GLN A 203 7.58 16.53 -9.68
N PRO A 204 8.30 17.52 -10.23
CA PRO A 204 9.68 17.80 -9.83
C PRO A 204 9.78 18.31 -8.40
N ASP A 205 8.66 18.82 -7.88
CA ASP A 205 8.63 19.34 -6.51
C ASP A 205 8.96 18.24 -5.50
N ALA A 206 8.42 17.05 -5.74
CA ALA A 206 8.65 15.92 -4.86
C ALA A 206 9.60 14.91 -5.50
N LYS A 207 10.50 15.41 -6.34
CA LYS A 207 11.47 14.55 -7.02
C LYS A 207 10.76 13.46 -7.82
N ILE A 208 9.56 13.75 -8.29
CA ILE A 208 8.78 12.80 -9.06
C ILE A 208 9.05 12.96 -10.56
N PRO A 209 9.72 11.96 -11.18
CA PRO A 209 10.03 12.00 -12.61
C PRO A 209 8.80 11.90 -13.49
N PRO A 210 8.95 12.11 -14.81
CA PRO A 210 7.83 12.03 -15.76
C PRO A 210 7.28 10.62 -15.89
N ASN A 211 5.97 10.51 -16.10
CA ASN A 211 5.32 9.22 -16.25
C ASN A 211 5.73 8.26 -15.13
N ALA A 212 5.21 8.50 -13.93
CA ALA A 212 5.54 7.66 -12.78
C ALA A 212 4.28 7.15 -12.08
N LYS A 213 4.06 5.85 -12.15
CA LYS A 213 2.89 5.23 -11.53
C LYS A 213 2.96 5.39 -10.01
N LEU A 214 1.99 6.11 -9.46
CA LEU A 214 1.94 6.36 -8.03
C LEU A 214 1.07 5.32 -7.31
N THR A 215 1.71 4.45 -6.54
CA THR A 215 1.01 3.42 -5.79
C THR A 215 1.00 3.75 -4.30
N PHE A 216 -0.14 3.54 -3.65
CA PHE A 216 -0.25 3.83 -2.22
C PHE A 216 -1.34 3.00 -1.57
N GLU A 217 -1.50 3.19 -0.26
CA GLU A 217 -2.52 2.47 0.50
C GLU A 217 -3.30 3.41 1.40
N VAL A 218 -4.62 3.24 1.45
CA VAL A 218 -5.47 4.10 2.25
C VAL A 218 -6.27 3.30 3.27
N GLU A 219 -6.60 3.93 4.39
CA GLU A 219 -7.36 3.30 5.45
C GLU A 219 -8.43 4.24 5.98
N LEU A 220 -9.69 3.96 5.66
CA LEU A 220 -10.80 4.80 6.10
C LEU A 220 -11.00 4.68 7.61
N VAL A 221 -11.05 5.82 8.29
CA VAL A 221 -11.25 5.84 9.73
C VAL A 221 -12.64 6.35 10.10
N ASP A 222 -13.18 7.22 9.26
CA ASP A 222 -14.50 7.78 9.49
C ASP A 222 -15.02 8.49 8.25
N ILE A 223 -16.34 8.62 8.15
CA ILE A 223 -16.97 9.29 7.02
C ILE A 223 -18.18 10.10 7.46
N ASP A 224 -18.07 11.42 7.35
CA ASP A 224 -19.16 12.32 7.73
C ASP A 224 -19.56 13.22 6.57
N MET A 1 4.32 -7.95 -8.36
CA MET A 1 5.17 -6.73 -8.31
C MET A 1 4.88 -5.91 -7.06
N ALA A 2 5.89 -5.70 -6.24
CA ALA A 2 5.75 -4.93 -5.02
C ALA A 2 6.33 -3.52 -5.17
N ALA A 3 5.46 -2.54 -5.31
CA ALA A 3 5.88 -1.15 -5.46
C ALA A 3 4.76 -0.19 -5.06
N ALA A 4 4.31 -0.29 -3.82
CA ALA A 4 3.25 0.57 -3.32
C ALA A 4 3.18 0.54 -1.80
N VAL A 5 3.29 1.71 -1.18
CA VAL A 5 3.24 1.81 0.28
C VAL A 5 1.90 1.28 0.82
N PRO A 6 1.94 0.12 1.51
CA PRO A 6 0.74 -0.50 2.08
C PRO A 6 0.29 0.18 3.38
N GLN A 7 -1.01 0.30 3.54
CA GLN A 7 -1.58 0.92 4.74
C GLN A 7 -1.59 -0.06 5.91
N ARG A 8 -1.45 0.48 7.12
CA ARG A 8 -1.45 -0.34 8.33
C ARG A 8 -2.63 -1.30 8.34
N ALA A 9 -2.33 -2.60 8.32
CA ALA A 9 -3.36 -3.62 8.34
C ALA A 9 -3.73 -4.04 9.76
N TRP A 10 -2.89 -3.65 10.73
CA TRP A 10 -3.13 -4.00 12.12
C TRP A 10 -2.83 -2.81 13.03
N THR A 11 -3.13 -2.96 14.31
CA THR A 11 -2.91 -1.91 15.29
C THR A 11 -1.91 -2.37 16.35
N VAL A 12 -1.17 -1.42 16.92
CA VAL A 12 -0.19 -1.74 17.95
C VAL A 12 -0.84 -2.48 19.11
N GLU A 13 -2.10 -2.14 19.39
CA GLU A 13 -2.85 -2.77 20.47
C GLU A 13 -3.28 -4.18 20.08
N GLN A 14 -3.43 -4.43 18.78
CA GLN A 14 -3.84 -5.75 18.29
C GLN A 14 -2.65 -6.70 18.23
N LEU A 15 -1.63 -6.31 17.48
CA LEU A 15 -0.42 -7.13 17.32
C LEU A 15 0.10 -7.58 18.68
N ARG A 16 0.51 -6.62 19.50
CA ARG A 16 1.03 -6.92 20.83
C ARG A 16 0.06 -7.78 21.64
N SER A 17 -1.23 -7.71 21.28
CA SER A 17 -2.25 -8.48 21.97
C SER A 17 -1.94 -9.97 21.93
N GLU A 18 -2.79 -10.76 22.59
CA GLU A 18 -2.61 -12.21 22.64
C GLU A 18 -3.70 -12.92 21.83
N GLN A 19 -4.39 -12.18 20.97
CA GLN A 19 -5.45 -12.75 20.15
C GLN A 19 -5.02 -12.84 18.68
N LEU A 20 -4.08 -11.99 18.29
CA LEU A 20 -3.59 -11.98 16.92
C LEU A 20 -2.39 -12.91 16.75
N PRO A 21 -2.55 -14.03 16.01
CA PRO A 21 -1.47 -14.99 15.79
C PRO A 21 -0.23 -14.33 15.18
N LYS A 22 0.92 -14.55 15.80
CA LYS A 22 2.18 -13.98 15.33
C LYS A 22 2.53 -14.50 13.94
N LYS A 23 2.00 -15.67 13.59
CA LYS A 23 2.26 -16.28 12.29
C LYS A 23 1.97 -15.31 11.15
N ASP A 24 0.87 -14.57 11.27
CA ASP A 24 0.49 -13.61 10.25
C ASP A 24 1.42 -12.40 10.24
N ILE A 25 1.52 -11.74 11.39
CA ILE A 25 2.38 -10.57 11.53
C ILE A 25 3.75 -10.78 10.89
N ILE A 26 4.21 -12.03 10.89
CA ILE A 26 5.50 -12.37 10.31
C ILE A 26 5.42 -12.44 8.79
N LYS A 27 4.30 -12.95 8.29
CA LYS A 27 4.09 -13.07 6.85
C LYS A 27 3.81 -11.71 6.22
N PHE A 28 3.33 -10.78 7.04
CA PHE A 28 3.02 -9.42 6.56
C PHE A 28 4.30 -8.64 6.31
N LEU A 29 5.22 -8.69 7.26
CA LEU A 29 6.49 -7.98 7.16
C LEU A 29 7.37 -8.60 6.08
N GLN A 30 7.19 -9.89 5.83
CA GLN A 30 7.97 -10.60 4.83
C GLN A 30 7.49 -10.26 3.42
N GLU A 31 6.21 -9.94 3.30
CA GLU A 31 5.63 -9.60 2.01
C GLU A 31 5.65 -8.08 1.78
N HIS A 32 5.37 -7.32 2.84
CA HIS A 32 5.37 -5.86 2.75
C HIS A 32 6.74 -5.28 3.06
N GLY A 33 7.68 -6.13 3.46
CA GLY A 33 9.02 -5.67 3.78
C GLY A 33 10.08 -6.34 2.93
N SER A 34 11.26 -5.74 2.88
CA SER A 34 12.36 -6.29 2.11
C SER A 34 13.24 -7.18 2.98
N ASP A 35 13.92 -8.15 2.37
CA ASP A 35 14.78 -9.07 3.10
C ASP A 35 15.71 -8.31 4.04
N SER A 36 16.50 -7.39 3.47
CA SER A 36 17.44 -6.60 4.25
C SER A 36 16.76 -6.01 5.49
N PHE A 37 15.63 -5.36 5.26
CA PHE A 37 14.86 -4.76 6.35
C PHE A 37 14.58 -5.78 7.44
N LEU A 38 14.11 -6.96 7.04
CA LEU A 38 13.81 -8.03 7.97
C LEU A 38 15.07 -8.54 8.65
N ALA A 39 16.14 -8.66 7.86
CA ALA A 39 17.42 -9.15 8.38
C ALA A 39 17.79 -8.42 9.67
N GLU A 40 17.69 -7.10 9.65
CA GLU A 40 18.01 -6.28 10.81
C GLU A 40 17.17 -6.69 12.02
N HIS A 41 15.99 -7.24 11.75
CA HIS A 41 15.10 -7.70 12.81
C HIS A 41 14.96 -9.21 12.82
N LYS A 42 15.82 -9.90 12.06
CA LYS A 42 15.78 -11.36 11.98
C LYS A 42 14.37 -11.85 11.69
N LEU A 43 13.64 -11.09 10.89
CA LEU A 43 12.27 -11.45 10.53
C LEU A 43 12.21 -12.24 9.23
N LEU A 44 13.26 -12.13 8.41
CA LEU A 44 13.29 -12.84 7.13
C LEU A 44 13.69 -14.30 7.34
N GLY A 45 13.34 -15.13 6.36
CA GLY A 45 13.64 -16.54 6.42
C GLY A 45 12.40 -17.41 6.49
N ASN A 46 12.26 -18.17 7.57
CA ASN A 46 11.11 -19.04 7.74
C ASN A 46 10.29 -18.61 8.96
N ILE A 47 9.05 -18.18 8.70
CA ILE A 47 8.15 -17.74 9.77
C ILE A 47 8.16 -18.70 10.95
N LYS A 48 7.83 -19.96 10.66
CA LYS A 48 7.80 -21.01 11.68
C LYS A 48 9.04 -20.94 12.57
N ASN A 49 10.17 -20.64 11.95
CA ASN A 49 11.43 -20.54 12.68
C ASN A 49 11.62 -19.15 13.29
N VAL A 50 10.98 -18.15 12.68
CA VAL A 50 11.07 -16.77 13.16
C VAL A 50 10.13 -16.53 14.33
N ALA A 51 9.05 -17.30 14.39
CA ALA A 51 8.06 -17.16 15.46
C ALA A 51 8.64 -17.61 16.80
N LYS A 52 9.72 -18.38 16.75
CA LYS A 52 10.36 -18.87 17.97
C LYS A 52 11.51 -17.96 18.39
N THR A 53 12.20 -17.39 17.41
CA THR A 53 13.32 -16.50 17.68
C THR A 53 12.86 -15.08 17.97
N ALA A 54 11.64 -14.76 17.55
CA ALA A 54 11.08 -13.43 17.75
C ALA A 54 9.86 -13.48 18.66
N ASN A 55 9.75 -12.51 19.57
CA ASN A 55 8.62 -12.44 20.49
C ASN A 55 7.50 -11.58 19.91
N LYS A 56 6.43 -11.40 20.68
CA LYS A 56 5.29 -10.61 20.23
C LYS A 56 5.72 -9.19 19.91
N ASP A 57 6.29 -8.51 20.90
CA ASP A 57 6.75 -7.14 20.72
C ASP A 57 7.78 -7.06 19.61
N HIS A 58 8.50 -8.16 19.41
CA HIS A 58 9.53 -8.22 18.37
C HIS A 58 8.92 -8.02 16.99
N LEU A 59 7.78 -8.66 16.77
CA LEU A 59 7.08 -8.57 15.49
C LEU A 59 6.35 -7.24 15.37
N VAL A 60 5.94 -6.67 16.49
CA VAL A 60 5.24 -5.40 16.49
C VAL A 60 6.21 -4.24 16.36
N THR A 61 7.31 -4.32 17.11
CA THR A 61 8.34 -3.30 17.08
C THR A 61 8.91 -3.14 15.67
N ALA A 62 8.98 -4.26 14.94
CA ALA A 62 9.49 -4.25 13.59
C ALA A 62 8.40 -3.86 12.60
N TYR A 63 7.14 -4.02 13.00
CA TYR A 63 6.00 -3.68 12.16
C TYR A 63 5.67 -2.19 12.26
N ASN A 64 6.08 -1.56 13.35
CA ASN A 64 5.83 -0.14 13.57
C ASN A 64 6.89 0.72 12.89
N HIS A 65 8.15 0.44 13.20
CA HIS A 65 9.25 1.20 12.63
C HIS A 65 9.27 1.08 11.11
N LEU A 66 8.77 -0.05 10.60
CA LEU A 66 8.74 -0.29 9.16
C LEU A 66 8.20 0.93 8.42
N PHE A 67 7.16 1.53 8.97
CA PHE A 67 6.54 2.71 8.37
C PHE A 67 7.37 3.94 8.68
N GLU A 68 7.86 4.03 9.92
CA GLU A 68 8.68 5.15 10.34
C GLU A 68 10.06 5.11 9.67
N THR A 69 10.38 3.98 9.06
CA THR A 69 11.66 3.81 8.38
C THR A 69 11.48 3.73 6.87
N LYS A 70 10.24 3.49 6.42
CA LYS A 70 9.94 3.41 4.99
C LYS A 70 10.78 2.33 4.33
N ARG A 71 11.13 1.30 5.10
CA ARG A 71 11.94 0.19 4.57
C ARG A 71 11.05 -0.95 4.11
N PHE A 72 9.98 -0.62 3.39
CA PHE A 72 9.05 -1.62 2.88
C PHE A 72 9.74 -2.50 1.83
N LYS A 73 9.03 -3.52 1.37
CA LYS A 73 9.56 -4.43 0.36
C LYS A 73 9.70 -3.73 -0.98
N GLY A 74 10.93 -3.55 -1.43
CA GLY A 74 11.18 -2.88 -2.70
C GLY A 74 11.54 -3.87 -3.80
N THR A 75 11.79 -3.34 -5.00
CA THR A 75 12.15 -4.18 -6.13
C THR A 75 13.64 -4.47 -6.14
N GLU A 76 14.00 -5.70 -6.50
CA GLU A 76 15.39 -6.11 -6.55
C GLU A 76 15.61 -7.24 -7.56
N SER A 77 16.39 -6.95 -8.59
CA SER A 77 16.67 -7.95 -9.62
C SER A 77 15.38 -8.36 -10.33
N ILE A 78 15.52 -8.82 -11.57
CA ILE A 78 14.38 -9.24 -12.36
C ILE A 78 14.47 -10.73 -12.72
N SER A 79 13.55 -11.52 -12.19
CA SER A 79 13.54 -12.95 -12.45
C SER A 79 13.22 -13.24 -13.91
N LYS A 80 13.47 -14.47 -14.34
CA LYS A 80 13.20 -14.87 -15.71
C LYS A 80 11.99 -15.79 -15.79
N VAL A 81 11.25 -15.70 -16.89
CA VAL A 81 10.06 -16.53 -17.08
C VAL A 81 10.44 -17.88 -17.67
N SER A 82 11.49 -17.91 -18.49
CA SER A 82 11.95 -19.14 -19.11
C SER A 82 12.79 -19.97 -18.15
N GLU A 83 13.12 -21.18 -18.56
CA GLU A 83 13.92 -22.07 -17.72
C GLU A 83 14.22 -23.38 -18.46
N GLN A 84 13.23 -23.88 -19.18
CA GLN A 84 13.38 -25.12 -19.93
C GLN A 84 13.72 -24.84 -21.39
N VAL A 85 13.19 -23.74 -21.91
CA VAL A 85 13.43 -23.36 -23.30
C VAL A 85 13.67 -21.85 -23.41
N LYS A 86 14.88 -21.49 -23.85
CA LYS A 86 15.24 -20.09 -24.01
C LYS A 86 14.57 -19.49 -25.24
N ASN A 87 14.21 -18.21 -25.16
CA ASN A 87 13.55 -17.53 -26.26
C ASN A 87 14.24 -16.20 -26.55
N VAL A 88 14.80 -16.07 -27.75
CA VAL A 88 15.49 -14.84 -28.15
C VAL A 88 15.58 -14.74 -29.67
N LYS A 89 14.88 -13.75 -30.23
CA LYS A 89 14.88 -13.54 -31.67
C LYS A 89 14.35 -14.76 -32.40
N LEU A 90 13.03 -14.88 -32.47
CA LEU A 90 12.39 -16.00 -33.14
C LEU A 90 11.05 -15.59 -33.74
N ASN A 91 10.61 -16.34 -34.74
CA ASN A 91 9.34 -16.05 -35.41
C ASN A 91 8.17 -16.65 -34.64
N GLU A 92 8.43 -17.78 -33.98
CA GLU A 92 7.38 -18.45 -33.20
C GLU A 92 7.32 -17.90 -31.79
N ASP A 93 6.12 -17.85 -31.23
CA ASP A 93 5.92 -17.33 -29.88
C ASP A 93 4.87 -18.16 -29.13
N LYS A 94 5.19 -18.51 -27.89
CA LYS A 94 4.29 -19.31 -27.07
C LYS A 94 4.42 -18.94 -25.60
N PRO A 95 3.33 -19.04 -24.83
CA PRO A 95 3.33 -18.72 -23.39
C PRO A 95 4.12 -19.74 -22.57
N LYS A 96 5.01 -19.24 -21.71
CA LYS A 96 5.83 -20.10 -20.87
C LYS A 96 5.42 -19.97 -19.40
N GLU A 97 5.01 -18.78 -19.02
CA GLU A 97 4.60 -18.51 -17.64
C GLU A 97 4.11 -17.08 -17.48
N THR A 98 4.79 -16.15 -18.14
CA THR A 98 4.42 -14.74 -18.07
C THR A 98 4.50 -14.23 -16.64
N LYS A 99 4.62 -12.91 -16.49
CA LYS A 99 4.70 -12.29 -15.18
C LYS A 99 3.43 -11.51 -14.86
N SER A 100 2.82 -10.94 -15.90
CA SER A 100 1.60 -10.17 -15.73
C SER A 100 0.91 -9.95 -17.08
N GLU A 101 -0.42 -9.96 -17.07
CA GLU A 101 -1.20 -9.77 -18.28
C GLU A 101 -2.43 -8.92 -18.01
N GLU A 102 -2.32 -7.62 -18.27
CA GLU A 102 -3.43 -6.70 -18.06
C GLU A 102 -4.17 -6.42 -19.35
N THR A 103 -3.51 -5.73 -20.27
CA THR A 103 -4.10 -5.40 -21.56
C THR A 103 -5.36 -4.55 -21.39
N LEU A 104 -5.73 -3.83 -22.44
CA LEU A 104 -6.91 -2.98 -22.40
C LEU A 104 -8.01 -3.53 -23.30
N ASP A 105 -9.26 -3.36 -22.88
CA ASP A 105 -10.40 -3.83 -23.66
C ASP A 105 -11.71 -3.39 -23.03
N GLU A 106 -11.76 -3.44 -21.70
CA GLU A 106 -12.97 -3.04 -20.97
C GLU A 106 -13.10 -1.52 -20.93
N GLY A 107 -11.97 -0.84 -20.92
CA GLY A 107 -11.98 0.62 -20.88
C GLY A 107 -12.34 1.16 -19.51
N PRO A 108 -11.59 0.78 -18.47
CA PRO A 108 -11.85 1.25 -17.10
C PRO A 108 -11.53 2.73 -16.92
N PRO A 109 -11.80 3.27 -15.72
CA PRO A 109 -11.54 4.69 -15.42
C PRO A 109 -10.07 5.06 -15.64
N LYS A 110 -9.66 6.20 -15.06
CA LYS A 110 -8.29 6.67 -15.20
C LYS A 110 -7.46 6.28 -13.97
N TYR A 111 -7.84 5.17 -13.33
CA TYR A 111 -7.12 4.71 -12.15
C TYR A 111 -7.42 3.23 -11.89
N THR A 112 -6.96 2.73 -10.75
CA THR A 112 -7.19 1.33 -10.38
C THR A 112 -7.12 1.14 -8.88
N LYS A 113 -8.28 0.99 -8.24
CA LYS A 113 -8.35 0.78 -6.80
C LYS A 113 -8.56 -0.69 -6.48
N SER A 114 -8.07 -1.11 -5.32
CA SER A 114 -8.20 -2.50 -4.89
C SER A 114 -8.37 -2.60 -3.38
N VAL A 115 -9.47 -3.22 -2.95
CA VAL A 115 -9.76 -3.39 -1.53
C VAL A 115 -8.97 -4.56 -0.94
N LEU A 116 -7.94 -4.24 -0.16
CA LEU A 116 -7.12 -5.27 0.47
C LEU A 116 -7.78 -5.78 1.74
N LYS A 117 -8.34 -4.86 2.52
CA LYS A 117 -9.01 -5.22 3.77
C LYS A 117 -10.44 -4.68 3.79
N LYS A 118 -11.40 -5.60 3.67
CA LYS A 118 -12.81 -5.22 3.67
C LYS A 118 -13.20 -4.57 5.00
N GLY A 119 -14.00 -3.52 4.93
CA GLY A 119 -14.44 -2.84 6.13
C GLY A 119 -15.92 -3.03 6.41
N ASP A 120 -16.49 -2.13 7.19
CA ASP A 120 -17.91 -2.19 7.56
C ASP A 120 -18.76 -2.74 6.42
N LYS A 121 -18.57 -2.17 5.23
CA LYS A 121 -19.33 -2.58 4.06
C LYS A 121 -20.77 -2.08 4.15
N THR A 122 -20.93 -0.87 4.68
CA THR A 122 -22.25 -0.28 4.83
C THR A 122 -22.12 1.22 5.11
N ASN A 123 -21.20 1.58 5.99
CA ASN A 123 -20.96 2.97 6.34
C ASN A 123 -20.02 3.63 5.34
N PHE A 124 -20.59 4.24 4.30
CA PHE A 124 -19.80 4.90 3.26
C PHE A 124 -19.95 6.41 3.36
N PRO A 125 -18.94 7.16 2.87
CA PRO A 125 -18.97 8.63 2.90
C PRO A 125 -19.94 9.21 1.88
N LYS A 126 -20.86 10.06 2.36
CA LYS A 126 -21.85 10.69 1.48
C LYS A 126 -21.40 12.09 1.09
N LYS A 127 -21.94 12.57 -0.03
CA LYS A 127 -21.59 13.91 -0.52
C LYS A 127 -21.92 14.98 0.52
N GLY A 128 -20.90 15.65 1.02
CA GLY A 128 -21.09 16.69 2.01
C GLY A 128 -20.63 16.27 3.39
N ASP A 129 -20.58 14.96 3.63
CA ASP A 129 -20.16 14.44 4.92
C ASP A 129 -18.63 14.33 4.98
N VAL A 130 -18.05 14.76 6.10
CA VAL A 130 -16.61 14.71 6.28
C VAL A 130 -16.11 13.28 6.39
N VAL A 131 -14.80 13.11 6.38
CA VAL A 131 -14.18 11.79 6.49
C VAL A 131 -12.76 11.92 7.04
N HIS A 132 -12.34 10.94 7.82
CA HIS A 132 -10.99 10.95 8.39
C HIS A 132 -10.28 9.64 8.09
N CYS A 133 -9.17 9.73 7.35
CA CYS A 133 -8.41 8.54 7.00
C CYS A 133 -6.95 8.89 6.75
N TRP A 134 -6.11 7.86 6.64
CA TRP A 134 -4.69 8.05 6.38
C TRP A 134 -4.38 7.76 4.92
N TYR A 135 -3.24 8.26 4.42
CA TYR A 135 -2.87 8.03 3.04
C TYR A 135 -1.37 8.22 2.82
N THR A 136 -0.77 7.29 2.09
CA THR A 136 0.67 7.34 1.82
C THR A 136 0.92 7.21 0.31
N GLY A 137 1.40 8.30 -0.29
CA GLY A 137 1.65 8.29 -1.71
C GLY A 137 3.09 7.94 -2.06
N THR A 138 3.27 7.21 -3.15
CA THR A 138 4.60 6.81 -3.61
C THR A 138 4.61 6.63 -5.12
N LEU A 139 5.60 7.24 -5.78
CA LEU A 139 5.71 7.14 -7.23
C LEU A 139 5.84 5.70 -7.68
N GLN A 140 5.97 5.50 -8.99
CA GLN A 140 6.11 4.16 -9.54
C GLN A 140 7.28 3.41 -8.90
N ASP A 141 8.38 4.12 -8.68
CA ASP A 141 9.55 3.53 -8.06
C ASP A 141 9.44 3.50 -6.53
N GLY A 142 8.32 3.98 -6.01
CA GLY A 142 8.12 4.00 -4.58
C GLY A 142 8.62 5.27 -3.93
N THR A 143 8.66 6.35 -4.70
CA THR A 143 9.12 7.64 -4.19
C THR A 143 8.02 8.35 -3.42
N VAL A 144 8.17 8.41 -2.10
CA VAL A 144 7.18 9.07 -1.24
C VAL A 144 7.12 10.56 -1.52
N PHE A 145 5.92 11.06 -1.84
CA PHE A 145 5.73 12.47 -2.12
C PHE A 145 4.90 13.14 -1.04
N ASP A 146 4.04 12.36 -0.39
CA ASP A 146 3.18 12.88 0.67
C ASP A 146 2.64 11.75 1.54
N THR A 147 3.05 11.75 2.81
CA THR A 147 2.59 10.72 3.74
C THR A 147 1.97 11.35 4.98
N ASN A 148 0.68 11.09 5.18
CA ASN A 148 -0.04 11.64 6.32
C ASN A 148 0.11 10.75 7.56
N ILE A 149 1.06 9.83 7.52
CA ILE A 149 1.30 8.93 8.65
C ILE A 149 2.73 9.03 9.15
N GLN A 150 2.89 9.34 10.42
CA GLN A 150 4.22 9.45 11.01
C GLN A 150 4.22 8.91 12.44
N THR A 151 3.52 9.60 13.33
CA THR A 151 3.45 9.19 14.72
C THR A 151 2.16 8.41 15.01
N SER A 152 2.14 7.71 16.14
CA SER A 152 0.96 6.92 16.51
C SER A 152 0.35 7.47 17.80
N ALA A 153 -0.97 7.30 17.93
CA ALA A 153 -1.67 7.77 19.12
C ALA A 153 -1.24 7.01 20.36
N LYS A 154 -0.87 5.75 20.17
CA LYS A 154 -0.43 4.91 21.28
C LYS A 154 0.97 5.31 21.75
N LYS A 155 1.79 5.78 20.82
CA LYS A 155 3.15 6.20 21.13
C LYS A 155 3.17 7.63 21.65
N LYS A 156 2.29 8.47 21.11
CA LYS A 156 2.21 9.86 21.51
C LYS A 156 1.07 10.58 20.79
N LYS A 157 0.40 11.48 21.50
CA LYS A 157 -0.71 12.23 20.93
C LYS A 157 -0.21 13.29 19.95
N ASN A 158 0.18 12.86 18.75
CA ASN A 158 0.68 13.77 17.74
C ASN A 158 0.45 13.19 16.34
N ALA A 159 -0.71 12.58 16.13
CA ALA A 159 -1.05 11.98 14.85
C ALA A 159 -2.57 11.85 14.69
N LYS A 160 -3.10 12.51 13.67
CA LYS A 160 -4.53 12.46 13.40
C LYS A 160 -4.81 12.33 11.91
N PRO A 161 -5.89 11.61 11.53
CA PRO A 161 -6.26 11.41 10.13
C PRO A 161 -6.76 12.69 9.48
N LEU A 162 -6.50 12.83 8.18
CA LEU A 162 -6.95 14.01 7.44
C LEU A 162 -8.47 14.01 7.29
N SER A 163 -9.11 15.09 7.72
CA SER A 163 -10.55 15.21 7.62
C SER A 163 -10.95 16.05 6.41
N PHE A 164 -11.70 15.44 5.50
CA PHE A 164 -12.15 16.13 4.30
C PHE A 164 -13.51 15.58 3.83
N LYS A 165 -14.37 16.47 3.38
CA LYS A 165 -15.70 16.08 2.90
C LYS A 165 -15.62 15.49 1.49
N VAL A 166 -16.38 14.43 1.26
CA VAL A 166 -16.40 13.76 -0.03
C VAL A 166 -17.43 14.39 -0.97
N GLY A 167 -17.14 14.35 -2.26
CA GLY A 167 -18.04 14.91 -3.24
C GLY A 167 -18.15 16.42 -3.16
N VAL A 168 -17.11 17.06 -2.63
CA VAL A 168 -17.09 18.51 -2.50
C VAL A 168 -15.80 19.09 -3.08
N GLY A 169 -15.39 18.58 -4.24
CA GLY A 169 -14.19 19.07 -4.90
C GLY A 169 -13.04 19.31 -3.94
N LYS A 170 -12.93 18.47 -2.92
CA LYS A 170 -11.86 18.61 -1.93
C LYS A 170 -10.60 17.88 -2.38
N VAL A 171 -10.78 16.68 -2.91
CA VAL A 171 -9.65 15.89 -3.37
C VAL A 171 -9.72 15.67 -4.89
N ILE A 172 -8.72 14.98 -5.43
CA ILE A 172 -8.69 14.71 -6.86
C ILE A 172 -9.91 13.91 -7.30
N ARG A 173 -10.19 13.94 -8.61
CA ARG A 173 -11.33 13.21 -9.16
C ARG A 173 -11.12 11.70 -9.06
N GLY A 174 -9.87 11.28 -9.10
CA GLY A 174 -9.55 9.88 -9.01
C GLY A 174 -9.71 9.34 -7.60
N TRP A 175 -9.35 10.17 -6.62
CA TRP A 175 -9.45 9.78 -5.22
C TRP A 175 -10.88 9.90 -4.73
N ASP A 176 -11.60 10.90 -5.25
CA ASP A 176 -12.98 11.13 -4.87
C ASP A 176 -13.85 9.94 -5.28
N GLU A 177 -13.50 9.33 -6.40
CA GLU A 177 -14.24 8.18 -6.90
C GLU A 177 -13.87 6.92 -6.13
N ALA A 178 -12.63 6.87 -5.65
CA ALA A 178 -12.14 5.72 -4.89
C ALA A 178 -12.62 5.77 -3.45
N LEU A 179 -12.31 6.86 -2.77
CA LEU A 179 -12.70 7.05 -1.38
C LEU A 179 -14.23 7.05 -1.24
N LEU A 180 -14.93 7.27 -2.34
CA LEU A 180 -16.39 7.30 -2.34
C LEU A 180 -16.96 5.97 -1.84
N THR A 181 -16.21 4.90 -2.02
CA THR A 181 -16.66 3.57 -1.59
C THR A 181 -15.82 3.04 -0.42
N MET A 182 -15.05 3.92 0.21
CA MET A 182 -14.22 3.53 1.34
C MET A 182 -15.08 3.24 2.57
N SER A 183 -15.32 1.96 2.83
CA SER A 183 -16.13 1.54 3.97
C SER A 183 -15.46 1.91 5.29
N LYS A 184 -16.25 1.97 6.34
CA LYS A 184 -15.73 2.31 7.67
C LYS A 184 -14.72 1.27 8.14
N GLY A 185 -13.48 1.71 8.33
CA GLY A 185 -12.42 0.82 8.78
C GLY A 185 -11.87 -0.04 7.66
N GLU A 186 -12.22 0.27 6.42
CA GLU A 186 -11.74 -0.50 5.28
C GLU A 186 -10.39 0.02 4.79
N LYS A 187 -9.55 -0.90 4.30
CA LYS A 187 -8.24 -0.54 3.78
C LYS A 187 -8.14 -0.94 2.32
N ALA A 188 -7.58 -0.05 1.50
CA ALA A 188 -7.45 -0.33 0.07
C ALA A 188 -6.25 0.38 -0.53
N ARG A 189 -6.01 0.11 -1.82
CA ARG A 189 -4.91 0.74 -2.54
C ARG A 189 -5.39 1.16 -3.93
N LEU A 190 -4.98 2.34 -4.36
CA LEU A 190 -5.40 2.84 -5.66
C LEU A 190 -4.27 3.54 -6.41
N GLU A 191 -4.18 3.28 -7.70
CA GLU A 191 -3.18 3.87 -8.57
C GLU A 191 -3.86 4.80 -9.58
N ILE A 192 -3.61 6.09 -9.47
CA ILE A 192 -4.21 7.07 -10.38
C ILE A 192 -3.19 7.61 -11.36
N GLU A 193 -3.66 7.92 -12.57
CA GLU A 193 -2.79 8.47 -13.61
C GLU A 193 -2.50 9.94 -13.35
N PRO A 194 -1.52 10.52 -14.06
CA PRO A 194 -1.15 11.93 -13.91
C PRO A 194 -2.30 12.87 -14.27
N GLU A 195 -3.15 12.42 -15.20
CA GLU A 195 -4.29 13.23 -15.64
C GLU A 195 -5.29 13.43 -14.51
N TRP A 196 -5.51 12.38 -13.71
CA TRP A 196 -6.45 12.44 -12.60
C TRP A 196 -5.73 12.74 -11.29
N ALA A 197 -4.71 13.59 -11.37
CA ALA A 197 -3.94 13.96 -10.18
C ALA A 197 -3.21 15.27 -10.41
N TYR A 198 -2.06 15.21 -11.08
CA TYR A 198 -1.26 16.40 -11.36
C TYR A 198 -1.38 16.78 -12.83
N GLY A 199 -0.76 15.98 -13.68
CA GLY A 199 -0.81 16.25 -15.11
C GLY A 199 0.49 15.90 -15.81
N LYS A 200 0.55 16.18 -17.11
CA LYS A 200 1.74 15.90 -17.90
C LYS A 200 2.97 16.58 -17.31
N LYS A 201 2.76 17.78 -16.76
CA LYS A 201 3.85 18.53 -16.15
C LYS A 201 4.42 17.79 -14.96
N GLY A 202 3.56 17.40 -14.05
CA GLY A 202 3.98 16.67 -12.87
C GLY A 202 3.99 17.54 -11.63
N GLN A 203 4.97 17.31 -10.75
CA GLN A 203 5.09 18.07 -9.53
C GLN A 203 6.55 18.13 -9.07
N PRO A 204 7.29 19.17 -9.50
CA PRO A 204 8.70 19.34 -9.14
C PRO A 204 8.92 19.48 -7.65
N ASP A 205 7.89 19.92 -6.94
CA ASP A 205 7.98 20.10 -5.49
C ASP A 205 8.05 18.75 -4.78
N ALA A 206 7.25 17.81 -5.24
CA ALA A 206 7.23 16.47 -4.66
C ALA A 206 8.04 15.49 -5.48
N LYS A 207 9.04 15.99 -6.20
CA LYS A 207 9.90 15.16 -7.03
C LYS A 207 9.06 14.30 -7.98
N ILE A 208 7.93 14.84 -8.42
CA ILE A 208 7.05 14.12 -9.33
C ILE A 208 7.35 14.49 -10.79
N PRO A 209 7.89 13.55 -11.59
CA PRO A 209 8.21 13.79 -12.99
C PRO A 209 6.97 13.95 -13.85
N PRO A 210 7.13 14.36 -15.12
CA PRO A 210 6.01 14.55 -16.04
C PRO A 210 5.31 13.25 -16.38
N ASN A 211 4.02 13.18 -16.07
CA ASN A 211 3.23 11.98 -16.34
C ASN A 211 3.76 10.79 -15.53
N ALA A 212 3.53 10.83 -14.23
CA ALA A 212 4.00 9.77 -13.34
C ALA A 212 2.83 9.17 -12.55
N LYS A 213 2.74 7.84 -12.58
CA LYS A 213 1.68 7.14 -11.87
C LYS A 213 1.84 7.30 -10.37
N LEU A 214 0.72 7.50 -9.67
CA LEU A 214 0.75 7.68 -8.22
C LEU A 214 -0.07 6.60 -7.51
N THR A 215 0.63 5.70 -6.83
CA THR A 215 -0.03 4.62 -6.09
C THR A 215 0.05 4.86 -4.59
N PHE A 216 -1.03 4.53 -3.89
CA PHE A 216 -1.06 4.71 -2.43
C PHE A 216 -2.09 3.82 -1.77
N GLU A 217 -2.20 3.95 -0.45
CA GLU A 217 -3.16 3.16 0.32
C GLU A 217 -3.87 4.03 1.35
N VAL A 218 -5.17 3.80 1.53
CA VAL A 218 -5.95 4.58 2.46
C VAL A 218 -6.65 3.70 3.50
N GLU A 219 -6.90 4.28 4.67
CA GLU A 219 -7.57 3.57 5.75
C GLU A 219 -8.61 4.47 6.41
N LEU A 220 -9.89 4.15 6.20
CA LEU A 220 -10.97 4.94 6.78
C LEU A 220 -11.03 4.76 8.28
N VAL A 221 -11.06 5.87 9.01
CA VAL A 221 -11.10 5.84 10.47
C VAL A 221 -12.47 6.27 10.99
N ASP A 222 -13.11 7.19 10.28
CA ASP A 222 -14.42 7.68 10.68
C ASP A 222 -15.06 8.51 9.58
N ILE A 223 -16.38 8.67 9.64
CA ILE A 223 -17.11 9.44 8.66
C ILE A 223 -18.23 10.26 9.32
N ASP A 224 -18.05 11.58 9.34
CA ASP A 224 -19.04 12.47 9.94
C ASP A 224 -19.63 13.41 8.89
N MET A 1 14.35 5.37 -7.73
CA MET A 1 14.08 4.73 -9.05
C MET A 1 12.87 3.81 -8.98
N ALA A 2 12.62 3.24 -7.81
CA ALA A 2 11.49 2.35 -7.62
C ALA A 2 11.00 2.38 -6.18
N ALA A 3 9.93 3.13 -5.93
CA ALA A 3 9.37 3.23 -4.59
C ALA A 3 8.18 2.31 -4.43
N ALA A 4 7.59 2.29 -3.22
CA ALA A 4 6.44 1.45 -2.93
C ALA A 4 6.19 1.35 -1.42
N VAL A 5 5.46 2.33 -0.88
CA VAL A 5 5.15 2.34 0.53
C VAL A 5 3.86 1.58 0.81
N PRO A 6 3.96 0.41 1.48
CA PRO A 6 2.80 -0.41 1.80
C PRO A 6 2.02 0.10 3.02
N GLN A 7 0.69 0.12 2.90
CA GLN A 7 -0.16 0.59 3.98
C GLN A 7 -0.32 -0.48 5.05
N ARG A 8 -0.66 -0.06 6.27
CA ARG A 8 -0.84 -0.98 7.38
C ARG A 8 -1.73 -2.15 6.99
N ALA A 9 -1.12 -3.26 6.59
CA ALA A 9 -1.85 -4.45 6.18
C ALA A 9 -2.53 -5.12 7.37
N TRP A 10 -2.07 -4.78 8.58
CA TRP A 10 -2.64 -5.36 9.80
C TRP A 10 -2.82 -4.28 10.87
N THR A 11 -3.45 -4.67 11.97
CA THR A 11 -3.69 -3.75 13.07
C THR A 11 -2.93 -4.20 14.31
N VAL A 12 -2.54 -3.24 15.15
CA VAL A 12 -1.82 -3.54 16.37
C VAL A 12 -2.61 -4.52 17.24
N GLU A 13 -3.93 -4.42 17.17
CA GLU A 13 -4.80 -5.29 17.94
C GLU A 13 -4.89 -6.68 17.31
N GLN A 14 -4.65 -6.76 16.00
CA GLN A 14 -4.70 -8.04 15.31
C GLN A 14 -3.39 -8.80 15.47
N LEU A 15 -2.30 -8.18 15.06
CA LEU A 15 -0.97 -8.80 15.16
C LEU A 15 -0.72 -9.32 16.56
N ARG A 16 -0.73 -8.41 17.54
CA ARG A 16 -0.52 -8.78 18.93
C ARG A 16 -1.47 -9.88 19.38
N SER A 17 -2.61 -9.98 18.70
CA SER A 17 -3.60 -11.00 19.03
C SER A 17 -3.01 -12.40 18.93
N GLU A 18 -3.82 -13.40 19.28
CA GLU A 18 -3.38 -14.79 19.24
C GLU A 18 -4.11 -15.56 18.13
N GLN A 19 -4.71 -14.82 17.19
CA GLN A 19 -5.43 -15.44 16.09
C GLN A 19 -4.65 -15.31 14.78
N LEU A 20 -3.82 -14.28 14.70
CA LEU A 20 -3.02 -14.04 13.50
C LEU A 20 -1.69 -14.80 13.57
N PRO A 21 -1.51 -15.81 12.69
CA PRO A 21 -0.28 -16.61 12.66
C PRO A 21 0.96 -15.75 12.52
N LYS A 22 1.91 -15.92 13.44
CA LYS A 22 3.14 -15.16 13.42
C LYS A 22 3.95 -15.43 12.14
N LYS A 23 3.70 -16.60 11.53
CA LYS A 23 4.40 -16.97 10.31
C LYS A 23 4.26 -15.90 9.24
N ASP A 24 3.07 -15.32 9.14
CA ASP A 24 2.81 -14.28 8.15
C ASP A 24 3.52 -12.98 8.51
N ILE A 25 3.24 -12.48 9.71
CA ILE A 25 3.82 -11.25 10.20
C ILE A 25 5.33 -11.20 9.91
N ILE A 26 5.96 -12.37 9.92
CA ILE A 26 7.40 -12.47 9.67
C ILE A 26 7.69 -12.31 8.17
N LYS A 27 6.84 -12.90 7.35
CA LYS A 27 7.00 -12.85 5.91
C LYS A 27 6.67 -11.46 5.37
N PHE A 28 5.84 -10.72 6.11
CA PHE A 28 5.45 -9.37 5.71
C PHE A 28 6.60 -8.40 5.87
N LEU A 29 7.27 -8.47 7.01
CA LEU A 29 8.40 -7.60 7.29
C LEU A 29 9.58 -7.93 6.38
N GLN A 30 9.64 -9.18 5.91
CA GLN A 30 10.71 -9.62 5.04
C GLN A 30 10.50 -9.13 3.61
N GLU A 31 9.24 -8.86 3.25
CA GLU A 31 8.91 -8.39 1.91
C GLU A 31 8.85 -6.87 1.88
N HIS A 32 8.27 -6.27 2.92
CA HIS A 32 8.16 -4.82 3.02
C HIS A 32 9.27 -4.24 3.87
N GLY A 33 10.32 -5.03 4.09
CA GLY A 33 11.44 -4.58 4.90
C GLY A 33 12.78 -5.03 4.34
N SER A 34 13.82 -4.26 4.64
CA SER A 34 15.16 -4.59 4.17
C SER A 34 15.88 -5.48 5.18
N ASP A 35 16.82 -6.29 4.69
CA ASP A 35 17.58 -7.18 5.56
C ASP A 35 18.14 -6.44 6.78
N SER A 36 18.91 -5.39 6.52
CA SER A 36 19.50 -4.59 7.59
C SER A 36 18.45 -4.23 8.64
N PHE A 37 17.34 -3.70 8.16
CA PHE A 37 16.23 -3.32 9.04
C PHE A 37 15.82 -4.50 9.92
N LEU A 38 15.66 -5.66 9.30
CA LEU A 38 15.27 -6.87 10.02
C LEU A 38 16.38 -7.30 10.99
N ALA A 39 17.63 -7.20 10.53
CA ALA A 39 18.77 -7.58 11.34
C ALA A 39 18.68 -6.96 12.73
N GLU A 40 18.34 -5.68 12.76
CA GLU A 40 18.22 -4.95 14.02
C GLU A 40 17.16 -5.61 14.92
N HIS A 41 16.20 -6.28 14.30
CA HIS A 41 15.15 -6.97 15.04
C HIS A 41 15.27 -8.49 14.88
N LYS A 42 16.39 -8.95 14.35
CA LYS A 42 16.62 -10.38 14.15
C LYS A 42 15.45 -11.01 13.40
N LEU A 43 14.83 -10.25 12.51
CA LEU A 43 13.69 -10.73 11.74
C LEU A 43 14.12 -11.37 10.42
N LEU A 44 15.29 -11.01 9.94
CA LEU A 44 15.80 -11.56 8.67
C LEU A 44 16.32 -12.97 8.86
N GLY A 45 16.37 -13.72 7.77
CA GLY A 45 16.85 -15.09 7.82
C GLY A 45 15.78 -16.10 7.45
N ASN A 46 15.49 -17.01 8.36
CA ASN A 46 14.48 -18.03 8.12
C ASN A 46 13.31 -17.88 9.09
N ILE A 47 12.13 -17.58 8.55
CA ILE A 47 10.92 -17.41 9.36
C ILE A 47 10.79 -18.52 10.40
N LYS A 48 10.79 -19.77 9.93
CA LYS A 48 10.67 -20.92 10.82
C LYS A 48 11.62 -20.80 12.00
N ASN A 49 12.81 -20.27 11.74
CA ASN A 49 13.82 -20.10 12.79
C ASN A 49 13.62 -18.78 13.53
N VAL A 50 13.01 -17.82 12.85
CA VAL A 50 12.76 -16.51 13.45
C VAL A 50 11.51 -16.52 14.33
N ALA A 51 10.59 -17.44 14.04
CA ALA A 51 9.37 -17.56 14.82
C ALA A 51 9.66 -18.03 16.23
N LYS A 52 10.86 -18.56 16.45
CA LYS A 52 11.26 -19.05 17.76
C LYS A 52 12.03 -17.98 18.53
N THR A 53 12.78 -17.15 17.80
CA THR A 53 13.56 -16.09 18.42
C THR A 53 12.74 -14.82 18.57
N ALA A 54 11.79 -14.62 17.66
CA ALA A 54 10.93 -13.45 17.70
C ALA A 54 9.62 -13.75 18.40
N ASN A 55 9.29 -12.94 19.41
CA ASN A 55 8.07 -13.11 20.16
C ASN A 55 6.88 -12.49 19.42
N LYS A 56 5.68 -12.67 19.96
CA LYS A 56 4.49 -12.11 19.34
C LYS A 56 4.61 -10.60 19.20
N ASP A 57 4.80 -9.92 20.33
CA ASP A 57 4.94 -8.48 20.32
C ASP A 57 6.20 -8.06 19.57
N HIS A 58 7.18 -8.95 19.52
CA HIS A 58 8.43 -8.68 18.82
C HIS A 58 8.16 -8.46 17.33
N LEU A 59 7.32 -9.32 16.76
CA LEU A 59 6.97 -9.23 15.35
C LEU A 59 6.09 -8.01 15.09
N VAL A 60 5.24 -7.69 16.05
CA VAL A 60 4.33 -6.54 15.92
C VAL A 60 5.08 -5.23 16.14
N THR A 61 5.95 -5.22 17.15
CA THR A 61 6.73 -4.04 17.47
C THR A 61 7.59 -3.63 16.30
N ALA A 62 8.08 -4.62 15.54
CA ALA A 62 8.91 -4.36 14.38
C ALA A 62 8.07 -4.01 13.16
N TYR A 63 6.79 -4.41 13.19
CA TYR A 63 5.87 -4.13 12.10
C TYR A 63 5.29 -2.73 12.21
N ASN A 64 5.29 -2.18 13.43
CA ASN A 64 4.75 -0.85 13.66
C ASN A 64 5.78 0.23 13.38
N HIS A 65 6.96 0.11 14.00
CA HIS A 65 8.02 1.09 13.81
C HIS A 65 8.45 1.16 12.34
N LEU A 66 8.40 0.02 11.65
CA LEU A 66 8.80 -0.04 10.25
C LEU A 66 8.17 1.09 9.44
N PHE A 67 6.91 1.39 9.73
CA PHE A 67 6.19 2.45 9.05
C PHE A 67 6.60 3.82 9.58
N GLU A 68 6.80 3.89 10.89
CA GLU A 68 7.21 5.13 11.54
C GLU A 68 8.61 5.54 11.12
N THR A 69 9.48 4.55 10.94
CA THR A 69 10.86 4.79 10.54
C THR A 69 11.02 4.72 9.03
N LYS A 70 9.97 4.32 8.32
CA LYS A 70 10.01 4.21 6.87
C LYS A 70 11.21 3.40 6.41
N ARG A 71 11.55 2.37 7.18
CA ARG A 71 12.70 1.52 6.84
C ARG A 71 12.25 0.30 6.05
N PHE A 72 11.37 0.52 5.07
CA PHE A 72 10.87 -0.56 4.24
C PHE A 72 11.99 -1.17 3.40
N LYS A 73 11.68 -2.24 2.67
CA LYS A 73 12.65 -2.91 1.82
C LYS A 73 13.01 -2.04 0.61
N GLY A 74 14.21 -2.23 0.09
CA GLY A 74 14.65 -1.45 -1.05
C GLY A 74 14.60 -2.26 -2.35
N THR A 75 15.66 -3.00 -2.62
CA THR A 75 15.73 -3.82 -3.83
C THR A 75 16.84 -4.86 -3.72
N GLU A 76 16.73 -5.92 -4.51
CA GLU A 76 17.72 -6.99 -4.50
C GLU A 76 17.50 -7.94 -5.66
N SER A 77 16.25 -8.28 -5.91
CA SER A 77 15.90 -9.20 -7.01
C SER A 77 14.46 -8.97 -7.46
N ILE A 78 14.04 -9.75 -8.46
CA ILE A 78 12.69 -9.64 -8.99
C ILE A 78 12.12 -11.01 -9.31
N SER A 79 10.86 -11.24 -8.92
CA SER A 79 10.20 -12.51 -9.17
C SER A 79 9.41 -12.46 -10.47
N LYS A 80 9.11 -13.64 -11.02
CA LYS A 80 8.35 -13.72 -12.27
C LYS A 80 7.78 -15.13 -12.46
N VAL A 81 6.57 -15.21 -13.01
CA VAL A 81 5.92 -16.48 -13.25
C VAL A 81 5.48 -16.62 -14.70
N SER A 82 5.00 -17.80 -15.06
CA SER A 82 4.55 -18.06 -16.42
C SER A 82 3.02 -18.07 -16.50
N GLU A 83 2.46 -16.99 -17.06
CA GLU A 83 1.02 -16.88 -17.19
C GLU A 83 0.65 -16.05 -18.41
N GLN A 84 -0.51 -16.32 -18.99
CA GLN A 84 -0.98 -15.60 -20.17
C GLN A 84 -2.51 -15.57 -20.23
N VAL A 85 -3.06 -14.46 -20.70
CA VAL A 85 -4.50 -14.32 -20.82
C VAL A 85 -4.91 -13.80 -22.19
N LYS A 86 -5.81 -14.51 -22.85
CA LYS A 86 -6.28 -14.12 -24.17
C LYS A 86 -7.80 -14.08 -24.22
N ASN A 87 -8.43 -15.21 -23.97
CA ASN A 87 -9.89 -15.31 -23.99
C ASN A 87 -10.39 -16.31 -22.95
N VAL A 88 -11.17 -15.81 -22.00
CA VAL A 88 -11.71 -16.66 -20.94
C VAL A 88 -13.17 -16.34 -20.67
N LYS A 89 -13.92 -17.32 -20.19
CA LYS A 89 -15.33 -17.13 -19.88
C LYS A 89 -15.52 -16.71 -18.43
N LEU A 90 -14.65 -17.20 -17.55
CA LEU A 90 -14.73 -16.86 -16.14
C LEU A 90 -16.06 -17.31 -15.53
N ASN A 91 -16.03 -18.43 -14.81
CA ASN A 91 -17.23 -18.96 -14.19
C ASN A 91 -17.22 -18.72 -12.68
N GLU A 92 -16.03 -18.74 -12.10
CA GLU A 92 -15.87 -18.53 -10.66
C GLU A 92 -14.75 -17.54 -10.38
N ASP A 93 -14.86 -16.84 -9.25
CA ASP A 93 -13.85 -15.86 -8.86
C ASP A 93 -12.88 -16.45 -7.85
N LYS A 94 -11.59 -16.21 -8.06
CA LYS A 94 -10.56 -16.71 -7.16
C LYS A 94 -9.58 -15.61 -6.78
N PRO A 95 -8.82 -15.81 -5.69
CA PRO A 95 -7.84 -14.83 -5.22
C PRO A 95 -6.64 -14.72 -6.15
N LYS A 96 -5.88 -13.64 -6.00
CA LYS A 96 -4.69 -13.42 -6.83
C LYS A 96 -3.62 -14.46 -6.54
N GLU A 97 -2.57 -14.47 -7.36
CA GLU A 97 -1.48 -15.41 -7.18
C GLU A 97 -0.37 -15.17 -8.21
N THR A 98 -0.79 -14.86 -9.44
CA THR A 98 0.17 -14.60 -10.51
C THR A 98 0.47 -13.11 -10.62
N LYS A 99 1.75 -12.78 -10.79
CA LYS A 99 2.17 -11.39 -10.91
C LYS A 99 1.82 -10.83 -12.29
N SER A 100 1.52 -9.54 -12.34
CA SER A 100 1.17 -8.88 -13.59
C SER A 100 2.42 -8.41 -14.33
N GLU A 101 2.55 -8.80 -15.59
CA GLU A 101 3.70 -8.41 -16.39
C GLU A 101 3.26 -8.03 -17.80
N GLU A 102 2.06 -7.47 -17.91
CA GLU A 102 1.53 -7.05 -19.20
C GLU A 102 1.50 -5.53 -19.31
N THR A 103 2.09 -5.01 -20.37
CA THR A 103 2.14 -3.57 -20.59
C THR A 103 1.24 -3.17 -21.76
N LEU A 104 0.59 -2.01 -21.64
CA LEU A 104 -0.29 -1.52 -22.70
C LEU A 104 0.51 -0.86 -23.81
N ASP A 105 -0.20 -0.36 -24.82
CA ASP A 105 0.45 0.30 -25.96
C ASP A 105 0.14 1.79 -25.97
N GLU A 106 -1.08 2.15 -25.56
CA GLU A 106 -1.51 3.53 -25.53
C GLU A 106 -1.81 3.98 -24.10
N GLY A 107 -2.41 3.08 -23.32
CA GLY A 107 -2.75 3.40 -21.95
C GLY A 107 -3.68 4.59 -21.84
N PRO A 108 -5.00 4.35 -21.82
CA PRO A 108 -5.99 5.43 -21.71
C PRO A 108 -5.80 6.30 -20.48
N PRO A 109 -5.58 5.68 -19.31
CA PRO A 109 -5.38 6.38 -18.05
C PRO A 109 -3.94 6.86 -17.88
N LYS A 110 -3.61 7.30 -16.67
CA LYS A 110 -2.26 7.78 -16.38
C LYS A 110 -1.81 7.32 -15.00
N TYR A 111 -2.31 6.18 -14.56
CA TYR A 111 -1.95 5.63 -13.25
C TYR A 111 -2.13 4.12 -13.23
N THR A 112 -1.29 3.44 -12.45
CA THR A 112 -1.34 1.98 -12.34
C THR A 112 -1.66 1.56 -10.92
N LYS A 113 -2.89 1.16 -10.68
CA LYS A 113 -3.31 0.73 -9.35
C LYS A 113 -3.35 -0.80 -9.25
N SER A 114 -3.13 -1.31 -8.04
CA SER A 114 -3.13 -2.75 -7.81
C SER A 114 -3.73 -3.08 -6.44
N VAL A 115 -4.75 -3.92 -6.44
CA VAL A 115 -5.41 -4.32 -5.20
C VAL A 115 -4.65 -5.43 -4.49
N LEU A 116 -4.02 -5.09 -3.37
CA LEU A 116 -3.25 -6.06 -2.61
C LEU A 116 -4.16 -6.83 -1.65
N LYS A 117 -4.99 -6.10 -0.92
CA LYS A 117 -5.91 -6.71 0.03
C LYS A 117 -7.36 -6.44 -0.37
N LYS A 118 -8.04 -7.48 -0.85
CA LYS A 118 -9.43 -7.35 -1.26
C LYS A 118 -10.32 -6.97 -0.09
N GLY A 119 -11.20 -5.99 -0.31
CA GLY A 119 -12.09 -5.54 0.74
C GLY A 119 -13.51 -6.05 0.55
N ASP A 120 -14.46 -5.39 1.21
CA ASP A 120 -15.87 -5.78 1.14
C ASP A 120 -16.24 -6.31 -0.25
N LYS A 121 -15.83 -5.58 -1.27
CA LYS A 121 -16.12 -5.96 -2.65
C LYS A 121 -17.60 -5.73 -2.97
N THR A 122 -18.14 -4.64 -2.44
CA THR A 122 -19.54 -4.31 -2.65
C THR A 122 -19.80 -2.84 -2.31
N ASN A 123 -19.26 -2.40 -1.18
CA ASN A 123 -19.43 -1.02 -0.75
C ASN A 123 -18.38 -0.10 -1.38
N PHE A 124 -18.78 0.56 -2.46
CA PHE A 124 -17.88 1.46 -3.17
C PHE A 124 -18.34 2.91 -3.03
N PRO A 125 -17.41 3.88 -3.15
CA PRO A 125 -17.75 5.30 -3.03
C PRO A 125 -18.49 5.83 -4.24
N LYS A 126 -19.65 6.45 -3.99
CA LYS A 126 -20.47 7.01 -5.06
C LYS A 126 -20.20 8.50 -5.23
N LYS A 127 -20.55 9.04 -6.39
CA LYS A 127 -20.36 10.45 -6.68
C LYS A 127 -21.00 11.32 -5.60
N GLY A 128 -20.18 12.07 -4.89
CA GLY A 128 -20.69 12.93 -3.83
C GLY A 128 -20.50 12.33 -2.46
N ASP A 129 -20.49 11.01 -2.39
CA ASP A 129 -20.30 10.31 -1.13
C ASP A 129 -18.87 10.45 -0.63
N VAL A 130 -18.71 10.83 0.63
CA VAL A 130 -17.39 11.01 1.20
C VAL A 130 -16.70 9.67 1.46
N VAL A 131 -15.46 9.74 1.92
CA VAL A 131 -14.68 8.54 2.21
C VAL A 131 -13.57 8.87 3.21
N HIS A 132 -13.25 7.90 4.07
CA HIS A 132 -12.19 8.10 5.05
C HIS A 132 -11.15 7.00 4.93
N CYS A 133 -9.92 7.39 4.59
CA CYS A 133 -8.85 6.41 4.42
C CYS A 133 -7.48 7.05 4.64
N TRP A 134 -6.45 6.21 4.72
CA TRP A 134 -5.09 6.67 4.90
C TRP A 134 -4.33 6.63 3.59
N TYR A 135 -3.22 7.37 3.49
CA TYR A 135 -2.43 7.39 2.27
C TYR A 135 -1.00 7.85 2.54
N THR A 136 -0.04 7.13 1.97
CA THR A 136 1.37 7.45 2.14
C THR A 136 2.03 7.64 0.78
N GLY A 137 2.36 8.88 0.44
CA GLY A 137 2.99 9.15 -0.84
C GLY A 137 4.50 9.17 -0.78
N THR A 138 5.11 8.67 -1.85
CA THR A 138 6.57 8.63 -1.94
C THR A 138 7.02 8.69 -3.40
N LEU A 139 8.01 9.52 -3.68
CA LEU A 139 8.53 9.67 -5.04
C LEU A 139 9.10 8.35 -5.53
N GLN A 140 9.61 8.36 -6.77
CA GLN A 140 10.19 7.15 -7.35
C GLN A 140 11.29 6.59 -6.45
N ASP A 141 12.10 7.47 -5.90
CA ASP A 141 13.20 7.07 -5.02
C ASP A 141 12.70 6.79 -3.61
N GLY A 142 11.40 6.94 -3.39
CA GLY A 142 10.83 6.70 -2.07
C GLY A 142 10.84 7.94 -1.19
N THR A 143 10.83 9.10 -1.83
CA THR A 143 10.83 10.37 -1.10
C THR A 143 9.42 10.72 -0.61
N VAL A 144 9.23 10.62 0.70
CA VAL A 144 7.93 10.92 1.30
C VAL A 144 7.57 12.39 1.11
N PHE A 145 6.46 12.64 0.45
CA PHE A 145 6.00 14.01 0.20
C PHE A 145 4.73 14.32 0.98
N ASP A 146 3.97 13.28 1.33
CA ASP A 146 2.74 13.45 2.08
C ASP A 146 2.29 12.14 2.72
N THR A 147 2.34 12.09 4.04
CA THR A 147 1.94 10.90 4.78
C THR A 147 0.91 11.25 5.84
N ASN A 148 -0.32 10.75 5.66
CA ASN A 148 -1.40 11.02 6.60
C ASN A 148 -1.42 10.00 7.75
N ILE A 149 -0.35 9.22 7.87
CA ILE A 149 -0.26 8.22 8.94
C ILE A 149 0.84 8.57 9.92
N GLN A 150 0.46 8.76 11.19
CA GLN A 150 1.42 9.10 12.24
C GLN A 150 1.36 8.08 13.37
N THR A 151 0.14 7.80 13.83
CA THR A 151 -0.07 6.85 14.92
C THR A 151 -1.37 6.08 14.74
N SER A 152 -1.53 5.01 15.50
CA SER A 152 -2.72 4.19 15.43
C SER A 152 -3.84 4.77 16.29
N ALA A 153 -5.06 4.29 16.09
CA ALA A 153 -6.21 4.76 16.86
C ALA A 153 -6.27 4.09 18.22
N LYS A 154 -6.12 2.78 18.24
CA LYS A 154 -6.16 2.01 19.49
C LYS A 154 -5.07 2.48 20.43
N LYS A 155 -3.94 2.88 19.89
CA LYS A 155 -2.81 3.35 20.68
C LYS A 155 -3.06 4.76 21.20
N LYS A 156 -3.80 5.55 20.42
CA LYS A 156 -4.11 6.92 20.80
C LYS A 156 -5.09 7.54 19.82
N LYS A 157 -5.66 8.68 20.21
CA LYS A 157 -6.63 9.39 19.36
C LYS A 157 -5.96 10.53 18.62
N ASN A 158 -4.68 10.36 18.29
CA ASN A 158 -3.93 11.38 17.58
C ASN A 158 -3.79 11.02 16.10
N ALA A 159 -4.83 10.39 15.56
CA ALA A 159 -4.83 9.99 14.16
C ALA A 159 -6.25 9.81 13.64
N LYS A 160 -6.61 10.61 12.64
CA LYS A 160 -7.96 10.55 12.06
C LYS A 160 -7.88 10.51 10.53
N PRO A 161 -8.48 9.49 9.90
CA PRO A 161 -8.47 9.36 8.44
C PRO A 161 -8.99 10.61 7.74
N LEU A 162 -8.51 10.86 6.53
CA LEU A 162 -8.93 12.03 5.76
C LEU A 162 -10.27 11.77 5.08
N SER A 163 -11.21 12.68 5.26
CA SER A 163 -12.53 12.55 4.66
C SER A 163 -12.74 13.57 3.54
N PHE A 164 -13.14 13.06 2.37
CA PHE A 164 -13.38 13.92 1.22
C PHE A 164 -14.41 13.30 0.28
N LYS A 165 -15.24 14.13 -0.32
CA LYS A 165 -16.26 13.67 -1.24
C LYS A 165 -15.64 13.18 -2.54
N VAL A 166 -16.05 12.00 -2.99
CA VAL A 166 -15.53 11.42 -4.23
C VAL A 166 -16.33 11.88 -5.44
N GLY A 167 -15.67 11.99 -6.58
CA GLY A 167 -16.33 12.42 -7.79
C GLY A 167 -16.74 13.88 -7.74
N VAL A 168 -16.04 14.66 -6.93
CA VAL A 168 -16.33 16.08 -6.80
C VAL A 168 -15.06 16.91 -6.84
N GLY A 169 -14.18 16.61 -7.80
CA GLY A 169 -12.93 17.34 -7.95
C GLY A 169 -12.23 17.60 -6.64
N LYS A 170 -12.32 16.64 -5.72
CA LYS A 170 -11.69 16.77 -4.41
C LYS A 170 -10.21 16.42 -4.48
N VAL A 171 -9.91 15.30 -5.13
CA VAL A 171 -8.53 14.85 -5.28
C VAL A 171 -8.14 14.78 -6.75
N ILE A 172 -6.91 14.36 -7.02
CA ILE A 172 -6.42 14.25 -8.39
C ILE A 172 -7.30 13.33 -9.22
N ARG A 173 -7.25 13.48 -10.54
CA ARG A 173 -8.04 12.66 -11.45
C ARG A 173 -7.60 11.20 -11.42
N GLY A 174 -6.33 10.98 -11.10
CA GLY A 174 -5.79 9.64 -11.04
C GLY A 174 -6.22 8.91 -9.78
N TRP A 175 -6.29 9.64 -8.69
CA TRP A 175 -6.70 9.07 -7.41
C TRP A 175 -8.20 8.88 -7.35
N ASP A 176 -8.93 9.78 -7.98
CA ASP A 176 -10.39 9.71 -8.01
C ASP A 176 -10.84 8.43 -8.70
N GLU A 177 -10.17 8.09 -9.79
CA GLU A 177 -10.49 6.89 -10.55
C GLU A 177 -10.08 5.64 -9.76
N ALA A 178 -9.04 5.79 -8.95
CA ALA A 178 -8.55 4.67 -8.14
C ALA A 178 -9.42 4.46 -6.91
N LEU A 179 -9.47 5.46 -6.05
CA LEU A 179 -10.27 5.40 -4.83
C LEU A 179 -11.74 5.14 -5.14
N LEU A 180 -12.15 5.43 -6.36
CA LEU A 180 -13.53 5.23 -6.78
C LEU A 180 -13.92 3.76 -6.66
N THR A 181 -12.93 2.88 -6.77
CA THR A 181 -13.18 1.43 -6.67
C THR A 181 -12.65 0.87 -5.36
N MET A 182 -12.25 1.74 -4.43
CA MET A 182 -11.73 1.29 -3.15
C MET A 182 -12.85 0.76 -2.25
N SER A 183 -12.98 -0.56 -2.21
CA SER A 183 -14.02 -1.20 -1.42
C SER A 183 -13.80 -0.95 0.07
N LYS A 184 -14.85 -1.15 0.85
CA LYS A 184 -14.78 -0.94 2.30
C LYS A 184 -13.74 -1.86 2.94
N GLY A 185 -12.69 -1.25 3.49
CA GLY A 185 -11.65 -2.02 4.14
C GLY A 185 -10.63 -2.58 3.15
N GLU A 186 -10.73 -2.17 1.89
CA GLU A 186 -9.81 -2.66 0.87
C GLU A 186 -8.52 -1.85 0.84
N LYS A 187 -7.40 -2.53 0.65
CA LYS A 187 -6.10 -1.88 0.59
C LYS A 187 -5.48 -2.11 -0.78
N ALA A 188 -4.84 -1.07 -1.33
CA ALA A 188 -4.23 -1.19 -2.64
C ALA A 188 -2.99 -0.31 -2.77
N ARG A 189 -2.31 -0.42 -3.91
CA ARG A 189 -1.12 0.35 -4.20
C ARG A 189 -1.16 0.84 -5.64
N LEU A 190 -1.11 2.15 -5.83
CA LEU A 190 -1.16 2.71 -7.17
C LEU A 190 -0.11 3.79 -7.39
N GLU A 191 0.44 3.82 -8.61
CA GLU A 191 1.44 4.79 -9.00
C GLU A 191 0.88 5.71 -10.09
N ILE A 192 0.78 6.99 -9.79
CA ILE A 192 0.25 7.95 -10.77
C ILE A 192 1.35 8.84 -11.33
N GLU A 193 1.31 9.06 -12.63
CA GLU A 193 2.30 9.91 -13.29
C GLU A 193 2.10 11.37 -12.90
N PRO A 194 3.10 12.22 -13.16
CA PRO A 194 3.04 13.65 -12.84
C PRO A 194 1.86 14.34 -13.51
N GLU A 195 1.54 13.92 -14.73
CA GLU A 195 0.43 14.50 -15.48
C GLU A 195 -0.87 14.42 -14.70
N TRP A 196 -1.13 13.27 -14.09
CA TRP A 196 -2.35 13.07 -13.32
C TRP A 196 -2.11 13.32 -11.83
N ALA A 197 -1.24 14.28 -11.53
CA ALA A 197 -0.92 14.62 -10.15
C ALA A 197 -0.32 16.03 -10.08
N TYR A 198 0.96 16.15 -10.41
CA TYR A 198 1.63 17.44 -10.39
C TYR A 198 1.84 17.95 -11.81
N GLY A 199 2.75 17.31 -12.53
CA GLY A 199 3.02 17.71 -13.90
C GLY A 199 4.49 17.67 -14.24
N LYS A 200 4.82 18.00 -15.50
CA LYS A 200 6.20 18.01 -15.95
C LYS A 200 7.05 18.94 -15.10
N LYS A 201 6.42 20.01 -14.60
CA LYS A 201 7.13 20.97 -13.76
C LYS A 201 7.65 20.31 -12.50
N GLY A 202 6.76 19.63 -11.78
CA GLY A 202 7.16 18.95 -10.57
C GLY A 202 6.64 19.65 -9.32
N GLN A 203 7.41 19.57 -8.25
CA GLN A 203 7.03 20.19 -6.98
C GLN A 203 8.26 20.46 -6.12
N PRO A 204 8.95 21.59 -6.37
CA PRO A 204 10.16 21.96 -5.62
C PRO A 204 9.95 21.93 -4.11
N ASP A 205 8.74 22.30 -3.68
CA ASP A 205 8.42 22.31 -2.26
C ASP A 205 8.62 20.93 -1.63
N ALA A 206 8.19 19.91 -2.36
CA ALA A 206 8.31 18.53 -1.88
C ALA A 206 9.49 17.82 -2.55
N LYS A 207 10.49 18.59 -2.97
CA LYS A 207 11.66 18.02 -3.62
C LYS A 207 11.27 17.12 -4.78
N ILE A 208 10.15 17.43 -5.42
CA ILE A 208 9.65 16.65 -6.55
C ILE A 208 10.23 17.17 -7.86
N PRO A 209 11.09 16.37 -8.52
CA PRO A 209 11.71 16.76 -9.79
C PRO A 209 10.74 16.65 -10.97
N PRO A 210 11.08 17.27 -12.11
CA PRO A 210 10.23 17.25 -13.31
C PRO A 210 9.87 15.83 -13.74
N ASN A 211 8.69 15.67 -14.31
CA ASN A 211 8.23 14.37 -14.77
C ASN A 211 8.36 13.31 -13.68
N ALA A 212 8.12 13.73 -12.43
CA ALA A 212 8.23 12.83 -11.29
C ALA A 212 6.97 12.00 -11.10
N LYS A 213 7.17 10.73 -10.71
CA LYS A 213 6.05 9.82 -10.47
C LYS A 213 5.74 9.78 -8.98
N LEU A 214 4.53 9.36 -8.63
CA LEU A 214 4.13 9.29 -7.23
C LEU A 214 3.45 7.98 -6.89
N THR A 215 4.14 7.13 -6.13
CA THR A 215 3.59 5.84 -5.72
C THR A 215 3.13 5.89 -4.27
N PHE A 216 2.00 5.26 -3.98
CA PHE A 216 1.48 5.26 -2.61
C PHE A 216 0.51 4.10 -2.38
N GLU A 217 0.01 4.02 -1.15
CA GLU A 217 -0.93 2.97 -0.78
C GLU A 217 -2.08 3.56 0.05
N VAL A 218 -3.29 3.07 -0.20
CA VAL A 218 -4.47 3.57 0.52
C VAL A 218 -5.23 2.45 1.21
N GLU A 219 -5.90 2.80 2.29
CA GLU A 219 -6.70 1.83 3.06
C GLU A 219 -8.05 2.44 3.42
N LEU A 220 -9.11 1.95 2.79
CA LEU A 220 -10.45 2.46 3.06
C LEU A 220 -10.92 2.06 4.45
N VAL A 221 -11.37 3.05 5.23
CA VAL A 221 -11.84 2.80 6.59
C VAL A 221 -13.35 2.96 6.68
N ASP A 222 -13.91 3.82 5.84
CA ASP A 222 -15.35 4.07 5.84
C ASP A 222 -15.77 4.88 4.62
N ILE A 223 -17.05 4.83 4.29
CA ILE A 223 -17.58 5.57 3.15
C ILE A 223 -18.93 6.19 3.46
N ASP A 224 -18.97 7.51 3.58
CA ASP A 224 -20.20 8.22 3.88
C ASP A 224 -20.64 9.08 2.70
N MET A 1 1.62 -6.96 -11.32
CA MET A 1 1.01 -5.96 -10.40
C MET A 1 2.05 -5.03 -9.81
N ALA A 2 1.60 -3.95 -9.17
CA ALA A 2 2.50 -2.99 -8.56
C ALA A 2 2.45 -3.08 -7.03
N ALA A 3 3.62 -3.03 -6.40
CA ALA A 3 3.70 -3.10 -4.95
C ALA A 3 3.75 -1.71 -4.33
N ALA A 4 2.60 -1.06 -4.25
CA ALA A 4 2.50 0.28 -3.67
C ALA A 4 2.64 0.23 -2.16
N VAL A 5 2.77 1.40 -1.54
CA VAL A 5 2.90 1.50 -0.09
C VAL A 5 1.63 1.03 0.61
N PRO A 6 1.69 -0.11 1.33
CA PRO A 6 0.53 -0.66 2.03
C PRO A 6 0.26 0.06 3.36
N GLN A 7 -1.00 0.33 3.63
CA GLN A 7 -1.39 1.01 4.86
C GLN A 7 -1.42 0.04 6.03
N ARG A 8 -1.24 0.58 7.24
CA ARG A 8 -1.24 -0.23 8.46
C ARG A 8 -2.49 -1.11 8.54
N ALA A 9 -2.41 -2.31 7.97
CA ALA A 9 -3.53 -3.24 7.98
C ALA A 9 -3.93 -3.60 9.41
N TRP A 10 -2.95 -3.68 10.29
CA TRP A 10 -3.19 -4.02 11.69
C TRP A 10 -2.82 -2.85 12.61
N THR A 11 -3.12 -3.00 13.89
CA THR A 11 -2.81 -1.96 14.87
C THR A 11 -1.82 -2.49 15.90
N VAL A 12 -1.03 -1.59 16.47
CA VAL A 12 -0.04 -1.97 17.47
C VAL A 12 -0.69 -2.71 18.63
N GLU A 13 -1.92 -2.32 18.95
CA GLU A 13 -2.65 -2.95 20.04
C GLU A 13 -3.15 -4.34 19.65
N GLN A 14 -3.33 -4.57 18.35
CA GLN A 14 -3.79 -5.85 17.86
C GLN A 14 -2.64 -6.85 17.75
N LEU A 15 -1.62 -6.48 16.99
CA LEU A 15 -0.45 -7.34 16.79
C LEU A 15 0.09 -7.84 18.13
N ARG A 16 0.55 -6.91 18.96
CA ARG A 16 1.10 -7.26 20.27
C ARG A 16 0.10 -8.09 21.09
N SER A 17 -1.19 -7.94 20.77
CA SER A 17 -2.23 -8.68 21.47
C SER A 17 -1.99 -10.18 21.39
N GLU A 18 -2.88 -10.93 22.03
CA GLU A 18 -2.78 -12.39 22.05
C GLU A 18 -3.92 -13.03 21.23
N GLN A 19 -4.55 -12.23 20.38
CA GLN A 19 -5.64 -12.73 19.54
C GLN A 19 -5.22 -12.82 18.08
N LEU A 20 -4.23 -12.02 17.70
CA LEU A 20 -3.74 -12.02 16.32
C LEU A 20 -2.64 -13.05 16.14
N PRO A 21 -2.86 -14.07 15.29
CA PRO A 21 -1.86 -15.12 15.03
C PRO A 21 -0.55 -14.55 14.49
N LYS A 22 0.54 -14.86 15.17
CA LYS A 22 1.86 -14.37 14.75
C LYS A 22 2.21 -14.87 13.36
N LYS A 23 1.61 -15.98 12.95
CA LYS A 23 1.87 -16.57 11.64
C LYS A 23 1.57 -15.58 10.52
N ASP A 24 0.57 -14.73 10.74
CA ASP A 24 0.18 -13.73 9.74
C ASP A 24 1.13 -12.54 9.75
N ILE A 25 1.32 -11.96 10.93
CA ILE A 25 2.19 -10.81 11.10
C ILE A 25 3.53 -11.01 10.38
N ILE A 26 4.01 -12.24 10.40
CA ILE A 26 5.28 -12.57 9.75
C ILE A 26 5.12 -12.64 8.24
N LYS A 27 4.05 -13.29 7.80
CA LYS A 27 3.78 -13.43 6.37
C LYS A 27 3.41 -12.09 5.75
N PHE A 28 2.89 -11.18 6.58
CA PHE A 28 2.50 -9.86 6.12
C PHE A 28 3.73 -9.03 5.76
N LEU A 29 4.73 -9.09 6.62
CA LEU A 29 5.96 -8.35 6.42
C LEU A 29 6.77 -8.95 5.27
N GLN A 30 6.55 -10.24 5.00
CA GLN A 30 7.25 -10.92 3.93
C GLN A 30 6.68 -10.54 2.57
N GLU A 31 5.42 -10.12 2.56
CA GLU A 31 4.75 -9.71 1.32
C GLU A 31 4.67 -8.19 1.21
N HIS A 32 5.00 -7.50 2.30
CA HIS A 32 4.97 -6.04 2.33
C HIS A 32 6.36 -5.46 2.57
N GLY A 33 7.31 -6.31 2.95
CA GLY A 33 8.66 -5.85 3.20
C GLY A 33 9.68 -6.53 2.31
N SER A 34 10.88 -5.95 2.24
CA SER A 34 11.94 -6.51 1.42
C SER A 34 12.79 -7.48 2.24
N ASP A 35 13.36 -8.49 1.57
CA ASP A 35 14.19 -9.48 2.24
C ASP A 35 15.23 -8.80 3.13
N SER A 36 16.05 -7.95 2.53
CA SER A 36 17.09 -7.22 3.26
C SER A 36 16.52 -6.61 4.54
N PHE A 37 15.44 -5.87 4.39
CA PHE A 37 14.79 -5.22 5.52
C PHE A 37 14.48 -6.25 6.62
N LEU A 38 13.91 -7.38 6.20
CA LEU A 38 13.57 -8.44 7.14
C LEU A 38 14.83 -9.04 7.76
N ALA A 39 15.86 -9.22 6.95
CA ALA A 39 17.13 -9.78 7.42
C ALA A 39 17.59 -9.08 8.69
N GLU A 40 17.48 -7.77 8.70
CA GLU A 40 17.88 -6.96 9.85
C GLU A 40 17.10 -7.37 11.09
N HIS A 41 15.89 -7.88 10.88
CA HIS A 41 15.04 -8.32 11.99
C HIS A 41 14.85 -9.84 11.95
N LYS A 42 15.62 -10.53 11.11
CA LYS A 42 15.52 -11.97 10.98
C LYS A 42 14.08 -12.40 10.67
N LEU A 43 13.41 -11.59 9.86
CA LEU A 43 12.03 -11.87 9.48
C LEU A 43 11.93 -12.63 8.16
N LEU A 44 12.98 -12.53 7.34
CA LEU A 44 12.98 -13.22 6.05
C LEU A 44 13.26 -14.70 6.21
N GLY A 45 12.81 -15.48 5.23
CA GLY A 45 13.01 -16.92 5.28
C GLY A 45 11.70 -17.68 5.36
N ASN A 46 11.57 -18.52 6.40
CA ASN A 46 10.37 -19.30 6.60
C ASN A 46 9.67 -18.92 7.89
N ILE A 47 8.43 -18.42 7.77
CA ILE A 47 7.64 -18.01 8.93
C ILE A 47 7.72 -19.04 10.05
N LYS A 48 7.43 -20.29 9.71
CA LYS A 48 7.46 -21.37 10.68
C LYS A 48 8.74 -21.33 11.51
N ASN A 49 9.84 -20.96 10.86
CA ASN A 49 11.14 -20.88 11.53
C ASN A 49 11.32 -19.52 12.21
N VAL A 50 10.64 -18.51 11.69
CA VAL A 50 10.73 -17.16 12.23
C VAL A 50 9.80 -16.98 13.43
N ALA A 51 8.73 -17.76 13.48
CA ALA A 51 7.77 -17.68 14.57
C ALA A 51 8.37 -18.16 15.88
N LYS A 52 9.47 -18.89 15.79
CA LYS A 52 10.15 -19.42 16.98
C LYS A 52 11.27 -18.49 17.42
N THR A 53 11.92 -17.85 16.45
CA THR A 53 13.03 -16.94 16.75
C THR A 53 12.51 -15.53 17.00
N ALA A 54 11.41 -15.17 16.35
CA ALA A 54 10.81 -13.86 16.51
C ALA A 54 9.70 -13.88 17.56
N ASN A 55 9.80 -12.97 18.52
CA ASN A 55 8.79 -12.88 19.58
C ASN A 55 7.60 -12.06 19.12
N LYS A 56 6.58 -11.95 19.97
CA LYS A 56 5.39 -11.19 19.64
C LYS A 56 5.75 -9.74 19.33
N ASP A 57 6.37 -9.08 20.30
CA ASP A 57 6.77 -7.69 20.13
C ASP A 57 7.79 -7.58 18.99
N HIS A 58 8.56 -8.63 18.80
CA HIS A 58 9.57 -8.66 17.74
C HIS A 58 8.92 -8.48 16.38
N LEU A 59 7.79 -9.17 16.19
CA LEU A 59 7.06 -9.10 14.94
C LEU A 59 6.37 -7.75 14.78
N VAL A 60 5.90 -7.20 15.89
CA VAL A 60 5.22 -5.91 15.88
C VAL A 60 6.22 -4.78 15.73
N THR A 61 7.35 -4.89 16.42
CA THR A 61 8.40 -3.89 16.37
C THR A 61 8.92 -3.75 14.94
N ALA A 62 8.94 -4.87 14.22
CA ALA A 62 9.42 -4.87 12.84
C ALA A 62 8.32 -4.38 11.89
N TYR A 63 7.08 -4.47 12.35
CA TYR A 63 5.94 -4.03 11.55
C TYR A 63 5.72 -2.52 11.68
N ASN A 64 6.21 -1.95 12.78
CA ASN A 64 6.07 -0.52 13.05
C ASN A 64 7.16 0.29 12.35
N HIS A 65 8.41 -0.08 12.63
CA HIS A 65 9.55 0.62 12.05
C HIS A 65 9.54 0.52 10.52
N LEU A 66 8.91 -0.54 10.00
CA LEU A 66 8.84 -0.75 8.56
C LEU A 66 8.27 0.48 7.86
N PHE A 67 7.26 1.09 8.48
CA PHE A 67 6.64 2.28 7.92
C PHE A 67 7.50 3.51 8.18
N GLU A 68 8.12 3.55 9.35
CA GLU A 68 8.99 4.68 9.72
C GLU A 68 10.24 4.70 8.86
N THR A 69 10.76 3.50 8.55
CA THR A 69 11.97 3.37 7.74
C THR A 69 11.63 3.32 6.25
N LYS A 70 10.35 3.19 5.92
CA LYS A 70 9.91 3.12 4.53
C LYS A 70 10.71 2.09 3.74
N ARG A 71 11.02 0.97 4.40
CA ARG A 71 11.78 -0.10 3.76
C ARG A 71 10.87 -1.23 3.30
N PHE A 72 9.79 -0.86 2.63
CA PHE A 72 8.83 -1.83 2.13
C PHE A 72 9.43 -2.66 0.99
N LYS A 73 8.65 -3.61 0.47
CA LYS A 73 9.10 -4.46 -0.61
C LYS A 73 9.06 -3.71 -1.94
N GLY A 74 10.16 -3.80 -2.70
CA GLY A 74 10.22 -3.13 -3.98
C GLY A 74 11.55 -3.34 -4.69
N THR A 75 12.53 -2.53 -4.35
CA THR A 75 13.86 -2.64 -4.95
C THR A 75 14.45 -4.03 -4.74
N GLU A 76 14.28 -4.89 -5.75
CA GLU A 76 14.79 -6.26 -5.67
C GLU A 76 14.53 -7.00 -6.97
N SER A 77 13.37 -6.78 -7.55
CA SER A 77 12.99 -7.43 -8.81
C SER A 77 11.86 -6.67 -9.50
N ILE A 78 12.12 -6.20 -10.71
CA ILE A 78 11.12 -5.46 -11.48
C ILE A 78 10.51 -6.34 -12.57
N SER A 79 11.31 -7.27 -13.09
CA SER A 79 10.85 -8.18 -14.13
C SER A 79 11.68 -9.45 -14.17
N LYS A 80 13.00 -9.30 -14.07
CA LYS A 80 13.91 -10.43 -14.08
C LYS A 80 13.80 -11.21 -15.39
N VAL A 81 14.86 -11.19 -16.17
CA VAL A 81 14.89 -11.89 -17.45
C VAL A 81 16.05 -12.88 -17.52
N SER A 82 15.72 -14.17 -17.58
CA SER A 82 16.74 -15.21 -17.65
C SER A 82 17.06 -15.57 -19.09
N GLU A 83 18.08 -16.39 -19.28
CA GLU A 83 18.49 -16.81 -20.61
C GLU A 83 18.13 -18.28 -20.87
N GLN A 84 18.17 -19.07 -19.81
CA GLN A 84 17.84 -20.50 -19.91
C GLN A 84 17.59 -21.10 -18.54
N VAL A 85 16.33 -21.17 -18.15
CA VAL A 85 15.95 -21.73 -16.85
C VAL A 85 14.83 -22.75 -17.00
N LYS A 86 15.15 -24.01 -16.71
CA LYS A 86 14.17 -25.09 -16.81
C LYS A 86 13.07 -24.92 -15.76
N ASN A 87 11.83 -24.80 -16.23
CA ASN A 87 10.69 -24.64 -15.34
C ASN A 87 9.51 -25.49 -15.80
N VAL A 88 9.81 -26.61 -16.45
CA VAL A 88 8.77 -27.52 -16.94
C VAL A 88 7.99 -26.88 -18.09
N LYS A 89 7.23 -25.86 -17.77
CA LYS A 89 6.43 -25.16 -18.77
C LYS A 89 7.31 -24.48 -19.81
N LEU A 90 7.49 -25.15 -20.95
CA LEU A 90 8.32 -24.61 -22.03
C LEU A 90 9.76 -24.44 -21.57
N ASN A 91 10.69 -24.52 -22.51
CA ASN A 91 12.11 -24.37 -22.20
C ASN A 91 12.66 -23.09 -22.83
N GLU A 92 12.16 -22.74 -24.01
CA GLU A 92 12.61 -21.55 -24.71
C GLU A 92 14.10 -21.63 -25.02
N ASP A 93 14.42 -21.98 -26.27
CA ASP A 93 15.80 -22.08 -26.70
C ASP A 93 16.16 -20.99 -27.70
N LYS A 94 15.19 -20.59 -28.51
CA LYS A 94 15.40 -19.54 -29.50
C LYS A 94 15.01 -18.18 -28.94
N PRO A 95 15.77 -17.12 -29.31
CA PRO A 95 15.48 -15.76 -28.84
C PRO A 95 14.05 -15.32 -29.14
N LYS A 96 13.39 -14.76 -28.13
CA LYS A 96 12.01 -14.31 -28.29
C LYS A 96 11.51 -13.64 -27.01
N GLU A 97 11.21 -12.35 -27.10
CA GLU A 97 10.72 -11.60 -25.95
C GLU A 97 9.82 -10.46 -26.39
N THR A 98 8.65 -10.35 -25.77
CA THR A 98 7.70 -9.30 -26.10
C THR A 98 6.85 -8.94 -24.89
N LYS A 99 7.07 -7.74 -24.35
CA LYS A 99 6.32 -7.28 -23.20
C LYS A 99 5.33 -6.19 -23.59
N SER A 100 4.12 -6.27 -23.03
CA SER A 100 3.07 -5.30 -23.33
C SER A 100 2.28 -4.95 -22.07
N GLU A 101 1.54 -3.85 -22.13
CA GLU A 101 0.74 -3.41 -20.99
C GLU A 101 -0.67 -3.04 -21.44
N GLU A 102 -1.63 -3.90 -21.11
CA GLU A 102 -3.02 -3.68 -21.46
C GLU A 102 -3.96 -4.51 -20.60
N THR A 103 -4.89 -3.84 -19.94
CA THR A 103 -5.85 -4.52 -19.07
C THR A 103 -7.11 -3.68 -18.88
N LEU A 104 -8.27 -4.34 -18.94
CA LEU A 104 -9.54 -3.66 -18.78
C LEU A 104 -9.75 -2.61 -19.87
N ASP A 105 -10.72 -2.84 -20.75
CA ASP A 105 -11.01 -1.92 -21.83
C ASP A 105 -12.16 -0.98 -21.46
N GLU A 106 -13.10 -1.48 -20.67
CA GLU A 106 -14.24 -0.69 -20.24
C GLU A 106 -13.99 -0.07 -18.87
N GLY A 107 -13.41 1.13 -18.86
CA GLY A 107 -13.12 1.81 -17.61
C GLY A 107 -13.68 3.21 -17.57
N PRO A 108 -14.91 3.40 -17.05
CA PRO A 108 -15.54 4.72 -16.97
C PRO A 108 -14.70 5.73 -16.20
N PRO A 109 -14.16 5.33 -15.03
CA PRO A 109 -13.34 6.20 -14.19
C PRO A 109 -11.89 6.25 -14.66
N LYS A 110 -11.02 6.82 -13.83
CA LYS A 110 -9.60 6.93 -14.16
C LYS A 110 -8.73 6.45 -13.01
N TYR A 111 -9.25 5.49 -12.25
CA TYR A 111 -8.51 4.93 -11.11
C TYR A 111 -8.94 3.49 -10.84
N THR A 112 -8.04 2.73 -10.22
CA THR A 112 -8.31 1.33 -9.92
C THR A 112 -8.17 1.07 -8.41
N LYS A 113 -9.30 0.95 -7.72
CA LYS A 113 -9.29 0.71 -6.28
C LYS A 113 -9.28 -0.79 -5.99
N SER A 114 -8.70 -1.15 -4.84
CA SER A 114 -8.63 -2.54 -4.43
C SER A 114 -8.76 -2.67 -2.92
N VAL A 115 -9.86 -3.27 -2.47
CA VAL A 115 -10.11 -3.46 -1.05
C VAL A 115 -9.38 -4.67 -0.51
N LEU A 116 -8.31 -4.44 0.25
CA LEU A 116 -7.53 -5.52 0.82
C LEU A 116 -8.17 -6.02 2.12
N LYS A 117 -8.64 -5.08 2.94
CA LYS A 117 -9.26 -5.43 4.20
C LYS A 117 -10.63 -4.76 4.34
N LYS A 118 -11.68 -5.55 4.24
CA LYS A 118 -13.04 -5.03 4.36
C LYS A 118 -13.26 -4.36 5.71
N GLY A 119 -14.05 -3.29 5.72
CA GLY A 119 -14.33 -2.58 6.94
C GLY A 119 -15.80 -2.65 7.35
N ASP A 120 -16.23 -1.68 8.14
CA ASP A 120 -17.61 -1.61 8.62
C ASP A 120 -18.59 -2.11 7.56
N LYS A 121 -18.49 -1.54 6.37
CA LYS A 121 -19.37 -1.91 5.27
C LYS A 121 -20.79 -1.42 5.53
N THR A 122 -20.89 -0.27 6.20
CA THR A 122 -22.18 0.31 6.53
C THR A 122 -22.06 1.83 6.64
N ASN A 123 -21.01 2.29 7.32
CA ASN A 123 -20.79 3.71 7.52
C ASN A 123 -19.91 4.27 6.40
N PHE A 124 -20.54 4.88 5.40
CA PHE A 124 -19.82 5.46 4.28
C PHE A 124 -19.85 6.99 4.35
N PRO A 125 -18.88 7.64 3.69
CA PRO A 125 -18.79 9.11 3.68
C PRO A 125 -19.87 9.76 2.82
N LYS A 126 -20.62 10.67 3.42
CA LYS A 126 -21.70 11.36 2.71
C LYS A 126 -21.22 12.71 2.19
N LYS A 127 -21.88 13.19 1.13
CA LYS A 127 -21.52 14.48 0.53
C LYS A 127 -21.72 15.62 1.53
N GLY A 128 -20.62 16.29 1.87
CA GLY A 128 -20.70 17.39 2.82
C GLY A 128 -20.17 17.03 4.18
N ASP A 129 -20.16 15.74 4.49
CA ASP A 129 -19.67 15.26 5.78
C ASP A 129 -18.16 15.05 5.75
N VAL A 130 -17.49 15.43 6.84
CA VAL A 130 -16.05 15.28 6.92
C VAL A 130 -15.63 13.81 7.00
N VAL A 131 -14.33 13.57 6.94
CA VAL A 131 -13.80 12.21 7.00
C VAL A 131 -12.35 12.24 7.48
N HIS A 132 -11.94 11.22 8.23
CA HIS A 132 -10.58 11.14 8.73
C HIS A 132 -9.96 9.80 8.38
N CYS A 133 -8.89 9.82 7.59
CA CYS A 133 -8.21 8.60 7.19
C CYS A 133 -6.72 8.83 6.95
N TRP A 134 -6.01 7.74 6.70
CA TRP A 134 -4.57 7.80 6.46
C TRP A 134 -4.29 7.52 4.98
N TYR A 135 -3.14 7.96 4.47
CA TYR A 135 -2.81 7.73 3.07
C TYR A 135 -1.32 7.91 2.80
N THR A 136 -0.77 7.01 2.00
CA THR A 136 0.64 7.05 1.62
C THR A 136 0.79 6.96 0.11
N GLY A 137 1.29 8.02 -0.50
CA GLY A 137 1.45 8.03 -1.96
C GLY A 137 2.86 7.68 -2.39
N THR A 138 2.96 7.00 -3.53
CA THR A 138 4.24 6.60 -4.09
C THR A 138 4.16 6.50 -5.62
N LEU A 139 5.28 6.80 -6.27
CA LEU A 139 5.35 6.75 -7.73
C LEU A 139 5.57 5.33 -8.21
N GLN A 140 5.71 5.16 -9.53
CA GLN A 140 5.94 3.84 -10.12
C GLN A 140 7.21 3.22 -9.57
N ASP A 141 8.26 4.04 -9.48
CA ASP A 141 9.55 3.57 -8.98
C ASP A 141 9.56 3.51 -7.45
N GLY A 142 8.49 3.98 -6.83
CA GLY A 142 8.41 3.97 -5.38
C GLY A 142 8.77 5.31 -4.76
N THR A 143 8.60 6.38 -5.53
CA THR A 143 8.91 7.73 -5.05
C THR A 143 7.70 8.35 -4.38
N VAL A 144 7.76 8.50 -3.06
CA VAL A 144 6.66 9.09 -2.30
C VAL A 144 6.42 10.54 -2.70
N PHE A 145 5.17 10.90 -2.88
CA PHE A 145 4.80 12.26 -3.27
C PHE A 145 3.95 12.91 -2.18
N ASP A 146 3.02 12.14 -1.63
CA ASP A 146 2.14 12.63 -0.57
C ASP A 146 1.87 11.53 0.45
N THR A 147 2.42 11.69 1.64
CA THR A 147 2.25 10.70 2.70
C THR A 147 1.88 11.35 4.02
N ASN A 148 0.63 11.19 4.43
CA ASN A 148 0.15 11.76 5.69
C ASN A 148 0.34 10.75 6.82
N ILE A 149 1.51 10.11 6.85
CA ILE A 149 1.82 9.12 7.87
C ILE A 149 3.10 9.50 8.63
N GLN A 150 2.92 9.98 9.86
CA GLN A 150 4.04 10.38 10.69
C GLN A 150 4.47 9.25 11.63
N THR A 151 3.72 9.06 12.70
CA THR A 151 4.01 8.02 13.68
C THR A 151 2.72 7.46 14.28
N SER A 152 2.85 6.31 14.95
CA SER A 152 1.69 5.68 15.58
C SER A 152 1.34 6.37 16.89
N ALA A 153 0.04 6.54 17.12
CA ALA A 153 -0.44 7.19 18.34
C ALA A 153 -0.14 6.33 19.57
N LYS A 154 -0.15 5.02 19.38
CA LYS A 154 0.12 4.09 20.48
C LYS A 154 1.51 4.33 21.07
N LYS A 155 2.45 4.73 20.22
CA LYS A 155 3.81 5.00 20.66
C LYS A 155 3.91 6.36 21.34
N LYS A 156 3.64 7.40 20.57
CA LYS A 156 3.69 8.76 21.09
C LYS A 156 2.52 9.59 20.57
N LYS A 157 1.90 10.35 21.47
CA LYS A 157 0.77 11.20 21.10
C LYS A 157 1.21 12.35 20.21
N ASN A 158 1.12 12.15 18.90
CA ASN A 158 1.51 13.17 17.94
C ASN A 158 1.23 12.71 16.51
N ALA A 159 0.03 12.16 16.30
CA ALA A 159 -0.37 11.69 14.98
C ALA A 159 -1.89 11.65 14.85
N LYS A 160 -2.40 12.30 13.82
CA LYS A 160 -3.85 12.34 13.58
C LYS A 160 -4.15 12.22 12.09
N PRO A 161 -5.27 11.56 11.73
CA PRO A 161 -5.68 11.40 10.34
C PRO A 161 -6.13 12.71 9.70
N LEU A 162 -5.97 12.80 8.38
CA LEU A 162 -6.37 14.01 7.65
C LEU A 162 -7.89 14.09 7.55
N SER A 163 -8.46 15.19 8.04
CA SER A 163 -9.90 15.37 8.00
C SER A 163 -10.31 16.27 6.84
N PHE A 164 -11.15 15.73 5.95
CA PHE A 164 -11.62 16.47 4.79
C PHE A 164 -13.01 16.02 4.38
N LYS A 165 -13.86 16.97 3.99
CA LYS A 165 -15.21 16.65 3.57
C LYS A 165 -15.23 16.06 2.16
N VAL A 166 -16.05 15.03 1.97
CA VAL A 166 -16.15 14.35 0.68
C VAL A 166 -17.19 15.04 -0.20
N GLY A 167 -16.97 15.00 -1.51
CA GLY A 167 -17.89 15.62 -2.44
C GLY A 167 -17.91 17.13 -2.30
N VAL A 168 -16.81 17.68 -1.79
CA VAL A 168 -16.70 19.12 -1.60
C VAL A 168 -15.41 19.66 -2.19
N GLY A 169 -15.04 19.15 -3.37
CA GLY A 169 -13.81 19.60 -4.02
C GLY A 169 -12.63 19.67 -3.07
N LYS A 170 -12.58 18.74 -2.12
CA LYS A 170 -11.49 18.71 -1.15
C LYS A 170 -10.28 17.97 -1.70
N VAL A 171 -10.53 16.80 -2.29
CA VAL A 171 -9.47 15.98 -2.86
C VAL A 171 -9.67 15.81 -4.36
N ILE A 172 -8.74 15.09 -4.99
CA ILE A 172 -8.82 14.86 -6.43
C ILE A 172 -10.11 14.13 -6.81
N ARG A 173 -10.50 14.23 -8.08
CA ARG A 173 -11.71 13.59 -8.57
C ARG A 173 -11.58 12.07 -8.55
N GLY A 174 -10.36 11.58 -8.70
CA GLY A 174 -10.13 10.16 -8.69
C GLY A 174 -10.21 9.57 -7.29
N TRP A 175 -9.72 10.33 -6.32
CA TRP A 175 -9.74 9.90 -4.93
C TRP A 175 -11.12 10.12 -4.31
N ASP A 176 -11.78 11.18 -4.75
CA ASP A 176 -13.11 11.50 -4.25
C ASP A 176 -14.11 10.42 -4.64
N GLU A 177 -13.87 9.80 -5.79
CA GLU A 177 -14.75 8.74 -6.28
C GLU A 177 -14.41 7.40 -5.62
N ALA A 178 -13.16 7.24 -5.23
CA ALA A 178 -12.70 6.01 -4.59
C ALA A 178 -13.08 6.01 -3.11
N LEU A 179 -12.53 6.96 -2.37
CA LEU A 179 -12.79 7.07 -0.93
C LEU A 179 -14.29 7.03 -0.65
N LEU A 180 -15.08 7.56 -1.58
CA LEU A 180 -16.53 7.59 -1.45
C LEU A 180 -17.07 6.18 -1.19
N THR A 181 -16.32 5.17 -1.63
CA THR A 181 -16.74 3.79 -1.46
C THR A 181 -16.07 3.14 -0.24
N MET A 182 -15.28 3.92 0.49
CA MET A 182 -14.60 3.42 1.69
C MET A 182 -15.56 3.38 2.87
N SER A 183 -15.31 2.47 3.81
CA SER A 183 -16.15 2.33 4.98
C SER A 183 -15.35 2.55 6.27
N LYS A 184 -16.08 2.58 7.39
CA LYS A 184 -15.45 2.78 8.69
C LYS A 184 -14.54 1.60 9.03
N GLY A 185 -13.25 1.88 9.18
CA GLY A 185 -12.30 0.83 9.49
C GLY A 185 -12.11 -0.13 8.33
N GLU A 186 -11.53 0.39 7.26
CA GLU A 186 -11.27 -0.41 6.06
C GLU A 186 -9.96 0.03 5.40
N LYS A 187 -9.23 -0.92 4.84
CA LYS A 187 -7.98 -0.63 4.16
C LYS A 187 -8.05 -1.03 2.70
N ALA A 188 -7.54 -0.18 1.81
CA ALA A 188 -7.57 -0.46 0.38
C ALA A 188 -6.32 0.05 -0.32
N ARG A 189 -6.19 -0.30 -1.60
CA ARG A 189 -5.06 0.12 -2.41
C ARG A 189 -5.56 0.55 -3.79
N LEU A 190 -5.65 1.86 -4.00
CA LEU A 190 -6.13 2.39 -5.28
C LEU A 190 -5.06 3.19 -6.01
N GLU A 191 -5.04 3.04 -7.33
CA GLU A 191 -4.07 3.75 -8.17
C GLU A 191 -4.79 4.75 -9.06
N ILE A 192 -4.46 6.03 -8.91
CA ILE A 192 -5.08 7.07 -9.70
C ILE A 192 -4.19 7.50 -10.87
N GLU A 193 -4.81 7.81 -12.00
CA GLU A 193 -4.08 8.23 -13.19
C GLU A 193 -3.69 9.70 -13.09
N PRO A 194 -2.76 10.15 -13.94
CA PRO A 194 -2.30 11.55 -13.94
C PRO A 194 -3.41 12.52 -14.31
N GLU A 195 -4.19 12.16 -15.33
CA GLU A 195 -5.29 13.00 -15.80
C GLU A 195 -6.25 13.34 -14.66
N TRP A 196 -6.27 12.48 -13.63
CA TRP A 196 -7.15 12.68 -12.48
C TRP A 196 -6.35 12.91 -11.21
N ALA A 197 -5.23 13.62 -11.34
CA ALA A 197 -4.37 13.90 -10.20
C ALA A 197 -3.51 15.14 -10.43
N TYR A 198 -2.41 14.97 -11.15
CA TYR A 198 -1.51 16.08 -11.45
C TYR A 198 -1.66 16.52 -12.90
N GLY A 199 -1.99 15.58 -13.77
CA GLY A 199 -2.16 15.89 -15.18
C GLY A 199 -1.03 15.37 -16.03
N LYS A 200 -1.22 15.41 -17.35
CA LYS A 200 -0.21 14.93 -18.29
C LYS A 200 1.10 15.69 -18.11
N LYS A 201 0.99 16.95 -17.70
CA LYS A 201 2.16 17.79 -17.49
C LYS A 201 3.08 17.18 -16.44
N GLY A 202 2.49 16.79 -15.32
CA GLY A 202 3.27 16.20 -14.24
C GLY A 202 3.49 17.15 -13.09
N GLN A 203 3.84 16.60 -11.93
CA GLN A 203 4.07 17.41 -10.74
C GLN A 203 5.57 17.52 -10.45
N PRO A 204 6.24 18.53 -11.02
CA PRO A 204 7.69 18.74 -10.81
C PRO A 204 8.01 19.12 -9.38
N ASP A 205 7.02 19.65 -8.66
CA ASP A 205 7.20 20.05 -7.27
C ASP A 205 7.66 18.88 -6.42
N ALA A 206 7.08 17.72 -6.67
CA ALA A 206 7.42 16.51 -5.93
C ALA A 206 8.20 15.52 -6.80
N LYS A 207 8.90 16.05 -7.80
CA LYS A 207 9.69 15.21 -8.71
C LYS A 207 8.81 14.16 -9.38
N ILE A 208 7.73 14.62 -10.02
CA ILE A 208 6.81 13.71 -10.71
C ILE A 208 6.77 14.01 -12.20
N PRO A 209 7.28 13.09 -13.04
CA PRO A 209 7.29 13.26 -14.50
C PRO A 209 5.88 13.43 -15.07
N PRO A 210 5.77 13.76 -16.37
CA PRO A 210 4.47 13.94 -17.03
C PRO A 210 3.75 12.62 -17.27
N ASN A 211 2.50 12.54 -16.83
CA ASN A 211 1.70 11.33 -16.99
C ASN A 211 2.31 10.17 -16.21
N ALA A 212 2.20 10.25 -14.88
CA ALA A 212 2.75 9.21 -14.01
C ALA A 212 1.67 8.64 -13.10
N LYS A 213 1.55 7.31 -13.09
CA LYS A 213 0.56 6.64 -12.25
C LYS A 213 0.88 6.84 -10.78
N LEU A 214 -0.17 7.03 -9.98
CA LEU A 214 0.01 7.24 -8.54
C LEU A 214 -0.76 6.18 -7.74
N THR A 215 -0.01 5.28 -7.10
CA THR A 215 -0.62 4.22 -6.30
C THR A 215 -0.40 4.49 -4.81
N PHE A 216 -1.45 4.28 -4.02
CA PHE A 216 -1.37 4.49 -2.58
C PHE A 216 -2.37 3.62 -1.83
N GLU A 217 -2.33 3.69 -0.51
CA GLU A 217 -3.24 2.92 0.33
C GLU A 217 -3.89 3.82 1.38
N VAL A 218 -5.19 3.66 1.55
CA VAL A 218 -5.93 4.49 2.50
C VAL A 218 -6.61 3.65 3.58
N GLU A 219 -6.75 4.25 4.76
CA GLU A 219 -7.39 3.59 5.89
C GLU A 219 -8.34 4.55 6.60
N LEU A 220 -9.63 4.33 6.44
CA LEU A 220 -10.64 5.19 7.06
C LEU A 220 -10.66 4.99 8.57
N VAL A 221 -10.71 6.09 9.31
CA VAL A 221 -10.73 6.04 10.77
C VAL A 221 -12.08 6.51 11.31
N ASP A 222 -12.74 7.41 10.59
CA ASP A 222 -14.03 7.93 11.01
C ASP A 222 -14.65 8.82 9.94
N ILE A 223 -15.94 9.07 10.07
CA ILE A 223 -16.66 9.90 9.11
C ILE A 223 -17.66 10.83 9.81
N ASP A 224 -17.36 12.13 9.82
CA ASP A 224 -18.23 13.10 10.46
C ASP A 224 -18.80 14.08 9.43
N MET A 1 7.70 -1.59 -12.74
CA MET A 1 8.21 -1.74 -11.35
C MET A 1 7.97 -0.47 -10.53
N ALA A 2 7.24 -0.59 -9.44
CA ALA A 2 6.94 0.54 -8.57
C ALA A 2 6.19 0.10 -7.33
N ALA A 3 6.93 -0.24 -6.28
CA ALA A 3 6.34 -0.68 -5.03
C ALA A 3 5.72 0.50 -4.27
N ALA A 4 4.46 0.79 -4.60
CA ALA A 4 3.75 1.89 -3.94
C ALA A 4 3.70 1.71 -2.43
N VAL A 5 3.82 2.82 -1.72
CA VAL A 5 3.80 2.79 -0.25
C VAL A 5 2.49 2.20 0.26
N PRO A 6 2.53 0.99 0.84
CA PRO A 6 1.34 0.32 1.38
C PRO A 6 0.93 0.89 2.74
N GLN A 7 -0.39 0.98 2.96
CA GLN A 7 -0.91 1.49 4.22
C GLN A 7 -0.97 0.38 5.27
N ARG A 8 -0.90 0.77 6.54
CA ARG A 8 -0.95 -0.18 7.64
C ARG A 8 -2.11 -1.16 7.49
N ALA A 9 -1.79 -2.42 7.21
CA ALA A 9 -2.81 -3.45 7.03
C ALA A 9 -3.27 -3.98 8.38
N TRP A 10 -2.48 -3.77 9.42
CA TRP A 10 -2.82 -4.23 10.76
C TRP A 10 -2.55 -3.13 11.79
N THR A 11 -2.97 -3.39 13.02
CA THR A 11 -2.77 -2.44 14.11
C THR A 11 -1.74 -2.97 15.08
N VAL A 12 -0.99 -2.06 15.71
CA VAL A 12 0.02 -2.47 16.67
C VAL A 12 -0.59 -3.32 17.77
N GLU A 13 -1.85 -3.00 18.11
CA GLU A 13 -2.57 -3.74 19.14
C GLU A 13 -2.91 -5.15 18.65
N GLN A 14 -3.01 -5.32 17.33
CA GLN A 14 -3.33 -6.61 16.75
C GLN A 14 -2.09 -7.49 16.65
N LEU A 15 -1.06 -6.97 15.99
CA LEU A 15 0.18 -7.74 15.80
C LEU A 15 0.70 -8.33 17.11
N ARG A 16 1.12 -7.48 18.04
CA ARG A 16 1.65 -7.95 19.32
C ARG A 16 0.60 -8.74 20.10
N SER A 17 -0.68 -8.51 19.81
CA SER A 17 -1.75 -9.21 20.50
C SER A 17 -1.57 -10.72 20.39
N GLU A 18 -2.48 -11.47 21.00
CA GLU A 18 -2.42 -12.93 20.97
C GLU A 18 -3.54 -13.52 20.12
N GLN A 19 -4.24 -12.67 19.37
CA GLN A 19 -5.34 -13.12 18.52
C GLN A 19 -4.92 -13.17 17.06
N LEU A 20 -3.93 -12.34 16.69
CA LEU A 20 -3.44 -12.31 15.32
C LEU A 20 -2.34 -13.35 15.10
N PRO A 21 -2.45 -14.15 14.03
CA PRO A 21 -1.46 -15.19 13.71
C PRO A 21 -0.17 -14.60 13.15
N LYS A 22 0.95 -14.99 13.76
CA LYS A 22 2.26 -14.49 13.32
C LYS A 22 2.54 -14.89 11.87
N LYS A 23 1.91 -15.96 11.41
CA LYS A 23 2.10 -16.43 10.05
C LYS A 23 1.84 -15.33 9.03
N ASP A 24 0.82 -14.52 9.30
CA ASP A 24 0.47 -13.42 8.40
C ASP A 24 1.51 -12.32 8.44
N ILE A 25 1.74 -11.78 9.63
CA ILE A 25 2.72 -10.70 9.82
C ILE A 25 4.02 -11.00 9.07
N ILE A 26 4.38 -12.27 8.98
CA ILE A 26 5.59 -12.68 8.29
C ILE A 26 5.43 -12.58 6.78
N LYS A 27 4.24 -12.91 6.29
CA LYS A 27 3.94 -12.87 4.87
C LYS A 27 3.81 -11.42 4.38
N PHE A 28 3.49 -10.51 5.29
CA PHE A 28 3.34 -9.11 4.93
C PHE A 28 4.69 -8.46 4.69
N LEU A 29 5.63 -8.73 5.58
CA LEU A 29 6.98 -8.16 5.46
C LEU A 29 7.71 -8.76 4.25
N GLN A 30 7.31 -9.96 3.86
CA GLN A 30 7.92 -10.63 2.71
C GLN A 30 7.38 -10.09 1.40
N GLU A 31 6.14 -9.61 1.43
CA GLU A 31 5.50 -9.07 0.24
C GLU A 31 5.68 -7.56 0.15
N HIS A 32 5.55 -6.89 1.29
CA HIS A 32 5.70 -5.44 1.35
C HIS A 32 7.11 -5.06 1.83
N GLY A 33 8.02 -6.02 1.80
CA GLY A 33 9.38 -5.76 2.24
C GLY A 33 10.41 -6.43 1.36
N SER A 34 11.61 -5.87 1.33
CA SER A 34 12.70 -6.42 0.53
C SER A 34 13.48 -7.47 1.32
N ASP A 35 14.00 -8.47 0.62
CA ASP A 35 14.78 -9.53 1.26
C ASP A 35 15.83 -8.95 2.20
N SER A 36 16.70 -8.11 1.66
CA SER A 36 17.76 -7.48 2.44
C SER A 36 17.20 -6.89 3.73
N PHE A 37 16.14 -6.09 3.59
CA PHE A 37 15.49 -5.48 4.73
C PHE A 37 15.08 -6.55 5.75
N LEU A 38 14.48 -7.62 5.24
CA LEU A 38 14.04 -8.73 6.10
C LEU A 38 15.25 -9.38 6.77
N ALA A 39 16.31 -9.59 6.01
CA ALA A 39 17.52 -10.20 6.53
C ALA A 39 17.93 -9.54 7.85
N GLU A 40 17.68 -8.23 7.94
CA GLU A 40 18.00 -7.47 9.14
C GLU A 40 17.46 -8.16 10.38
N HIS A 41 16.19 -8.55 10.32
CA HIS A 41 15.54 -9.23 11.44
C HIS A 41 15.36 -10.72 11.14
N LYS A 42 16.07 -11.21 10.12
CA LYS A 42 15.99 -12.62 9.74
C LYS A 42 14.55 -13.01 9.39
N LEU A 43 13.86 -12.11 8.69
CA LEU A 43 12.48 -12.35 8.30
C LEU A 43 12.38 -13.00 6.93
N LEU A 44 13.39 -12.79 6.09
CA LEU A 44 13.40 -13.38 4.75
C LEU A 44 13.58 -14.89 4.81
N GLY A 45 13.16 -15.56 3.75
CA GLY A 45 13.27 -17.01 3.68
C GLY A 45 11.93 -17.69 3.63
N ASN A 46 11.70 -18.61 4.56
CA ASN A 46 10.43 -19.33 4.62
C ASN A 46 9.68 -19.02 5.91
N ILE A 47 8.45 -18.52 5.78
CA ILE A 47 7.63 -18.18 6.93
C ILE A 47 7.65 -19.29 7.98
N LYS A 48 7.43 -20.52 7.53
CA LYS A 48 7.43 -21.67 8.42
C LYS A 48 8.69 -21.70 9.28
N ASN A 49 9.81 -21.35 8.66
CA ASN A 49 11.10 -21.33 9.35
C ASN A 49 11.31 -19.99 10.07
N VAL A 50 10.66 -18.94 9.56
CA VAL A 50 10.78 -17.62 10.15
C VAL A 50 9.90 -17.48 11.38
N ALA A 51 8.83 -18.28 11.44
CA ALA A 51 7.91 -18.24 12.57
C ALA A 51 8.57 -18.78 13.84
N LYS A 52 9.65 -19.55 13.67
CA LYS A 52 10.37 -20.11 14.79
C LYS A 52 11.55 -19.24 15.19
N THR A 53 12.15 -18.58 14.20
CA THR A 53 13.29 -17.70 14.44
C THR A 53 12.85 -16.25 14.53
N ALA A 54 11.64 -16.03 15.02
CA ALA A 54 11.10 -14.68 15.17
C ALA A 54 10.01 -14.63 16.24
N ASN A 55 10.19 -13.74 17.20
CA ASN A 55 9.23 -13.59 18.29
C ASN A 55 8.08 -12.68 17.88
N LYS A 56 7.06 -12.59 18.71
CA LYS A 56 5.91 -11.75 18.43
C LYS A 56 6.35 -10.32 18.18
N ASP A 57 7.01 -9.73 19.16
CA ASP A 57 7.49 -8.36 19.05
C ASP A 57 8.49 -8.24 17.90
N HIS A 58 9.13 -9.35 17.57
CA HIS A 58 10.10 -9.38 16.49
C HIS A 58 9.44 -9.05 15.16
N LEU A 59 8.30 -9.70 14.92
CA LEU A 59 7.55 -9.51 13.69
C LEU A 59 6.86 -8.14 13.67
N VAL A 60 6.48 -7.66 14.86
CA VAL A 60 5.82 -6.36 14.98
C VAL A 60 6.82 -5.23 14.90
N THR A 61 7.95 -5.41 15.59
CA THR A 61 9.00 -4.40 15.61
C THR A 61 9.52 -4.13 14.21
N ALA A 62 9.61 -5.18 13.40
CA ALA A 62 10.09 -5.06 12.04
C ALA A 62 8.98 -4.58 11.11
N TYR A 63 7.73 -4.77 11.53
CA TYR A 63 6.58 -4.36 10.75
C TYR A 63 6.26 -2.88 10.98
N ASN A 64 6.71 -2.35 12.10
CA ASN A 64 6.47 -0.95 12.44
C ASN A 64 7.52 -0.03 11.82
N HIS A 65 8.78 -0.34 12.07
CA HIS A 65 9.88 0.46 11.55
C HIS A 65 9.90 0.46 10.03
N LEU A 66 9.42 -0.63 9.43
CA LEU A 66 9.38 -0.73 7.97
C LEU A 66 8.72 0.50 7.34
N PHE A 67 7.66 0.98 7.98
CA PHE A 67 6.94 2.14 7.50
C PHE A 67 7.69 3.43 7.86
N GLU A 68 8.31 3.43 9.04
CA GLU A 68 9.06 4.59 9.51
C GLU A 68 10.31 4.79 8.67
N THR A 69 10.95 3.68 8.30
CA THR A 69 12.16 3.73 7.49
C THR A 69 11.86 3.64 6.00
N LYS A 70 10.59 3.40 5.67
CA LYS A 70 10.17 3.29 4.27
C LYS A 70 11.03 2.29 3.51
N ARG A 71 11.44 1.22 4.18
CA ARG A 71 12.28 0.20 3.56
C ARG A 71 11.42 -0.92 2.99
N PHE A 72 10.34 -0.55 2.30
CA PHE A 72 9.45 -1.54 1.69
C PHE A 72 10.17 -2.32 0.60
N LYS A 73 9.51 -3.34 0.06
CA LYS A 73 10.09 -4.16 -0.99
C LYS A 73 10.35 -3.33 -2.24
N GLY A 74 11.32 -3.77 -3.03
CA GLY A 74 11.67 -3.06 -4.25
C GLY A 74 11.42 -3.89 -5.50
N THR A 75 12.50 -4.27 -6.17
CA THR A 75 12.40 -5.07 -7.38
C THR A 75 13.77 -5.58 -7.82
N GLU A 76 14.06 -6.85 -7.53
CA GLU A 76 15.34 -7.44 -7.90
C GLU A 76 15.16 -8.49 -8.99
N SER A 77 14.02 -9.19 -8.96
CA SER A 77 13.72 -10.22 -9.94
C SER A 77 12.31 -10.06 -10.49
N ILE A 78 12.16 -10.28 -11.79
CA ILE A 78 10.86 -10.15 -12.44
C ILE A 78 10.81 -10.96 -13.73
N SER A 79 11.87 -10.85 -14.53
CA SER A 79 11.96 -11.56 -15.80
C SER A 79 12.66 -12.90 -15.62
N LYS A 80 13.62 -12.94 -14.71
CA LYS A 80 14.37 -14.16 -14.44
C LYS A 80 13.73 -14.96 -13.33
N VAL A 81 13.93 -16.28 -13.36
CA VAL A 81 13.36 -17.17 -12.35
C VAL A 81 14.14 -18.47 -12.26
N SER A 82 14.86 -18.65 -11.15
CA SER A 82 15.65 -19.86 -10.94
C SER A 82 16.31 -19.85 -9.57
N GLU A 83 16.98 -20.95 -9.22
CA GLU A 83 17.64 -21.06 -7.94
C GLU A 83 16.65 -21.01 -6.79
N GLN A 84 16.21 -19.80 -6.44
CA GLN A 84 15.25 -19.62 -5.35
C GLN A 84 13.83 -19.65 -5.88
N VAL A 85 13.02 -20.56 -5.37
CA VAL A 85 11.64 -20.70 -5.79
C VAL A 85 11.55 -21.09 -7.26
N LYS A 86 10.70 -22.08 -7.55
CA LYS A 86 10.52 -22.55 -8.92
C LYS A 86 9.29 -21.92 -9.56
N ASN A 87 8.91 -20.74 -9.07
CA ASN A 87 7.75 -20.04 -9.59
C ASN A 87 6.49 -20.90 -9.52
N VAL A 88 5.63 -20.60 -8.55
CA VAL A 88 4.40 -21.35 -8.36
C VAL A 88 4.68 -22.79 -7.99
N LYS A 89 3.77 -23.41 -7.24
CA LYS A 89 3.91 -24.79 -6.82
C LYS A 89 3.38 -25.75 -7.88
N LEU A 90 2.32 -25.35 -8.56
CA LEU A 90 1.71 -26.16 -9.60
C LEU A 90 1.11 -25.28 -10.70
N ASN A 91 1.50 -25.56 -11.94
CA ASN A 91 0.99 -24.79 -13.07
C ASN A 91 1.54 -25.35 -14.39
N GLU A 92 0.99 -24.88 -15.50
CA GLU A 92 1.42 -25.33 -16.82
C GLU A 92 2.66 -24.58 -17.27
N ASP A 93 3.14 -24.90 -18.46
CA ASP A 93 4.35 -24.27 -19.01
C ASP A 93 3.96 -23.19 -20.02
N LYS A 94 4.37 -21.95 -19.74
CA LYS A 94 4.08 -20.83 -20.63
C LYS A 94 5.33 -19.99 -20.87
N PRO A 95 6.14 -20.36 -21.87
CA PRO A 95 7.36 -19.63 -22.21
C PRO A 95 7.08 -18.26 -22.82
N LYS A 96 8.11 -17.44 -22.92
CA LYS A 96 7.98 -16.10 -23.47
C LYS A 96 7.00 -15.26 -22.66
N GLU A 97 7.54 -14.34 -21.86
CA GLU A 97 6.71 -13.48 -21.02
C GLU A 97 6.74 -12.04 -21.53
N THR A 98 7.88 -11.63 -22.08
CA THR A 98 8.05 -10.28 -22.61
C THR A 98 7.44 -9.23 -21.69
N LYS A 99 8.06 -9.06 -20.51
CA LYS A 99 7.60 -8.08 -19.54
C LYS A 99 7.59 -6.67 -20.13
N SER A 100 6.41 -6.15 -20.39
CA SER A 100 6.27 -4.81 -20.95
C SER A 100 5.35 -3.95 -20.10
N GLU A 101 4.99 -2.78 -20.61
CA GLU A 101 4.12 -1.86 -19.89
C GLU A 101 2.70 -1.92 -20.45
N GLU A 102 2.59 -2.19 -21.75
CA GLU A 102 1.28 -2.27 -22.40
C GLU A 102 0.53 -0.95 -22.29
N THR A 103 -0.57 -0.84 -23.04
CA THR A 103 -1.38 0.38 -23.02
C THR A 103 -2.73 0.12 -22.37
N LEU A 104 -3.58 1.15 -22.34
CA LEU A 104 -4.90 1.03 -21.75
C LEU A 104 -5.96 1.56 -22.70
N ASP A 105 -6.87 0.69 -23.12
CA ASP A 105 -7.94 1.06 -24.03
C ASP A 105 -9.30 1.01 -23.34
N GLU A 106 -9.45 0.04 -22.43
CA GLU A 106 -10.69 -0.12 -21.69
C GLU A 106 -10.62 0.55 -20.33
N GLY A 107 -11.36 1.63 -20.16
CA GLY A 107 -11.37 2.35 -18.91
C GLY A 107 -11.75 3.81 -19.07
N PRO A 108 -13.02 4.16 -18.78
CA PRO A 108 -13.49 5.55 -18.90
C PRO A 108 -12.67 6.53 -18.08
N PRO A 109 -12.38 6.18 -16.81
CA PRO A 109 -11.61 7.02 -15.91
C PRO A 109 -10.11 6.87 -16.12
N LYS A 110 -9.34 7.73 -15.48
CA LYS A 110 -7.88 7.70 -15.60
C LYS A 110 -7.23 7.23 -14.30
N TYR A 111 -7.97 6.43 -13.53
CA TYR A 111 -7.46 5.91 -12.26
C TYR A 111 -7.70 4.41 -12.14
N THR A 112 -6.84 3.73 -11.40
CA THR A 112 -6.95 2.30 -11.21
C THR A 112 -6.84 1.92 -9.74
N LYS A 113 -7.97 1.63 -9.10
CA LYS A 113 -7.99 1.26 -7.69
C LYS A 113 -8.12 -0.24 -7.52
N SER A 114 -7.44 -0.78 -6.52
CA SER A 114 -7.48 -2.22 -6.25
C SER A 114 -7.50 -2.48 -4.75
N VAL A 115 -8.57 -3.11 -4.28
CA VAL A 115 -8.72 -3.42 -2.86
C VAL A 115 -7.56 -4.27 -2.35
N LEU A 116 -7.29 -4.18 -1.05
CA LEU A 116 -6.21 -4.95 -0.44
C LEU A 116 -6.70 -5.62 0.83
N LYS A 117 -7.40 -4.86 1.67
CA LYS A 117 -7.93 -5.37 2.93
C LYS A 117 -9.40 -5.02 3.07
N LYS A 118 -10.26 -6.03 2.94
CA LYS A 118 -11.70 -5.82 3.06
C LYS A 118 -12.06 -5.29 4.45
N GLY A 119 -12.87 -4.24 4.48
CA GLY A 119 -13.28 -3.67 5.75
C GLY A 119 -14.68 -4.10 6.16
N ASP A 120 -15.64 -3.19 6.04
CA ASP A 120 -17.02 -3.50 6.40
C ASP A 120 -17.79 -4.02 5.20
N LYS A 121 -17.54 -3.41 4.03
CA LYS A 121 -18.21 -3.81 2.80
C LYS A 121 -19.70 -3.50 2.87
N THR A 122 -20.04 -2.42 3.58
CA THR A 122 -21.42 -2.00 3.72
C THR A 122 -21.53 -0.49 3.86
N ASN A 123 -20.66 0.09 4.69
CA ASN A 123 -20.66 1.53 4.90
C ASN A 123 -19.71 2.23 3.92
N PHE A 124 -20.26 3.16 3.15
CA PHE A 124 -19.46 3.90 2.18
C PHE A 124 -19.68 5.41 2.33
N PRO A 125 -18.64 6.22 2.05
CA PRO A 125 -18.71 7.67 2.17
C PRO A 125 -19.89 8.26 1.39
N LYS A 126 -20.70 9.05 2.07
CA LYS A 126 -21.87 9.67 1.43
C LYS A 126 -21.55 11.11 1.02
N LYS A 127 -22.05 11.50 -0.15
CA LYS A 127 -21.84 12.85 -0.67
C LYS A 127 -22.19 13.91 0.38
N GLY A 128 -21.19 14.63 0.85
CA GLY A 128 -21.42 15.67 1.85
C GLY A 128 -21.02 15.23 3.24
N ASP A 129 -20.82 13.94 3.43
CA ASP A 129 -20.43 13.40 4.73
C ASP A 129 -18.92 13.40 4.90
N VAL A 130 -18.46 13.74 6.10
CA VAL A 130 -17.03 13.77 6.39
C VAL A 130 -16.44 12.37 6.44
N VAL A 131 -15.12 12.28 6.35
CA VAL A 131 -14.43 10.99 6.38
C VAL A 131 -13.00 11.15 6.88
N HIS A 132 -12.50 10.14 7.57
CA HIS A 132 -11.13 10.18 8.10
C HIS A 132 -10.36 8.93 7.68
N CYS A 133 -9.30 9.12 6.92
CA CYS A 133 -8.49 7.99 6.46
C CYS A 133 -7.03 8.40 6.28
N TRP A 134 -6.17 7.40 6.15
CA TRP A 134 -4.73 7.63 5.97
C TRP A 134 -4.35 7.47 4.49
N TYR A 135 -3.21 8.03 4.09
CA TYR A 135 -2.78 7.92 2.71
C TYR A 135 -1.30 8.25 2.54
N THR A 136 -0.64 7.49 1.69
CA THR A 136 0.78 7.68 1.41
C THR A 136 1.02 7.70 -0.09
N GLY A 137 1.47 8.83 -0.61
CA GLY A 137 1.72 8.96 -2.04
C GLY A 137 3.15 8.71 -2.42
N THR A 138 3.35 8.10 -3.59
CA THR A 138 4.68 7.79 -4.10
C THR A 138 4.67 7.76 -5.62
N LEU A 139 5.69 8.37 -6.23
CA LEU A 139 5.80 8.42 -7.68
C LEU A 139 6.06 7.03 -8.25
N GLN A 140 6.21 6.96 -9.57
CA GLN A 140 6.47 5.69 -10.25
C GLN A 140 7.71 5.02 -9.68
N ASP A 141 8.75 5.82 -9.44
CA ASP A 141 10.00 5.30 -8.91
C ASP A 141 9.90 5.04 -7.40
N GLY A 142 8.74 5.35 -6.82
CA GLY A 142 8.56 5.14 -5.40
C GLY A 142 8.99 6.33 -4.56
N THR A 143 8.97 7.51 -5.16
CA THR A 143 9.36 8.73 -4.46
C THR A 143 8.16 9.39 -3.78
N VAL A 144 8.21 9.45 -2.45
CA VAL A 144 7.12 10.04 -1.68
C VAL A 144 6.97 11.53 -2.01
N PHE A 145 5.74 11.94 -2.31
CA PHE A 145 5.47 13.35 -2.64
C PHE A 145 4.58 13.99 -1.58
N ASP A 146 3.70 13.19 -0.97
CA ASP A 146 2.79 13.70 0.05
C ASP A 146 2.12 12.55 0.79
N THR A 147 2.37 12.46 2.09
CA THR A 147 1.78 11.40 2.92
C THR A 147 1.42 11.94 4.30
N ASN A 148 0.19 11.69 4.72
CA ASN A 148 -0.27 12.13 6.04
C ASN A 148 -0.05 11.04 7.08
N ILE A 149 1.17 10.50 7.11
CA ILE A 149 1.52 9.44 8.05
C ILE A 149 2.76 9.80 8.85
N GLN A 150 2.57 10.15 10.12
CA GLN A 150 3.68 10.52 10.99
C GLN A 150 4.04 9.37 11.93
N THR A 151 3.24 9.19 12.97
CA THR A 151 3.48 8.13 13.95
C THR A 151 2.16 7.58 14.49
N SER A 152 2.23 6.44 15.16
CA SER A 152 1.04 5.81 15.72
C SER A 152 0.76 6.36 17.12
N ALA A 153 -0.49 6.21 17.57
CA ALA A 153 -0.89 6.69 18.88
C ALA A 153 -0.18 5.91 19.99
N LYS A 154 0.11 4.65 19.72
CA LYS A 154 0.78 3.80 20.70
C LYS A 154 2.14 4.38 21.09
N LYS A 155 2.77 5.08 20.16
CA LYS A 155 4.08 5.69 20.41
C LYS A 155 3.92 7.06 21.05
N LYS A 156 2.87 7.77 20.65
CA LYS A 156 2.60 9.11 21.18
C LYS A 156 1.29 9.67 20.62
N LYS A 157 0.66 10.54 21.39
CA LYS A 157 -0.60 11.15 20.96
C LYS A 157 -0.34 12.38 20.09
N ASN A 158 0.04 12.14 18.84
CA ASN A 158 0.32 13.22 17.90
C ASN A 158 0.10 12.75 16.47
N ALA A 159 -1.03 12.11 16.21
CA ALA A 159 -1.35 11.61 14.88
C ALA A 159 -2.86 11.43 14.71
N LYS A 160 -3.43 12.14 13.74
CA LYS A 160 -4.86 12.05 13.47
C LYS A 160 -5.13 11.97 11.96
N PRO A 161 -6.01 11.05 11.55
CA PRO A 161 -6.35 10.89 10.12
C PRO A 161 -6.87 12.17 9.50
N LEU A 162 -6.74 12.29 8.18
CA LEU A 162 -7.21 13.47 7.47
C LEU A 162 -8.72 13.41 7.28
N SER A 163 -9.43 14.40 7.83
CA SER A 163 -10.88 14.45 7.73
C SER A 163 -11.33 15.36 6.59
N PHE A 164 -12.08 14.80 5.65
CA PHE A 164 -12.59 15.55 4.51
C PHE A 164 -13.91 14.98 4.02
N LYS A 165 -14.82 15.85 3.61
CA LYS A 165 -16.12 15.42 3.13
C LYS A 165 -16.04 14.96 1.67
N VAL A 166 -16.77 13.90 1.35
CA VAL A 166 -16.77 13.34 0.01
C VAL A 166 -17.83 14.02 -0.87
N GLY A 167 -17.56 14.11 -2.16
CA GLY A 167 -18.48 14.74 -3.08
C GLY A 167 -18.61 16.23 -2.83
N VAL A 168 -17.56 16.82 -2.26
CA VAL A 168 -17.56 18.26 -1.97
C VAL A 168 -16.28 18.92 -2.48
N GLY A 169 -15.85 18.53 -3.67
CA GLY A 169 -14.65 19.09 -4.26
C GLY A 169 -13.50 19.20 -3.28
N LYS A 170 -13.42 18.24 -2.36
CA LYS A 170 -12.37 18.25 -1.35
C LYS A 170 -11.08 17.64 -1.91
N VAL A 171 -11.22 16.50 -2.58
CA VAL A 171 -10.07 15.81 -3.15
C VAL A 171 -10.20 15.71 -4.68
N ILE A 172 -9.21 15.11 -5.32
CA ILE A 172 -9.21 14.95 -6.76
C ILE A 172 -10.40 14.11 -7.23
N ARG A 173 -10.76 14.26 -8.50
CA ARG A 173 -11.89 13.53 -9.07
C ARG A 173 -11.62 12.03 -9.10
N GLY A 174 -10.34 11.66 -9.22
CA GLY A 174 -9.98 10.26 -9.26
C GLY A 174 -10.03 9.62 -7.88
N TRP A 175 -9.65 10.39 -6.87
CA TRP A 175 -9.64 9.91 -5.50
C TRP A 175 -11.05 9.96 -4.91
N ASP A 176 -11.80 10.99 -5.28
CA ASP A 176 -13.18 11.15 -4.79
C ASP A 176 -14.03 9.97 -5.21
N GLU A 177 -13.78 9.46 -6.41
CA GLU A 177 -14.52 8.32 -6.93
C GLU A 177 -14.01 7.01 -6.31
N ALA A 178 -12.73 7.00 -5.94
CA ALA A 178 -12.13 5.82 -5.32
C ALA A 178 -12.53 5.69 -3.86
N LEU A 179 -12.17 6.71 -3.08
CA LEU A 179 -12.49 6.72 -1.65
C LEU A 179 -13.99 6.55 -1.43
N LEU A 180 -14.79 7.13 -2.32
CA LEU A 180 -16.24 7.04 -2.21
C LEU A 180 -16.70 5.58 -2.32
N THR A 181 -15.92 4.77 -3.04
CA THR A 181 -16.24 3.36 -3.22
C THR A 181 -15.63 2.51 -2.11
N MET A 182 -14.80 3.11 -1.28
CA MET A 182 -14.15 2.39 -0.18
C MET A 182 -15.13 2.16 0.96
N SER A 183 -14.83 1.19 1.81
CA SER A 183 -15.69 0.86 2.94
C SER A 183 -15.03 1.26 4.26
N LYS A 184 -15.82 1.27 5.33
CA LYS A 184 -15.31 1.62 6.65
C LYS A 184 -14.29 0.61 7.15
N GLY A 185 -13.10 1.09 7.47
CA GLY A 185 -12.05 0.20 7.95
C GLY A 185 -11.51 -0.71 6.88
N GLU A 186 -11.37 -0.18 5.67
CA GLU A 186 -10.86 -0.96 4.55
C GLU A 186 -9.59 -0.34 3.97
N LYS A 187 -8.72 -1.17 3.43
CA LYS A 187 -7.47 -0.70 2.83
C LYS A 187 -7.45 -1.02 1.34
N ALA A 188 -6.95 -0.07 0.56
CA ALA A 188 -6.89 -0.25 -0.89
C ALA A 188 -5.68 0.45 -1.50
N ARG A 189 -5.50 0.27 -2.80
CA ARG A 189 -4.40 0.89 -3.53
C ARG A 189 -4.90 1.42 -4.87
N LEU A 190 -4.70 2.70 -5.13
CA LEU A 190 -5.15 3.30 -6.38
C LEU A 190 -4.10 4.21 -7.00
N GLU A 191 -4.01 4.17 -8.32
CA GLU A 191 -3.07 4.99 -9.08
C GLU A 191 -3.82 5.94 -9.99
N ILE A 192 -3.72 7.24 -9.72
CA ILE A 192 -4.41 8.24 -10.52
C ILE A 192 -3.48 8.84 -11.58
N GLU A 193 -4.05 9.11 -12.75
CA GLU A 193 -3.28 9.68 -13.85
C GLU A 193 -3.09 11.18 -13.65
N PRO A 194 -2.14 11.78 -14.39
CA PRO A 194 -1.86 13.22 -14.30
C PRO A 194 -3.10 14.07 -14.57
N GLU A 195 -3.88 13.67 -15.56
CA GLU A 195 -5.09 14.41 -15.92
C GLU A 195 -6.10 14.39 -14.78
N TRP A 196 -6.21 13.26 -14.10
CA TRP A 196 -7.14 13.12 -12.99
C TRP A 196 -6.44 13.37 -11.65
N ALA A 197 -5.38 14.16 -11.68
CA ALA A 197 -4.62 14.48 -10.47
C ALA A 197 -3.99 15.87 -10.58
N TYR A 198 -2.85 15.95 -11.25
CA TYR A 198 -2.15 17.22 -11.43
C TYR A 198 -2.35 17.74 -12.85
N GLY A 199 -1.71 17.07 -13.80
CA GLY A 199 -1.83 17.47 -15.19
C GLY A 199 -0.56 17.25 -15.98
N LYS A 200 -0.55 17.69 -17.23
CA LYS A 200 0.61 17.54 -18.10
C LYS A 200 1.85 18.17 -17.46
N LYS A 201 1.66 19.34 -16.85
CA LYS A 201 2.76 20.04 -16.21
C LYS A 201 3.33 19.21 -15.06
N GLY A 202 2.45 18.76 -14.17
CA GLY A 202 2.88 17.97 -13.05
C GLY A 202 2.90 18.76 -11.75
N GLN A 203 3.93 18.53 -10.93
CA GLN A 203 4.06 19.22 -9.67
C GLN A 203 5.53 19.36 -9.29
N PRO A 204 6.18 20.47 -9.70
CA PRO A 204 7.60 20.71 -9.41
C PRO A 204 7.88 20.81 -7.91
N ASP A 205 6.86 21.13 -7.13
CA ASP A 205 7.00 21.25 -5.69
C ASP A 205 7.18 19.88 -5.04
N ALA A 206 6.38 18.92 -5.49
CA ALA A 206 6.44 17.57 -4.96
C ALA A 206 7.29 16.65 -5.84
N LYS A 207 8.23 17.25 -6.56
CA LYS A 207 9.11 16.49 -7.43
C LYS A 207 8.32 15.63 -8.42
N ILE A 208 7.15 16.13 -8.82
CA ILE A 208 6.30 15.41 -9.75
C ILE A 208 6.52 15.88 -11.19
N PRO A 209 7.10 15.02 -12.04
CA PRO A 209 7.36 15.37 -13.45
C PRO A 209 6.08 15.56 -14.25
N PRO A 210 6.19 16.04 -15.49
CA PRO A 210 5.02 16.26 -16.36
C PRO A 210 4.37 14.96 -16.80
N ASN A 211 3.09 14.81 -16.49
CA ASN A 211 2.34 13.61 -16.85
C ASN A 211 2.79 12.42 -16.00
N ALA A 212 3.14 12.68 -14.75
CA ALA A 212 3.58 11.62 -13.85
C ALA A 212 2.42 10.90 -13.19
N LYS A 213 2.61 9.62 -12.93
CA LYS A 213 1.58 8.80 -12.29
C LYS A 213 1.71 8.87 -10.76
N LEU A 214 0.58 8.77 -10.06
CA LEU A 214 0.61 8.83 -8.60
C LEU A 214 -0.16 7.68 -7.98
N THR A 215 0.56 6.75 -7.36
CA THR A 215 -0.05 5.60 -6.71
C THR A 215 0.11 5.68 -5.21
N PHE A 216 -0.93 5.28 -4.47
CA PHE A 216 -0.88 5.32 -3.01
C PHE A 216 -1.81 4.29 -2.39
N GLU A 217 -1.81 4.24 -1.06
CA GLU A 217 -2.66 3.31 -0.32
C GLU A 217 -3.45 4.06 0.74
N VAL A 218 -4.75 3.79 0.80
CA VAL A 218 -5.62 4.47 1.76
C VAL A 218 -6.30 3.50 2.69
N GLU A 219 -6.56 3.95 3.92
CA GLU A 219 -7.23 3.15 4.93
C GLU A 219 -8.28 3.97 5.66
N LEU A 220 -9.55 3.67 5.41
CA LEU A 220 -10.65 4.38 6.04
C LEU A 220 -10.72 4.07 7.53
N VAL A 221 -10.88 5.11 8.35
CA VAL A 221 -10.95 4.94 9.79
C VAL A 221 -12.35 5.28 10.33
N ASP A 222 -13.03 6.19 9.64
CA ASP A 222 -14.37 6.59 10.05
C ASP A 222 -15.05 7.43 8.97
N ILE A 223 -16.38 7.49 9.02
CA ILE A 223 -17.15 8.25 8.06
C ILE A 223 -18.34 8.95 8.71
N ASP A 224 -18.29 10.26 8.78
CA ASP A 224 -19.36 11.05 9.40
C ASP A 224 -19.93 12.04 8.40
N MET A 1 4.62 -6.87 -9.43
CA MET A 1 3.20 -7.02 -9.01
C MET A 1 2.70 -5.77 -8.32
N ALA A 2 3.24 -5.49 -7.14
CA ALA A 2 2.86 -4.32 -6.37
C ALA A 2 3.72 -4.17 -5.12
N ALA A 3 4.34 -3.00 -4.98
CA ALA A 3 5.19 -2.73 -3.83
C ALA A 3 4.95 -1.33 -3.27
N ALA A 4 3.72 -0.86 -3.41
CA ALA A 4 3.34 0.47 -2.93
C ALA A 4 3.30 0.50 -1.40
N VAL A 5 3.49 1.68 -0.84
CA VAL A 5 3.48 1.85 0.61
C VAL A 5 2.13 1.43 1.20
N PRO A 6 2.09 0.31 1.94
CA PRO A 6 0.87 -0.20 2.55
C PRO A 6 0.52 0.53 3.86
N GLN A 7 -0.77 0.69 4.12
CA GLN A 7 -1.22 1.36 5.33
C GLN A 7 -1.29 0.39 6.50
N ARG A 8 -1.12 0.91 7.71
CA ARG A 8 -1.15 0.08 8.91
C ARG A 8 -2.40 -0.77 8.97
N ALA A 9 -2.22 -2.08 9.03
CA ALA A 9 -3.34 -3.01 9.09
C ALA A 9 -3.69 -3.37 10.52
N TRP A 10 -2.81 -3.03 11.46
CA TRP A 10 -3.02 -3.31 12.87
C TRP A 10 -2.63 -2.12 13.73
N THR A 11 -2.92 -2.21 15.02
CA THR A 11 -2.58 -1.14 15.96
C THR A 11 -1.58 -1.62 17.00
N VAL A 12 -0.76 -0.70 17.50
CA VAL A 12 0.23 -1.05 18.50
C VAL A 12 -0.43 -1.68 19.72
N GLU A 13 -1.65 -1.24 20.01
CA GLU A 13 -2.41 -1.76 21.14
C GLU A 13 -2.93 -3.17 20.84
N GLN A 14 -3.16 -3.46 19.57
CA GLN A 14 -3.65 -4.76 19.16
C GLN A 14 -2.52 -5.78 19.07
N LEU A 15 -1.52 -5.47 18.24
CA LEU A 15 -0.38 -6.36 18.06
C LEU A 15 0.21 -6.77 19.40
N ARG A 16 0.70 -5.78 20.15
CA ARG A 16 1.31 -6.04 21.46
C ARG A 16 0.35 -6.82 22.37
N SER A 17 -0.95 -6.70 22.08
CA SER A 17 -1.96 -7.40 22.88
C SER A 17 -1.72 -8.91 22.87
N GLU A 18 -2.51 -9.62 23.67
CA GLU A 18 -2.40 -11.07 23.76
C GLU A 18 -3.60 -11.77 23.13
N GLN A 19 -4.36 -11.02 22.33
CA GLN A 19 -5.54 -11.58 21.67
C GLN A 19 -5.30 -11.76 20.17
N LEU A 20 -4.38 -10.98 19.63
CA LEU A 20 -4.05 -11.05 18.21
C LEU A 20 -3.00 -12.13 17.96
N PRO A 21 -3.23 -13.03 16.99
CA PRO A 21 -2.29 -14.10 16.66
C PRO A 21 -1.03 -13.58 15.98
N LYS A 22 0.13 -13.87 16.57
CA LYS A 22 1.40 -13.43 16.01
C LYS A 22 1.63 -14.02 14.62
N LYS A 23 0.99 -15.15 14.35
CA LYS A 23 1.14 -15.82 13.06
C LYS A 23 0.85 -14.86 11.90
N ASP A 24 -0.15 -14.02 12.07
CA ASP A 24 -0.54 -13.05 11.04
C ASP A 24 0.40 -11.85 11.04
N ILE A 25 0.95 -11.52 12.20
CA ILE A 25 1.87 -10.39 12.32
C ILE A 25 3.15 -10.64 11.54
N ILE A 26 3.62 -11.88 11.54
CA ILE A 26 4.84 -12.24 10.84
C ILE A 26 4.60 -12.25 9.34
N LYS A 27 3.48 -12.84 8.92
CA LYS A 27 3.13 -12.93 7.51
C LYS A 27 3.01 -11.54 6.89
N PHE A 28 2.75 -10.54 7.73
CA PHE A 28 2.60 -9.17 7.26
C PHE A 28 3.97 -8.56 6.93
N LEU A 29 4.90 -8.70 7.86
CA LEU A 29 6.24 -8.16 7.68
C LEU A 29 6.96 -8.89 6.55
N GLN A 30 6.79 -10.20 6.49
CA GLN A 30 7.41 -11.00 5.45
C GLN A 30 6.81 -10.68 4.08
N GLU A 31 5.58 -10.17 4.09
CA GLU A 31 4.89 -9.80 2.86
C GLU A 31 5.23 -8.37 2.45
N HIS A 32 5.13 -7.45 3.40
CA HIS A 32 5.42 -6.03 3.13
C HIS A 32 6.84 -5.68 3.54
N GLY A 33 7.69 -6.69 3.72
CA GLY A 33 9.06 -6.46 4.11
C GLY A 33 10.04 -7.23 3.26
N SER A 34 11.24 -6.70 3.12
CA SER A 34 12.28 -7.36 2.33
C SER A 34 13.14 -8.26 3.21
N ASP A 35 13.73 -9.28 2.60
CA ASP A 35 14.58 -10.23 3.34
C ASP A 35 15.57 -9.50 4.24
N SER A 36 16.32 -8.57 3.67
CA SER A 36 17.29 -7.80 4.43
C SER A 36 16.65 -7.17 5.66
N PHE A 37 15.49 -6.55 5.44
CA PHE A 37 14.75 -5.91 6.52
C PHE A 37 14.46 -6.90 7.64
N LEU A 38 13.95 -8.07 7.27
CA LEU A 38 13.62 -9.11 8.25
C LEU A 38 14.87 -9.59 8.98
N ALA A 39 15.94 -9.83 8.21
CA ALA A 39 17.19 -10.30 8.78
C ALA A 39 17.60 -9.45 9.98
N GLU A 40 17.27 -8.16 9.93
CA GLU A 40 17.61 -7.24 11.02
C GLU A 40 16.97 -7.70 12.32
N HIS A 41 15.66 -7.87 12.31
CA HIS A 41 14.93 -8.29 13.50
C HIS A 41 14.72 -9.81 13.51
N LYS A 42 15.46 -10.52 12.67
CA LYS A 42 15.35 -11.97 12.60
C LYS A 42 13.94 -12.39 12.21
N LEU A 43 13.32 -11.64 11.31
CA LEU A 43 11.97 -11.95 10.85
C LEU A 43 12.00 -12.97 9.71
N LEU A 44 13.15 -13.06 9.04
CA LEU A 44 13.32 -13.99 7.93
C LEU A 44 12.81 -15.40 8.29
N GLY A 45 12.75 -16.27 7.30
CA GLY A 45 12.29 -17.63 7.52
C GLY A 45 10.79 -17.78 7.34
N ASN A 46 10.21 -18.70 8.09
CA ASN A 46 8.78 -18.96 8.02
C ASN A 46 8.09 -18.60 9.34
N ILE A 47 6.83 -18.18 9.25
CA ILE A 47 6.04 -17.81 10.41
C ILE A 47 6.18 -18.83 11.54
N LYS A 48 6.15 -20.10 11.17
CA LYS A 48 6.27 -21.19 12.13
C LYS A 48 7.57 -21.07 12.94
N ASN A 49 8.66 -20.77 12.24
CA ASN A 49 9.96 -20.63 12.89
C ASN A 49 10.16 -19.21 13.44
N VAL A 50 9.49 -18.25 12.83
CA VAL A 50 9.60 -16.85 13.25
C VAL A 50 8.79 -16.59 14.52
N ALA A 51 7.75 -17.39 14.73
CA ALA A 51 6.89 -17.23 15.90
C ALA A 51 7.64 -17.60 17.18
N LYS A 52 8.65 -18.44 17.05
CA LYS A 52 9.45 -18.87 18.21
C LYS A 52 10.70 -18.01 18.36
N THR A 53 11.22 -17.53 17.24
CA THR A 53 12.41 -16.70 17.25
C THR A 53 12.09 -15.24 17.53
N ALA A 54 10.83 -14.86 17.32
CA ALA A 54 10.39 -13.48 17.56
C ALA A 54 9.33 -13.42 18.64
N ASN A 55 9.53 -12.54 19.61
CA ASN A 55 8.58 -12.36 20.71
C ASN A 55 7.39 -11.53 20.26
N LYS A 56 6.45 -11.30 21.17
CA LYS A 56 5.27 -10.50 20.85
C LYS A 56 5.66 -9.10 20.42
N ASP A 57 6.35 -8.40 21.30
CA ASP A 57 6.80 -7.04 21.02
C ASP A 57 7.82 -7.03 19.89
N HIS A 58 8.52 -8.15 19.73
CA HIS A 58 9.52 -8.28 18.68
C HIS A 58 8.89 -8.13 17.31
N LEU A 59 7.70 -8.72 17.17
CA LEU A 59 6.96 -8.66 15.91
C LEU A 59 6.29 -7.30 15.73
N VAL A 60 5.92 -6.67 16.85
CA VAL A 60 5.27 -5.37 16.80
C VAL A 60 6.30 -4.26 16.59
N THR A 61 7.42 -4.35 17.30
CA THR A 61 8.49 -3.38 17.19
C THR A 61 9.01 -3.31 15.76
N ALA A 62 9.02 -4.45 15.09
CA ALA A 62 9.48 -4.54 13.71
C ALA A 62 8.37 -4.14 12.74
N TYR A 63 7.13 -4.22 13.20
CA TYR A 63 5.97 -3.86 12.39
C TYR A 63 5.72 -2.36 12.42
N ASN A 64 6.23 -1.71 13.48
CA ASN A 64 6.05 -0.27 13.64
C ASN A 64 7.13 0.51 12.89
N HIS A 65 8.38 0.18 13.17
CA HIS A 65 9.51 0.86 12.53
C HIS A 65 9.49 0.64 11.02
N LEU A 66 8.92 -0.47 10.57
CA LEU A 66 8.85 -0.77 9.15
C LEU A 66 8.30 0.40 8.36
N PHE A 67 7.27 1.05 8.92
CA PHE A 67 6.64 2.19 8.27
C PHE A 67 7.48 3.45 8.47
N GLU A 68 8.02 3.59 9.68
CA GLU A 68 8.85 4.76 10.00
C GLU A 68 10.13 4.78 9.18
N THR A 69 10.71 3.60 8.99
CA THR A 69 11.94 3.47 8.21
C THR A 69 11.65 3.26 6.73
N LYS A 70 10.38 3.01 6.40
CA LYS A 70 9.97 2.80 5.01
C LYS A 70 10.82 1.70 4.35
N ARG A 71 11.21 0.71 5.15
CA ARG A 71 12.02 -0.40 4.64
C ARG A 71 11.13 -1.56 4.19
N PHE A 72 10.08 -1.24 3.45
CA PHE A 72 9.16 -2.26 2.96
C PHE A 72 9.86 -3.19 1.97
N LYS A 73 9.16 -4.26 1.58
CA LYS A 73 9.73 -5.24 0.65
C LYS A 73 10.01 -4.59 -0.71
N GLY A 74 11.00 -5.11 -1.41
CA GLY A 74 11.35 -4.57 -2.71
C GLY A 74 10.60 -5.27 -3.84
N THR A 75 11.32 -5.56 -4.92
CA THR A 75 10.72 -6.22 -6.08
C THR A 75 11.33 -7.60 -6.29
N GLU A 76 12.63 -7.71 -6.06
CA GLU A 76 13.33 -8.98 -6.22
C GLU A 76 13.19 -9.51 -7.64
N SER A 77 13.91 -8.90 -8.57
CA SER A 77 13.87 -9.32 -9.97
C SER A 77 12.45 -9.16 -10.54
N ILE A 78 12.36 -9.07 -11.85
CA ILE A 78 11.07 -8.92 -12.52
C ILE A 78 11.14 -9.35 -13.98
N SER A 79 10.06 -9.93 -14.48
CA SER A 79 10.01 -10.39 -15.87
C SER A 79 10.05 -9.20 -16.83
N LYS A 80 10.85 -9.32 -17.88
CA LYS A 80 10.97 -8.26 -18.87
C LYS A 80 10.89 -8.82 -20.29
N VAL A 81 10.13 -9.91 -20.43
CA VAL A 81 9.96 -10.55 -21.74
C VAL A 81 11.30 -11.06 -22.27
N SER A 82 11.40 -12.37 -22.44
CA SER A 82 12.62 -12.99 -22.94
C SER A 82 12.31 -13.95 -24.09
N GLU A 83 13.26 -14.07 -25.01
CA GLU A 83 13.09 -14.95 -26.16
C GLU A 83 14.29 -15.90 -26.31
N GLN A 84 15.48 -15.32 -26.28
CA GLN A 84 16.70 -16.09 -26.40
C GLN A 84 17.79 -15.55 -25.48
N VAL A 85 18.34 -16.42 -24.65
CA VAL A 85 19.40 -16.03 -23.72
C VAL A 85 20.74 -16.63 -24.11
N LYS A 86 20.70 -17.82 -24.70
CA LYS A 86 21.91 -18.50 -25.14
C LYS A 86 22.08 -18.42 -26.64
N ASN A 87 23.16 -19.00 -27.15
CA ASN A 87 23.44 -18.97 -28.58
C ASN A 87 23.89 -20.35 -29.07
N VAL A 88 23.95 -20.52 -30.39
CA VAL A 88 24.37 -21.78 -30.99
C VAL A 88 23.72 -22.98 -30.30
N LYS A 89 22.47 -22.80 -29.86
CA LYS A 89 21.74 -23.86 -29.18
C LYS A 89 20.33 -24.00 -29.76
N LEU A 90 19.66 -22.87 -29.95
CA LEU A 90 18.31 -22.86 -30.48
C LEU A 90 18.19 -21.87 -31.64
N ASN A 91 17.55 -22.32 -32.73
CA ASN A 91 17.37 -21.47 -33.90
C ASN A 91 15.92 -21.01 -34.02
N GLU A 92 15.01 -21.87 -33.60
CA GLU A 92 13.58 -21.56 -33.67
C GLU A 92 13.14 -21.31 -35.10
N ASP A 93 11.85 -21.47 -35.36
CA ASP A 93 11.29 -21.27 -36.69
C ASP A 93 10.41 -20.02 -36.74
N LYS A 94 9.73 -19.75 -35.63
CA LYS A 94 8.85 -18.59 -35.55
C LYS A 94 8.31 -18.42 -34.12
N PRO A 95 9.07 -17.72 -33.26
CA PRO A 95 8.65 -17.49 -31.87
C PRO A 95 7.46 -16.54 -31.77
N LYS A 96 6.53 -16.84 -30.88
CA LYS A 96 5.35 -16.02 -30.69
C LYS A 96 4.96 -15.97 -29.21
N GLU A 97 4.87 -14.76 -28.67
CA GLU A 97 4.51 -14.58 -27.27
C GLU A 97 3.65 -13.33 -27.09
N THR A 98 2.67 -13.40 -26.19
CA THR A 98 1.78 -12.28 -25.93
C THR A 98 1.54 -12.13 -24.43
N LYS A 99 1.70 -10.91 -23.93
CA LYS A 99 1.49 -10.63 -22.52
C LYS A 99 0.78 -9.29 -22.33
N SER A 100 -0.15 -9.24 -21.38
CA SER A 100 -0.90 -8.02 -21.10
C SER A 100 -0.82 -7.67 -19.61
N GLU A 101 -1.07 -6.40 -19.30
CA GLU A 101 -1.03 -5.93 -17.92
C GLU A 101 -2.45 -5.73 -17.37
N GLU A 102 -3.36 -5.34 -18.24
CA GLU A 102 -4.75 -5.12 -17.84
C GLU A 102 -5.60 -6.36 -18.11
N THR A 103 -6.67 -6.51 -17.33
CA THR A 103 -7.56 -7.65 -17.48
C THR A 103 -8.74 -7.31 -18.38
N LEU A 104 -9.18 -6.06 -18.31
CA LEU A 104 -10.30 -5.60 -19.12
C LEU A 104 -11.56 -6.40 -18.81
N ASP A 105 -12.39 -5.86 -17.93
CA ASP A 105 -13.64 -6.53 -17.54
C ASP A 105 -14.84 -5.82 -18.15
N GLU A 106 -14.77 -4.49 -18.21
CA GLU A 106 -15.85 -3.69 -18.76
C GLU A 106 -15.40 -2.27 -19.05
N GLY A 107 -14.64 -1.70 -18.13
CA GLY A 107 -14.15 -0.35 -18.30
C GLY A 107 -14.34 0.51 -17.05
N PRO A 108 -13.60 0.22 -15.97
CA PRO A 108 -13.71 0.98 -14.73
C PRO A 108 -13.14 2.39 -14.85
N PRO A 109 -13.25 3.21 -13.79
CA PRO A 109 -12.75 4.59 -13.79
C PRO A 109 -11.26 4.66 -14.11
N LYS A 110 -10.64 5.77 -13.72
CA LYS A 110 -9.21 5.97 -13.97
C LYS A 110 -8.39 5.62 -12.73
N TYR A 111 -8.91 4.70 -11.92
CA TYR A 111 -8.23 4.27 -10.71
C TYR A 111 -8.63 2.83 -10.34
N THR A 112 -7.72 2.13 -9.68
CA THR A 112 -7.97 0.75 -9.26
C THR A 112 -7.83 0.61 -7.75
N LYS A 113 -8.97 0.52 -7.06
CA LYS A 113 -8.97 0.38 -5.61
C LYS A 113 -9.10 -1.08 -5.20
N SER A 114 -8.45 -1.44 -4.10
CA SER A 114 -8.49 -2.81 -3.60
C SER A 114 -8.62 -2.82 -2.08
N VAL A 115 -9.73 -3.38 -1.59
CA VAL A 115 -9.98 -3.45 -0.15
C VAL A 115 -9.23 -4.62 0.48
N LEU A 116 -8.17 -4.29 1.21
CA LEU A 116 -7.36 -5.30 1.89
C LEU A 116 -8.00 -5.72 3.21
N LYS A 117 -8.51 -4.73 3.95
CA LYS A 117 -9.15 -4.99 5.23
C LYS A 117 -10.56 -4.40 5.26
N LYS A 118 -11.57 -5.28 5.20
CA LYS A 118 -12.96 -4.85 5.21
C LYS A 118 -13.30 -4.15 6.53
N GLY A 119 -14.07 -3.08 6.45
CA GLY A 119 -14.45 -2.35 7.64
C GLY A 119 -15.95 -2.45 7.92
N ASP A 120 -16.48 -1.46 8.62
CA ASP A 120 -17.90 -1.42 8.98
C ASP A 120 -18.77 -2.06 7.90
N LYS A 121 -18.57 -1.62 6.66
CA LYS A 121 -19.34 -2.13 5.54
C LYS A 121 -20.77 -1.61 5.60
N THR A 122 -20.91 -0.38 6.06
CA THR A 122 -22.22 0.25 6.18
C THR A 122 -22.08 1.76 6.34
N ASN A 123 -21.13 2.17 7.19
CA ASN A 123 -20.89 3.58 7.44
C ASN A 123 -19.94 4.16 6.39
N PHE A 124 -20.52 4.63 5.29
CA PHE A 124 -19.73 5.21 4.20
C PHE A 124 -19.84 6.73 4.20
N PRO A 125 -18.84 7.43 3.65
CA PRO A 125 -18.82 8.90 3.59
C PRO A 125 -19.87 9.45 2.63
N LYS A 126 -20.71 10.34 3.14
CA LYS A 126 -21.76 10.95 2.34
C LYS A 126 -21.32 12.30 1.78
N LYS A 127 -21.87 12.68 0.63
CA LYS A 127 -21.52 13.94 0.00
C LYS A 127 -21.72 15.11 0.96
N GLY A 128 -20.64 15.79 1.28
CA GLY A 128 -20.71 16.93 2.20
C GLY A 128 -20.27 16.56 3.61
N ASP A 129 -20.42 15.29 3.96
CA ASP A 129 -20.03 14.83 5.29
C ASP A 129 -18.51 14.75 5.42
N VAL A 130 -18.00 15.19 6.56
CA VAL A 130 -16.57 15.17 6.81
C VAL A 130 -16.06 13.75 7.01
N VAL A 131 -14.75 13.58 6.91
CA VAL A 131 -14.12 12.27 7.08
C VAL A 131 -12.68 12.41 7.56
N HIS A 132 -12.23 11.48 8.40
CA HIS A 132 -10.87 11.51 8.90
C HIS A 132 -10.17 10.17 8.66
N CYS A 133 -9.10 10.20 7.87
CA CYS A 133 -8.36 8.99 7.56
C CYS A 133 -6.90 9.31 7.24
N TRP A 134 -6.08 8.27 7.18
CA TRP A 134 -4.67 8.42 6.88
C TRP A 134 -4.40 8.01 5.43
N TYR A 135 -3.26 8.41 4.89
CA TYR A 135 -2.92 8.06 3.51
C TYR A 135 -1.43 8.23 3.24
N THR A 136 -0.87 7.27 2.51
CA THR A 136 0.55 7.31 2.16
C THR A 136 0.73 7.15 0.66
N GLY A 137 1.20 8.20 -0.01
CA GLY A 137 1.40 8.15 -1.44
C GLY A 137 2.83 7.82 -1.83
N THR A 138 2.97 7.06 -2.90
CA THR A 138 4.29 6.67 -3.40
C THR A 138 4.24 6.44 -4.91
N LEU A 139 5.28 6.90 -5.60
CA LEU A 139 5.35 6.75 -7.05
C LEU A 139 5.62 5.29 -7.44
N GLN A 140 5.74 5.05 -8.73
CA GLN A 140 6.00 3.71 -9.23
C GLN A 140 7.30 3.16 -8.66
N ASP A 141 8.32 4.01 -8.59
CA ASP A 141 9.61 3.61 -8.06
C ASP A 141 9.59 3.54 -6.53
N GLY A 142 8.46 3.91 -5.93
CA GLY A 142 8.35 3.87 -4.49
C GLY A 142 8.76 5.18 -3.83
N THR A 143 8.74 6.26 -4.59
CA THR A 143 9.11 7.57 -4.07
C THR A 143 7.89 8.30 -3.51
N VAL A 144 7.84 8.42 -2.19
CA VAL A 144 6.73 9.09 -1.53
C VAL A 144 6.66 10.56 -1.93
N PHE A 145 5.44 11.06 -2.13
CA PHE A 145 5.24 12.45 -2.52
C PHE A 145 4.41 13.19 -1.48
N ASP A 146 3.39 12.52 -0.96
CA ASP A 146 2.51 13.11 0.05
C ASP A 146 1.86 12.02 0.89
N THR A 147 2.11 12.07 2.19
CA THR A 147 1.54 11.08 3.11
C THR A 147 1.15 11.72 4.44
N ASN A 148 -0.08 11.47 4.87
CA ASN A 148 -0.57 12.01 6.13
C ASN A 148 -0.35 11.00 7.26
N ILE A 149 0.85 10.43 7.32
CA ILE A 149 1.19 9.46 8.34
C ILE A 149 2.25 10.00 9.29
N GLN A 150 1.80 10.67 10.36
CA GLN A 150 2.71 11.24 11.34
C GLN A 150 3.18 10.17 12.33
N THR A 151 3.91 10.62 13.35
CA THR A 151 4.42 9.70 14.37
C THR A 151 3.28 9.07 15.15
N SER A 152 3.60 8.02 15.90
CA SER A 152 2.60 7.32 16.70
C SER A 152 2.13 8.17 17.87
N ALA A 153 0.95 7.88 18.39
CA ALA A 153 0.39 8.62 19.51
C ALA A 153 1.03 8.19 20.83
N LYS A 154 1.47 6.94 20.88
CA LYS A 154 2.10 6.40 22.09
C LYS A 154 3.31 7.23 22.49
N LYS A 155 3.96 7.85 21.51
CA LYS A 155 5.13 8.68 21.76
C LYS A 155 4.80 9.81 22.71
N LYS A 156 3.90 10.69 22.27
CA LYS A 156 3.49 11.84 23.09
C LYS A 156 2.25 12.50 22.51
N LYS A 157 1.40 11.69 21.88
CA LYS A 157 0.16 12.20 21.29
C LYS A 157 0.47 13.30 20.28
N ASN A 158 0.94 12.91 19.11
CA ASN A 158 1.28 13.87 18.05
C ASN A 158 0.88 13.33 16.68
N ALA A 159 -0.37 12.87 16.57
CA ALA A 159 -0.87 12.33 15.32
C ALA A 159 -2.37 12.57 15.18
N LYS A 160 -2.77 13.19 14.07
CA LYS A 160 -4.16 13.48 13.82
C LYS A 160 -4.52 13.23 12.35
N PRO A 161 -5.48 12.31 12.09
CA PRO A 161 -5.90 11.99 10.73
C PRO A 161 -6.35 13.22 9.95
N LEU A 162 -6.19 13.19 8.64
CA LEU A 162 -6.59 14.30 7.79
C LEU A 162 -8.11 14.34 7.64
N SER A 163 -8.71 15.46 8.03
CA SER A 163 -10.16 15.61 7.94
C SER A 163 -10.56 16.40 6.70
N PHE A 164 -11.33 15.77 5.82
CA PHE A 164 -11.79 16.41 4.60
C PHE A 164 -13.18 15.91 4.21
N LYS A 165 -14.03 16.80 3.73
CA LYS A 165 -15.38 16.43 3.32
C LYS A 165 -15.38 15.79 1.94
N VAL A 166 -16.18 14.75 1.79
CA VAL A 166 -16.29 14.04 0.52
C VAL A 166 -17.35 14.66 -0.38
N GLY A 167 -17.13 14.57 -1.69
CA GLY A 167 -18.07 15.12 -2.64
C GLY A 167 -18.05 16.64 -2.67
N VAL A 168 -16.96 17.23 -2.21
CA VAL A 168 -16.82 18.68 -2.18
C VAL A 168 -15.53 19.13 -2.88
N GLY A 169 -15.22 18.50 -4.00
CA GLY A 169 -14.01 18.84 -4.75
C GLY A 169 -12.81 19.10 -3.87
N LYS A 170 -12.67 18.33 -2.80
CA LYS A 170 -11.55 18.48 -1.89
C LYS A 170 -10.34 17.67 -2.34
N VAL A 171 -10.60 16.46 -2.84
CA VAL A 171 -9.54 15.58 -3.31
C VAL A 171 -9.72 15.27 -4.80
N ILE A 172 -8.78 14.52 -5.36
CA ILE A 172 -8.84 14.16 -6.76
C ILE A 172 -10.11 13.40 -7.09
N ARG A 173 -10.49 13.40 -8.37
CA ARG A 173 -11.70 12.71 -8.82
C ARG A 173 -11.55 11.19 -8.68
N GLY A 174 -10.31 10.71 -8.74
CA GLY A 174 -10.04 9.30 -8.61
C GLY A 174 -10.15 8.83 -7.17
N TRP A 175 -9.70 9.67 -6.25
CA TRP A 175 -9.74 9.35 -4.83
C TRP A 175 -11.13 9.54 -4.26
N ASP A 176 -11.85 10.53 -4.79
CA ASP A 176 -13.20 10.83 -4.35
C ASP A 176 -14.14 9.66 -4.66
N GLU A 177 -13.90 9.03 -5.81
CA GLU A 177 -14.72 7.90 -6.23
C GLU A 177 -14.35 6.64 -5.44
N ALA A 178 -13.08 6.56 -5.02
CA ALA A 178 -12.61 5.42 -4.25
C ALA A 178 -12.99 5.56 -2.77
N LEU A 179 -12.75 6.74 -2.22
CA LEU A 179 -13.07 7.02 -0.82
C LEU A 179 -14.57 7.08 -0.59
N LEU A 180 -15.33 7.29 -1.67
CA LEU A 180 -16.78 7.38 -1.59
C LEU A 180 -17.37 6.14 -0.92
N THR A 181 -16.64 5.03 -0.96
CA THR A 181 -17.12 3.79 -0.36
C THR A 181 -16.23 3.36 0.81
N MET A 182 -15.46 4.30 1.37
CA MET A 182 -14.58 3.98 2.48
C MET A 182 -15.38 3.61 3.73
N SER A 183 -15.35 2.33 4.08
CA SER A 183 -16.07 1.84 5.25
C SER A 183 -15.36 2.25 6.53
N LYS A 184 -16.14 2.52 7.57
CA LYS A 184 -15.59 2.92 8.86
C LYS A 184 -14.56 1.92 9.35
N GLY A 185 -13.30 2.36 9.46
CA GLY A 185 -12.24 1.49 9.94
C GLY A 185 -11.78 0.51 8.88
N GLU A 186 -12.02 0.82 7.62
CA GLU A 186 -11.62 -0.06 6.52
C GLU A 186 -10.30 0.41 5.90
N LYS A 187 -9.47 -0.55 5.48
CA LYS A 187 -8.20 -0.25 4.85
C LYS A 187 -8.18 -0.76 3.41
N ALA A 188 -7.62 0.03 2.51
CA ALA A 188 -7.57 -0.36 1.10
C ALA A 188 -6.31 0.15 0.42
N ARG A 189 -6.13 -0.26 -0.83
CA ARG A 189 -4.98 0.14 -1.63
C ARG A 189 -5.44 0.47 -3.05
N LEU A 190 -5.45 1.75 -3.39
CA LEU A 190 -5.89 2.18 -4.71
C LEU A 190 -4.80 2.92 -5.47
N GLU A 191 -4.73 2.67 -6.78
CA GLU A 191 -3.75 3.32 -7.64
C GLU A 191 -4.45 4.23 -8.64
N ILE A 192 -4.14 5.52 -8.60
CA ILE A 192 -4.76 6.48 -9.50
C ILE A 192 -3.86 6.78 -10.69
N GLU A 193 -4.46 7.13 -11.82
CA GLU A 193 -3.71 7.44 -13.03
C GLU A 193 -3.31 8.91 -13.05
N PRO A 194 -2.37 9.29 -13.93
CA PRO A 194 -1.90 10.66 -14.04
C PRO A 194 -3.01 11.62 -14.45
N GLU A 195 -3.83 11.19 -15.40
CA GLU A 195 -4.94 12.02 -15.89
C GLU A 195 -5.90 12.37 -14.75
N TRP A 196 -6.13 11.42 -13.86
CA TRP A 196 -7.04 11.63 -12.73
C TRP A 196 -6.25 11.99 -11.47
N ALA A 197 -5.18 12.75 -11.64
CA ALA A 197 -4.35 13.17 -10.52
C ALA A 197 -3.47 14.35 -10.92
N TYR A 198 -2.39 14.07 -11.65
CA TYR A 198 -1.48 15.12 -12.10
C TYR A 198 -1.68 15.40 -13.58
N GLY A 199 -1.26 14.46 -14.41
CA GLY A 199 -1.41 14.61 -15.85
C GLY A 199 -0.20 14.13 -16.62
N LYS A 200 -0.30 14.15 -17.94
CA LYS A 200 0.79 13.71 -18.80
C LYS A 200 2.06 14.53 -18.53
N LYS A 201 1.88 15.75 -18.05
CA LYS A 201 3.01 16.62 -17.76
C LYS A 201 3.81 16.08 -16.58
N GLY A 202 3.13 15.81 -15.48
CA GLY A 202 3.79 15.29 -14.30
C GLY A 202 4.00 16.34 -13.24
N GLN A 203 4.37 15.91 -12.04
CA GLN A 203 4.60 16.83 -10.93
C GLN A 203 6.10 16.96 -10.64
N PRO A 204 6.77 17.94 -11.26
CA PRO A 204 8.21 18.16 -11.05
C PRO A 204 8.54 18.63 -9.64
N ASP A 205 7.54 19.18 -8.96
CA ASP A 205 7.72 19.66 -7.60
C ASP A 205 8.12 18.52 -6.66
N ALA A 206 7.46 17.38 -6.82
CA ALA A 206 7.74 16.22 -6.00
C ALA A 206 8.53 15.16 -6.77
N LYS A 207 9.35 15.62 -7.72
CA LYS A 207 10.14 14.71 -8.53
C LYS A 207 9.27 13.66 -9.22
N ILE A 208 8.01 14.02 -9.47
CA ILE A 208 7.07 13.11 -10.12
C ILE A 208 7.13 13.25 -11.63
N PRO A 209 7.60 12.19 -12.34
CA PRO A 209 7.70 12.21 -13.80
C PRO A 209 6.34 12.26 -14.48
N PRO A 210 6.33 12.46 -15.81
CA PRO A 210 5.07 12.52 -16.58
C PRO A 210 4.37 11.17 -16.67
N ASN A 211 3.05 11.21 -16.82
CA ASN A 211 2.25 10.00 -16.92
C ASN A 211 2.63 8.99 -15.84
N ALA A 212 3.05 9.50 -14.69
CA ALA A 212 3.46 8.64 -13.57
C ALA A 212 2.25 8.10 -12.82
N LYS A 213 2.36 6.87 -12.34
CA LYS A 213 1.29 6.23 -11.58
C LYS A 213 1.45 6.52 -10.10
N LEU A 214 0.33 6.68 -9.40
CA LEU A 214 0.38 6.97 -7.97
C LEU A 214 -0.47 5.99 -7.17
N THR A 215 0.20 5.12 -6.42
CA THR A 215 -0.49 4.14 -5.59
C THR A 215 -0.34 4.47 -4.12
N PHE A 216 -1.38 4.23 -3.34
CA PHE A 216 -1.35 4.52 -1.91
C PHE A 216 -2.35 3.66 -1.15
N GLU A 217 -2.37 3.83 0.17
CA GLU A 217 -3.28 3.09 1.03
C GLU A 217 -3.94 4.02 2.03
N VAL A 218 -5.24 3.84 2.25
CA VAL A 218 -5.98 4.70 3.18
C VAL A 218 -6.68 3.90 4.26
N GLU A 219 -6.88 4.52 5.41
CA GLU A 219 -7.55 3.89 6.54
C GLU A 219 -8.53 4.85 7.19
N LEU A 220 -9.82 4.58 7.03
CA LEU A 220 -10.85 5.43 7.60
C LEU A 220 -10.87 5.32 9.12
N VAL A 221 -10.92 6.48 9.79
CA VAL A 221 -10.92 6.51 11.25
C VAL A 221 -12.27 6.98 11.78
N ASP A 222 -12.93 7.86 11.03
CA ASP A 222 -14.23 8.38 11.44
C ASP A 222 -14.89 9.16 10.31
N ILE A 223 -16.20 9.37 10.43
CA ILE A 223 -16.94 10.11 9.42
C ILE A 223 -17.97 11.03 10.07
N ASP A 224 -17.72 12.34 9.99
CA ASP A 224 -18.62 13.32 10.57
C ASP A 224 -18.75 14.54 9.66
N MET A 1 8.58 -9.44 -9.08
CA MET A 1 8.26 -8.85 -7.76
C MET A 1 6.76 -8.57 -7.63
N ALA A 2 6.17 -9.11 -6.57
CA ALA A 2 4.74 -8.92 -6.32
C ALA A 2 4.46 -8.70 -4.84
N ALA A 3 4.64 -7.47 -4.39
CA ALA A 3 4.41 -7.12 -2.99
C ALA A 3 4.23 -5.62 -2.82
N ALA A 4 3.05 -5.13 -3.15
CA ALA A 4 2.75 -3.70 -3.02
C ALA A 4 2.77 -3.25 -1.57
N VAL A 5 3.09 -1.98 -1.35
CA VAL A 5 3.13 -1.43 0.00
C VAL A 5 1.78 -1.56 0.70
N PRO A 6 1.70 -2.43 1.71
CA PRO A 6 0.46 -2.65 2.47
C PRO A 6 0.29 -1.66 3.62
N GLN A 7 -0.95 -1.36 3.96
CA GLN A 7 -1.25 -0.42 5.04
C GLN A 7 -1.25 -1.14 6.39
N ARG A 8 -0.84 -0.42 7.42
CA ARG A 8 -0.79 -0.97 8.77
C ARG A 8 -2.10 -1.67 9.14
N ALA A 9 -2.11 -2.99 9.02
CA ALA A 9 -3.31 -3.77 9.33
C ALA A 9 -3.69 -3.63 10.80
N TRP A 10 -2.75 -3.18 11.62
CA TRP A 10 -2.99 -2.99 13.04
C TRP A 10 -2.51 -1.63 13.50
N THR A 11 -2.80 -1.28 14.76
CA THR A 11 -2.38 -0.01 15.32
C THR A 11 -1.35 -0.22 16.41
N VAL A 12 -0.50 0.79 16.63
CA VAL A 12 0.53 0.70 17.66
C VAL A 12 -0.08 0.36 19.02
N GLU A 13 -1.27 0.87 19.26
CA GLU A 13 -1.97 0.62 20.52
C GLU A 13 -2.34 -0.86 20.66
N GLN A 14 -2.65 -1.50 19.54
CA GLN A 14 -3.02 -2.91 19.55
C GLN A 14 -1.78 -3.80 19.66
N LEU A 15 -0.84 -3.61 18.73
CA LEU A 15 0.40 -4.39 18.72
C LEU A 15 1.06 -4.38 20.10
N ARG A 16 0.87 -3.28 20.82
CA ARG A 16 1.43 -3.13 22.15
C ARG A 16 0.44 -3.63 23.21
N SER A 17 -0.84 -3.53 22.88
CA SER A 17 -1.90 -3.97 23.80
C SER A 17 -1.63 -5.37 24.34
N GLU A 18 -2.49 -5.82 25.24
CA GLU A 18 -2.36 -7.14 25.85
C GLU A 18 -3.48 -8.07 25.37
N GLN A 19 -4.13 -7.71 24.26
CA GLN A 19 -5.21 -8.53 23.72
C GLN A 19 -4.88 -9.04 22.32
N LEU A 20 -3.88 -8.43 21.68
CA LEU A 20 -3.47 -8.83 20.34
C LEU A 20 -2.43 -9.95 20.39
N PRO A 21 -2.79 -11.16 19.95
CA PRO A 21 -1.87 -12.31 19.94
C PRO A 21 -0.61 -12.05 19.12
N LYS A 22 0.54 -12.21 19.75
CA LYS A 22 1.82 -12.00 19.08
C LYS A 22 1.96 -12.90 17.86
N LYS A 23 1.24 -14.02 17.85
CA LYS A 23 1.29 -14.96 16.75
C LYS A 23 0.98 -14.28 15.42
N ASP A 24 -0.05 -13.44 15.42
CA ASP A 24 -0.46 -12.74 14.21
C ASP A 24 0.57 -11.68 13.80
N ILE A 25 0.90 -10.80 14.73
CA ILE A 25 1.88 -9.75 14.47
C ILE A 25 3.13 -10.29 13.78
N ILE A 26 3.49 -11.53 14.11
CA ILE A 26 4.66 -12.15 13.51
C ILE A 26 4.36 -12.65 12.10
N LYS A 27 3.15 -13.17 11.90
CA LYS A 27 2.74 -13.67 10.60
C LYS A 27 2.62 -12.54 9.58
N PHE A 28 2.42 -11.31 10.08
CA PHE A 28 2.29 -10.15 9.21
C PHE A 28 3.65 -9.70 8.69
N LEU A 29 4.59 -9.56 9.61
CA LEU A 29 5.94 -9.13 9.26
C LEU A 29 6.61 -10.12 8.32
N GLN A 30 6.12 -11.36 8.32
CA GLN A 30 6.67 -12.40 7.47
C GLN A 30 6.13 -12.30 6.05
N GLU A 31 4.81 -12.38 5.93
CA GLU A 31 4.14 -12.30 4.63
C GLU A 31 4.34 -10.94 3.98
N HIS A 32 4.34 -9.88 4.78
CA HIS A 32 4.51 -8.52 4.25
C HIS A 32 5.97 -8.08 4.33
N GLY A 33 6.82 -8.88 4.98
CA GLY A 33 8.22 -8.53 5.09
C GLY A 33 9.12 -9.54 4.41
N SER A 34 10.36 -9.14 4.13
CA SER A 34 11.33 -10.02 3.49
C SER A 34 12.13 -10.78 4.53
N ASP A 35 12.54 -12.01 4.19
CA ASP A 35 13.33 -12.83 5.12
C ASP A 35 14.49 -12.03 5.70
N SER A 36 15.35 -11.52 4.82
CA SER A 36 16.51 -10.73 5.25
C SER A 36 16.10 -9.69 6.29
N PHE A 37 15.07 -8.92 5.96
CA PHE A 37 14.57 -7.89 6.86
C PHE A 37 14.26 -8.48 8.23
N LEU A 38 13.55 -9.60 8.23
CA LEU A 38 13.18 -10.26 9.47
C LEU A 38 14.42 -10.77 10.20
N ALA A 39 15.36 -11.33 9.44
CA ALA A 39 16.59 -11.86 10.02
C ALA A 39 17.23 -10.85 10.97
N GLU A 40 17.21 -9.58 10.56
CA GLU A 40 17.77 -8.52 11.37
C GLU A 40 17.05 -8.40 12.71
N HIS A 41 15.78 -8.81 12.73
CA HIS A 41 14.98 -8.77 13.95
C HIS A 41 14.64 -10.18 14.43
N LYS A 42 15.28 -11.19 13.84
CA LYS A 42 15.03 -12.58 14.21
C LYS A 42 13.54 -12.90 14.19
N LEU A 43 12.83 -12.31 13.24
CA LEU A 43 11.38 -12.52 13.13
C LEU A 43 11.05 -13.61 12.11
N LEU A 44 11.99 -13.89 11.22
CA LEU A 44 11.77 -14.92 10.19
C LEU A 44 11.92 -16.32 10.79
N GLY A 45 11.33 -17.30 10.10
CA GLY A 45 11.40 -18.67 10.57
C GLY A 45 10.03 -19.22 10.94
N ASN A 46 9.89 -19.67 12.18
CA ASN A 46 8.63 -20.22 12.65
C ASN A 46 8.04 -19.37 13.77
N ILE A 47 6.86 -18.82 13.54
CA ILE A 47 6.19 -17.98 14.52
C ILE A 47 6.23 -18.61 15.91
N LYS A 48 5.80 -19.85 16.00
CA LYS A 48 5.80 -20.59 17.27
C LYS A 48 7.14 -20.45 17.97
N ASN A 49 8.22 -20.44 17.19
CA ASN A 49 9.56 -20.31 17.73
C ASN A 49 9.93 -18.84 17.91
N VAL A 50 9.30 -17.97 17.12
CA VAL A 50 9.58 -16.54 17.20
C VAL A 50 8.83 -15.89 18.37
N ALA A 51 7.71 -16.51 18.77
CA ALA A 51 6.91 -16.00 19.86
C ALA A 51 7.68 -16.06 21.19
N LYS A 52 8.66 -16.96 21.25
CA LYS A 52 9.46 -17.13 22.45
C LYS A 52 10.74 -16.32 22.35
N THR A 53 11.22 -16.12 21.13
CA THR A 53 12.44 -15.36 20.89
C THR A 53 12.13 -13.95 20.42
N ALA A 54 11.04 -13.39 20.91
CA ALA A 54 10.62 -12.04 20.54
C ALA A 54 9.61 -11.49 21.53
N ASN A 55 9.90 -10.30 22.07
CA ASN A 55 9.02 -9.66 23.04
C ASN A 55 7.94 -8.85 22.32
N LYS A 56 6.93 -8.42 23.09
CA LYS A 56 5.84 -7.64 22.51
C LYS A 56 6.39 -6.44 21.74
N ASP A 57 7.14 -5.60 22.44
CA ASP A 57 7.74 -4.43 21.81
C ASP A 57 8.63 -4.84 20.65
N HIS A 58 9.19 -6.05 20.75
CA HIS A 58 10.05 -6.57 19.71
C HIS A 58 9.28 -6.73 18.41
N LEU A 59 8.08 -7.27 18.52
CA LEU A 59 7.22 -7.48 17.36
C LEU A 59 6.64 -6.16 16.86
N VAL A 60 6.42 -5.23 17.78
CA VAL A 60 5.87 -3.92 17.44
C VAL A 60 6.95 -3.01 16.85
N THR A 61 8.12 -3.03 17.46
CA THR A 61 9.25 -2.22 17.00
C THR A 61 9.62 -2.61 15.57
N ALA A 62 9.48 -3.89 15.24
CA ALA A 62 9.79 -4.38 13.92
C ALA A 62 8.64 -4.12 12.95
N TYR A 63 7.44 -3.97 13.49
CA TYR A 63 6.25 -3.71 12.69
C TYR A 63 6.12 -2.22 12.36
N ASN A 64 6.74 -1.38 13.19
CA ASN A 64 6.70 0.06 12.98
C ASN A 64 7.76 0.51 11.99
N HIS A 65 9.00 0.15 12.25
CA HIS A 65 10.10 0.53 11.38
C HIS A 65 9.94 -0.08 9.99
N LEU A 66 9.23 -1.20 9.90
CA LEU A 66 9.01 -1.87 8.62
C LEU A 66 8.53 -0.87 7.57
N PHE A 67 7.61 0.00 7.97
CA PHE A 67 7.06 1.00 7.07
C PHE A 67 8.03 2.17 6.93
N GLU A 68 8.67 2.54 8.03
CA GLU A 68 9.64 3.63 8.03
C GLU A 68 10.80 3.32 7.08
N THR A 69 11.30 2.11 7.17
CA THR A 69 12.42 1.67 6.33
C THR A 69 11.93 1.06 5.02
N LYS A 70 10.60 0.92 4.89
CA LYS A 70 10.00 0.35 3.68
C LYS A 70 10.64 -0.99 3.33
N ARG A 71 10.99 -1.77 4.34
CA ARG A 71 11.63 -3.06 4.15
C ARG A 71 10.59 -4.17 3.99
N PHE A 72 9.57 -3.93 3.17
CA PHE A 72 8.52 -4.91 2.95
C PHE A 72 9.07 -6.11 2.19
N LYS A 73 8.24 -7.15 2.04
CA LYS A 73 8.63 -8.36 1.32
C LYS A 73 8.72 -8.10 -0.17
N GLY A 74 9.71 -8.71 -0.82
CA GLY A 74 9.89 -8.53 -2.25
C GLY A 74 11.15 -9.20 -2.76
N THR A 75 11.45 -10.37 -2.23
CA THR A 75 12.64 -11.12 -2.64
C THR A 75 12.30 -12.58 -2.93
N GLU A 76 11.52 -13.18 -2.03
CA GLU A 76 11.12 -14.57 -2.19
C GLU A 76 10.24 -14.76 -3.43
N SER A 77 9.46 -13.74 -3.74
CA SER A 77 8.58 -13.80 -4.90
C SER A 77 9.03 -12.80 -5.98
N ILE A 78 9.33 -13.33 -7.16
CA ILE A 78 9.78 -12.49 -8.27
C ILE A 78 9.53 -13.17 -9.61
N SER A 79 9.51 -12.38 -10.67
CA SER A 79 9.28 -12.91 -12.01
C SER A 79 10.30 -12.36 -13.00
N LYS A 80 10.54 -13.10 -14.08
CA LYS A 80 11.51 -12.69 -15.09
C LYS A 80 10.98 -11.48 -15.88
N VAL A 81 11.64 -10.34 -15.69
CA VAL A 81 11.25 -9.11 -16.37
C VAL A 81 12.44 -8.20 -16.59
N SER A 82 12.54 -7.62 -17.78
CA SER A 82 13.63 -6.72 -18.12
C SER A 82 13.21 -5.27 -17.95
N GLU A 83 14.00 -4.52 -17.20
CA GLU A 83 13.71 -3.10 -16.96
C GLU A 83 14.97 -2.26 -17.09
N GLN A 84 14.81 -0.94 -17.01
CA GLN A 84 15.93 -0.02 -17.13
C GLN A 84 16.63 -0.18 -18.47
N VAL A 85 17.54 0.74 -18.76
CA VAL A 85 18.28 0.71 -20.01
C VAL A 85 17.36 0.88 -21.22
N LYS A 86 17.48 2.02 -21.89
CA LYS A 86 16.65 2.30 -23.06
C LYS A 86 17.15 3.54 -23.80
N ASN A 87 16.98 3.54 -25.12
CA ASN A 87 17.42 4.66 -25.94
C ASN A 87 16.35 5.75 -26.01
N VAL A 88 16.79 6.99 -26.25
CA VAL A 88 15.87 8.11 -26.34
C VAL A 88 15.77 8.63 -27.77
N LYS A 89 16.86 8.50 -28.52
CA LYS A 89 16.90 8.95 -29.90
C LYS A 89 16.18 7.97 -30.82
N LEU A 90 14.88 7.80 -30.60
CA LEU A 90 14.07 6.89 -31.41
C LEU A 90 14.59 5.45 -31.28
N ASN A 91 13.81 4.60 -30.63
CA ASN A 91 14.20 3.20 -30.46
C ASN A 91 13.09 2.43 -29.74
N GLU A 92 12.70 1.30 -30.33
CA GLU A 92 11.65 0.46 -29.75
C GLU A 92 10.29 1.16 -29.82
N ASP A 93 10.14 2.20 -29.02
CA ASP A 93 8.90 2.96 -28.98
C ASP A 93 7.74 2.09 -28.52
N LYS A 94 6.71 2.72 -27.96
CA LYS A 94 5.52 2.00 -27.48
C LYS A 94 5.91 0.74 -26.71
N PRO A 95 6.56 0.91 -25.54
CA PRO A 95 6.99 -0.22 -24.71
C PRO A 95 5.82 -0.88 -23.99
N LYS A 96 5.86 -2.21 -23.90
CA LYS A 96 4.80 -2.96 -23.24
C LYS A 96 5.29 -4.34 -22.83
N GLU A 97 5.18 -4.65 -21.54
CA GLU A 97 5.62 -5.94 -21.02
C GLU A 97 4.42 -6.85 -20.76
N THR A 98 4.57 -8.14 -21.06
CA THR A 98 3.51 -9.11 -20.86
C THR A 98 3.56 -9.69 -19.44
N LYS A 99 2.49 -9.50 -18.70
CA LYS A 99 2.41 -10.00 -17.33
C LYS A 99 0.98 -9.93 -16.80
N SER A 100 0.43 -11.09 -16.43
CA SER A 100 -0.93 -11.14 -15.91
C SER A 100 -1.94 -10.63 -16.94
N GLU A 101 -2.73 -11.55 -17.50
CA GLU A 101 -3.73 -11.19 -18.49
C GLU A 101 -5.14 -11.28 -17.91
N GLU A 102 -5.70 -10.13 -17.56
CA GLU A 102 -7.05 -10.09 -16.98
C GLU A 102 -8.03 -9.46 -17.97
N THR A 103 -9.08 -10.21 -18.31
CA THR A 103 -10.09 -9.73 -19.25
C THR A 103 -11.23 -9.05 -18.50
N LEU A 104 -11.52 -9.55 -17.30
CA LEU A 104 -12.60 -8.99 -16.49
C LEU A 104 -13.94 -9.08 -17.20
N ASP A 105 -14.81 -9.96 -16.71
CA ASP A 105 -16.13 -10.14 -17.31
C ASP A 105 -17.00 -8.92 -17.08
N GLU A 106 -18.15 -8.87 -17.76
CA GLU A 106 -19.08 -7.76 -17.63
C GLU A 106 -18.45 -6.46 -18.11
N GLY A 107 -17.63 -5.85 -17.25
CA GLY A 107 -16.98 -4.60 -17.60
C GLY A 107 -16.79 -3.69 -16.40
N PRO A 108 -15.93 -4.09 -15.45
CA PRO A 108 -15.66 -3.30 -14.25
C PRO A 108 -14.84 -2.04 -14.55
N PRO A 109 -14.67 -1.16 -13.56
CA PRO A 109 -13.91 0.08 -13.73
C PRO A 109 -12.48 -0.17 -14.21
N LYS A 110 -11.61 0.82 -14.02
CA LYS A 110 -10.22 0.70 -14.43
C LYS A 110 -9.30 0.56 -13.22
N TYR A 111 -9.82 -0.04 -12.15
CA TYR A 111 -9.05 -0.23 -10.94
C TYR A 111 -9.57 -1.43 -10.14
N THR A 112 -8.74 -1.94 -9.25
CA THR A 112 -9.11 -3.09 -8.42
C THR A 112 -8.85 -2.81 -6.95
N LYS A 113 -9.92 -2.53 -6.21
CA LYS A 113 -9.80 -2.24 -4.79
C LYS A 113 -10.24 -3.44 -3.94
N SER A 114 -9.55 -3.65 -2.82
CA SER A 114 -9.88 -4.76 -1.92
C SER A 114 -9.80 -4.32 -0.47
N VAL A 115 -10.91 -4.44 0.24
CA VAL A 115 -10.97 -4.06 1.65
C VAL A 115 -10.27 -5.09 2.54
N LEU A 116 -9.10 -4.72 3.04
CA LEU A 116 -8.33 -5.62 3.90
C LEU A 116 -8.85 -5.57 5.33
N LYS A 117 -9.10 -4.36 5.82
CA LYS A 117 -9.60 -4.18 7.18
C LYS A 117 -10.91 -3.39 7.18
N LYS A 118 -12.00 -4.10 7.47
CA LYS A 118 -13.31 -3.47 7.50
C LYS A 118 -13.38 -2.40 8.60
N GLY A 119 -14.04 -1.29 8.27
CA GLY A 119 -14.16 -0.21 9.23
C GLY A 119 -15.55 -0.09 9.80
N ASP A 120 -16.29 0.92 9.37
CA ASP A 120 -17.65 1.14 9.84
C ASP A 120 -18.65 0.41 8.96
N LYS A 121 -18.45 0.51 7.65
CA LYS A 121 -19.34 -0.12 6.68
C LYS A 121 -20.68 0.59 6.61
N THR A 122 -20.64 1.92 6.69
CA THR A 122 -21.85 2.73 6.64
C THR A 122 -21.52 4.17 6.28
N ASN A 123 -20.48 4.72 6.91
CA ASN A 123 -20.07 6.09 6.65
C ASN A 123 -19.13 6.15 5.44
N PHE A 124 -19.65 6.66 4.33
CA PHE A 124 -18.87 6.78 3.10
C PHE A 124 -18.76 8.23 2.67
N PRO A 125 -17.63 8.61 2.03
CA PRO A 125 -17.41 9.98 1.57
C PRO A 125 -18.54 10.47 0.66
N LYS A 126 -19.08 11.64 0.98
CA LYS A 126 -20.17 12.22 0.20
C LYS A 126 -19.66 13.36 -0.68
N LYS A 127 -20.27 13.51 -1.85
CA LYS A 127 -19.87 14.56 -2.79
C LYS A 127 -19.92 15.93 -2.12
N GLY A 128 -18.74 16.53 -1.92
CA GLY A 128 -18.68 17.84 -1.30
C GLY A 128 -18.15 17.77 0.12
N ASP A 129 -18.14 16.58 0.71
CA ASP A 129 -17.65 16.41 2.07
C ASP A 129 -16.17 16.05 2.07
N VAL A 130 -15.41 16.67 2.97
CA VAL A 130 -13.98 16.42 3.08
C VAL A 130 -13.70 15.03 3.64
N VAL A 131 -12.43 14.65 3.61
CA VAL A 131 -12.01 13.35 4.12
C VAL A 131 -10.54 13.37 4.50
N HIS A 132 -10.17 12.64 5.55
CA HIS A 132 -8.79 12.59 5.99
C HIS A 132 -8.30 11.15 6.11
N CYS A 133 -7.30 10.81 5.32
CA CYS A 133 -6.75 9.46 5.32
C CYS A 133 -5.31 9.44 4.85
N TRP A 134 -4.65 8.30 5.02
CA TRP A 134 -3.26 8.14 4.60
C TRP A 134 -3.19 7.27 3.34
N TYR A 135 -2.04 7.28 2.68
CA TYR A 135 -1.88 6.49 1.46
C TYR A 135 -0.42 6.26 1.11
N THR A 136 -0.09 5.03 0.74
CA THR A 136 1.27 4.68 0.36
C THR A 136 1.31 4.11 -1.05
N GLY A 137 1.84 4.87 -1.99
CA GLY A 137 1.91 4.43 -3.37
C GLY A 137 3.23 3.80 -3.75
N THR A 138 3.17 2.80 -4.63
CA THR A 138 4.37 2.11 -5.09
C THR A 138 4.15 1.55 -6.50
N LEU A 139 5.24 1.41 -7.25
CA LEU A 139 5.17 0.89 -8.61
C LEU A 139 5.26 -0.63 -8.61
N GLN A 140 5.25 -1.22 -9.81
CA GLN A 140 5.33 -2.66 -9.96
C GLN A 140 6.58 -3.21 -9.27
N ASP A 141 7.70 -2.52 -9.47
CA ASP A 141 8.97 -2.94 -8.88
C ASP A 141 9.07 -2.50 -7.42
N GLY A 142 8.12 -1.68 -6.98
CA GLY A 142 8.12 -1.21 -5.61
C GLY A 142 8.67 0.20 -5.47
N THR A 143 8.56 0.97 -6.54
CA THR A 143 9.06 2.36 -6.53
C THR A 143 8.01 3.30 -5.97
N VAL A 144 8.27 3.81 -4.77
CA VAL A 144 7.35 4.72 -4.11
C VAL A 144 7.21 6.02 -4.90
N PHE A 145 5.97 6.39 -5.21
CA PHE A 145 5.71 7.62 -5.97
C PHE A 145 5.01 8.65 -5.10
N ASP A 146 4.24 8.18 -4.12
CA ASP A 146 3.52 9.08 -3.22
C ASP A 146 3.16 8.37 -1.91
N THR A 147 3.74 8.86 -0.81
CA THR A 147 3.49 8.29 0.50
C THR A 147 3.19 9.37 1.53
N ASN A 148 1.92 9.48 1.92
CA ASN A 148 1.51 10.49 2.88
C ASN A 148 1.68 10.00 4.32
N ILE A 149 2.30 8.83 4.49
CA ILE A 149 2.52 8.27 5.81
C ILE A 149 3.73 8.92 6.48
N GLN A 150 3.81 8.81 7.80
CA GLN A 150 4.91 9.41 8.55
C GLN A 150 5.27 8.54 9.76
N THR A 151 4.59 8.76 10.87
CA THR A 151 4.84 8.00 12.09
C THR A 151 3.56 7.80 12.89
N SER A 152 3.61 6.88 13.86
CA SER A 152 2.45 6.59 14.69
C SER A 152 2.20 7.73 15.68
N ALA A 153 0.92 8.07 15.88
CA ALA A 153 0.54 9.14 16.79
C ALA A 153 1.04 8.86 18.20
N LYS A 154 1.17 7.57 18.54
CA LYS A 154 1.64 7.18 19.86
C LYS A 154 3.14 7.33 19.98
N LYS A 155 3.84 7.17 18.86
CA LYS A 155 5.30 7.30 18.84
C LYS A 155 5.72 8.74 18.64
N LYS A 156 4.93 9.49 17.87
CA LYS A 156 5.21 10.89 17.60
C LYS A 156 3.93 11.66 17.30
N LYS A 157 4.06 12.98 17.13
CA LYS A 157 2.92 13.82 16.84
C LYS A 157 3.20 14.74 15.66
N ASN A 158 4.04 14.27 14.74
CA ASN A 158 4.38 15.05 13.55
C ASN A 158 3.83 14.39 12.29
N ALA A 159 2.51 14.20 12.26
CA ALA A 159 1.85 13.60 11.12
C ALA A 159 0.38 13.99 11.05
N LYS A 160 -0.05 14.49 9.90
CA LYS A 160 -1.43 14.90 9.71
C LYS A 160 -2.01 14.34 8.42
N PRO A 161 -3.10 13.56 8.50
CA PRO A 161 -3.73 12.96 7.32
C PRO A 161 -4.09 14.00 6.26
N LEU A 162 -4.09 13.59 5.00
CA LEU A 162 -4.41 14.48 3.90
C LEU A 162 -5.92 14.68 3.81
N SER A 163 -6.37 15.93 3.91
CA SER A 163 -7.79 16.24 3.84
C SER A 163 -8.18 16.73 2.45
N PHE A 164 -9.12 16.03 1.83
CA PHE A 164 -9.59 16.40 0.49
C PHE A 164 -11.06 15.99 0.32
N LYS A 165 -11.82 16.85 -0.35
CA LYS A 165 -13.24 16.58 -0.58
C LYS A 165 -13.43 15.58 -1.72
N VAL A 166 -14.36 14.65 -1.52
CA VAL A 166 -14.65 13.62 -2.51
C VAL A 166 -15.68 14.10 -3.52
N GLY A 167 -15.58 13.61 -4.75
CA GLY A 167 -16.53 13.99 -5.78
C GLY A 167 -16.39 15.44 -6.20
N VAL A 168 -15.19 16.00 -5.99
CA VAL A 168 -14.93 17.38 -6.35
C VAL A 168 -13.61 17.52 -7.11
N GLY A 169 -13.39 16.60 -8.05
CA GLY A 169 -12.17 16.62 -8.84
C GLY A 169 -10.92 16.86 -8.02
N LYS A 170 -10.89 16.31 -6.81
CA LYS A 170 -9.75 16.46 -5.93
C LYS A 170 -8.65 15.46 -6.27
N VAL A 171 -9.04 14.21 -6.45
CA VAL A 171 -8.09 13.15 -6.79
C VAL A 171 -8.43 12.52 -8.14
N ILE A 172 -7.64 11.53 -8.55
CA ILE A 172 -7.86 10.86 -9.82
C ILE A 172 -9.26 10.23 -9.89
N ARG A 173 -9.72 9.95 -11.10
CA ARG A 173 -11.03 9.36 -11.30
C ARG A 173 -11.09 7.92 -10.78
N GLY A 174 -9.93 7.25 -10.80
CA GLY A 174 -9.86 5.89 -10.33
C GLY A 174 -9.92 5.80 -8.81
N TRP A 175 -9.28 6.77 -8.16
CA TRP A 175 -9.23 6.82 -6.71
C TRP A 175 -10.55 7.35 -6.14
N ASP A 176 -11.17 8.26 -6.89
CA ASP A 176 -12.42 8.86 -6.47
C ASP A 176 -13.52 7.81 -6.39
N GLU A 177 -13.51 6.88 -7.33
CA GLU A 177 -14.49 5.81 -7.37
C GLU A 177 -14.19 4.76 -6.31
N ALA A 178 -12.92 4.61 -5.97
CA ALA A 178 -12.50 3.63 -4.96
C ALA A 178 -12.74 4.16 -3.56
N LEU A 179 -12.07 5.26 -3.22
CA LEU A 179 -12.21 5.86 -1.90
C LEU A 179 -13.67 6.14 -1.57
N LEU A 180 -14.46 6.47 -2.59
CA LEU A 180 -15.88 6.74 -2.40
C LEU A 180 -16.59 5.54 -1.79
N THR A 181 -16.06 4.35 -2.06
CA THR A 181 -16.65 3.12 -1.53
C THR A 181 -16.01 2.73 -0.19
N MET A 182 -15.03 3.50 0.24
CA MET A 182 -14.36 3.22 1.51
C MET A 182 -15.21 3.67 2.69
N SER A 183 -14.97 3.08 3.85
CA SER A 183 -15.72 3.43 5.05
C SER A 183 -14.82 4.10 6.09
N LYS A 184 -15.44 4.68 7.10
CA LYS A 184 -14.70 5.36 8.16
C LYS A 184 -13.89 4.38 9.00
N GLY A 185 -12.60 4.64 9.14
CA GLY A 185 -11.75 3.77 9.91
C GLY A 185 -11.52 2.42 9.25
N GLU A 186 -11.50 2.41 7.92
CA GLU A 186 -11.30 1.18 7.16
C GLU A 186 -10.03 1.25 6.33
N LYS A 187 -9.39 0.10 6.12
CA LYS A 187 -8.17 0.03 5.34
C LYS A 187 -8.38 -0.83 4.10
N ALA A 188 -7.83 -0.40 2.97
CA ALA A 188 -7.99 -1.15 1.73
C ALA A 188 -6.75 -1.05 0.85
N ARG A 189 -6.75 -1.81 -0.25
CA ARG A 189 -5.65 -1.83 -1.19
C ARG A 189 -6.19 -1.82 -2.61
N LEU A 190 -5.94 -0.76 -3.36
CA LEU A 190 -6.44 -0.65 -4.72
C LEU A 190 -5.32 -0.36 -5.72
N GLU A 191 -5.43 -0.97 -6.90
CA GLU A 191 -4.45 -0.80 -7.97
C GLU A 191 -5.11 -0.15 -9.17
N ILE A 192 -4.72 1.08 -9.48
CA ILE A 192 -5.28 1.80 -10.61
C ILE A 192 -4.35 1.78 -11.82
N GLU A 193 -4.94 1.68 -13.01
CA GLU A 193 -4.17 1.66 -14.24
C GLU A 193 -3.75 3.06 -14.65
N PRO A 194 -2.82 3.18 -15.62
CA PRO A 194 -2.34 4.49 -16.08
C PRO A 194 -3.46 5.35 -16.66
N GLU A 195 -4.32 4.73 -17.47
CA GLU A 195 -5.44 5.44 -18.08
C GLU A 195 -6.28 6.17 -17.03
N TRP A 196 -6.24 5.68 -15.79
CA TRP A 196 -7.00 6.30 -14.71
C TRP A 196 -6.07 6.82 -13.61
N ALA A 197 -4.91 7.35 -14.02
CA ALA A 197 -3.95 7.88 -13.07
C ALA A 197 -3.05 8.93 -13.73
N TYR A 198 -2.00 8.48 -14.40
CA TYR A 198 -1.07 9.38 -15.07
C TYR A 198 -1.28 9.36 -16.58
N GLY A 199 -1.76 8.23 -17.08
CA GLY A 199 -2.01 8.10 -18.50
C GLY A 199 -0.97 7.25 -19.21
N LYS A 200 -1.17 7.02 -20.50
CA LYS A 200 -0.25 6.22 -21.30
C LYS A 200 1.15 6.82 -21.28
N LYS A 201 1.21 8.15 -21.26
CA LYS A 201 2.49 8.86 -21.25
C LYS A 201 3.32 8.44 -20.04
N GLY A 202 2.69 8.47 -18.87
CA GLY A 202 3.38 8.10 -17.65
C GLY A 202 3.60 9.28 -16.73
N GLN A 203 4.58 9.14 -15.83
CA GLN A 203 4.90 10.20 -14.88
C GLN A 203 6.39 10.16 -14.51
N PRO A 204 7.24 10.77 -15.35
CA PRO A 204 8.69 10.79 -15.12
C PRO A 204 9.06 11.25 -13.72
N ASP A 205 8.39 12.30 -13.24
CA ASP A 205 8.66 12.82 -11.90
C ASP A 205 8.53 11.73 -10.84
N ALA A 206 7.51 10.90 -10.98
CA ALA A 206 7.27 9.81 -10.05
C ALA A 206 7.84 8.49 -10.57
N LYS A 207 8.87 8.59 -11.41
CA LYS A 207 9.50 7.40 -11.97
C LYS A 207 8.47 6.46 -12.57
N ILE A 208 7.38 7.02 -13.08
CA ILE A 208 6.32 6.24 -13.68
C ILE A 208 6.48 6.16 -15.20
N PRO A 209 6.79 4.96 -15.74
CA PRO A 209 6.96 4.77 -17.18
C PRO A 209 5.63 4.80 -17.94
N PRO A 210 5.68 5.02 -19.26
CA PRO A 210 4.47 5.07 -20.09
C PRO A 210 3.58 3.84 -19.89
N ASN A 211 2.35 4.08 -19.41
CA ASN A 211 1.41 3.00 -19.17
C ASN A 211 1.90 2.08 -18.06
N ALA A 212 1.85 2.58 -16.82
CA ALA A 212 2.29 1.80 -15.68
C ALA A 212 1.18 1.64 -14.65
N LYS A 213 1.23 0.54 -13.90
CA LYS A 213 0.22 0.27 -12.87
C LYS A 213 0.64 0.89 -11.55
N LEU A 214 -0.34 1.31 -10.76
CA LEU A 214 -0.08 1.93 -9.47
C LEU A 214 -0.89 1.29 -8.35
N THR A 215 -0.21 0.54 -7.48
CA THR A 215 -0.88 -0.12 -6.38
C THR A 215 -0.56 0.56 -5.05
N PHE A 216 -1.57 0.69 -4.20
CA PHE A 216 -1.39 1.34 -2.90
C PHE A 216 -2.52 0.99 -1.95
N GLU A 217 -2.51 1.60 -0.78
CA GLU A 217 -3.53 1.35 0.23
C GLU A 217 -3.85 2.62 1.01
N VAL A 218 -5.10 2.74 1.43
CA VAL A 218 -5.55 3.93 2.15
C VAL A 218 -6.19 3.57 3.49
N GLU A 219 -6.13 4.52 4.43
CA GLU A 219 -6.72 4.32 5.74
C GLU A 219 -7.52 5.56 6.14
N LEU A 220 -8.84 5.45 6.10
CA LEU A 220 -9.71 6.57 6.46
C LEU A 220 -9.65 6.87 7.95
N VAL A 221 -9.45 8.14 8.29
CA VAL A 221 -9.37 8.54 9.68
C VAL A 221 -10.59 9.35 10.10
N ASP A 222 -11.19 10.06 9.16
CA ASP A 222 -12.38 10.87 9.45
C ASP A 222 -13.01 11.41 8.16
N ILE A 223 -14.27 11.82 8.27
CA ILE A 223 -14.99 12.36 7.12
C ILE A 223 -15.89 13.52 7.54
N ASP A 224 -15.53 14.72 7.09
CA ASP A 224 -16.30 15.92 7.43
C ASP A 224 -16.85 16.58 6.17
N MET A 1 16.19 3.89 -4.26
CA MET A 1 15.72 3.03 -3.14
C MET A 1 14.20 3.13 -2.98
N ALA A 2 13.51 2.11 -3.46
CA ALA A 2 12.05 2.07 -3.37
C ALA A 2 11.42 3.23 -4.12
N ALA A 3 10.18 3.06 -4.56
CA ALA A 3 9.46 4.09 -5.29
C ALA A 3 7.99 4.13 -4.91
N ALA A 4 7.68 3.66 -3.70
CA ALA A 4 6.31 3.66 -3.22
C ALA A 4 6.24 3.21 -1.76
N VAL A 5 5.07 3.38 -1.15
CA VAL A 5 4.87 3.00 0.24
C VAL A 5 3.69 2.04 0.38
N PRO A 6 3.96 0.80 0.81
CA PRO A 6 2.91 -0.22 0.99
C PRO A 6 2.09 0.00 2.25
N GLN A 7 0.77 -0.17 2.14
CA GLN A 7 -0.12 0.00 3.26
C GLN A 7 -0.16 -1.25 4.13
N ARG A 8 -0.35 -1.08 5.43
CA ARG A 8 -0.40 -2.19 6.38
C ARG A 8 -1.36 -3.27 5.88
N ALA A 9 -0.80 -4.30 5.24
CA ALA A 9 -1.61 -5.40 4.73
C ALA A 9 -2.27 -6.18 5.86
N TRP A 10 -1.78 -5.98 7.08
CA TRP A 10 -2.32 -6.67 8.24
C TRP A 10 -2.63 -5.68 9.36
N THR A 11 -3.46 -6.12 10.30
CA THR A 11 -3.83 -5.28 11.43
C THR A 11 -3.03 -5.67 12.66
N VAL A 12 -2.77 -4.70 13.53
CA VAL A 12 -2.01 -4.96 14.75
C VAL A 12 -2.67 -6.06 15.56
N GLU A 13 -4.01 -6.06 15.57
CA GLU A 13 -4.78 -7.06 16.28
C GLU A 13 -4.63 -8.43 15.64
N GLN A 14 -4.28 -8.45 14.35
CA GLN A 14 -4.11 -9.70 13.62
C GLN A 14 -2.73 -10.30 13.87
N LEU A 15 -1.69 -9.52 13.64
CA LEU A 15 -0.32 -9.99 13.83
C LEU A 15 -0.13 -10.64 15.21
N ARG A 16 -0.24 -9.84 16.26
CA ARG A 16 -0.07 -10.37 17.62
C ARG A 16 -1.07 -11.47 17.93
N SER A 17 -2.21 -11.45 17.24
CA SER A 17 -3.25 -12.45 17.44
C SER A 17 -2.68 -13.87 17.33
N GLU A 18 -3.54 -14.86 17.52
CA GLU A 18 -3.13 -16.26 17.44
C GLU A 18 -3.70 -16.94 16.19
N GLN A 19 -4.15 -16.14 15.24
CA GLN A 19 -4.73 -16.68 14.01
C GLN A 19 -3.89 -16.28 12.79
N LEU A 20 -3.13 -15.19 12.92
CA LEU A 20 -2.28 -14.71 11.83
C LEU A 20 -0.97 -15.50 11.78
N PRO A 21 -0.73 -16.22 10.67
CA PRO A 21 0.49 -17.02 10.51
C PRO A 21 1.75 -16.16 10.43
N LYS A 22 2.70 -16.42 11.33
CA LYS A 22 3.95 -15.68 11.37
C LYS A 22 4.76 -15.86 10.09
N LYS A 23 4.56 -17.01 9.44
CA LYS A 23 5.28 -17.31 8.21
C LYS A 23 5.11 -16.20 7.17
N ASP A 24 3.89 -15.66 7.11
CA ASP A 24 3.59 -14.59 6.17
C ASP A 24 4.19 -13.27 6.64
N ILE A 25 3.88 -12.90 7.88
CA ILE A 25 4.39 -11.66 8.47
C ILE A 25 5.88 -11.49 8.21
N ILE A 26 6.60 -12.61 8.16
CA ILE A 26 8.04 -12.58 7.92
C ILE A 26 8.33 -12.32 6.44
N LYS A 27 7.55 -12.94 5.57
CA LYS A 27 7.73 -12.79 4.14
C LYS A 27 7.34 -11.40 3.67
N PHE A 28 6.50 -10.72 4.46
CA PHE A 28 6.05 -9.37 4.12
C PHE A 28 7.16 -8.35 4.39
N LEU A 29 7.78 -8.46 5.54
CA LEU A 29 8.85 -7.55 5.93
C LEU A 29 10.09 -7.77 5.07
N GLN A 30 10.23 -8.98 4.53
CA GLN A 30 11.38 -9.31 3.69
C GLN A 30 11.19 -8.79 2.27
N GLU A 31 9.93 -8.67 1.85
CA GLU A 31 9.62 -8.18 0.51
C GLU A 31 9.35 -6.69 0.52
N HIS A 32 8.63 -6.22 1.55
CA HIS A 32 8.30 -4.80 1.67
C HIS A 32 9.37 -4.06 2.46
N GLY A 33 10.31 -4.79 3.04
CA GLY A 33 11.37 -4.17 3.81
C GLY A 33 12.74 -4.43 3.24
N SER A 34 13.73 -3.65 3.68
CA SER A 34 15.10 -3.81 3.21
C SER A 34 15.88 -4.75 4.12
N ASP A 35 16.82 -5.48 3.54
CA ASP A 35 17.64 -6.43 4.30
C ASP A 35 18.19 -5.78 5.57
N SER A 36 18.92 -4.68 5.39
CA SER A 36 19.50 -3.96 6.52
C SER A 36 18.45 -3.72 7.60
N PHE A 37 17.31 -3.19 7.20
CA PHE A 37 16.22 -2.92 8.12
C PHE A 37 15.85 -4.18 8.90
N LEU A 38 15.70 -5.27 8.17
CA LEU A 38 15.36 -6.56 8.78
C LEU A 38 16.47 -7.02 9.72
N ALA A 39 17.72 -6.85 9.29
CA ALA A 39 18.87 -7.25 10.08
C ALA A 39 18.74 -6.76 11.52
N GLU A 40 18.24 -5.53 11.67
CA GLU A 40 18.06 -4.93 12.99
C GLU A 40 17.35 -5.90 13.93
N HIS A 41 16.25 -6.47 13.47
CA HIS A 41 15.47 -7.42 14.26
C HIS A 41 15.72 -8.85 13.81
N LYS A 42 16.76 -9.06 13.00
CA LYS A 42 17.10 -10.39 12.51
C LYS A 42 15.93 -10.99 11.74
N LEU A 43 15.30 -10.18 10.89
CA LEU A 43 14.16 -10.63 10.10
C LEU A 43 14.59 -11.07 8.71
N LEU A 44 15.76 -10.62 8.26
CA LEU A 44 16.26 -10.99 6.94
C LEU A 44 16.81 -12.41 6.93
N GLY A 45 16.87 -13.00 5.75
CA GLY A 45 17.37 -14.36 5.61
C GLY A 45 16.32 -15.32 5.10
N ASN A 46 16.07 -16.38 5.85
CA ASN A 46 15.08 -17.38 5.46
C ASN A 46 13.93 -17.43 6.47
N ILE A 47 12.72 -17.19 6.00
CA ILE A 47 11.54 -17.20 6.85
C ILE A 47 11.52 -18.44 7.75
N LYS A 48 11.70 -19.60 7.14
CA LYS A 48 11.71 -20.86 7.88
C LYS A 48 12.66 -20.78 9.08
N ASN A 49 13.79 -20.10 8.88
CA ASN A 49 14.78 -19.94 9.94
C ASN A 49 14.45 -18.74 10.81
N VAL A 50 13.74 -17.78 10.24
CA VAL A 50 13.36 -16.56 10.96
C VAL A 50 12.16 -16.82 11.87
N ALA A 51 11.34 -17.80 11.50
CA ALA A 51 10.16 -18.14 12.28
C ALA A 51 10.55 -18.68 13.66
N LYS A 52 11.76 -19.20 13.76
CA LYS A 52 12.25 -19.74 15.03
C LYS A 52 13.06 -18.69 15.79
N THR A 53 13.68 -17.78 15.05
CA THR A 53 14.48 -16.72 15.65
C THR A 53 13.71 -15.40 15.69
N ALA A 54 12.40 -15.49 15.88
CA ALA A 54 11.55 -14.31 15.93
C ALA A 54 10.23 -14.62 16.62
N ASN A 55 9.92 -13.85 17.67
CA ASN A 55 8.68 -14.04 18.41
C ASN A 55 7.52 -13.33 17.73
N LYS A 56 6.31 -13.58 18.21
CA LYS A 56 5.12 -12.96 17.65
C LYS A 56 5.26 -11.44 17.66
N ASP A 57 5.47 -10.88 18.84
CA ASP A 57 5.63 -9.44 18.99
C ASP A 57 6.86 -8.96 18.21
N HIS A 58 7.81 -9.87 18.02
CA HIS A 58 9.03 -9.54 17.29
C HIS A 58 8.70 -9.19 15.84
N LEU A 59 7.84 -9.98 15.23
CA LEU A 59 7.43 -9.76 13.85
C LEU A 59 6.47 -8.59 13.74
N VAL A 60 5.70 -8.35 14.80
CA VAL A 60 4.74 -7.25 14.83
C VAL A 60 5.43 -5.93 15.12
N THR A 61 6.34 -5.96 16.09
CA THR A 61 7.08 -4.76 16.47
C THR A 61 7.89 -4.23 15.30
N ALA A 62 8.40 -5.15 14.47
CA ALA A 62 9.21 -4.77 13.31
C ALA A 62 8.32 -4.38 12.14
N TYR A 63 7.08 -4.87 12.16
CA TYR A 63 6.12 -4.56 11.10
C TYR A 63 5.43 -3.22 11.35
N ASN A 64 5.42 -2.80 12.61
CA ASN A 64 4.78 -1.54 12.99
C ASN A 64 5.73 -0.35 12.77
N HIS A 65 6.91 -0.43 13.36
CA HIS A 65 7.89 0.64 13.24
C HIS A 65 8.32 0.82 11.79
N LEU A 66 8.22 -0.22 10.98
CA LEU A 66 8.60 -0.15 9.57
C LEU A 66 7.89 1.01 8.88
N PHE A 67 6.63 1.21 9.21
CA PHE A 67 5.83 2.28 8.63
C PHE A 67 6.17 3.61 9.28
N GLU A 68 6.37 3.57 10.60
CA GLU A 68 6.70 4.78 11.35
C GLU A 68 8.07 5.32 10.93
N THR A 69 9.02 4.41 10.74
CA THR A 69 10.37 4.79 10.35
C THR A 69 10.52 4.80 8.83
N LYS A 70 9.47 4.41 8.12
CA LYS A 70 9.50 4.39 6.66
C LYS A 70 10.75 3.69 6.13
N ARG A 71 11.17 2.63 6.81
CA ARG A 71 12.35 1.88 6.41
C ARG A 71 11.97 0.69 5.52
N PHE A 72 11.08 0.93 4.57
CA PHE A 72 10.63 -0.12 3.65
C PHE A 72 11.79 -0.60 2.78
N LYS A 73 11.51 -1.59 1.94
CA LYS A 73 12.53 -2.13 1.05
C LYS A 73 12.94 -1.12 -0.01
N GLY A 74 14.17 -1.24 -0.50
CA GLY A 74 14.66 -0.33 -1.51
C GLY A 74 14.89 -1.00 -2.86
N THR A 75 13.86 -0.99 -3.71
CA THR A 75 13.94 -1.60 -5.03
C THR A 75 14.63 -2.96 -4.98
N GLU A 76 13.84 -4.02 -4.84
CA GLU A 76 14.36 -5.38 -4.77
C GLU A 76 13.54 -6.32 -5.65
N SER A 77 12.23 -6.22 -5.55
CA SER A 77 11.34 -7.06 -6.34
C SER A 77 10.20 -6.24 -6.94
N ILE A 78 9.87 -6.52 -8.19
CA ILE A 78 8.80 -5.80 -8.89
C ILE A 78 7.62 -6.73 -9.18
N SER A 79 7.92 -7.99 -9.49
CA SER A 79 6.90 -8.97 -9.78
C SER A 79 7.51 -10.34 -10.06
N LYS A 80 6.66 -11.33 -10.31
CA LYS A 80 7.12 -12.68 -10.59
C LYS A 80 5.97 -13.56 -11.07
N VAL A 81 6.27 -14.42 -12.04
CA VAL A 81 5.25 -15.31 -12.61
C VAL A 81 5.78 -16.74 -12.69
N SER A 82 4.86 -17.70 -12.77
CA SER A 82 5.23 -19.11 -12.85
C SER A 82 4.37 -19.83 -13.88
N GLU A 83 4.99 -20.77 -14.60
CA GLU A 83 4.27 -21.53 -15.62
C GLU A 83 3.87 -22.90 -15.10
N GLN A 84 4.77 -23.53 -14.34
CA GLN A 84 4.50 -24.84 -13.77
C GLN A 84 3.80 -24.72 -12.43
N VAL A 85 2.78 -25.55 -12.22
CA VAL A 85 2.04 -25.54 -10.97
C VAL A 85 2.06 -26.91 -10.29
N LYS A 86 2.50 -26.94 -9.04
CA LYS A 86 2.57 -28.18 -8.29
C LYS A 86 2.16 -27.97 -6.83
N ASN A 87 2.76 -26.97 -6.20
CA ASN A 87 2.46 -26.66 -4.81
C ASN A 87 1.18 -25.84 -4.70
N VAL A 88 0.93 -25.01 -5.71
CA VAL A 88 -0.26 -24.17 -5.73
C VAL A 88 -1.45 -24.92 -6.33
N LYS A 89 -2.21 -25.60 -5.47
CA LYS A 89 -3.37 -26.35 -5.91
C LYS A 89 -4.51 -26.25 -4.90
N LEU A 90 -5.36 -25.25 -5.08
CA LEU A 90 -6.48 -25.03 -4.17
C LEU A 90 -7.34 -23.86 -4.64
N ASN A 91 -6.68 -22.81 -5.12
CA ASN A 91 -7.37 -21.62 -5.59
C ASN A 91 -7.90 -21.82 -7.00
N GLU A 92 -8.49 -20.78 -7.58
CA GLU A 92 -9.04 -20.85 -8.92
C GLU A 92 -8.31 -19.90 -9.86
N ASP A 93 -7.17 -20.34 -10.37
CA ASP A 93 -6.37 -19.52 -11.27
C ASP A 93 -7.09 -19.34 -12.61
N LYS A 94 -7.09 -18.11 -13.11
CA LYS A 94 -7.74 -17.81 -14.38
C LYS A 94 -6.71 -17.52 -15.47
N PRO A 95 -7.02 -17.87 -16.73
CA PRO A 95 -6.11 -17.66 -17.86
C PRO A 95 -6.02 -16.19 -18.25
N LYS A 96 -4.98 -15.51 -17.78
CA LYS A 96 -4.78 -14.10 -18.09
C LYS A 96 -3.32 -13.70 -17.87
N GLU A 97 -2.84 -12.79 -18.71
CA GLU A 97 -1.46 -12.32 -18.61
C GLU A 97 -1.39 -10.80 -18.76
N THR A 98 -1.71 -10.10 -17.68
CA THR A 98 -1.68 -8.64 -17.68
C THR A 98 -1.41 -8.10 -16.28
N LYS A 99 -1.03 -6.82 -16.21
CA LYS A 99 -0.74 -6.18 -14.94
C LYS A 99 -1.87 -5.24 -14.53
N SER A 100 -2.52 -4.64 -15.53
CA SER A 100 -3.62 -3.72 -15.29
C SER A 100 -4.48 -3.55 -16.54
N GLU A 101 -5.79 -3.64 -16.37
CA GLU A 101 -6.72 -3.49 -17.48
C GLU A 101 -8.06 -2.93 -17.01
N GLU A 102 -8.21 -1.61 -17.14
CA GLU A 102 -9.44 -0.94 -16.72
C GLU A 102 -9.71 0.28 -17.59
N THR A 103 -10.86 0.30 -18.26
CA THR A 103 -11.23 1.41 -19.12
C THR A 103 -10.21 1.60 -20.24
N LEU A 104 -10.46 0.97 -21.38
CA LEU A 104 -9.57 1.07 -22.52
C LEU A 104 -10.34 0.99 -23.84
N ASP A 105 -10.45 2.11 -24.52
CA ASP A 105 -11.16 2.16 -25.79
C ASP A 105 -10.73 3.36 -26.62
N GLU A 106 -10.64 4.51 -25.97
CA GLU A 106 -10.23 5.75 -26.64
C GLU A 106 -9.71 6.77 -25.63
N GLY A 107 -8.48 6.58 -25.18
CA GLY A 107 -7.89 7.50 -24.23
C GLY A 107 -7.97 6.97 -22.80
N PRO A 108 -6.97 6.19 -22.35
CA PRO A 108 -6.95 5.64 -20.99
C PRO A 108 -6.73 6.71 -19.93
N PRO A 109 -6.88 6.34 -18.65
CA PRO A 109 -6.68 7.28 -17.53
C PRO A 109 -5.22 7.67 -17.36
N LYS A 110 -4.95 8.50 -16.36
CA LYS A 110 -3.59 8.96 -16.08
C LYS A 110 -3.10 8.42 -14.75
N TYR A 111 -3.60 7.25 -14.35
CA TYR A 111 -3.21 6.62 -13.10
C TYR A 111 -3.33 5.11 -13.18
N THR A 112 -2.52 4.41 -12.40
CA THR A 112 -2.54 2.95 -12.38
C THR A 112 -2.77 2.42 -10.97
N LYS A 113 -4.00 1.96 -10.71
CA LYS A 113 -4.36 1.44 -9.40
C LYS A 113 -4.26 -0.09 -9.39
N SER A 114 -3.98 -0.65 -8.22
CA SER A 114 -3.86 -2.09 -8.08
C SER A 114 -4.29 -2.54 -6.68
N VAL A 115 -5.34 -3.37 -6.63
CA VAL A 115 -5.85 -3.87 -5.36
C VAL A 115 -4.99 -5.01 -4.82
N LEU A 116 -4.21 -4.71 -3.78
CA LEU A 116 -3.34 -5.71 -3.16
C LEU A 116 -4.13 -6.57 -2.19
N LYS A 117 -5.00 -5.94 -1.42
CA LYS A 117 -5.82 -6.66 -0.44
C LYS A 117 -7.30 -6.38 -0.66
N LYS A 118 -8.02 -7.38 -1.13
CA LYS A 118 -9.45 -7.25 -1.38
C LYS A 118 -10.21 -6.92 -0.09
N GLY A 119 -11.17 -6.03 -0.19
CA GLY A 119 -11.95 -5.64 0.98
C GLY A 119 -13.27 -6.39 1.06
N ASP A 120 -14.37 -5.69 0.82
CA ASP A 120 -15.69 -6.29 0.86
C ASP A 120 -16.14 -6.71 -0.53
N LYS A 121 -15.80 -5.89 -1.53
CA LYS A 121 -16.17 -6.16 -2.91
C LYS A 121 -17.64 -5.88 -3.15
N THR A 122 -18.16 -4.85 -2.50
CA THR A 122 -19.56 -4.47 -2.64
C THR A 122 -19.81 -3.05 -2.15
N ASN A 123 -19.23 -2.71 -1.01
CA ASN A 123 -19.38 -1.38 -0.42
C ASN A 123 -18.43 -0.38 -1.07
N PHE A 124 -18.87 0.20 -2.19
CA PHE A 124 -18.06 1.18 -2.91
C PHE A 124 -18.56 2.60 -2.63
N PRO A 125 -17.64 3.57 -2.53
CA PRO A 125 -17.99 4.97 -2.27
C PRO A 125 -18.99 5.52 -3.28
N LYS A 126 -20.04 6.16 -2.77
CA LYS A 126 -21.06 6.74 -3.63
C LYS A 126 -20.82 8.23 -3.83
N LYS A 127 -21.18 8.74 -5.01
CA LYS A 127 -21.01 10.15 -5.32
C LYS A 127 -21.63 11.04 -4.26
N GLY A 128 -20.80 11.83 -3.59
CA GLY A 128 -21.28 12.71 -2.54
C GLY A 128 -21.22 12.09 -1.16
N ASP A 129 -20.82 10.82 -1.09
CA ASP A 129 -20.72 10.13 0.19
C ASP A 129 -19.31 10.26 0.78
N VAL A 130 -19.25 10.47 2.08
CA VAL A 130 -17.96 10.61 2.77
C VAL A 130 -17.21 9.29 2.80
N VAL A 131 -15.91 9.36 3.06
CA VAL A 131 -15.06 8.17 3.11
C VAL A 131 -13.84 8.40 3.98
N HIS A 132 -13.39 7.37 4.68
CA HIS A 132 -12.23 7.47 5.55
C HIS A 132 -11.21 6.38 5.25
N CYS A 133 -10.01 6.79 4.82
CA CYS A 133 -8.96 5.84 4.49
C CYS A 133 -7.58 6.44 4.72
N TRP A 134 -6.57 5.59 4.71
CA TRP A 134 -5.18 6.02 4.89
C TRP A 134 -4.48 6.10 3.55
N TYR A 135 -3.37 6.83 3.49
CA TYR A 135 -2.63 6.97 2.24
C TYR A 135 -1.21 7.46 2.49
N THR A 136 -0.25 6.86 1.77
CA THR A 136 1.14 7.23 1.92
C THR A 136 1.76 7.58 0.56
N GLY A 137 2.04 8.87 0.36
CA GLY A 137 2.62 9.32 -0.89
C GLY A 137 4.13 9.23 -0.92
N THR A 138 4.66 8.79 -2.04
CA THR A 138 6.11 8.67 -2.21
C THR A 138 6.50 8.84 -3.67
N LEU A 139 7.51 9.65 -3.93
CA LEU A 139 7.96 9.90 -5.29
C LEU A 139 8.67 8.67 -5.86
N GLN A 140 9.16 8.80 -7.09
CA GLN A 140 9.85 7.71 -7.76
C GLN A 140 11.04 7.23 -6.92
N ASP A 141 11.79 8.20 -6.37
CA ASP A 141 12.95 7.90 -5.55
C ASP A 141 12.55 7.41 -4.16
N GLY A 142 11.25 7.41 -3.89
CA GLY A 142 10.76 6.98 -2.58
C GLY A 142 10.65 8.12 -1.58
N THR A 143 10.83 9.34 -2.05
CA THR A 143 10.74 10.51 -1.19
C THR A 143 9.29 10.84 -0.88
N VAL A 144 8.88 10.63 0.37
CA VAL A 144 7.51 10.91 0.78
C VAL A 144 7.19 12.39 0.67
N PHE A 145 6.04 12.71 0.09
CA PHE A 145 5.62 14.08 -0.08
C PHE A 145 4.41 14.39 0.80
N ASP A 146 3.60 13.37 1.06
CA ASP A 146 2.41 13.53 1.89
C ASP A 146 1.83 12.17 2.28
N THR A 147 1.73 11.91 3.57
CA THR A 147 1.18 10.65 4.05
C THR A 147 0.35 10.86 5.31
N ASN A 148 -0.88 10.35 5.30
CA ASN A 148 -1.78 10.47 6.43
C ASN A 148 -1.58 9.31 7.40
N ILE A 149 -0.34 9.10 7.82
CA ILE A 149 -0.03 8.01 8.76
C ILE A 149 1.12 8.40 9.69
N GLN A 150 0.78 8.61 10.95
CA GLN A 150 1.79 8.98 11.94
C GLN A 150 1.21 8.91 13.36
N THR A 151 2.00 8.39 14.29
CA THR A 151 1.57 8.29 15.68
C THR A 151 2.75 8.48 16.63
N SER A 152 2.97 9.72 17.04
CA SER A 152 4.08 10.04 17.95
C SER A 152 3.65 9.81 19.40
N ALA A 153 4.64 9.77 20.29
CA ALA A 153 4.38 9.55 21.71
C ALA A 153 3.77 10.79 22.35
N LYS A 154 4.21 11.96 21.90
CA LYS A 154 3.71 13.23 22.43
C LYS A 154 2.21 13.34 22.21
N LYS A 155 1.73 12.74 21.12
CA LYS A 155 0.30 12.79 20.79
C LYS A 155 -0.47 11.69 21.52
N LYS A 156 0.23 10.92 22.35
CA LYS A 156 -0.40 9.84 23.10
C LYS A 156 -0.98 8.78 22.16
N LYS A 157 -0.35 8.63 20.99
CA LYS A 157 -0.80 7.66 20.01
C LYS A 157 -2.26 7.90 19.62
N ASN A 158 -2.46 8.76 18.63
CA ASN A 158 -3.81 9.08 18.17
C ASN A 158 -3.81 9.36 16.66
N ALA A 159 -4.31 8.39 15.89
CA ALA A 159 -4.36 8.54 14.44
C ALA A 159 -5.78 8.25 13.92
N LYS A 160 -6.22 9.05 12.97
CA LYS A 160 -7.54 8.89 12.38
C LYS A 160 -7.50 9.08 10.85
N PRO A 161 -8.16 8.19 10.09
CA PRO A 161 -8.17 8.28 8.63
C PRO A 161 -8.76 9.60 8.14
N LEU A 162 -8.33 10.03 6.96
CA LEU A 162 -8.81 11.27 6.37
C LEU A 162 -10.21 11.06 5.79
N SER A 163 -11.16 11.89 6.21
CA SER A 163 -12.53 11.79 5.74
C SER A 163 -12.82 12.81 4.64
N PHE A 164 -13.25 12.31 3.48
CA PHE A 164 -13.57 13.17 2.35
C PHE A 164 -14.63 12.51 1.46
N LYS A 165 -15.52 13.33 0.92
CA LYS A 165 -16.59 12.81 0.06
C LYS A 165 -16.09 12.58 -1.36
N VAL A 166 -16.56 11.50 -1.98
CA VAL A 166 -16.17 11.15 -3.33
C VAL A 166 -17.06 11.84 -4.37
N GLY A 167 -16.48 12.13 -5.53
CA GLY A 167 -17.22 12.78 -6.58
C GLY A 167 -17.61 14.20 -6.23
N VAL A 168 -16.85 14.82 -5.34
CA VAL A 168 -17.12 16.20 -4.93
C VAL A 168 -15.86 17.06 -4.98
N GLY A 169 -15.07 16.87 -6.04
CA GLY A 169 -13.84 17.62 -6.22
C GLY A 169 -13.03 17.76 -4.94
N LYS A 170 -13.05 16.72 -4.11
CA LYS A 170 -12.33 16.73 -2.84
C LYS A 170 -10.87 16.34 -3.04
N VAL A 171 -10.64 15.31 -3.85
CA VAL A 171 -9.29 14.84 -4.13
C VAL A 171 -8.96 14.94 -5.62
N ILE A 172 -7.75 14.54 -5.98
CA ILE A 172 -7.32 14.60 -7.37
C ILE A 172 -8.21 13.75 -8.26
N ARG A 173 -8.12 13.98 -9.57
CA ARG A 173 -8.94 13.24 -10.53
C ARG A 173 -8.49 11.79 -10.64
N GLY A 174 -7.20 11.56 -10.40
CA GLY A 174 -6.67 10.21 -10.47
C GLY A 174 -7.06 9.38 -9.27
N TRP A 175 -7.13 10.02 -8.11
CA TRP A 175 -7.50 9.35 -6.87
C TRP A 175 -9.01 9.19 -6.78
N ASP A 176 -9.72 10.17 -7.31
CA ASP A 176 -11.18 10.16 -7.30
C ASP A 176 -11.70 8.97 -8.10
N GLU A 177 -10.97 8.62 -9.15
CA GLU A 177 -11.36 7.50 -10.01
C GLU A 177 -10.94 6.18 -9.39
N ALA A 178 -9.86 6.22 -8.61
CA ALA A 178 -9.36 5.02 -7.94
C ALA A 178 -10.18 4.68 -6.71
N LEU A 179 -10.17 5.59 -5.74
CA LEU A 179 -10.92 5.39 -4.50
C LEU A 179 -12.39 5.08 -4.80
N LEU A 180 -12.88 5.57 -5.93
CA LEU A 180 -14.26 5.35 -6.33
C LEU A 180 -14.60 3.85 -6.33
N THR A 181 -13.60 3.02 -6.59
CA THR A 181 -13.80 1.58 -6.61
C THR A 181 -13.15 0.89 -5.41
N MET A 182 -12.66 1.68 -4.46
CA MET A 182 -12.02 1.13 -3.27
C MET A 182 -13.05 0.45 -2.36
N SER A 183 -13.03 -0.87 -2.36
CA SER A 183 -13.96 -1.65 -1.55
C SER A 183 -13.73 -1.42 -0.06
N LYS A 184 -14.79 -1.53 0.72
CA LYS A 184 -14.71 -1.32 2.17
C LYS A 184 -13.67 -2.26 2.79
N GLY A 185 -12.66 -1.66 3.42
CA GLY A 185 -11.61 -2.45 4.05
C GLY A 185 -10.66 -3.05 3.04
N GLU A 186 -10.62 -2.47 1.84
CA GLU A 186 -9.74 -2.95 0.78
C GLU A 186 -8.45 -2.14 0.73
N LYS A 187 -7.34 -2.81 0.44
CA LYS A 187 -6.05 -2.16 0.34
C LYS A 187 -5.58 -2.14 -1.10
N ALA A 188 -5.12 -0.98 -1.57
CA ALA A 188 -4.66 -0.86 -2.94
C ALA A 188 -3.45 0.05 -3.06
N ARG A 189 -2.88 0.08 -4.26
CA ARG A 189 -1.71 0.90 -4.55
C ARG A 189 -1.89 1.56 -5.91
N LEU A 190 -1.95 2.88 -5.94
CA LEU A 190 -2.14 3.59 -7.20
C LEU A 190 -1.08 4.66 -7.45
N GLU A 191 -0.66 4.76 -8.71
CA GLU A 191 0.33 5.75 -9.11
C GLU A 191 -0.30 6.77 -10.05
N ILE A 192 -0.35 8.03 -9.60
CA ILE A 192 -0.95 9.09 -10.40
C ILE A 192 0.09 9.77 -11.29
N GLU A 193 -0.33 10.18 -12.48
CA GLU A 193 0.56 10.86 -13.41
C GLU A 193 0.61 12.35 -13.10
N PRO A 194 1.71 13.02 -13.48
CA PRO A 194 1.89 14.46 -13.24
C PRO A 194 0.70 15.27 -13.73
N GLU A 195 0.22 14.95 -14.93
CA GLU A 195 -0.91 15.65 -15.51
C GLU A 195 -2.17 15.49 -14.68
N TRP A 196 -2.21 14.47 -13.82
CA TRP A 196 -3.36 14.21 -12.98
C TRP A 196 -3.01 14.31 -11.50
N ALA A 197 -2.12 15.24 -11.15
CA ALA A 197 -1.73 15.42 -9.76
C ALA A 197 -1.21 16.84 -9.51
N TYR A 198 0.07 17.07 -9.80
CA TYR A 198 0.67 18.38 -9.59
C TYR A 198 0.86 19.11 -10.92
N GLY A 199 1.00 18.35 -12.00
CA GLY A 199 1.18 18.93 -13.31
C GLY A 199 2.60 18.79 -13.81
N LYS A 200 2.78 18.98 -15.11
CA LYS A 200 4.11 18.89 -15.72
C LYS A 200 5.09 19.81 -15.03
N LYS A 201 4.59 20.93 -14.53
CA LYS A 201 5.43 21.91 -13.84
C LYS A 201 6.08 21.29 -12.61
N GLY A 202 5.26 20.62 -11.80
CA GLY A 202 5.77 19.99 -10.60
C GLY A 202 5.36 20.74 -9.34
N GLN A 203 5.54 20.08 -8.20
CA GLN A 203 5.18 20.68 -6.91
C GLN A 203 6.43 21.00 -6.10
N PRO A 204 6.99 22.20 -6.26
CA PRO A 204 8.20 22.63 -5.53
C PRO A 204 7.96 22.76 -4.03
N ASP A 205 6.69 22.93 -3.65
CA ASP A 205 6.33 23.05 -2.25
C ASP A 205 6.77 21.83 -1.45
N ALA A 206 6.59 20.66 -2.04
CA ALA A 206 6.97 19.41 -1.38
C ALA A 206 8.20 18.80 -2.04
N LYS A 207 9.03 19.64 -2.66
CA LYS A 207 10.24 19.18 -3.32
C LYS A 207 9.91 18.13 -4.39
N ILE A 208 9.02 18.48 -5.29
CA ILE A 208 8.62 17.58 -6.37
C ILE A 208 8.98 18.15 -7.75
N PRO A 209 9.95 17.53 -8.44
CA PRO A 209 10.39 17.98 -9.77
C PRO A 209 9.25 17.96 -10.79
N PRO A 210 9.38 18.76 -11.86
CA PRO A 210 8.37 18.82 -12.93
C PRO A 210 8.16 17.47 -13.61
N ASN A 211 6.90 17.07 -13.73
CA ASN A 211 6.57 15.79 -14.37
C ASN A 211 7.14 14.62 -13.58
N ALA A 212 6.57 14.39 -12.39
CA ALA A 212 7.01 13.29 -11.54
C ALA A 212 5.87 12.34 -11.22
N LYS A 213 6.21 11.07 -11.02
CA LYS A 213 5.21 10.05 -10.69
C LYS A 213 4.92 10.04 -9.20
N LEU A 214 3.70 9.68 -8.83
CA LEU A 214 3.31 9.63 -7.44
C LEU A 214 2.51 8.37 -7.11
N THR A 215 3.14 7.47 -6.35
CA THR A 215 2.49 6.22 -5.96
C THR A 215 2.19 6.23 -4.46
N PHE A 216 1.01 5.75 -4.09
CA PHE A 216 0.63 5.73 -2.68
C PHE A 216 -0.45 4.70 -2.38
N GLU A 217 -0.13 3.77 -1.49
CA GLU A 217 -1.06 2.72 -1.12
C GLU A 217 -2.15 3.27 -0.20
N VAL A 218 -3.39 2.87 -0.47
CA VAL A 218 -4.53 3.35 0.31
C VAL A 218 -5.29 2.19 0.94
N GLU A 219 -5.91 2.45 2.09
CA GLU A 219 -6.69 1.44 2.80
C GLU A 219 -8.00 2.03 3.30
N LEU A 220 -9.11 1.60 2.69
CA LEU A 220 -10.43 2.10 3.08
C LEU A 220 -10.84 1.57 4.45
N VAL A 221 -11.30 2.47 5.31
CA VAL A 221 -11.72 2.10 6.66
C VAL A 221 -13.24 2.19 6.82
N ASP A 222 -13.86 3.11 6.09
CA ASP A 222 -15.30 3.28 6.15
C ASP A 222 -15.80 4.19 5.03
N ILE A 223 -17.09 4.10 4.72
CA ILE A 223 -17.69 4.91 3.67
C ILE A 223 -19.10 5.35 4.06
N ASP A 224 -19.27 6.64 4.28
CA ASP A 224 -20.57 7.20 4.66
C ASP A 224 -21.02 8.26 3.66
N MET A 1 4.19 -7.49 -4.71
CA MET A 1 5.66 -7.52 -4.98
C MET A 1 6.19 -6.11 -5.26
N ALA A 2 5.89 -5.61 -6.46
CA ALA A 2 6.34 -4.28 -6.87
C ALA A 2 5.19 -3.28 -6.82
N ALA A 3 5.45 -2.13 -6.22
CA ALA A 3 4.44 -1.08 -6.11
C ALA A 3 3.22 -1.58 -5.32
N ALA A 4 3.18 -1.24 -4.04
CA ALA A 4 2.07 -1.65 -3.17
C ALA A 4 2.40 -1.41 -1.70
N VAL A 5 2.08 -0.22 -1.21
CA VAL A 5 2.35 0.13 0.19
C VAL A 5 1.16 -0.24 1.07
N PRO A 6 1.32 -1.26 1.92
CA PRO A 6 0.24 -1.71 2.82
C PRO A 6 0.12 -0.82 4.06
N GLN A 7 -1.12 -0.47 4.39
CA GLN A 7 -1.38 0.38 5.55
C GLN A 7 -1.34 -0.43 6.84
N ARG A 8 -0.97 0.21 7.94
CA ARG A 8 -0.89 -0.44 9.24
C ARG A 8 -2.16 -1.24 9.54
N ALA A 9 -2.12 -2.53 9.24
CA ALA A 9 -3.27 -3.40 9.48
C ALA A 9 -3.56 -3.55 10.97
N TRP A 10 -2.58 -3.20 11.80
CA TRP A 10 -2.73 -3.29 13.25
C TRP A 10 -2.19 -2.04 13.94
N THR A 11 -2.40 -1.96 15.24
CA THR A 11 -1.93 -0.82 16.02
C THR A 11 -0.89 -1.25 17.04
N VAL A 12 0.00 -0.34 17.40
CA VAL A 12 1.05 -0.64 18.38
C VAL A 12 0.45 -1.14 19.69
N GLU A 13 -0.73 -0.63 20.02
CA GLU A 13 -1.43 -1.01 21.23
C GLU A 13 -1.98 -2.43 21.13
N GLN A 14 -2.26 -2.87 19.91
CA GLN A 14 -2.80 -4.20 19.69
C GLN A 14 -1.69 -5.24 19.67
N LEU A 15 -0.72 -5.05 18.80
CA LEU A 15 0.41 -5.98 18.66
C LEU A 15 1.02 -6.29 20.02
N ARG A 16 1.61 -5.28 20.64
CA ARG A 16 2.24 -5.43 21.95
C ARG A 16 1.27 -6.00 22.97
N SER A 17 -0.01 -5.79 22.76
CA SER A 17 -1.04 -6.28 23.67
C SER A 17 -0.93 -7.79 23.86
N GLU A 18 -1.83 -8.33 24.67
CA GLU A 18 -1.85 -9.77 24.95
C GLU A 18 -3.06 -10.44 24.29
N GLN A 19 -3.68 -9.75 23.34
CA GLN A 19 -4.84 -10.29 22.64
C GLN A 19 -4.53 -10.52 21.16
N LEU A 20 -3.60 -9.75 20.62
CA LEU A 20 -3.21 -9.88 19.22
C LEU A 20 -2.22 -11.03 19.03
N PRO A 21 -2.62 -12.11 18.34
CA PRO A 21 -1.75 -13.27 18.10
C PRO A 21 -0.50 -12.89 17.31
N LYS A 22 0.66 -13.19 17.88
CA LYS A 22 1.93 -12.88 17.23
C LYS A 22 2.08 -13.65 15.91
N LYS A 23 1.37 -14.77 15.80
CA LYS A 23 1.42 -15.60 14.60
C LYS A 23 1.12 -14.77 13.35
N ASP A 24 0.14 -13.88 13.47
CA ASP A 24 -0.24 -13.03 12.34
C ASP A 24 0.82 -11.96 12.10
N ILE A 25 1.17 -11.23 13.14
CA ILE A 25 2.16 -10.16 13.06
C ILE A 25 3.38 -10.61 12.27
N ILE A 26 3.69 -11.91 12.33
CA ILE A 26 4.82 -12.46 11.60
C ILE A 26 4.46 -12.72 10.15
N LYS A 27 3.40 -13.49 9.94
CA LYS A 27 2.93 -13.83 8.61
C LYS A 27 2.74 -12.57 7.76
N PHE A 28 2.45 -11.46 8.44
CA PHE A 28 2.24 -10.18 7.76
C PHE A 28 3.56 -9.57 7.33
N LEU A 29 4.50 -9.52 8.25
CA LEU A 29 5.82 -8.95 7.98
C LEU A 29 6.60 -9.79 6.97
N GLN A 30 6.28 -11.08 6.92
CA GLN A 30 6.96 -11.99 6.00
C GLN A 30 6.46 -11.78 4.58
N GLU A 31 5.18 -11.49 4.44
CA GLU A 31 4.56 -11.26 3.14
C GLU A 31 4.70 -9.81 2.71
N HIS A 32 4.69 -8.90 3.70
CA HIS A 32 4.80 -7.47 3.42
C HIS A 32 6.23 -6.98 3.61
N GLY A 33 7.10 -7.83 4.17
CA GLY A 33 8.48 -7.45 4.39
C GLY A 33 9.43 -8.18 3.47
N SER A 34 10.59 -7.59 3.24
CA SER A 34 11.60 -8.19 2.37
C SER A 34 12.64 -8.93 3.20
N ASP A 35 13.26 -9.95 2.60
CA ASP A 35 14.28 -10.75 3.30
C ASP A 35 15.23 -9.85 4.09
N SER A 36 15.73 -8.81 3.44
CA SER A 36 16.66 -7.87 4.10
C SER A 36 16.06 -7.36 5.40
N PHE A 37 14.83 -6.88 5.32
CA PHE A 37 14.12 -6.36 6.48
C PHE A 37 13.97 -7.45 7.53
N LEU A 38 13.84 -8.70 7.08
CA LEU A 38 13.68 -9.83 7.98
C LEU A 38 15.00 -10.21 8.65
N ALA A 39 16.01 -10.45 7.82
CA ALA A 39 17.33 -10.82 8.34
C ALA A 39 17.81 -9.88 9.43
N GLU A 40 17.46 -8.60 9.29
CA GLU A 40 17.87 -7.58 10.26
C GLU A 40 17.09 -7.72 11.57
N HIS A 41 15.85 -8.19 11.48
CA HIS A 41 15.01 -8.36 12.67
C HIS A 41 14.79 -9.83 13.00
N LYS A 42 15.53 -10.71 12.34
CA LYS A 42 15.40 -12.15 12.57
C LYS A 42 13.98 -12.63 12.31
N LEU A 43 13.32 -12.03 11.32
CA LEU A 43 11.95 -12.41 10.98
C LEU A 43 11.93 -13.50 9.91
N LEU A 44 13.07 -13.70 9.24
CA LEU A 44 13.19 -14.72 8.21
C LEU A 44 12.72 -16.08 8.72
N GLY A 45 12.61 -17.03 7.80
CA GLY A 45 12.19 -18.38 8.16
C GLY A 45 10.68 -18.53 8.17
N ASN A 46 10.21 -19.51 8.95
CA ASN A 46 8.78 -19.78 9.05
C ASN A 46 8.21 -19.19 10.34
N ILE A 47 7.00 -18.66 10.24
CA ILE A 47 6.32 -18.05 11.39
C ILE A 47 6.44 -18.92 12.64
N LYS A 48 6.17 -20.20 12.47
CA LYS A 48 6.25 -21.16 13.57
C LYS A 48 7.58 -21.06 14.30
N ASN A 49 8.66 -20.91 13.53
CA ASN A 49 9.99 -20.80 14.09
C ASN A 49 10.31 -19.36 14.46
N VAL A 50 9.71 -18.42 13.75
CA VAL A 50 9.93 -17.00 14.00
C VAL A 50 9.23 -16.54 15.28
N ALA A 51 8.15 -17.22 15.64
CA ALA A 51 7.40 -16.87 16.84
C ALA A 51 8.22 -17.11 18.10
N LYS A 52 9.20 -18.00 18.01
CA LYS A 52 10.06 -18.32 19.14
C LYS A 52 11.35 -17.50 19.11
N THR A 53 11.77 -17.11 17.91
CA THR A 53 12.99 -16.32 17.75
C THR A 53 12.72 -14.83 17.97
N ALA A 54 11.47 -14.41 17.75
CA ALA A 54 11.10 -13.01 17.92
C ALA A 54 10.08 -12.84 19.04
N ASN A 55 10.34 -11.87 19.92
CA ASN A 55 9.44 -11.60 21.04
C ASN A 55 8.24 -10.78 20.57
N LYS A 56 7.35 -10.44 21.49
CA LYS A 56 6.16 -9.65 21.14
C LYS A 56 6.57 -8.30 20.57
N ASP A 57 7.32 -7.54 21.35
CA ASP A 57 7.78 -6.22 20.93
C ASP A 57 8.71 -6.35 19.72
N HIS A 58 9.42 -7.48 19.65
CA HIS A 58 10.34 -7.72 18.55
C HIS A 58 9.59 -7.69 17.22
N LEU A 59 8.38 -8.25 17.22
CA LEU A 59 7.56 -8.29 16.02
C LEU A 59 6.86 -6.95 15.80
N VAL A 60 6.64 -6.20 16.87
CA VAL A 60 5.98 -4.90 16.78
C VAL A 60 6.98 -3.84 16.35
N THR A 61 8.16 -3.87 16.94
CA THR A 61 9.21 -2.91 16.62
C THR A 61 9.60 -3.03 15.16
N ALA A 62 9.58 -4.26 14.64
CA ALA A 62 9.90 -4.52 13.25
C ALA A 62 8.74 -4.17 12.34
N TYR A 63 7.53 -4.16 12.91
CA TYR A 63 6.33 -3.84 12.15
C TYR A 63 6.13 -2.34 12.06
N ASN A 64 6.72 -1.60 13.00
CA ASN A 64 6.60 -0.15 13.02
C ASN A 64 7.65 0.50 12.12
N HIS A 65 8.91 0.15 12.34
CA HIS A 65 10.00 0.71 11.57
C HIS A 65 9.89 0.33 10.09
N LEU A 66 9.20 -0.78 9.80
CA LEU A 66 9.02 -1.23 8.43
C LEU A 66 8.39 -0.14 7.57
N PHE A 67 7.44 0.57 8.15
CA PHE A 67 6.75 1.65 7.44
C PHE A 67 7.62 2.90 7.39
N GLU A 68 8.30 3.19 8.50
CA GLU A 68 9.17 4.35 8.58
C GLU A 68 10.36 4.19 7.65
N THR A 69 10.87 2.97 7.56
CA THR A 69 12.02 2.68 6.70
C THR A 69 11.57 2.25 5.30
N LYS A 70 10.27 2.07 5.13
CA LYS A 70 9.72 1.67 3.82
C LYS A 70 10.44 0.44 3.27
N ARG A 71 10.84 -0.46 4.16
CA ARG A 71 11.53 -1.67 3.75
C ARG A 71 10.56 -2.82 3.51
N PHE A 72 9.46 -2.52 2.82
CA PHE A 72 8.44 -3.53 2.52
C PHE A 72 9.00 -4.59 1.58
N LYS A 73 8.20 -5.61 1.29
CA LYS A 73 8.62 -6.69 0.41
C LYS A 73 8.56 -6.25 -1.05
N GLY A 74 9.62 -6.58 -1.79
CA GLY A 74 9.67 -6.20 -3.19
C GLY A 74 9.61 -7.41 -4.11
N THR A 75 10.30 -7.32 -5.25
CA THR A 75 10.32 -8.41 -6.21
C THR A 75 11.59 -9.24 -6.07
N GLU A 76 11.48 -10.54 -6.35
CA GLU A 76 12.63 -11.43 -6.25
C GLU A 76 13.08 -11.90 -7.63
N SER A 77 12.11 -12.05 -8.54
CA SER A 77 12.40 -12.49 -9.90
C SER A 77 11.15 -12.43 -10.78
N ILE A 78 11.27 -11.79 -11.93
CA ILE A 78 10.15 -11.66 -12.86
C ILE A 78 10.64 -11.41 -14.28
N SER A 79 9.90 -11.94 -15.26
CA SER A 79 10.26 -11.77 -16.65
C SER A 79 11.64 -12.37 -16.94
N LYS A 80 12.16 -12.09 -18.13
CA LYS A 80 13.47 -12.60 -18.53
C LYS A 80 13.48 -14.12 -18.53
N VAL A 81 13.37 -14.70 -19.73
CA VAL A 81 13.37 -16.15 -19.88
C VAL A 81 14.66 -16.64 -20.53
N SER A 82 15.24 -15.80 -21.39
CA SER A 82 16.48 -16.16 -22.08
C SER A 82 17.60 -16.39 -21.07
N GLU A 83 17.68 -15.54 -20.05
CA GLU A 83 18.71 -15.65 -19.03
C GLU A 83 20.10 -15.44 -19.62
N GLN A 84 20.94 -14.72 -18.91
CA GLN A 84 22.30 -14.45 -19.36
C GLN A 84 22.29 -13.69 -20.69
N VAL A 85 22.71 -12.44 -20.65
CA VAL A 85 22.76 -11.61 -21.85
C VAL A 85 24.14 -10.98 -22.04
N LYS A 86 24.68 -11.11 -23.24
CA LYS A 86 26.00 -10.56 -23.56
C LYS A 86 25.86 -9.18 -24.21
N ASN A 87 25.05 -9.11 -25.25
CA ASN A 87 24.83 -7.86 -25.97
C ASN A 87 23.81 -8.03 -27.08
N VAL A 88 23.87 -9.16 -27.76
CA VAL A 88 22.95 -9.46 -28.86
C VAL A 88 21.53 -9.64 -28.34
N LYS A 89 20.68 -8.65 -28.60
CA LYS A 89 19.29 -8.70 -28.16
C LYS A 89 18.35 -8.24 -29.27
N LEU A 90 17.93 -9.19 -30.11
CA LEU A 90 17.03 -8.88 -31.21
C LEU A 90 15.57 -8.97 -30.76
N ASN A 91 14.68 -8.41 -31.57
CA ASN A 91 13.25 -8.43 -31.26
C ASN A 91 12.97 -7.73 -29.94
N GLU A 92 12.37 -6.55 -30.01
CA GLU A 92 12.05 -5.78 -28.82
C GLU A 92 10.70 -6.20 -28.24
N ASP A 93 9.79 -6.59 -29.12
CA ASP A 93 8.45 -7.03 -28.70
C ASP A 93 8.35 -8.54 -28.73
N LYS A 94 8.45 -9.17 -27.56
CA LYS A 94 8.36 -10.62 -27.45
C LYS A 94 7.02 -11.04 -26.85
N PRO A 95 5.99 -11.21 -27.69
CA PRO A 95 4.66 -11.61 -27.24
C PRO A 95 4.62 -13.05 -26.75
N LYS A 96 3.55 -13.41 -26.06
CA LYS A 96 3.39 -14.76 -25.54
C LYS A 96 4.47 -15.08 -24.51
N GLU A 97 4.05 -15.54 -23.33
CA GLU A 97 4.99 -15.88 -22.27
C GLU A 97 5.80 -14.66 -21.84
N THR A 98 5.17 -13.49 -21.93
CA THR A 98 5.84 -12.24 -21.55
C THR A 98 4.82 -11.12 -21.36
N LYS A 99 4.55 -10.78 -20.11
CA LYS A 99 3.60 -9.73 -19.79
C LYS A 99 2.21 -10.07 -20.32
N SER A 100 1.23 -9.25 -19.96
CA SER A 100 -0.15 -9.46 -20.41
C SER A 100 -0.92 -8.15 -20.47
N GLU A 101 -1.84 -8.05 -21.41
CA GLU A 101 -2.64 -6.85 -21.57
C GLU A 101 -3.99 -6.99 -20.86
N GLU A 102 -4.50 -8.21 -20.82
CA GLU A 102 -5.78 -8.48 -20.18
C GLU A 102 -6.90 -7.68 -20.83
N THR A 103 -8.15 -8.08 -20.56
CA THR A 103 -9.30 -7.39 -21.11
C THR A 103 -10.47 -7.41 -20.14
N LEU A 104 -10.97 -6.22 -19.79
CA LEU A 104 -12.09 -6.10 -18.87
C LEU A 104 -13.40 -5.98 -19.61
N ASP A 105 -14.40 -6.74 -19.17
CA ASP A 105 -15.72 -6.73 -19.79
C ASP A 105 -16.64 -5.72 -19.10
N GLU A 106 -17.87 -5.62 -19.60
CA GLU A 106 -18.85 -4.70 -19.03
C GLU A 106 -18.39 -3.25 -19.18
N GLY A 107 -17.51 -2.83 -18.29
CA GLY A 107 -17.00 -1.46 -18.33
C GLY A 107 -16.66 -0.92 -16.96
N PRO A 108 -15.63 -1.48 -16.29
CA PRO A 108 -15.23 -1.03 -14.96
C PRO A 108 -14.59 0.36 -14.98
N PRO A 109 -14.34 0.95 -13.80
CA PRO A 109 -13.72 2.27 -13.70
C PRO A 109 -12.27 2.28 -14.15
N LYS A 110 -11.57 3.37 -13.85
CA LYS A 110 -10.16 3.49 -14.23
C LYS A 110 -9.25 3.20 -13.05
N TYR A 111 -9.71 2.34 -12.14
CA TYR A 111 -8.93 1.98 -10.96
C TYR A 111 -9.33 0.60 -10.44
N THR A 112 -8.52 0.06 -9.54
CA THR A 112 -8.79 -1.25 -8.96
C THR A 112 -8.54 -1.24 -7.46
N LYS A 113 -9.61 -1.19 -6.67
CA LYS A 113 -9.50 -1.16 -5.22
C LYS A 113 -9.93 -2.49 -4.61
N SER A 114 -9.36 -2.82 -3.46
CA SER A 114 -9.68 -4.06 -2.77
C SER A 114 -9.71 -3.83 -1.25
N VAL A 115 -10.84 -4.15 -0.63
CA VAL A 115 -10.98 -3.97 0.81
C VAL A 115 -10.28 -5.09 1.57
N LEU A 116 -9.15 -4.77 2.18
CA LEU A 116 -8.38 -5.74 2.94
C LEU A 116 -9.00 -5.98 4.31
N LYS A 117 -9.44 -4.90 4.95
CA LYS A 117 -10.06 -4.98 6.26
C LYS A 117 -11.37 -4.21 6.30
N LYS A 118 -12.49 -4.94 6.34
CA LYS A 118 -13.81 -4.33 6.39
C LYS A 118 -13.96 -3.44 7.61
N GLY A 119 -14.57 -2.27 7.43
CA GLY A 119 -14.75 -1.34 8.53
C GLY A 119 -16.20 -1.25 8.97
N ASP A 120 -16.54 -0.11 9.59
CA ASP A 120 -17.90 0.11 10.08
C ASP A 120 -18.95 -0.46 9.15
N LYS A 121 -18.84 -0.13 7.87
CA LYS A 121 -19.78 -0.60 6.85
C LYS A 121 -21.15 0.00 7.10
N THR A 122 -21.17 1.24 7.57
CA THR A 122 -22.42 1.95 7.85
C THR A 122 -22.23 3.45 7.71
N ASN A 123 -21.12 3.95 8.26
CA ASN A 123 -20.82 5.38 8.19
C ASN A 123 -19.98 5.70 6.95
N PHE A 124 -20.65 6.06 5.87
CA PHE A 124 -19.96 6.39 4.62
C PHE A 124 -19.87 7.91 4.44
N PRO A 125 -18.86 8.38 3.70
CA PRO A 125 -18.66 9.80 3.45
C PRO A 125 -19.70 10.39 2.50
N LYS A 126 -20.38 11.44 2.94
CA LYS A 126 -21.41 12.09 2.13
C LYS A 126 -20.84 13.28 1.37
N LYS A 127 -21.49 13.65 0.28
CA LYS A 127 -21.05 14.78 -0.53
C LYS A 127 -20.98 16.06 0.30
N GLY A 128 -19.79 16.63 0.42
CA GLY A 128 -19.63 17.84 1.20
C GLY A 128 -19.08 17.57 2.59
N ASP A 129 -19.29 16.35 3.08
CA ASP A 129 -18.80 15.97 4.40
C ASP A 129 -17.32 15.65 4.37
N VAL A 130 -16.59 16.14 5.38
CA VAL A 130 -15.15 15.92 5.45
C VAL A 130 -14.83 14.48 5.83
N VAL A 131 -13.55 14.15 5.79
CA VAL A 131 -13.08 12.81 6.13
C VAL A 131 -11.61 12.86 6.56
N HIS A 132 -11.24 11.99 7.50
CA HIS A 132 -9.87 11.94 7.97
C HIS A 132 -9.32 10.52 7.87
N CYS A 133 -8.29 10.34 7.06
CA CYS A 133 -7.70 9.02 6.87
C CYS A 133 -6.21 9.12 6.54
N TRP A 134 -5.55 7.97 6.56
CA TRP A 134 -4.13 7.88 6.24
C TRP A 134 -3.94 7.37 4.82
N TYR A 135 -2.80 7.67 4.20
CA TYR A 135 -2.57 7.22 2.83
C TYR A 135 -1.10 7.25 2.46
N THR A 136 -0.66 6.20 1.78
CA THR A 136 0.72 6.09 1.33
C THR A 136 0.78 5.79 -0.17
N GLY A 137 1.25 6.76 -0.95
CA GLY A 137 1.33 6.58 -2.39
C GLY A 137 2.69 6.13 -2.86
N THR A 138 2.71 5.30 -3.89
CA THR A 138 3.96 4.79 -4.45
C THR A 138 3.81 4.50 -5.95
N LEU A 139 4.91 4.58 -6.67
CA LEU A 139 4.91 4.33 -8.11
C LEU A 139 5.21 2.87 -8.41
N GLN A 140 5.22 2.50 -9.68
CA GLN A 140 5.49 1.13 -10.09
C GLN A 140 6.85 0.67 -9.56
N ASP A 141 7.84 1.53 -9.69
CA ASP A 141 9.20 1.23 -9.24
C ASP A 141 9.30 1.31 -7.72
N GLY A 142 8.25 1.79 -7.07
CA GLY A 142 8.25 1.91 -5.63
C GLY A 142 8.65 3.30 -5.16
N THR A 143 8.43 4.30 -6.01
CA THR A 143 8.78 5.68 -5.66
C THR A 143 7.58 6.40 -5.07
N VAL A 144 7.68 6.75 -3.78
CA VAL A 144 6.59 7.44 -3.09
C VAL A 144 6.37 8.82 -3.69
N PHE A 145 5.09 9.15 -3.90
CA PHE A 145 4.73 10.45 -4.47
C PHE A 145 3.93 11.27 -3.48
N ASP A 146 3.04 10.61 -2.75
CA ASP A 146 2.20 11.28 -1.76
C ASP A 146 1.98 10.38 -0.55
N THR A 147 2.58 10.76 0.58
CA THR A 147 2.45 10.00 1.81
C THR A 147 2.37 10.91 3.03
N ASN A 148 1.18 11.00 3.61
CA ASN A 148 0.97 11.84 4.78
C ASN A 148 1.04 10.99 6.06
N ILE A 149 1.90 9.99 6.05
CA ILE A 149 2.06 9.10 7.20
C ILE A 149 3.29 9.48 8.01
N GLN A 150 3.06 10.11 9.16
CA GLN A 150 4.15 10.52 10.04
C GLN A 150 4.21 9.64 11.28
N THR A 151 3.34 9.93 12.24
CA THR A 151 3.29 9.17 13.49
C THR A 151 1.86 9.07 14.01
N SER A 152 1.65 8.16 14.96
CA SER A 152 0.34 7.96 15.56
C SER A 152 0.03 9.06 16.58
N ALA A 153 -1.24 9.15 16.99
CA ALA A 153 -1.65 10.14 17.96
C ALA A 153 -1.34 9.68 19.38
N LYS A 154 -1.37 8.38 19.60
CA LYS A 154 -1.08 7.81 20.91
C LYS A 154 0.36 8.10 21.32
N LYS A 155 1.25 8.13 20.35
CA LYS A 155 2.66 8.39 20.61
C LYS A 155 2.90 9.86 20.90
N LYS A 156 2.11 10.72 20.26
CA LYS A 156 2.23 12.16 20.45
C LYS A 156 1.09 12.90 19.75
N LYS A 157 0.96 14.19 20.05
CA LYS A 157 -0.09 15.01 19.44
C LYS A 157 0.47 15.84 18.30
N ASN A 158 1.49 15.32 17.63
CA ASN A 158 2.12 16.02 16.52
C ASN A 158 1.87 15.27 15.20
N ALA A 159 0.72 14.60 15.12
CA ALA A 159 0.36 13.85 13.92
C ALA A 159 -1.15 13.66 13.84
N LYS A 160 -1.71 13.99 12.67
CA LYS A 160 -3.15 13.84 12.46
C LYS A 160 -3.45 13.47 11.01
N PRO A 161 -4.54 12.72 10.79
CA PRO A 161 -4.94 12.30 9.44
C PRO A 161 -5.35 13.47 8.56
N LEU A 162 -5.25 13.29 7.25
CA LEU A 162 -5.61 14.34 6.29
C LEU A 162 -7.13 14.49 6.22
N SER A 163 -7.61 15.70 6.48
CA SER A 163 -9.05 15.98 6.42
C SER A 163 -9.41 16.74 5.15
N PHE A 164 -10.34 16.19 4.38
CA PHE A 164 -10.79 16.82 3.15
C PHE A 164 -12.24 16.46 2.84
N LYS A 165 -12.99 17.42 2.32
CA LYS A 165 -14.40 17.19 1.98
C LYS A 165 -14.53 16.35 0.72
N VAL A 166 -15.40 15.35 0.78
CA VAL A 166 -15.62 14.45 -0.36
C VAL A 166 -16.69 15.01 -1.29
N GLY A 167 -16.56 14.70 -2.57
CA GLY A 167 -17.52 15.17 -3.56
C GLY A 167 -17.44 16.67 -3.78
N VAL A 168 -16.28 17.25 -3.45
CA VAL A 168 -16.08 18.69 -3.63
C VAL A 168 -14.75 18.97 -4.32
N GLY A 169 -14.46 18.20 -5.37
CA GLY A 169 -13.22 18.38 -6.12
C GLY A 169 -12.01 18.56 -5.23
N LYS A 170 -11.98 17.86 -4.10
CA LYS A 170 -10.86 17.96 -3.17
C LYS A 170 -9.69 17.10 -3.62
N VAL A 171 -9.99 15.86 -3.99
CA VAL A 171 -8.97 14.93 -4.46
C VAL A 171 -9.25 14.49 -5.88
N ILE A 172 -8.40 13.61 -6.41
CA ILE A 172 -8.57 13.11 -7.77
C ILE A 172 -9.92 12.44 -7.95
N ARG A 173 -10.36 12.31 -9.20
CA ARG A 173 -11.65 11.70 -9.50
C ARG A 173 -11.61 10.19 -9.21
N GLY A 174 -10.44 9.60 -9.34
CA GLY A 174 -10.29 8.18 -9.08
C GLY A 174 -10.38 7.86 -7.60
N TRP A 175 -9.79 8.74 -6.80
CA TRP A 175 -9.79 8.57 -5.35
C TRP A 175 -11.14 8.97 -4.76
N ASP A 176 -11.78 9.95 -5.37
CA ASP A 176 -13.08 10.41 -4.91
C ASP A 176 -14.11 9.30 -5.00
N GLU A 177 -13.96 8.45 -6.03
CA GLU A 177 -14.88 7.33 -6.22
C GLU A 177 -14.53 6.18 -5.28
N ALA A 178 -13.25 6.08 -4.94
CA ALA A 178 -12.78 5.02 -4.04
C ALA A 178 -13.10 5.35 -2.58
N LEU A 179 -12.57 6.47 -2.12
CA LEU A 179 -12.78 6.92 -0.75
C LEU A 179 -14.27 7.08 -0.45
N LEU A 180 -15.05 7.43 -1.47
CA LEU A 180 -16.49 7.61 -1.31
C LEU A 180 -17.14 6.32 -0.82
N THR A 181 -16.57 5.18 -1.21
CA THR A 181 -17.10 3.88 -0.81
C THR A 181 -16.45 3.38 0.47
N MET A 182 -15.55 4.19 1.04
CA MET A 182 -14.85 3.82 2.27
C MET A 182 -15.77 3.99 3.48
N SER A 183 -15.54 3.16 4.50
CA SER A 183 -16.34 3.22 5.72
C SER A 183 -15.51 3.59 6.92
N LYS A 184 -16.17 3.95 8.01
CA LYS A 184 -15.48 4.33 9.24
C LYS A 184 -14.65 3.18 9.78
N GLY A 185 -13.34 3.38 9.84
CA GLY A 185 -12.45 2.34 10.33
C GLY A 185 -12.35 1.17 9.37
N GLU A 186 -11.78 1.43 8.20
CA GLU A 186 -11.61 0.41 7.18
C GLU A 186 -10.30 0.62 6.43
N LYS A 187 -9.65 -0.47 6.03
CA LYS A 187 -8.39 -0.39 5.30
C LYS A 187 -8.55 -1.02 3.93
N ALA A 188 -8.00 -0.38 2.90
CA ALA A 188 -8.10 -0.89 1.55
C ALA A 188 -6.86 -0.57 0.73
N ARG A 189 -6.81 -1.12 -0.49
CA ARG A 189 -5.71 -0.90 -1.41
C ARG A 189 -6.25 -0.67 -2.82
N LEU A 190 -5.88 0.44 -3.44
CA LEU A 190 -6.36 0.73 -4.78
C LEU A 190 -5.26 1.27 -5.69
N GLU A 191 -5.33 0.87 -6.96
CA GLU A 191 -4.37 1.31 -7.96
C GLU A 191 -5.08 2.11 -9.04
N ILE A 192 -4.81 3.41 -9.10
CA ILE A 192 -5.44 4.27 -10.09
C ILE A 192 -4.49 4.65 -11.22
N GLU A 193 -5.02 4.68 -12.43
CA GLU A 193 -4.24 5.02 -13.61
C GLU A 193 -3.91 6.51 -13.64
N PRO A 194 -2.92 6.91 -14.46
CA PRO A 194 -2.50 8.32 -14.58
C PRO A 194 -3.67 9.23 -14.98
N GLU A 195 -4.55 8.71 -15.83
CA GLU A 195 -5.70 9.49 -16.29
C GLU A 195 -6.55 9.96 -15.12
N TRP A 196 -6.77 9.07 -14.15
CA TRP A 196 -7.57 9.41 -12.98
C TRP A 196 -6.67 9.81 -11.82
N ALA A 197 -5.59 10.52 -12.13
CA ALA A 197 -4.66 10.98 -11.11
C ALA A 197 -3.81 12.13 -11.64
N TYR A 198 -2.80 11.81 -12.43
CA TYR A 198 -1.92 12.81 -13.02
C TYR A 198 -2.22 12.97 -14.50
N GLY A 199 -1.85 11.96 -15.28
CA GLY A 199 -2.09 12.01 -16.71
C GLY A 199 -0.93 11.47 -17.52
N LYS A 200 -1.09 11.44 -18.83
CA LYS A 200 -0.06 10.94 -19.73
C LYS A 200 1.23 11.73 -19.54
N LYS A 201 1.11 13.01 -19.23
CA LYS A 201 2.26 13.87 -19.01
C LYS A 201 3.11 13.34 -17.86
N GLY A 202 2.49 13.21 -16.70
CA GLY A 202 3.19 12.71 -15.54
C GLY A 202 3.53 13.81 -14.55
N GLN A 203 3.99 13.43 -13.37
CA GLN A 203 4.35 14.39 -12.33
C GLN A 203 5.87 14.48 -12.19
N PRO A 204 6.51 15.32 -13.00
CA PRO A 204 7.97 15.50 -12.97
C PRO A 204 8.46 16.07 -11.64
N ASP A 205 7.56 16.73 -10.92
CA ASP A 205 7.91 17.32 -9.63
C ASP A 205 8.18 16.24 -8.59
N ALA A 206 7.33 15.21 -8.58
CA ALA A 206 7.46 14.11 -7.65
C ALA A 206 8.19 12.92 -8.27
N LYS A 207 9.05 13.21 -9.24
CA LYS A 207 9.81 12.16 -9.92
C LYS A 207 8.88 11.11 -10.53
N ILE A 208 7.73 11.56 -11.02
CA ILE A 208 6.75 10.67 -11.62
C ILE A 208 6.79 10.76 -13.15
N PRO A 209 7.18 9.67 -13.84
CA PRO A 209 7.26 9.65 -15.30
C PRO A 209 5.88 9.75 -15.95
N PRO A 210 5.84 9.91 -17.28
CA PRO A 210 4.58 10.03 -18.03
C PRO A 210 3.83 8.70 -18.11
N ASN A 211 2.56 8.72 -17.75
CA ASN A 211 1.73 7.52 -17.78
C ASN A 211 2.24 6.48 -16.79
N ALA A 212 2.09 6.77 -15.50
CA ALA A 212 2.54 5.85 -14.46
C ALA A 212 1.42 5.55 -13.46
N LYS A 213 1.13 4.26 -13.27
CA LYS A 213 0.09 3.84 -12.34
C LYS A 213 0.48 4.21 -10.91
N LEU A 214 -0.52 4.38 -10.05
CA LEU A 214 -0.26 4.75 -8.67
C LEU A 214 -1.04 3.87 -7.69
N THR A 215 -0.32 3.00 -6.98
CA THR A 215 -0.93 2.10 -6.01
C THR A 215 -0.72 2.65 -4.60
N PHE A 216 -1.78 2.60 -3.79
CA PHE A 216 -1.69 3.10 -2.42
C PHE A 216 -2.70 2.41 -1.51
N GLU A 217 -2.61 2.70 -0.22
CA GLU A 217 -3.51 2.14 0.77
C GLU A 217 -4.04 3.22 1.70
N VAL A 218 -5.35 3.19 1.98
CA VAL A 218 -5.96 4.20 2.84
C VAL A 218 -6.68 3.56 4.03
N GLU A 219 -6.75 4.33 5.12
CA GLU A 219 -7.42 3.87 6.33
C GLU A 219 -8.26 4.99 6.93
N LEU A 220 -9.58 4.83 6.86
CA LEU A 220 -10.51 5.83 7.39
C LEU A 220 -10.45 5.88 8.92
N VAL A 221 -10.31 7.09 9.46
CA VAL A 221 -10.25 7.27 10.90
C VAL A 221 -11.50 7.96 11.44
N ASP A 222 -12.11 8.79 10.60
CA ASP A 222 -13.33 9.50 11.00
C ASP A 222 -13.97 10.21 9.80
N ILE A 223 -15.24 10.56 9.95
CA ILE A 223 -15.97 11.23 8.88
C ILE A 223 -16.89 12.31 9.45
N ASP A 224 -16.56 13.56 9.19
CA ASP A 224 -17.36 14.68 9.67
C ASP A 224 -17.84 15.56 8.51
#